data_8HAY
#
_entry.id   8HAY
#
_cell.length_a   96.106
_cell.length_b   149.411
_cell.length_c   137.898
_cell.angle_alpha   90.00
_cell.angle_beta   103.74
_cell.angle_gamma   90.00
#
_symmetry.space_group_name_H-M   'P 1 21 1'
#
loop_
_entity.id
_entity.type
_entity.pdbx_description
1 polymer btDPP4
2 non-polymer (1~{R})-1-[[4-[5-[[(1~{R})-6,7-dimethoxy-2-methyl-3,4-dihydro-1~{H}-isoquinolin-1-yl]methyl]-2-methoxy-phenoxy]phenyl]methyl]-6,7-dimethoxy-2-methyl-3,4-dihydro-1~{H}-isoquinoline
3 water water
#
_entity_poly.entity_id   1
_entity_poly.type   'polypeptide(L)'
_entity_poly.pdbx_seq_one_letter_code
;KALDLKDITSGRFRPENIQGVIPMPDGEHYTQMSADGTQIIKYSFRTGEKVEVIFDVNQARECDFKNFDSYQFSPDGDKL
LIATRTTPIYRHSYTAVHYIYPLKRNDKGVTTNNIIERLSDGGPQQVPVFSPDGTMIAFVRDNNIFLVKLLYGNSESQVT
EDGKQNSVLNGIPDWVYEEEFGFNRALEFSADNTMIAFIRFDESEVPSYSFPMFAGEAPQITPLKDYPGEYTYKYPKAGY
PNSKVEVRTYDIKSHVTRTMKLPIDADGYIPRIRFTKDASKLAVMTLNRHQDRFDLYFADPRSTLCKLVLRDESPYYIKE
NVFDNIKFYPETFSLLSERDGFSHLYWYSMGGNLIKKVTNGKYEVKDFLGYDEADGSFYYTSNEESPLRKAVYKIDKKGK
KLKLSQREGTNTPLFSQSMKYYMNKFSNLDTPMLVTLNDNTGKTLKTLINNDQLKQTLSGYAIPQKEFFTFQTTDGVTLN
GWMMKPANFSTSKKYPVLMYQYSGPGSQQVLDTWGISWETYMASLGYIVVCVDGRGTGGRGEAFEKCTYLKIGVKEAKDQ
VETALYLGKQPYVDKDRIGIWGWSYGGYMTLMSMSEGTPVFKAGVAVAAPTDWRFYDTIYTERFMRTPKENAEGYKESSA
FTRADKLHGNLLLVHGMADDNVHFQNCAEYAEHLVQLGKQFDMQVYTNRNHGIYGGNTRQHLYTRLTNFFLNNL
;
_entity_poly.pdbx_strand_id   A,B,C,D
#
# COMPACT_ATOMS: atom_id res chain seq x y z
N LYS A 1 16.52 -48.01 -41.77
CA LYS A 1 15.65 -48.84 -40.96
C LYS A 1 16.24 -49.29 -39.62
N ALA A 2 17.55 -49.18 -39.45
CA ALA A 2 18.20 -49.62 -38.22
C ALA A 2 18.82 -48.55 -37.35
N LEU A 3 18.43 -48.49 -36.08
CA LEU A 3 18.92 -47.49 -35.17
C LEU A 3 20.37 -47.68 -34.86
N ASP A 4 21.12 -46.60 -34.85
CA ASP A 4 22.55 -46.68 -34.65
C ASP A 4 22.90 -46.04 -33.34
N LEU A 5 23.77 -46.68 -32.59
CA LEU A 5 24.16 -46.17 -31.28
C LEU A 5 24.88 -44.82 -31.36
N LYS A 6 25.63 -44.59 -32.43
CA LYS A 6 26.32 -43.30 -32.60
C LYS A 6 25.32 -42.15 -32.75
N ASP A 7 24.17 -42.40 -33.38
CA ASP A 7 23.16 -41.35 -33.48
C ASP A 7 22.48 -41.05 -32.15
N ILE A 8 22.36 -42.06 -31.27
CA ILE A 8 21.84 -41.82 -29.93
C ILE A 8 22.84 -41.00 -29.12
N THR A 9 24.12 -41.43 -29.09
CA THR A 9 25.10 -40.75 -28.24
C THR A 9 25.48 -39.35 -28.75
N SER A 10 25.31 -39.08 -30.05
CA SER A 10 25.65 -37.78 -30.60
C SER A 10 24.44 -36.85 -30.68
N GLY A 11 23.29 -37.29 -30.19
CA GLY A 11 22.12 -36.42 -30.11
C GLY A 11 21.54 -36.05 -31.45
N ARG A 12 21.67 -36.93 -32.45
CA ARG A 12 21.08 -36.66 -33.77
C ARG A 12 19.57 -36.48 -33.67
N PHE A 13 18.95 -37.23 -32.78
CA PHE A 13 17.50 -37.25 -32.66
C PHE A 13 16.99 -36.32 -31.57
N ARG A 14 17.73 -35.27 -31.28
CA ARG A 14 17.31 -34.28 -30.31
C ARG A 14 16.23 -33.41 -30.86
N PRO A 15 15.12 -33.28 -30.14
CA PRO A 15 14.03 -32.40 -30.57
C PRO A 15 14.36 -30.93 -30.61
N GLU A 16 13.87 -30.23 -31.61
CA GLU A 16 14.09 -28.80 -31.70
C GLU A 16 13.35 -28.07 -30.62
N ASN A 17 14.01 -27.10 -30.01
CA ASN A 17 13.38 -26.35 -28.95
C ASN A 17 13.81 -24.91 -29.00
N ILE A 18 13.36 -24.14 -28.02
CA ILE A 18 13.68 -22.74 -28.00
C ILE A 18 14.57 -22.44 -26.84
N GLN A 19 15.47 -21.49 -27.04
CA GLN A 19 16.42 -21.16 -26.01
C GLN A 19 16.19 -19.83 -25.38
N GLY A 20 16.49 -19.72 -24.10
CA GLY A 20 16.48 -18.43 -23.43
C GLY A 20 15.22 -17.62 -23.43
N VAL A 21 14.08 -18.26 -23.30
CA VAL A 21 12.90 -17.47 -23.38
C VAL A 21 12.78 -16.80 -22.08
N ILE A 22 12.81 -15.48 -22.13
CA ILE A 22 12.67 -14.70 -20.93
C ILE A 22 11.55 -13.73 -21.17
N PRO A 23 10.53 -13.83 -20.37
CA PRO A 23 9.47 -12.85 -20.50
C PRO A 23 9.91 -11.45 -20.15
N MET A 24 9.50 -10.49 -20.95
CA MET A 24 9.84 -9.11 -20.72
C MET A 24 8.91 -8.47 -19.73
N PRO A 25 9.31 -7.36 -19.14
CA PRO A 25 8.50 -6.67 -18.14
C PRO A 25 7.20 -6.12 -18.65
N ASP A 26 7.04 -6.00 -19.95
CA ASP A 26 5.84 -5.43 -20.52
C ASP A 26 4.62 -6.21 -20.16
N GLY A 27 4.74 -7.52 -20.10
CA GLY A 27 3.60 -8.36 -19.87
C GLY A 27 3.03 -8.83 -21.17
N GLU A 28 3.65 -8.41 -22.26
CA GLU A 28 3.17 -8.81 -23.56
C GLU A 28 4.18 -9.47 -24.46
N HIS A 29 5.45 -9.42 -24.12
CA HIS A 29 6.47 -9.94 -25.02
C HIS A 29 7.49 -10.80 -24.38
N TYR A 30 8.17 -11.58 -25.19
CA TYR A 30 9.24 -12.41 -24.69
C TYR A 30 10.44 -12.28 -25.56
N THR A 31 11.60 -12.62 -25.03
CA THR A 31 12.83 -12.55 -25.79
C THR A 31 13.45 -13.92 -25.86
N GLN A 32 14.00 -14.27 -27.01
CA GLN A 32 14.66 -15.53 -27.16
C GLN A 32 16.01 -15.39 -27.83
N MET A 33 16.90 -16.34 -27.63
CA MET A 33 18.22 -16.32 -28.23
C MET A 33 18.16 -16.98 -29.60
N SER A 34 18.83 -16.40 -30.58
CA SER A 34 18.72 -16.93 -31.92
C SER A 34 19.40 -18.29 -31.99
N ALA A 35 19.09 -19.02 -33.06
CA ALA A 35 19.60 -20.37 -33.23
C ALA A 35 21.11 -20.43 -33.05
N ASP A 36 21.82 -19.52 -33.71
CA ASP A 36 23.28 -19.48 -33.66
C ASP A 36 23.83 -18.68 -32.48
N GLY A 37 22.96 -18.08 -31.66
CA GLY A 37 23.42 -17.30 -30.52
C GLY A 37 24.20 -16.06 -30.89
N THR A 38 23.85 -15.42 -32.01
CA THR A 38 24.37 -14.09 -32.32
C THR A 38 23.35 -12.98 -32.10
N GLN A 39 22.09 -13.32 -31.94
CA GLN A 39 21.09 -12.31 -31.79
C GLN A 39 20.12 -12.58 -30.69
N ILE A 40 19.71 -11.54 -29.99
CA ILE A 40 18.67 -11.68 -29.00
C ILE A 40 17.47 -11.06 -29.68
N ILE A 41 16.40 -11.82 -29.85
CA ILE A 41 15.23 -11.33 -30.60
C ILE A 41 13.90 -11.30 -29.83
N LYS A 42 13.14 -10.22 -29.96
CA LYS A 42 11.84 -10.10 -29.31
C LYS A 42 10.71 -10.77 -30.05
N TYR A 43 9.78 -11.37 -29.31
CA TYR A 43 8.63 -12.00 -29.91
C TYR A 43 7.41 -11.69 -29.06
N SER A 44 6.24 -11.83 -29.62
CA SER A 44 5.01 -11.55 -28.91
C SER A 44 4.39 -12.81 -28.37
N PHE A 45 3.99 -12.78 -27.11
CA PHE A 45 3.33 -13.91 -26.54
C PHE A 45 2.02 -14.19 -27.24
N ARG A 46 1.26 -13.16 -27.54
CA ARG A 46 -0.03 -13.31 -28.18
C ARG A 46 -0.07 -13.81 -29.63
N THR A 47 0.85 -13.36 -30.47
CA THR A 47 0.84 -13.73 -31.89
C THR A 47 1.99 -14.59 -32.37
N GLY A 48 3.09 -14.63 -31.63
CA GLY A 48 4.25 -15.39 -32.03
C GLY A 48 5.11 -14.64 -32.99
N GLU A 49 4.84 -13.36 -33.14
CA GLU A 49 5.56 -12.57 -34.13
C GLU A 49 6.91 -12.05 -33.79
N LYS A 50 7.81 -12.08 -34.75
CA LYS A 50 9.11 -11.49 -34.52
C LYS A 50 8.83 -10.02 -34.58
N VAL A 51 9.15 -9.32 -33.52
CA VAL A 51 8.88 -7.92 -33.49
C VAL A 51 10.12 -7.16 -33.86
N GLU A 52 11.23 -7.42 -33.18
CA GLU A 52 12.50 -6.75 -33.47
C GLU A 52 13.71 -7.48 -32.96
N VAL A 53 14.88 -7.14 -33.46
CA VAL A 53 16.07 -7.72 -32.93
C VAL A 53 16.62 -6.75 -31.91
N ILE A 54 16.65 -7.14 -30.65
CA ILE A 54 17.24 -6.34 -29.59
C ILE A 54 18.76 -6.19 -29.66
N PHE A 55 19.46 -7.27 -29.94
CA PHE A 55 20.92 -7.25 -29.99
C PHE A 55 21.42 -8.09 -31.11
N ASP A 56 22.51 -7.67 -31.74
CA ASP A 56 23.09 -8.47 -32.78
C ASP A 56 24.55 -8.32 -32.71
N VAL A 57 25.24 -9.43 -32.53
CA VAL A 57 26.69 -9.42 -32.50
C VAL A 57 27.28 -8.74 -33.73
N ASN A 58 26.64 -8.90 -34.90
CA ASN A 58 27.15 -8.32 -36.14
C ASN A 58 26.91 -6.81 -36.23
N GLN A 59 25.90 -6.30 -35.53
CA GLN A 59 25.52 -4.90 -35.60
C GLN A 59 26.04 -4.07 -34.44
N ALA A 60 26.37 -4.69 -33.31
CA ALA A 60 26.77 -3.90 -32.15
C ALA A 60 28.16 -3.30 -32.36
N ARG A 61 28.45 -2.27 -31.58
CA ARG A 61 29.68 -1.50 -31.73
C ARG A 61 30.67 -1.82 -30.62
N GLU A 62 31.95 -1.95 -31.01
CA GLU A 62 33.07 -2.27 -30.13
C GLU A 62 32.87 -3.61 -29.42
N CYS A 63 32.23 -4.54 -30.12
CA CYS A 63 31.87 -5.84 -29.59
C CYS A 63 32.90 -6.86 -30.06
N ASP A 64 33.68 -7.40 -29.13
CA ASP A 64 34.79 -8.29 -29.51
C ASP A 64 34.39 -9.74 -29.73
N PHE A 65 33.31 -10.21 -29.12
CA PHE A 65 32.90 -11.60 -29.24
C PHE A 65 32.04 -11.82 -30.48
N LYS A 66 31.93 -13.08 -30.90
CA LYS A 66 31.08 -13.42 -32.05
C LYS A 66 29.95 -14.28 -31.58
N ASN A 67 30.04 -14.77 -30.36
CA ASN A 67 29.04 -15.65 -29.84
C ASN A 67 28.76 -15.31 -28.42
N PHE A 68 27.59 -15.66 -27.93
CA PHE A 68 27.30 -15.49 -26.52
C PHE A 68 26.61 -16.71 -25.92
N ASP A 69 26.50 -16.83 -24.63
CA ASP A 69 25.90 -18.03 -24.09
C ASP A 69 24.63 -17.81 -23.31
N SER A 70 24.47 -16.64 -22.71
CA SER A 70 23.31 -16.37 -21.89
C SER A 70 23.01 -14.90 -21.79
N TYR A 71 21.82 -14.56 -21.32
CA TYR A 71 21.48 -13.17 -21.09
C TYR A 71 20.50 -12.93 -19.98
N GLN A 72 20.59 -11.79 -19.34
CA GLN A 72 19.69 -11.45 -18.27
C GLN A 72 19.21 -10.05 -18.56
N PHE A 73 17.90 -9.86 -18.62
CA PHE A 73 17.35 -8.53 -18.80
C PHE A 73 17.26 -7.79 -17.51
N SER A 74 17.21 -6.48 -17.59
CA SER A 74 17.13 -5.64 -16.41
C SER A 74 15.70 -5.63 -15.91
N PRO A 75 15.51 -5.41 -14.60
CA PRO A 75 14.12 -5.47 -14.21
C PRO A 75 13.28 -4.43 -14.92
N ASP A 76 13.79 -3.22 -15.09
CA ASP A 76 13.10 -2.22 -15.86
C ASP A 76 12.96 -2.56 -17.34
N GLY A 77 13.94 -3.25 -17.92
CA GLY A 77 13.94 -3.55 -19.35
C GLY A 77 14.91 -2.65 -20.06
N ASP A 78 15.56 -1.77 -19.33
CA ASP A 78 16.57 -0.89 -19.90
C ASP A 78 17.83 -1.54 -20.43
N LYS A 79 18.36 -2.50 -19.70
CA LYS A 79 19.65 -3.06 -20.09
C LYS A 79 19.74 -4.56 -20.11
N LEU A 80 20.68 -5.08 -20.87
CA LEU A 80 20.88 -6.50 -20.97
C LEU A 80 22.26 -6.84 -20.45
N LEU A 81 22.37 -7.97 -19.77
CA LEU A 81 23.66 -8.44 -19.30
C LEU A 81 23.91 -9.70 -20.05
N ILE A 82 24.89 -9.67 -20.92
CA ILE A 82 25.21 -10.80 -21.79
C ILE A 82 26.34 -11.56 -21.14
N ALA A 83 26.27 -12.89 -21.18
CA ALA A 83 27.33 -13.73 -20.60
C ALA A 83 28.02 -14.52 -21.70
N THR A 84 29.35 -14.41 -21.73
CA THR A 84 30.22 -15.04 -22.71
C THR A 84 31.32 -15.81 -21.98
N ARG A 85 31.96 -16.73 -22.68
CA ARG A 85 33.04 -17.53 -22.13
C ARG A 85 32.61 -18.24 -20.85
N THR A 86 31.51 -18.97 -20.93
CA THR A 86 30.94 -19.60 -19.75
C THR A 86 31.75 -20.85 -19.37
N THR A 87 32.29 -20.86 -18.16
CA THR A 87 33.20 -21.92 -17.71
C THR A 87 32.63 -22.60 -16.47
N PRO A 88 32.11 -23.82 -16.60
CA PRO A 88 31.57 -24.51 -15.41
C PRO A 88 32.60 -24.65 -14.31
N ILE A 89 32.11 -24.73 -13.07
CA ILE A 89 32.95 -25.15 -11.95
C ILE A 89 32.39 -26.46 -11.43
N TYR A 90 31.35 -26.42 -10.63
CA TYR A 90 30.59 -27.62 -10.36
C TYR A 90 29.31 -27.58 -11.19
N ARG A 91 28.25 -28.27 -10.78
CA ARG A 91 27.14 -28.45 -11.71
C ARG A 91 26.33 -27.17 -11.91
N HIS A 92 26.21 -26.32 -10.89
CA HIS A 92 25.47 -25.09 -11.06
C HIS A 92 26.34 -23.83 -11.07
N SER A 93 27.49 -23.84 -10.39
CA SER A 93 28.37 -22.69 -10.44
C SER A 93 29.12 -22.68 -11.77
N TYR A 94 29.61 -21.49 -12.13
CA TYR A 94 30.32 -21.17 -13.36
C TYR A 94 30.84 -19.74 -13.24
N THR A 95 31.89 -19.43 -14.02
CA THR A 95 32.31 -18.05 -14.27
C THR A 95 32.10 -17.70 -15.73
N ALA A 96 31.74 -16.44 -15.98
CA ALA A 96 31.65 -15.92 -17.34
C ALA A 96 32.13 -14.47 -17.36
N VAL A 97 32.54 -14.01 -18.55
CA VAL A 97 32.81 -12.60 -18.77
C VAL A 97 31.52 -11.96 -19.26
N HIS A 98 31.06 -10.94 -18.55
CA HIS A 98 29.74 -10.37 -18.76
C HIS A 98 29.83 -8.97 -19.36
N TYR A 99 28.90 -8.66 -20.23
CA TYR A 99 28.83 -7.36 -20.90
C TYR A 99 27.48 -6.67 -20.63
N ILE A 100 27.52 -5.37 -20.43
CA ILE A 100 26.32 -4.61 -20.25
C ILE A 100 26.01 -3.96 -21.57
N TYR A 101 24.89 -4.31 -22.18
CA TYR A 101 24.52 -3.68 -23.42
C TYR A 101 23.38 -2.72 -23.18
N PRO A 102 23.63 -1.45 -23.44
CA PRO A 102 22.56 -0.49 -23.33
C PRO A 102 21.57 -0.71 -24.42
N LEU A 103 20.32 -0.38 -24.17
CA LEU A 103 19.28 -0.63 -25.15
C LEU A 103 18.51 0.61 -25.44
N LYS A 104 19.16 1.53 -26.14
CA LYS A 104 18.56 2.78 -26.47
C LYS A 104 18.41 2.84 -27.96
N ARG A 105 17.23 3.20 -28.41
CA ARG A 105 16.98 3.30 -29.82
C ARG A 105 17.71 4.47 -30.43
N ASN A 106 18.25 4.26 -31.63
CA ASN A 106 19.02 5.29 -32.28
C ASN A 106 18.19 6.21 -33.10
N ASP A 107 18.83 7.08 -33.88
CA ASP A 107 18.09 7.92 -34.80
C ASP A 107 17.25 7.07 -35.74
N LYS A 108 17.74 5.90 -36.13
CA LYS A 108 17.01 5.01 -36.98
C LYS A 108 15.90 4.26 -36.26
N GLY A 109 15.85 4.37 -34.94
CA GLY A 109 14.77 3.72 -34.19
C GLY A 109 14.99 2.29 -33.79
N VAL A 110 16.20 1.80 -33.97
CA VAL A 110 16.49 0.43 -33.67
C VAL A 110 17.38 0.41 -32.47
N THR A 111 17.46 -0.73 -31.82
CA THR A 111 18.24 -0.84 -30.60
C THR A 111 19.50 -1.66 -30.80
N THR A 112 19.86 -1.89 -32.05
CA THR A 112 20.99 -2.75 -32.36
C THR A 112 22.36 -2.17 -32.80
N ASN A 113 22.66 -0.91 -32.56
CA ASN A 113 23.98 -0.37 -32.88
C ASN A 113 24.53 0.47 -31.76
N ASN A 114 24.51 -0.05 -30.55
CA ASN A 114 25.03 0.67 -29.40
C ASN A 114 26.37 0.05 -29.00
N ILE A 115 27.16 0.80 -28.24
CA ILE A 115 28.44 0.32 -27.77
C ILE A 115 28.35 -0.58 -26.56
N ILE A 116 28.81 -1.80 -26.71
CA ILE A 116 28.82 -2.75 -25.60
C ILE A 116 29.87 -2.41 -24.60
N GLU A 117 29.56 -2.71 -23.35
CA GLU A 117 30.45 -2.36 -22.30
C GLU A 117 30.82 -3.56 -21.51
N ARG A 118 32.04 -3.61 -21.02
CA ARG A 118 32.43 -4.68 -20.12
C ARG A 118 31.80 -4.45 -18.75
N LEU A 119 31.37 -5.50 -18.07
CA LEU A 119 30.86 -5.31 -16.72
C LEU A 119 32.01 -4.96 -15.79
N SER A 120 33.04 -5.80 -15.74
CA SER A 120 34.20 -5.51 -14.95
C SER A 120 35.47 -5.50 -15.78
N ASP A 121 36.31 -4.52 -15.56
CA ASP A 121 37.59 -4.47 -16.24
C ASP A 121 38.49 -5.57 -15.74
N GLY A 122 38.16 -6.14 -14.59
CA GLY A 122 38.91 -7.25 -14.07
C GLY A 122 38.52 -8.61 -14.60
N GLY A 123 38.74 -9.63 -13.79
CA GLY A 123 38.48 -10.99 -14.20
C GLY A 123 37.09 -11.55 -14.23
N PRO A 124 36.96 -12.84 -14.55
CA PRO A 124 35.65 -13.47 -14.73
C PRO A 124 34.74 -13.46 -13.55
N GLN A 125 33.45 -13.26 -13.81
CA GLN A 125 32.52 -13.08 -12.74
C GLN A 125 31.51 -14.17 -12.56
N GLN A 126 30.96 -14.27 -11.36
CA GLN A 126 30.00 -15.33 -11.06
C GLN A 126 28.71 -14.74 -10.53
N VAL A 127 27.62 -15.44 -10.80
CA VAL A 127 26.24 -15.15 -10.38
C VAL A 127 25.94 -13.65 -10.31
N PRO A 128 26.10 -12.89 -11.41
CA PRO A 128 25.83 -11.45 -11.33
C PRO A 128 24.33 -11.18 -11.29
N VAL A 129 23.93 -10.27 -10.43
CA VAL A 129 22.53 -10.05 -10.13
C VAL A 129 22.23 -8.55 -10.19
N PHE A 130 21.10 -8.19 -10.81
CA PHE A 130 20.67 -6.79 -10.88
C PHE A 130 20.01 -6.35 -9.59
N SER A 131 20.03 -5.08 -9.35
CA SER A 131 19.24 -4.44 -8.32
C SER A 131 17.84 -4.13 -8.88
N PRO A 132 16.83 -4.02 -8.01
CA PRO A 132 15.45 -3.88 -8.51
C PRO A 132 15.26 -2.71 -9.46
N ASP A 133 15.92 -1.57 -9.23
CA ASP A 133 15.81 -0.43 -10.12
C ASP A 133 16.66 -0.55 -11.37
N GLY A 134 17.63 -1.49 -11.38
CA GLY A 134 18.47 -1.74 -12.52
C GLY A 134 19.73 -0.92 -12.63
N THR A 135 20.05 -0.10 -11.63
CA THR A 135 21.21 0.77 -11.71
C THR A 135 22.46 0.18 -11.07
N MET A 136 22.39 -1.06 -10.59
CA MET A 136 23.48 -1.68 -9.85
C MET A 136 23.51 -3.18 -10.13
N ILE A 137 24.72 -3.73 -10.14
CA ILE A 137 24.92 -5.16 -10.33
C ILE A 137 25.90 -5.67 -9.28
N ALA A 138 25.55 -6.76 -8.62
CA ALA A 138 26.45 -7.42 -7.68
C ALA A 138 26.88 -8.75 -8.29
N PHE A 139 28.12 -9.13 -8.02
CA PHE A 139 28.60 -10.42 -8.53
C PHE A 139 29.67 -10.93 -7.60
N VAL A 140 30.12 -12.14 -7.86
CA VAL A 140 31.12 -12.80 -7.03
C VAL A 140 32.34 -13.03 -7.89
N ARG A 141 33.51 -12.89 -7.29
CA ARG A 141 34.77 -13.27 -7.92
C ARG A 141 35.79 -13.58 -6.82
N ASP A 142 36.50 -14.69 -6.96
CA ASP A 142 37.51 -15.09 -5.98
C ASP A 142 36.91 -15.19 -4.59
N ASN A 143 35.69 -15.70 -4.51
CA ASN A 143 34.96 -15.84 -3.26
C ASN A 143 34.63 -14.50 -2.57
N ASN A 144 34.66 -13.37 -3.29
CA ASN A 144 34.32 -12.07 -2.73
C ASN A 144 33.22 -11.41 -3.56
N ILE A 145 32.43 -10.56 -2.90
CA ILE A 145 31.33 -9.82 -3.52
C ILE A 145 31.85 -8.49 -4.08
N PHE A 146 31.36 -8.13 -5.27
CA PHE A 146 31.67 -6.86 -5.91
C PHE A 146 30.39 -6.16 -6.36
N LEU A 147 30.37 -4.83 -6.23
CA LEU A 147 29.24 -4.00 -6.62
C LEU A 147 29.66 -3.07 -7.74
N VAL A 148 28.83 -2.96 -8.77
CA VAL A 148 29.04 -2.07 -9.90
C VAL A 148 27.85 -1.13 -9.98
N LYS A 149 28.14 0.18 -9.96
CA LYS A 149 27.13 1.23 -10.07
C LYS A 149 27.07 1.71 -11.53
N LEU A 150 25.97 1.40 -12.21
CA LEU A 150 25.85 1.75 -13.63
C LEU A 150 25.60 3.23 -13.84
N LEU A 151 24.92 3.89 -12.88
CA LEU A 151 24.63 5.31 -12.99
C LEU A 151 25.87 6.17 -12.90
N TYR A 152 26.95 5.59 -12.39
CA TYR A 152 28.14 6.38 -12.17
C TYR A 152 29.38 5.80 -12.79
N GLY A 153 29.37 5.65 -14.10
CA GLY A 153 30.56 5.19 -14.80
C GLY A 153 30.83 3.71 -14.76
N ASN A 154 29.84 2.93 -14.37
CA ASN A 154 30.04 1.52 -14.24
C ASN A 154 31.16 1.28 -13.23
N SER A 155 31.15 2.04 -12.14
CA SER A 155 32.14 1.91 -11.09
C SER A 155 32.08 0.70 -10.21
N GLU A 156 33.23 0.13 -9.86
CA GLU A 156 33.29 -1.09 -9.07
C GLU A 156 33.82 -0.89 -7.68
N SER A 157 33.18 -1.51 -6.73
CA SER A 157 33.57 -1.40 -5.35
C SER A 157 33.64 -2.82 -4.81
N GLN A 158 34.40 -3.01 -3.74
CA GLN A 158 34.49 -4.32 -3.13
C GLN A 158 33.74 -4.39 -1.84
N VAL A 159 32.65 -5.13 -1.82
CA VAL A 159 31.87 -5.31 -0.61
C VAL A 159 32.52 -6.16 0.44
N THR A 160 33.22 -7.21 0.02
CA THR A 160 33.83 -8.13 0.98
C THR A 160 35.32 -8.35 0.88
N GLU A 161 35.98 -8.58 2.01
CA GLU A 161 37.44 -8.73 2.07
C GLU A 161 37.92 -10.15 2.35
N ASP A 162 37.22 -10.91 3.16
CA ASP A 162 37.74 -12.21 3.60
C ASP A 162 37.59 -13.48 2.78
N GLY A 163 37.18 -13.37 1.54
CA GLY A 163 37.08 -14.54 0.73
C GLY A 163 38.40 -15.21 0.52
N LYS A 164 38.46 -16.50 0.82
CA LYS A 164 39.65 -17.26 0.64
C LYS A 164 39.17 -18.57 0.13
N GLN A 165 39.93 -19.15 -0.77
CA GLN A 165 39.54 -20.41 -1.34
C GLN A 165 39.70 -21.52 -0.36
N ASN A 166 38.69 -22.37 -0.26
CA ASN A 166 38.67 -23.48 0.66
C ASN A 166 38.49 -23.05 2.08
N SER A 167 38.13 -21.78 2.28
CA SER A 167 37.93 -21.23 3.62
C SER A 167 36.68 -20.39 3.79
N VAL A 168 36.64 -19.22 3.14
CA VAL A 168 35.46 -18.33 3.22
C VAL A 168 34.82 -18.00 1.88
N LEU A 169 33.54 -18.29 1.74
CA LEU A 169 32.81 -18.04 0.51
C LEU A 169 31.76 -17.01 0.75
N ASN A 170 31.75 -15.96 -0.04
CA ASN A 170 30.78 -14.90 0.11
C ASN A 170 29.85 -14.78 -1.08
N GLY A 171 28.57 -14.99 -0.85
CA GLY A 171 27.59 -14.89 -1.89
C GLY A 171 27.35 -16.11 -2.69
N ILE A 172 28.13 -17.15 -2.43
CA ILE A 172 28.03 -18.35 -3.19
C ILE A 172 28.13 -19.59 -2.28
N PRO A 173 27.31 -20.65 -2.53
CA PRO A 173 27.40 -21.82 -1.65
C PRO A 173 28.67 -22.61 -1.88
N ASP A 174 29.08 -23.34 -0.83
CA ASP A 174 30.13 -24.36 -0.91
C ASP A 174 29.59 -25.57 -1.70
N TRP A 175 30.43 -26.62 -1.87
CA TRP A 175 30.07 -27.68 -2.81
C TRP A 175 28.75 -28.35 -2.45
N VAL A 176 28.60 -28.74 -1.19
CA VAL A 176 27.46 -29.60 -0.83
C VAL A 176 26.15 -28.82 -0.83
N TYR A 177 26.19 -27.55 -0.42
CA TYR A 177 25.00 -26.69 -0.50
C TYR A 177 24.57 -26.53 -1.95
N GLU A 178 25.51 -26.20 -2.84
CA GLU A 178 25.17 -26.08 -4.25
C GLU A 178 24.54 -27.35 -4.77
N GLU A 179 25.03 -28.51 -4.35
CA GLU A 179 24.56 -29.70 -5.03
C GLU A 179 23.21 -30.16 -4.48
N GLU A 180 23.09 -30.23 -3.16
CA GLU A 180 21.94 -30.85 -2.53
C GLU A 180 20.83 -29.89 -2.08
N PHE A 181 21.08 -28.57 -2.03
CA PHE A 181 19.99 -27.59 -1.96
C PHE A 181 19.75 -26.92 -3.31
N GLY A 182 20.48 -27.25 -4.34
CA GLY A 182 20.21 -26.72 -5.66
C GLY A 182 20.18 -25.23 -5.96
N PHE A 183 21.25 -24.55 -5.59
CA PHE A 183 21.38 -23.14 -5.83
C PHE A 183 22.79 -22.72 -6.14
N ASN A 184 22.95 -21.55 -6.74
CA ASN A 184 24.27 -21.02 -7.05
C ASN A 184 24.48 -19.65 -6.44
N ARG A 185 23.42 -19.04 -5.95
CA ARG A 185 23.51 -17.68 -5.43
C ARG A 185 22.89 -17.61 -4.04
N ALA A 186 23.45 -16.73 -3.22
CA ALA A 186 23.02 -16.30 -1.90
C ALA A 186 23.46 -14.82 -1.79
N LEU A 187 22.78 -13.98 -2.56
CA LEU A 187 23.22 -12.61 -2.79
C LEU A 187 22.01 -11.83 -3.33
N GLU A 188 21.58 -10.77 -2.62
CA GLU A 188 20.30 -10.10 -2.93
C GLU A 188 20.32 -8.61 -2.62
N PHE A 189 19.53 -7.86 -3.38
CA PHE A 189 19.25 -6.45 -3.08
C PHE A 189 17.90 -6.27 -2.40
N SER A 190 17.85 -5.37 -1.42
CA SER A 190 16.60 -4.96 -0.80
C SER A 190 15.72 -4.22 -1.80
N ALA A 191 14.43 -4.14 -1.46
CA ALA A 191 13.41 -3.66 -2.38
C ALA A 191 13.64 -2.21 -2.80
N ASP A 192 14.29 -1.42 -1.94
CA ASP A 192 14.60 -0.02 -2.23
C ASP A 192 16.06 0.19 -2.64
N ASN A 193 16.75 -0.84 -3.09
CA ASN A 193 18.07 -0.70 -3.68
C ASN A 193 19.10 -0.11 -2.72
N THR A 194 18.83 -0.18 -1.41
CA THR A 194 19.72 0.39 -0.41
C THR A 194 20.63 -0.61 0.28
N MET A 195 20.29 -1.90 0.25
CA MET A 195 21.02 -2.93 1.00
C MET A 195 21.38 -4.11 0.12
N ILE A 196 22.52 -4.74 0.42
CA ILE A 196 22.83 -6.08 -0.07
C ILE A 196 22.78 -7.04 1.10
N ALA A 197 22.19 -8.20 0.90
CA ALA A 197 22.26 -9.31 1.84
C ALA A 197 22.96 -10.50 1.18
N PHE A 198 23.70 -11.28 1.96
CA PHE A 198 24.35 -12.47 1.43
C PHE A 198 24.58 -13.49 2.53
N ILE A 199 24.84 -14.73 2.12
CA ILE A 199 25.27 -15.77 3.05
C ILE A 199 26.80 -15.87 3.00
N ARG A 200 27.42 -15.89 4.18
CA ARG A 200 28.84 -16.11 4.35
C ARG A 200 29.07 -17.52 4.87
N PHE A 201 29.70 -18.35 4.03
CA PHE A 201 30.01 -19.75 4.31
C PHE A 201 31.45 -19.82 4.79
N ASP A 202 31.66 -20.28 6.03
CA ASP A 202 33.00 -20.58 6.53
C ASP A 202 33.17 -22.10 6.50
N GLU A 203 33.95 -22.59 5.53
CA GLU A 203 34.12 -24.02 5.38
C GLU A 203 35.48 -24.48 5.83
N SER A 204 36.20 -23.65 6.57
CA SER A 204 37.56 -24.00 6.96
C SER A 204 37.61 -25.33 7.70
N GLU A 205 36.69 -25.57 8.64
CA GLU A 205 36.76 -26.80 9.40
C GLU A 205 35.98 -27.93 8.77
N VAL A 206 35.52 -27.77 7.53
CA VAL A 206 34.95 -28.86 6.73
C VAL A 206 36.08 -29.73 6.22
N PRO A 207 35.95 -31.06 6.23
CA PRO A 207 37.05 -31.92 5.76
C PRO A 207 37.36 -31.67 4.29
N SER A 208 38.66 -31.57 3.99
CA SER A 208 39.12 -31.62 2.61
C SER A 208 39.06 -33.04 2.07
N TYR A 209 38.79 -33.15 0.78
CA TYR A 209 38.92 -34.39 0.02
C TYR A 209 39.70 -34.10 -1.26
N SER A 210 40.33 -35.14 -1.78
CA SER A 210 41.27 -34.98 -2.89
C SER A 210 41.37 -36.28 -3.67
N PHE A 211 41.53 -36.14 -4.98
CA PHE A 211 41.71 -37.33 -5.79
C PHE A 211 42.70 -37.06 -6.92
N PRO A 212 43.39 -38.09 -7.41
CA PRO A 212 44.43 -37.86 -8.42
C PRO A 212 43.86 -37.33 -9.72
N MET A 213 44.69 -36.55 -10.41
CA MET A 213 44.44 -36.09 -11.77
C MET A 213 45.62 -36.50 -12.64
N PHE A 214 45.34 -37.01 -13.82
CA PHE A 214 46.38 -37.33 -14.78
C PHE A 214 46.32 -36.39 -15.97
N ALA A 215 47.15 -36.65 -16.96
CA ALA A 215 47.11 -35.82 -18.17
C ALA A 215 45.81 -36.06 -18.92
N GLY A 216 45.36 -37.30 -18.96
CA GLY A 216 44.18 -37.58 -19.68
C GLY A 216 44.26 -37.22 -21.16
N GLU A 217 43.07 -37.04 -21.73
CA GLU A 217 42.89 -36.58 -23.08
C GLU A 217 41.46 -36.04 -23.14
N ALA A 218 41.25 -35.02 -23.96
CA ALA A 218 39.92 -34.45 -24.16
C ALA A 218 39.27 -34.04 -22.85
N PRO A 219 39.77 -33.01 -22.19
CA PRO A 219 40.95 -32.21 -22.53
C PRO A 219 42.19 -32.89 -21.96
N GLN A 220 43.37 -32.68 -22.53
CA GLN A 220 44.60 -33.19 -21.94
C GLN A 220 45.09 -32.14 -20.96
N ILE A 221 45.40 -32.57 -19.74
CA ILE A 221 45.87 -31.64 -18.72
C ILE A 221 47.39 -31.64 -18.84
N THR A 222 47.89 -30.70 -19.65
CA THR A 222 49.25 -30.79 -20.16
C THR A 222 50.33 -30.81 -19.08
N PRO A 223 50.27 -29.98 -18.04
CA PRO A 223 51.31 -30.03 -17.00
C PRO A 223 51.42 -31.37 -16.28
N LEU A 224 50.47 -32.28 -16.44
CA LEU A 224 50.49 -33.57 -15.75
C LEU A 224 50.99 -34.69 -16.66
N LYS A 225 51.68 -34.36 -17.75
CA LYS A 225 52.08 -35.33 -18.76
C LYS A 225 53.11 -36.32 -18.25
N ASP A 226 53.83 -35.98 -17.18
CA ASP A 226 54.78 -36.91 -16.59
C ASP A 226 54.45 -37.22 -15.15
N TYR A 227 54.25 -36.20 -14.33
CA TYR A 227 53.85 -36.40 -12.96
C TYR A 227 52.39 -36.02 -12.78
N PRO A 228 51.60 -36.90 -12.19
CA PRO A 228 50.19 -36.59 -11.95
C PRO A 228 50.07 -35.43 -10.98
N GLY A 229 48.86 -34.91 -10.88
CA GLY A 229 48.56 -33.86 -9.98
C GLY A 229 47.34 -34.28 -9.22
N GLU A 230 46.57 -33.33 -8.73
CA GLU A 230 45.42 -33.66 -7.91
C GLU A 230 44.34 -32.63 -7.90
N TYR A 231 43.13 -33.04 -7.59
CA TYR A 231 42.08 -32.07 -7.39
C TYR A 231 41.70 -32.11 -5.93
N THR A 232 41.65 -30.94 -5.31
CA THR A 232 41.32 -30.82 -3.91
C THR A 232 40.16 -29.89 -3.63
N TYR A 233 39.23 -30.31 -2.78
CA TYR A 233 38.07 -29.51 -2.42
C TYR A 233 37.49 -29.89 -1.08
N LYS A 234 36.62 -29.05 -0.55
CA LYS A 234 35.93 -29.36 0.70
C LYS A 234 34.71 -30.20 0.47
N TYR A 235 34.53 -31.23 1.27
CA TYR A 235 33.44 -32.19 1.09
C TYR A 235 33.23 -32.99 2.37
N PRO A 236 32.18 -32.69 3.14
CA PRO A 236 31.88 -33.44 4.37
C PRO A 236 31.10 -34.72 4.07
N LYS A 237 31.67 -35.85 4.45
CA LYS A 237 30.90 -37.08 4.39
C LYS A 237 29.92 -37.13 5.56
N ALA A 238 28.93 -38.02 5.47
CA ALA A 238 27.81 -38.03 6.41
C ALA A 238 28.28 -38.04 7.86
N GLY A 239 27.67 -37.17 8.67
CA GLY A 239 28.03 -37.01 10.07
C GLY A 239 29.27 -36.19 10.34
N TYR A 240 29.88 -35.60 9.33
CA TYR A 240 31.01 -34.69 9.54
C TYR A 240 30.51 -33.26 9.56
N PRO A 241 31.34 -32.30 9.96
CA PRO A 241 30.85 -30.91 10.07
C PRO A 241 30.57 -30.25 8.71
N ASN A 242 29.55 -29.41 8.70
CA ASN A 242 29.21 -28.67 7.52
C ASN A 242 29.66 -27.26 7.71
N SER A 243 29.43 -26.42 6.73
CA SER A 243 29.89 -25.03 6.80
C SER A 243 29.24 -24.22 7.87
N LYS A 244 30.00 -23.33 8.45
CA LYS A 244 29.42 -22.46 9.42
C LYS A 244 28.84 -21.36 8.59
N VAL A 245 27.53 -21.16 8.69
CA VAL A 245 26.83 -20.22 7.83
C VAL A 245 26.35 -19.05 8.66
N GLU A 246 26.35 -17.87 8.04
CA GLU A 246 25.69 -16.73 8.68
C GLU A 246 25.24 -15.74 7.63
N VAL A 247 24.16 -14.97 7.94
CA VAL A 247 23.65 -13.96 7.03
C VAL A 247 24.31 -12.63 7.35
N ARG A 248 24.50 -11.81 6.32
CA ARG A 248 25.15 -10.53 6.49
C ARG A 248 24.50 -9.53 5.56
N THR A 249 24.52 -8.27 5.98
CA THR A 249 23.95 -7.18 5.21
C THR A 249 24.99 -6.09 5.09
N TYR A 250 25.08 -5.55 3.90
CA TYR A 250 25.98 -4.46 3.57
C TYR A 250 25.13 -3.24 3.24
N ASP A 251 25.39 -2.14 3.94
CA ASP A 251 24.75 -0.85 3.70
C ASP A 251 25.44 -0.18 2.51
N ILE A 252 24.70 -0.01 1.42
CA ILE A 252 25.30 0.54 0.21
C ILE A 252 25.72 1.99 0.43
N LYS A 253 24.96 2.75 1.21
CA LYS A 253 25.29 4.16 1.41
C LYS A 253 26.40 4.33 2.43
N SER A 254 26.42 3.54 3.50
CA SER A 254 27.36 3.77 4.58
C SER A 254 28.48 2.74 4.69
N HIS A 255 28.50 1.72 3.83
CA HIS A 255 29.54 0.69 3.76
C HIS A 255 29.61 -0.15 5.02
N VAL A 256 28.57 -0.12 5.84
CA VAL A 256 28.54 -0.84 7.11
C VAL A 256 28.11 -2.28 6.88
N THR A 257 28.83 -3.23 7.47
CA THR A 257 28.41 -4.62 7.42
C THR A 257 27.84 -5.02 8.77
N ARG A 258 26.67 -5.64 8.76
CA ARG A 258 26.04 -6.18 9.94
C ARG A 258 25.78 -7.68 9.75
N THR A 259 25.66 -8.41 10.87
CA THR A 259 25.32 -9.83 10.85
C THR A 259 23.98 -10.03 11.55
N MET A 260 23.05 -10.71 10.87
CA MET A 260 21.72 -10.94 11.44
C MET A 260 21.80 -11.82 12.68
N LYS A 261 20.99 -11.49 13.69
CA LYS A 261 20.99 -12.22 14.95
C LYS A 261 19.92 -13.31 14.87
N LEU A 262 20.32 -14.43 14.28
CA LEU A 262 19.38 -15.43 13.80
C LEU A 262 19.48 -16.68 14.66
N PRO A 263 18.39 -17.09 15.36
CA PRO A 263 18.46 -18.14 16.38
C PRO A 263 18.54 -19.57 15.83
N ILE A 264 19.48 -19.80 14.89
CA ILE A 264 19.57 -21.06 14.17
C ILE A 264 20.41 -22.05 14.97
N ASP A 265 20.20 -23.35 14.73
CA ASP A 265 21.00 -24.39 15.37
C ASP A 265 22.46 -24.32 14.93
N ALA A 266 23.37 -24.63 15.87
CA ALA A 266 24.80 -24.60 15.57
C ALA A 266 25.17 -25.49 14.39
N ASP A 267 24.42 -26.57 14.16
CA ASP A 267 24.61 -27.45 13.02
C ASP A 267 23.45 -27.38 12.01
N GLY A 268 22.78 -26.23 11.92
CA GLY A 268 21.67 -26.06 11.02
C GLY A 268 22.10 -25.51 9.68
N TYR A 269 21.13 -25.41 8.78
CA TYR A 269 21.35 -24.97 7.42
C TYR A 269 20.60 -23.69 7.15
N ILE A 270 21.16 -22.85 6.28
CA ILE A 270 20.39 -21.75 5.71
C ILE A 270 20.31 -22.01 4.21
N PRO A 271 19.35 -22.82 3.74
CA PRO A 271 19.37 -23.17 2.32
C PRO A 271 19.06 -22.00 1.40
N ARG A 272 18.43 -20.93 1.91
CA ARG A 272 18.16 -19.81 1.02
C ARG A 272 17.90 -18.53 1.80
N ILE A 273 18.29 -17.42 1.17
CA ILE A 273 17.87 -16.09 1.57
C ILE A 273 17.16 -15.44 0.39
N ARG A 274 16.18 -14.61 0.72
CA ARG A 274 15.39 -13.94 -0.31
C ARG A 274 14.82 -12.68 0.27
N PHE A 275 14.92 -11.59 -0.47
CA PHE A 275 14.27 -10.37 -0.04
C PHE A 275 12.80 -10.36 -0.38
N THR A 276 12.00 -9.74 0.47
CA THR A 276 10.57 -9.65 0.26
C THR A 276 10.24 -8.36 -0.45
N LYS A 277 8.96 -8.12 -0.71
CA LYS A 277 8.60 -6.84 -1.31
C LYS A 277 8.82 -5.67 -0.34
N ASP A 278 8.80 -5.93 0.97
CA ASP A 278 9.07 -4.91 1.98
C ASP A 278 10.57 -4.79 2.19
N ALA A 279 11.09 -3.59 1.95
CA ALA A 279 12.53 -3.37 1.99
C ALA A 279 13.16 -3.65 3.34
N SER A 280 12.39 -3.81 4.41
CA SER A 280 13.00 -4.06 5.70
C SER A 280 12.75 -5.46 6.22
N LYS A 281 12.36 -6.37 5.33
CA LYS A 281 12.17 -7.78 5.68
C LYS A 281 13.01 -8.65 4.74
N LEU A 282 14.08 -9.19 5.26
CA LEU A 282 14.83 -10.23 4.56
C LEU A 282 14.33 -11.58 5.05
N ALA A 283 13.82 -12.42 4.16
CA ALA A 283 13.45 -13.77 4.54
C ALA A 283 14.68 -14.67 4.55
N VAL A 284 14.87 -15.38 5.65
CA VAL A 284 15.89 -16.41 5.80
C VAL A 284 15.21 -17.75 6.04
N MET A 285 15.53 -18.74 5.22
CA MET A 285 14.97 -20.08 5.40
C MET A 285 16.01 -20.93 6.09
N THR A 286 15.61 -21.63 7.15
CA THR A 286 16.56 -22.39 7.95
C THR A 286 16.02 -23.79 8.21
N LEU A 287 16.92 -24.78 8.18
CA LEU A 287 16.61 -26.14 8.58
C LEU A 287 17.43 -26.52 9.81
N ASN A 288 17.01 -27.59 10.47
CA ASN A 288 17.87 -28.25 11.43
C ASN A 288 18.65 -29.38 10.74
N ARG A 289 19.58 -30.00 11.46
CA ARG A 289 20.43 -30.98 10.77
C ARG A 289 19.63 -32.19 10.31
N HIS A 290 18.53 -32.51 11.00
CA HIS A 290 17.62 -33.55 10.54
C HIS A 290 16.74 -33.11 9.38
N GLN A 291 16.87 -31.86 8.95
CA GLN A 291 16.09 -31.29 7.84
C GLN A 291 14.59 -31.59 7.93
N ASP A 292 14.06 -31.64 9.14
CA ASP A 292 12.65 -31.89 9.33
C ASP A 292 11.90 -30.71 9.94
N ARG A 293 12.61 -29.64 10.26
CA ARG A 293 11.96 -28.44 10.75
C ARG A 293 12.37 -27.27 9.91
N PHE A 294 11.44 -26.77 9.10
CA PHE A 294 11.71 -25.63 8.25
C PHE A 294 11.23 -24.37 8.93
N ASP A 295 12.13 -23.42 9.13
CA ASP A 295 11.81 -22.21 9.86
C ASP A 295 12.03 -21.01 8.95
N LEU A 296 10.95 -20.28 8.66
CA LEU A 296 11.05 -19.03 7.92
C LEU A 296 11.16 -17.86 8.91
N TYR A 297 12.27 -17.14 8.83
CA TYR A 297 12.51 -15.94 9.63
C TYR A 297 12.39 -14.71 8.74
N PHE A 298 11.83 -13.65 9.30
CA PHE A 298 11.97 -12.32 8.73
C PHE A 298 12.99 -11.57 9.55
N ALA A 299 13.94 -10.94 8.87
CA ALA A 299 15.11 -10.33 9.47
C ALA A 299 15.21 -8.88 9.00
N ASP A 300 15.57 -7.99 9.93
CA ASP A 300 15.71 -6.57 9.62
C ASP A 300 17.14 -6.28 9.15
N PRO A 301 17.34 -5.86 7.90
CA PRO A 301 18.73 -5.67 7.43
C PRO A 301 19.49 -4.64 8.20
N ARG A 302 18.82 -3.80 9.00
CA ARG A 302 19.52 -2.75 9.73
C ARG A 302 19.54 -2.95 11.23
N SER A 303 18.48 -3.46 11.81
CA SER A 303 18.54 -3.71 13.24
C SER A 303 19.21 -5.03 13.59
N THR A 304 19.44 -5.90 12.61
CA THR A 304 19.87 -7.30 12.75
C THR A 304 18.84 -8.16 13.45
N LEU A 305 17.60 -7.69 13.61
CA LEU A 305 16.64 -8.43 14.41
C LEU A 305 15.88 -9.44 13.56
N CYS A 306 15.46 -10.53 14.19
CA CYS A 306 14.89 -11.65 13.45
C CYS A 306 13.67 -12.18 14.16
N LYS A 307 12.59 -12.35 13.39
CA LYS A 307 11.30 -12.75 13.92
C LYS A 307 10.89 -14.01 13.20
N LEU A 308 10.65 -15.09 13.96
CA LEU A 308 10.17 -16.34 13.37
C LEU A 308 8.78 -16.14 12.79
N VAL A 309 8.67 -16.16 11.46
CA VAL A 309 7.38 -16.02 10.80
C VAL A 309 6.66 -17.36 10.65
N LEU A 310 7.40 -18.46 10.47
CA LEU A 310 6.73 -19.70 10.14
C LEU A 310 7.58 -20.87 10.61
N ARG A 311 6.91 -21.95 11.03
CA ARG A 311 7.55 -23.23 11.35
C ARG A 311 6.75 -24.36 10.72
N ASP A 312 7.40 -25.14 9.87
CA ASP A 312 6.80 -26.31 9.22
C ASP A 312 7.60 -27.54 9.62
N GLU A 313 6.96 -28.45 10.31
CA GLU A 313 7.59 -29.65 10.84
C GLU A 313 7.08 -30.86 10.06
N SER A 314 7.99 -31.63 9.53
CA SER A 314 7.64 -32.87 8.85
C SER A 314 8.00 -34.07 9.72
N PRO A 315 7.28 -35.19 9.60
CA PRO A 315 7.65 -36.38 10.37
C PRO A 315 8.84 -37.12 9.78
N TYR A 316 9.22 -36.77 8.56
CA TYR A 316 10.33 -37.42 7.88
C TYR A 316 11.43 -36.39 7.61
N TYR A 317 11.31 -35.63 6.52
CA TYR A 317 12.22 -34.55 6.16
C TYR A 317 11.50 -33.56 5.26
N ILE A 318 11.97 -32.33 5.24
CA ILE A 318 11.50 -31.33 4.29
C ILE A 318 12.20 -31.54 2.96
N LYS A 319 11.44 -31.51 1.87
CA LYS A 319 12.04 -31.66 0.55
C LYS A 319 12.57 -30.33 0.04
N GLU A 320 13.50 -30.41 -0.90
CA GLU A 320 14.11 -29.20 -1.43
C GLU A 320 13.10 -28.36 -2.21
N ASN A 321 12.11 -29.00 -2.82
CA ASN A 321 11.20 -28.32 -3.74
C ASN A 321 10.46 -27.15 -3.08
N VAL A 322 10.43 -27.07 -1.75
CA VAL A 322 9.71 -25.95 -1.17
C VAL A 322 10.45 -24.65 -1.41
N PHE A 323 11.79 -24.66 -1.33
CA PHE A 323 12.55 -23.43 -1.11
C PHE A 323 12.27 -22.39 -2.20
N ASP A 324 12.30 -22.81 -3.46
CA ASP A 324 12.14 -21.88 -4.57
C ASP A 324 10.69 -21.70 -5.00
N ASN A 325 9.74 -22.29 -4.29
CA ASN A 325 8.34 -21.99 -4.53
C ASN A 325 7.79 -21.00 -3.51
N ILE A 326 8.64 -20.44 -2.65
CA ILE A 326 8.25 -19.33 -1.79
C ILE A 326 8.43 -18.04 -2.58
N LYS A 327 7.31 -17.42 -2.96
CA LYS A 327 7.31 -16.18 -3.73
C LYS A 327 6.60 -15.09 -2.94
N PHE A 328 7.19 -13.91 -2.90
CA PHE A 328 6.69 -12.85 -2.04
C PHE A 328 5.87 -11.84 -2.83
N TYR A 329 4.70 -11.52 -2.30
CA TYR A 329 3.80 -10.53 -2.87
C TYR A 329 3.67 -9.43 -1.82
N PRO A 330 3.04 -8.28 -2.12
CA PRO A 330 3.06 -7.17 -1.15
C PRO A 330 2.47 -7.52 0.21
N GLU A 331 1.31 -8.20 0.24
CA GLU A 331 0.68 -8.60 1.51
C GLU A 331 0.85 -10.07 1.85
N THR A 332 1.16 -10.90 0.87
CA THR A 332 1.14 -12.34 1.03
C THR A 332 2.46 -12.97 0.56
N PHE A 333 2.61 -14.26 0.87
CA PHE A 333 3.60 -15.10 0.20
C PHE A 333 3.06 -16.51 0.07
N SER A 334 3.72 -17.29 -0.78
CA SER A 334 3.32 -18.67 -1.08
C SER A 334 4.12 -19.68 -0.26
N LEU A 335 3.62 -20.91 -0.20
CA LEU A 335 4.38 -21.98 0.44
C LEU A 335 3.87 -23.34 -0.04
N LEU A 336 4.79 -24.24 -0.39
CA LEU A 336 4.41 -25.63 -0.63
C LEU A 336 4.72 -26.48 0.60
N SER A 337 3.75 -27.27 1.03
CA SER A 337 3.94 -28.05 2.23
C SER A 337 3.32 -29.41 2.01
N GLU A 338 4.00 -30.43 2.54
CA GLU A 338 3.52 -31.80 2.53
C GLU A 338 2.82 -32.17 3.82
N ARG A 339 2.30 -31.23 4.58
CA ARG A 339 1.67 -31.54 5.86
C ARG A 339 0.49 -32.51 5.79
N ASP A 340 -0.12 -32.59 4.62
CA ASP A 340 -1.40 -33.23 4.34
C ASP A 340 -1.10 -34.54 3.68
N GLY A 341 0.15 -34.94 3.67
CA GLY A 341 0.54 -36.17 3.02
C GLY A 341 0.82 -35.94 1.56
N PHE A 342 0.47 -34.77 1.07
CA PHE A 342 0.70 -34.44 -0.33
C PHE A 342 1.21 -33.02 -0.44
N SER A 343 1.93 -32.74 -1.51
CA SER A 343 2.49 -31.41 -1.73
C SER A 343 1.37 -30.46 -2.17
N HIS A 344 1.00 -29.51 -1.31
CA HIS A 344 -0.08 -28.59 -1.64
C HIS A 344 0.33 -27.15 -1.31
N LEU A 345 -0.48 -26.22 -1.85
CA LEU A 345 -0.17 -24.80 -1.92
C LEU A 345 -0.89 -24.03 -0.82
N TYR A 346 -0.12 -23.41 0.06
CA TYR A 346 -0.65 -22.63 1.15
C TYR A 346 -0.31 -21.17 0.92
N TRP A 347 -1.22 -20.28 1.31
CA TRP A 347 -1.21 -18.85 0.99
C TRP A 347 -1.24 -18.12 2.32
N TYR A 348 -0.15 -17.42 2.63
CA TYR A 348 0.12 -16.86 3.94
C TYR A 348 0.14 -15.34 3.86
N SER A 349 -0.21 -14.69 4.97
CA SER A 349 -0.04 -13.25 5.08
C SER A 349 1.40 -12.95 5.45
N MET A 350 1.86 -11.75 5.04
CA MET A 350 3.18 -11.28 5.43
C MET A 350 3.32 -11.05 6.92
N GLY A 351 2.27 -11.30 7.70
CA GLY A 351 2.36 -11.40 9.14
C GLY A 351 2.39 -12.83 9.66
N GLY A 352 2.50 -13.83 8.78
CA GLY A 352 2.60 -15.21 9.19
C GLY A 352 1.29 -15.96 9.33
N ASN A 353 0.16 -15.28 9.22
CA ASN A 353 -1.09 -15.98 9.36
C ASN A 353 -1.38 -16.76 8.09
N LEU A 354 -1.75 -18.02 8.25
CA LEU A 354 -2.23 -18.78 7.11
C LEU A 354 -3.51 -18.14 6.62
N ILE A 355 -3.59 -17.88 5.32
CA ILE A 355 -4.80 -17.33 4.72
C ILE A 355 -5.66 -18.44 4.11
N LYS A 356 -5.05 -19.38 3.40
CA LYS A 356 -5.84 -20.51 2.92
C LYS A 356 -4.95 -21.60 2.31
N LYS A 357 -5.41 -22.85 2.43
CA LYS A 357 -4.86 -23.95 1.68
C LYS A 357 -5.50 -23.92 0.29
N VAL A 358 -4.72 -23.62 -0.74
CA VAL A 358 -5.28 -23.36 -2.06
C VAL A 358 -5.58 -24.65 -2.81
N THR A 359 -4.83 -25.72 -2.56
CA THR A 359 -5.08 -26.99 -3.25
C THR A 359 -5.31 -28.11 -2.24
N ASN A 360 -6.09 -29.10 -2.67
CA ASN A 360 -6.33 -30.31 -1.89
C ASN A 360 -6.66 -31.43 -2.86
N GLY A 361 -6.52 -32.65 -2.37
CA GLY A 361 -6.69 -33.84 -3.19
C GLY A 361 -5.53 -34.80 -2.98
N LYS A 362 -5.73 -36.01 -3.52
CA LYS A 362 -4.72 -37.07 -3.47
C LYS A 362 -3.86 -37.01 -4.73
N TYR A 363 -3.09 -35.92 -4.75
CA TYR A 363 -2.24 -35.63 -5.88
C TYR A 363 -1.22 -34.62 -5.40
N GLU A 364 -0.14 -34.44 -6.15
CA GLU A 364 0.92 -33.53 -5.74
C GLU A 364 1.12 -32.28 -6.63
N VAL A 365 1.20 -31.12 -6.00
CA VAL A 365 1.49 -29.90 -6.74
C VAL A 365 2.98 -29.75 -6.85
N LYS A 366 3.46 -29.71 -8.07
CA LYS A 366 4.91 -29.64 -8.26
C LYS A 366 5.50 -28.25 -8.25
N ASP A 367 4.94 -27.34 -9.03
CA ASP A 367 5.42 -25.98 -9.07
C ASP A 367 4.36 -24.92 -8.86
N PHE A 368 4.68 -23.84 -8.18
CA PHE A 368 3.77 -22.71 -8.07
C PHE A 368 4.24 -21.69 -9.09
N LEU A 369 3.47 -21.53 -10.15
CA LEU A 369 3.82 -20.62 -11.23
C LEU A 369 3.56 -19.15 -10.88
N GLY A 370 2.46 -18.84 -10.20
CA GLY A 370 2.32 -17.47 -9.74
C GLY A 370 0.91 -17.10 -9.30
N TYR A 371 0.77 -15.83 -8.96
CA TYR A 371 -0.50 -15.22 -8.53
C TYR A 371 -0.78 -14.01 -9.41
N ASP A 372 -1.92 -13.99 -10.06
CA ASP A 372 -2.39 -12.84 -10.83
C ASP A 372 -3.08 -11.93 -9.83
N GLU A 373 -2.39 -10.83 -9.46
CA GLU A 373 -2.94 -9.89 -8.48
C GLU A 373 -4.09 -9.11 -9.07
N ALA A 374 -4.19 -9.02 -10.40
CA ALA A 374 -5.32 -8.34 -11.02
C ALA A 374 -6.63 -9.03 -10.67
N ASP A 375 -6.72 -10.35 -10.84
CA ASP A 375 -7.97 -11.08 -10.65
C ASP A 375 -7.93 -12.11 -9.52
N GLY A 376 -6.90 -12.09 -8.68
CA GLY A 376 -6.81 -13.04 -7.59
C GLY A 376 -6.73 -14.49 -8.04
N SER A 377 -5.98 -14.77 -9.11
CA SER A 377 -5.92 -16.14 -9.66
C SER A 377 -4.59 -16.81 -9.32
N PHE A 378 -4.64 -18.09 -8.98
CA PHE A 378 -3.45 -18.90 -8.70
C PHE A 378 -3.16 -19.79 -9.89
N TYR A 379 -1.89 -19.90 -10.28
CA TYR A 379 -1.46 -20.81 -11.34
C TYR A 379 -0.37 -21.74 -10.83
N TYR A 380 -0.54 -23.05 -11.09
CA TYR A 380 0.39 -24.08 -10.60
C TYR A 380 0.40 -25.27 -11.56
N THR A 381 1.28 -26.24 -11.29
CA THR A 381 1.38 -27.49 -12.05
C THR A 381 1.11 -28.67 -11.13
N SER A 382 0.60 -29.77 -11.70
CA SER A 382 0.28 -30.95 -10.89
C SER A 382 0.11 -32.22 -11.72
N ASN A 383 0.33 -33.36 -11.04
CA ASN A 383 0.07 -34.69 -11.57
C ASN A 383 -1.33 -35.21 -11.20
N GLU A 384 -2.28 -34.32 -10.94
CA GLU A 384 -3.63 -34.75 -10.62
C GLU A 384 -4.17 -35.85 -11.50
N GLU A 385 -3.98 -35.72 -12.80
CA GLU A 385 -4.46 -36.72 -13.72
C GLU A 385 -3.80 -38.07 -13.58
N SER A 386 -2.50 -38.09 -13.32
CA SER A 386 -1.78 -39.33 -13.20
C SER A 386 -0.38 -39.10 -12.66
N PRO A 387 0.14 -40.00 -11.79
CA PRO A 387 1.55 -39.79 -11.43
C PRO A 387 2.49 -39.69 -12.62
N LEU A 388 2.12 -40.28 -13.76
CA LEU A 388 2.92 -40.21 -14.98
C LEU A 388 2.85 -38.86 -15.70
N ARG A 389 1.88 -38.01 -15.36
CA ARG A 389 1.60 -36.84 -16.17
C ARG A 389 1.80 -35.55 -15.39
N LYS A 390 1.93 -34.45 -16.12
CA LYS A 390 2.07 -33.14 -15.53
C LYS A 390 1.20 -32.17 -16.31
N ALA A 391 0.42 -31.34 -15.61
CA ALA A 391 -0.47 -30.41 -16.30
C ALA A 391 -0.47 -29.07 -15.59
N VAL A 392 -0.87 -28.03 -16.32
CA VAL A 392 -1.03 -26.67 -15.82
C VAL A 392 -2.46 -26.48 -15.32
N TYR A 393 -2.63 -25.84 -14.16
CA TYR A 393 -3.92 -25.62 -13.54
C TYR A 393 -4.04 -24.19 -13.05
N LYS A 394 -5.29 -23.70 -13.06
CA LYS A 394 -5.67 -22.39 -12.58
C LYS A 394 -6.70 -22.56 -11.46
N ILE A 395 -6.65 -21.69 -10.46
CA ILE A 395 -7.70 -21.59 -9.44
C ILE A 395 -8.01 -20.12 -9.19
N ASP A 396 -9.25 -19.70 -9.48
CA ASP A 396 -9.58 -18.29 -9.40
C ASP A 396 -9.86 -17.87 -7.96
N LYS A 397 -10.26 -16.61 -7.77
CA LYS A 397 -10.46 -16.09 -6.43
C LYS A 397 -11.61 -16.78 -5.69
N LYS A 398 -12.53 -17.43 -6.40
CA LYS A 398 -13.65 -18.12 -5.78
C LYS A 398 -13.37 -19.57 -5.45
N GLY A 399 -12.31 -20.15 -6.01
CA GLY A 399 -11.97 -21.53 -5.78
C GLY A 399 -12.31 -22.47 -6.93
N LYS A 400 -12.77 -21.98 -8.05
CA LYS A 400 -13.00 -22.84 -9.18
C LYS A 400 -11.72 -23.27 -9.82
N LYS A 401 -11.59 -24.56 -10.07
CA LYS A 401 -10.39 -25.08 -10.64
C LYS A 401 -10.56 -25.41 -12.09
N LEU A 402 -9.59 -25.00 -12.87
CA LEU A 402 -9.64 -25.24 -14.27
C LEU A 402 -8.32 -25.72 -14.81
N LYS A 403 -8.26 -26.94 -15.29
CA LYS A 403 -7.06 -27.38 -15.99
C LYS A 403 -6.91 -26.56 -17.24
N LEU A 404 -5.73 -25.94 -17.41
CA LEU A 404 -5.43 -25.14 -18.59
C LEU A 404 -4.88 -25.96 -19.73
N SER A 405 -4.11 -26.99 -19.39
CA SER A 405 -3.46 -27.80 -20.41
C SER A 405 -4.39 -28.53 -21.30
N GLN A 406 -4.28 -28.26 -22.57
CA GLN A 406 -5.09 -28.93 -23.55
C GLN A 406 -4.81 -30.42 -23.78
N ARG A 407 -3.54 -30.81 -23.78
CA ARG A 407 -3.19 -32.20 -24.09
C ARG A 407 -2.56 -32.98 -22.98
N GLU A 408 -2.82 -34.29 -22.95
CA GLU A 408 -2.34 -35.16 -21.90
C GLU A 408 -0.92 -35.63 -22.06
N GLY A 409 -0.13 -35.49 -21.01
CA GLY A 409 1.27 -35.82 -21.09
C GLY A 409 2.10 -35.05 -20.11
N THR A 410 3.17 -34.45 -20.57
CA THR A 410 3.98 -33.63 -19.71
C THR A 410 3.90 -32.24 -20.26
N ASN A 411 3.44 -31.31 -19.46
CA ASN A 411 3.24 -29.96 -19.92
C ASN A 411 4.09 -29.06 -19.06
N THR A 412 4.95 -28.27 -19.67
CA THR A 412 5.83 -27.40 -18.93
C THR A 412 5.58 -26.00 -19.39
N PRO A 413 5.28 -25.14 -18.44
CA PRO A 413 4.91 -23.78 -18.80
C PRO A 413 5.88 -22.66 -18.50
N LEU A 414 5.79 -21.56 -19.24
CA LEU A 414 6.61 -20.39 -18.98
C LEU A 414 5.71 -19.17 -19.15
N PHE A 415 5.46 -18.45 -18.07
CA PHE A 415 4.41 -17.43 -18.12
C PHE A 415 4.96 -16.07 -18.50
N SER A 416 4.04 -15.14 -18.77
CA SER A 416 4.36 -13.77 -19.09
C SER A 416 4.52 -12.99 -17.79
N GLN A 417 5.08 -11.79 -17.90
CA GLN A 417 5.29 -11.01 -16.68
C GLN A 417 3.97 -10.61 -16.03
N SER A 418 2.86 -10.72 -16.75
CA SER A 418 1.56 -10.35 -16.23
C SER A 418 0.68 -11.56 -15.92
N MET A 419 1.19 -12.76 -16.15
CA MET A 419 0.41 -14.00 -16.06
C MET A 419 -0.77 -14.02 -17.05
N LYS A 420 -0.74 -13.14 -18.05
CA LYS A 420 -1.78 -13.10 -19.06
C LYS A 420 -1.55 -14.07 -20.21
N TYR A 421 -0.33 -14.56 -20.40
CA TYR A 421 -0.03 -15.54 -21.45
C TYR A 421 1.08 -16.45 -20.96
N TYR A 422 1.26 -17.57 -21.66
CA TYR A 422 2.36 -18.47 -21.33
C TYR A 422 2.73 -19.33 -22.54
N MET A 423 4.02 -19.58 -22.69
CA MET A 423 4.52 -20.54 -23.66
C MET A 423 4.52 -21.93 -23.05
N ASN A 424 4.11 -22.93 -23.82
CA ASN A 424 3.94 -24.28 -23.31
C ASN A 424 4.79 -25.27 -24.10
N LYS A 425 5.57 -26.08 -23.38
CA LYS A 425 6.37 -27.16 -23.97
C LYS A 425 5.71 -28.46 -23.55
N PHE A 426 5.11 -29.15 -24.51
CA PHE A 426 4.36 -30.38 -24.28
C PHE A 426 5.11 -31.53 -24.91
N SER A 427 5.04 -32.69 -24.25
CA SER A 427 5.56 -33.90 -24.83
C SER A 427 4.86 -35.09 -24.20
N ASN A 428 4.89 -36.22 -24.91
CA ASN A 428 4.45 -37.49 -24.33
C ASN A 428 5.11 -38.60 -25.14
N LEU A 429 4.83 -39.85 -24.79
CA LEU A 429 5.50 -40.97 -25.43
C LEU A 429 5.43 -40.97 -26.92
N ASP A 430 4.33 -40.51 -27.45
CA ASP A 430 4.16 -40.52 -28.87
C ASP A 430 4.48 -39.19 -29.51
N THR A 431 4.73 -38.18 -28.70
CA THR A 431 4.98 -36.85 -29.24
C THR A 431 6.34 -36.28 -28.81
N PRO A 432 7.28 -36.02 -29.76
CA PRO A 432 8.61 -35.58 -29.32
C PRO A 432 8.60 -34.23 -28.64
N MET A 433 7.92 -33.23 -29.22
CA MET A 433 7.90 -31.90 -28.64
C MET A 433 6.98 -30.94 -29.36
N LEU A 434 6.04 -30.35 -28.63
CA LEU A 434 5.17 -29.30 -29.12
C LEU A 434 5.46 -28.05 -28.33
N VAL A 435 5.80 -26.96 -29.01
CA VAL A 435 5.91 -25.67 -28.37
C VAL A 435 4.80 -24.79 -28.92
N THR A 436 3.97 -24.28 -28.01
CA THR A 436 2.85 -23.49 -28.39
C THR A 436 2.79 -22.25 -27.55
N LEU A 437 1.92 -21.33 -27.92
CA LEU A 437 1.74 -20.14 -27.13
C LEU A 437 0.32 -20.18 -26.67
N ASN A 438 0.09 -19.93 -25.40
CA ASN A 438 -1.23 -20.07 -24.83
C ASN A 438 -1.72 -18.91 -23.98
N ASP A 439 -3.02 -18.84 -23.73
CA ASP A 439 -3.57 -17.76 -22.95
C ASP A 439 -3.93 -18.03 -21.52
N ASN A 440 -4.48 -17.04 -20.84
CA ASN A 440 -4.78 -17.13 -19.43
C ASN A 440 -5.71 -18.24 -19.16
N THR A 441 -6.61 -18.44 -20.07
CA THR A 441 -7.61 -19.44 -19.88
C THR A 441 -7.09 -20.78 -20.34
N GLY A 442 -6.07 -20.79 -21.20
CA GLY A 442 -5.51 -22.06 -21.72
C GLY A 442 -5.61 -22.36 -23.21
N LYS A 443 -6.16 -21.45 -23.98
CA LYS A 443 -6.29 -21.60 -25.43
C LYS A 443 -4.99 -21.51 -26.16
N THR A 444 -4.84 -22.31 -27.21
CA THR A 444 -3.61 -22.31 -27.95
C THR A 444 -3.64 -21.27 -29.03
N LEU A 445 -2.99 -20.16 -28.77
CA LEU A 445 -2.95 -19.08 -29.73
C LEU A 445 -2.13 -19.38 -30.96
N LYS A 446 -0.98 -20.02 -30.78
CA LYS A 446 -0.11 -20.33 -31.90
C LYS A 446 0.72 -21.55 -31.59
N THR A 447 1.15 -22.27 -32.62
CA THR A 447 2.02 -23.41 -32.44
C THR A 447 3.37 -23.05 -33.04
N LEU A 448 4.31 -22.65 -32.20
CA LEU A 448 5.64 -22.28 -32.66
C LEU A 448 6.32 -23.46 -33.32
N ILE A 449 6.48 -24.58 -32.59
CA ILE A 449 7.22 -25.74 -33.09
C ILE A 449 6.38 -27.01 -32.92
N ASN A 450 6.39 -27.85 -33.96
CA ASN A 450 5.70 -29.13 -33.95
C ASN A 450 6.64 -30.32 -34.06
N ASN A 451 7.93 -30.08 -34.34
CA ASN A 451 8.94 -31.13 -34.53
C ASN A 451 8.45 -32.20 -35.50
N ASP A 452 8.02 -31.73 -36.66
CA ASP A 452 7.53 -32.64 -37.68
C ASP A 452 8.68 -33.36 -38.36
N GLN A 453 9.70 -32.62 -38.78
CA GLN A 453 10.76 -33.26 -39.55
C GLN A 453 11.54 -34.25 -38.70
N LEU A 454 11.42 -34.18 -37.37
CA LEU A 454 11.89 -35.28 -36.53
C LEU A 454 11.02 -36.51 -36.69
N LYS A 455 9.69 -36.33 -36.71
CA LYS A 455 8.79 -37.44 -37.01
C LYS A 455 9.12 -38.05 -38.36
N GLN A 456 9.43 -37.20 -39.34
CA GLN A 456 9.92 -37.60 -40.65
C GLN A 456 11.15 -38.49 -40.52
N THR A 457 12.24 -37.91 -40.04
CA THR A 457 13.47 -38.66 -39.94
C THR A 457 13.24 -40.01 -39.30
N LEU A 458 12.48 -40.05 -38.22
CA LEU A 458 12.26 -41.28 -37.49
C LEU A 458 11.52 -42.37 -38.21
N SER A 459 10.52 -41.99 -38.99
CA SER A 459 9.73 -42.96 -39.68
C SER A 459 10.60 -43.94 -40.44
N GLY A 460 11.77 -43.51 -40.84
CA GLY A 460 12.66 -44.34 -41.62
C GLY A 460 13.33 -45.49 -40.88
N TYR A 461 13.30 -45.47 -39.55
CA TYR A 461 13.90 -46.54 -38.76
C TYR A 461 12.82 -47.30 -38.01
N ALA A 462 13.19 -48.50 -37.58
CA ALA A 462 12.32 -49.34 -36.75
C ALA A 462 12.60 -48.98 -35.30
N ILE A 463 11.82 -48.04 -34.78
CA ILE A 463 11.99 -47.53 -33.42
C ILE A 463 11.08 -48.33 -32.50
N PRO A 464 11.62 -49.08 -31.53
CA PRO A 464 10.75 -49.79 -30.59
C PRO A 464 9.85 -48.80 -29.87
N GLN A 465 8.70 -49.27 -29.43
CA GLN A 465 7.69 -48.42 -28.81
C GLN A 465 7.61 -48.67 -27.31
N LYS A 466 7.61 -47.60 -26.54
CA LYS A 466 7.33 -47.68 -25.12
C LYS A 466 5.82 -47.76 -24.89
N GLU A 467 5.42 -48.60 -23.93
CA GLU A 467 4.04 -48.59 -23.48
C GLU A 467 3.97 -48.83 -21.97
N PHE A 468 3.01 -48.19 -21.31
CA PHE A 468 2.92 -48.28 -19.86
C PHE A 468 2.21 -49.54 -19.40
N PHE A 469 2.39 -49.85 -18.13
CA PHE A 469 1.70 -50.94 -17.48
C PHE A 469 1.88 -50.75 -15.99
N THR A 470 1.12 -51.54 -15.24
CA THR A 470 1.18 -51.60 -13.80
C THR A 470 1.12 -53.05 -13.40
N PHE A 471 1.61 -53.34 -12.22
CA PHE A 471 1.52 -54.71 -11.74
C PHE A 471 1.55 -54.69 -10.23
N GLN A 472 1.14 -55.79 -9.62
CA GLN A 472 0.95 -55.87 -8.18
C GLN A 472 1.98 -56.81 -7.55
N THR A 473 2.69 -56.29 -6.55
CA THR A 473 3.72 -57.07 -5.89
C THR A 473 3.08 -58.10 -4.95
N THR A 474 3.92 -58.94 -4.33
CA THR A 474 3.35 -59.99 -3.48
C THR A 474 2.74 -59.43 -2.22
N ASP A 475 2.79 -58.13 -2.00
CA ASP A 475 2.18 -57.55 -0.82
C ASP A 475 1.26 -56.39 -1.19
N GLY A 476 0.57 -56.51 -2.32
CA GLY A 476 -0.53 -55.66 -2.63
C GLY A 476 -0.20 -54.31 -3.18
N VAL A 477 1.05 -53.87 -3.12
CA VAL A 477 1.40 -52.57 -3.66
C VAL A 477 1.42 -52.66 -5.18
N THR A 478 0.79 -51.69 -5.83
CA THR A 478 0.80 -51.62 -7.29
C THR A 478 1.86 -50.62 -7.75
N LEU A 479 2.58 -50.99 -8.81
CA LEU A 479 3.71 -50.23 -9.31
C LEU A 479 3.47 -49.87 -10.77
N ASN A 480 3.96 -48.68 -11.16
CA ASN A 480 3.92 -48.18 -12.53
C ASN A 480 5.23 -48.47 -13.24
N GLY A 481 5.14 -48.68 -14.55
CA GLY A 481 6.35 -48.95 -15.31
C GLY A 481 6.06 -48.91 -16.78
N TRP A 482 7.13 -48.89 -17.57
CA TRP A 482 7.03 -49.02 -19.01
C TRP A 482 7.81 -50.24 -19.49
N MET A 483 7.37 -50.72 -20.65
CA MET A 483 7.95 -51.87 -21.34
C MET A 483 8.12 -51.48 -22.80
N MET A 484 9.29 -51.77 -23.34
CA MET A 484 9.66 -51.46 -24.71
C MET A 484 10.05 -52.77 -25.39
N LYS A 485 9.37 -53.10 -26.48
CA LYS A 485 9.54 -54.37 -27.16
C LYS A 485 10.20 -54.16 -28.51
N PRO A 486 10.93 -55.16 -29.01
CA PRO A 486 11.62 -55.01 -30.31
C PRO A 486 10.64 -55.05 -31.48
N ALA A 487 10.91 -54.21 -32.48
CA ALA A 487 9.94 -53.91 -33.52
C ALA A 487 9.44 -55.15 -34.27
N ASN A 488 10.03 -56.31 -34.01
CA ASN A 488 9.46 -57.56 -34.52
C ASN A 488 9.06 -58.48 -33.38
N PHE A 489 8.19 -58.08 -32.46
CA PHE A 489 7.84 -58.92 -31.31
C PHE A 489 6.81 -59.98 -31.58
N SER A 490 6.99 -61.19 -31.05
CA SER A 490 5.99 -62.25 -31.18
C SER A 490 5.77 -63.00 -29.89
N THR A 491 4.53 -63.17 -29.47
CA THR A 491 4.25 -63.81 -28.19
C THR A 491 4.63 -65.24 -28.28
N SER A 492 4.87 -65.68 -29.49
CA SER A 492 5.34 -67.05 -29.72
C SER A 492 6.73 -67.24 -29.13
N LYS A 493 7.61 -66.25 -29.29
CA LYS A 493 9.01 -66.33 -28.92
C LYS A 493 9.24 -65.92 -27.47
N LYS A 494 10.37 -66.37 -26.91
CA LYS A 494 10.86 -65.94 -25.60
C LYS A 494 12.02 -64.97 -25.77
N TYR A 495 12.02 -63.90 -24.97
CA TYR A 495 12.97 -62.81 -25.13
C TYR A 495 13.76 -62.55 -23.85
N PRO A 496 15.01 -62.10 -23.98
CA PRO A 496 15.75 -61.63 -22.81
C PRO A 496 15.36 -60.20 -22.46
N VAL A 497 15.65 -59.80 -21.22
CA VAL A 497 15.09 -58.59 -20.61
C VAL A 497 16.19 -57.73 -19.98
N LEU A 498 16.17 -56.44 -20.28
CA LEU A 498 17.00 -55.45 -19.61
C LEU A 498 16.12 -54.47 -18.83
N MET A 499 16.30 -54.42 -17.52
CA MET A 499 15.61 -53.50 -16.64
C MET A 499 16.48 -52.28 -16.35
N TYR A 500 15.96 -51.10 -16.71
CA TYR A 500 16.53 -49.84 -16.23
C TYR A 500 15.79 -49.37 -14.98
N GLN A 501 16.50 -48.66 -14.11
CA GLN A 501 15.86 -48.01 -12.97
C GLN A 501 16.83 -47.01 -12.36
N TYR A 502 16.26 -46.01 -11.67
CA TYR A 502 17.02 -45.07 -10.84
C TYR A 502 16.69 -45.25 -9.36
N SER A 503 15.41 -45.14 -8.99
CA SER A 503 14.80 -45.55 -7.72
C SER A 503 15.14 -44.66 -6.53
N GLY A 504 15.83 -43.54 -6.73
CA GLY A 504 16.21 -42.68 -5.64
C GLY A 504 15.01 -41.98 -5.03
N PRO A 505 15.13 -41.63 -3.75
CA PRO A 505 14.03 -40.99 -3.02
C PRO A 505 13.44 -39.77 -3.71
N GLY A 506 12.18 -39.90 -4.12
CA GLY A 506 11.42 -38.79 -4.67
C GLY A 506 11.44 -38.68 -6.17
N SER A 507 11.99 -39.66 -6.88
CA SER A 507 12.33 -39.50 -8.28
C SER A 507 11.36 -40.30 -9.13
N GLN A 508 11.30 -39.97 -10.40
CA GLN A 508 10.44 -40.74 -11.28
C GLN A 508 11.14 -40.92 -12.62
N GLN A 509 11.17 -42.15 -13.09
CA GLN A 509 11.61 -42.45 -14.44
C GLN A 509 10.47 -42.87 -15.36
N VAL A 510 9.39 -43.41 -14.82
CA VAL A 510 8.22 -43.78 -15.61
C VAL A 510 7.36 -42.53 -15.69
N LEU A 511 7.61 -41.72 -16.72
CA LEU A 511 6.84 -40.51 -16.98
C LEU A 511 6.41 -40.49 -18.44
N ASP A 512 5.23 -39.90 -18.68
CA ASP A 512 4.66 -39.78 -20.03
C ASP A 512 5.35 -38.61 -20.75
N THR A 513 6.53 -38.91 -21.29
CA THR A 513 7.34 -37.91 -21.98
C THR A 513 8.23 -38.68 -22.95
N TRP A 514 8.71 -37.99 -23.98
CA TRP A 514 9.32 -38.65 -25.13
C TRP A 514 10.83 -38.71 -24.99
N GLY A 515 11.41 -39.84 -25.39
CA GLY A 515 12.85 -39.91 -25.50
C GLY A 515 13.32 -41.10 -26.30
N ILE A 516 14.45 -40.95 -26.97
CA ILE A 516 15.19 -42.09 -27.52
C ILE A 516 16.52 -42.17 -26.77
N SER A 517 16.77 -43.32 -26.16
CA SER A 517 17.96 -43.45 -25.34
C SER A 517 18.72 -44.70 -25.70
N TRP A 518 19.73 -45.01 -24.91
CA TRP A 518 20.41 -46.28 -25.05
C TRP A 518 19.42 -47.44 -24.96
N GLU A 519 18.40 -47.33 -24.14
CA GLU A 519 17.48 -48.46 -23.94
C GLU A 519 16.73 -48.72 -25.19
N THR A 520 16.49 -47.71 -25.97
CA THR A 520 15.84 -47.86 -27.25
C THR A 520 16.69 -48.68 -28.19
N TYR A 521 17.99 -48.47 -28.14
CA TYR A 521 18.91 -49.20 -28.96
C TYR A 521 18.99 -50.63 -28.52
N MET A 522 19.04 -50.86 -27.23
CA MET A 522 19.01 -52.25 -26.79
C MET A 522 17.74 -52.92 -27.25
N ALA A 523 16.60 -52.23 -27.15
CA ALA A 523 15.35 -52.83 -27.63
C ALA A 523 15.43 -53.15 -29.12
N SER A 524 16.00 -52.22 -29.90
CA SER A 524 16.18 -52.52 -31.32
C SER A 524 17.14 -53.66 -31.53
N LEU A 525 17.92 -54.02 -30.51
CA LEU A 525 18.82 -55.16 -30.62
C LEU A 525 18.18 -56.48 -30.21
N GLY A 526 16.92 -56.49 -29.81
CA GLY A 526 16.23 -57.70 -29.45
C GLY A 526 15.93 -57.87 -27.98
N TYR A 527 15.96 -56.81 -27.19
CA TYR A 527 15.63 -56.89 -25.79
C TYR A 527 14.26 -56.28 -25.52
N ILE A 528 13.50 -56.94 -24.65
CA ILE A 528 12.43 -56.27 -23.93
C ILE A 528 13.09 -55.49 -22.81
N VAL A 529 12.83 -54.19 -22.78
CA VAL A 529 13.39 -53.30 -21.78
C VAL A 529 12.26 -52.81 -20.89
N VAL A 530 12.47 -52.84 -19.59
CA VAL A 530 11.43 -52.46 -18.64
C VAL A 530 12.02 -51.45 -17.67
N CYS A 531 11.21 -50.45 -17.33
CA CYS A 531 11.49 -49.58 -16.19
C CYS A 531 10.30 -49.62 -15.26
N VAL A 532 10.56 -49.75 -13.96
CA VAL A 532 9.51 -49.77 -12.97
C VAL A 532 9.91 -48.85 -11.83
N ASP A 533 9.00 -47.95 -11.43
CA ASP A 533 9.26 -47.11 -10.27
C ASP A 533 8.71 -47.84 -9.04
N GLY A 534 9.51 -48.09 -8.06
CA GLY A 534 9.04 -48.83 -6.93
C GLY A 534 8.89 -47.98 -5.73
N ARG A 535 8.72 -48.59 -4.58
CA ARG A 535 8.48 -47.82 -3.40
C ARG A 535 9.65 -46.97 -3.08
N GLY A 536 9.38 -45.72 -2.76
CA GLY A 536 10.43 -44.81 -2.47
C GLY A 536 10.45 -43.74 -3.50
N THR A 537 9.80 -44.02 -4.60
CA THR A 537 9.85 -43.04 -5.69
C THR A 537 8.76 -41.96 -5.51
N GLY A 538 8.96 -40.87 -6.24
CA GLY A 538 8.09 -39.72 -6.12
C GLY A 538 6.80 -39.89 -6.90
N GLY A 539 5.99 -38.81 -6.86
CA GLY A 539 4.75 -38.71 -7.60
C GLY A 539 3.49 -39.10 -6.84
N ARG A 540 3.62 -39.88 -5.75
CA ARG A 540 2.48 -40.50 -5.10
C ARG A 540 2.41 -40.14 -3.63
N GLY A 541 2.94 -39.04 -3.20
CA GLY A 541 2.77 -38.73 -1.81
C GLY A 541 3.81 -39.14 -0.86
N GLU A 542 3.81 -38.50 0.28
CA GLU A 542 4.86 -38.73 1.24
C GLU A 542 4.91 -40.12 1.81
N ALA A 543 3.77 -40.74 2.04
CA ALA A 543 3.76 -42.09 2.55
C ALA A 543 4.49 -43.07 1.65
N PHE A 544 4.21 -43.01 0.37
CA PHE A 544 4.80 -43.91 -0.60
C PHE A 544 6.27 -43.58 -0.88
N GLU A 545 6.63 -42.30 -0.90
CA GLU A 545 8.04 -41.97 -1.10
C GLU A 545 8.86 -42.20 0.16
N LYS A 546 8.38 -41.76 1.31
CA LYS A 546 9.22 -41.72 2.49
C LYS A 546 9.04 -42.92 3.41
N CYS A 547 8.64 -44.05 2.86
CA CYS A 547 8.55 -45.28 3.62
C CYS A 547 9.93 -45.83 3.81
N THR A 548 10.91 -45.25 3.13
CA THR A 548 12.27 -45.74 3.16
C THR A 548 13.11 -45.05 4.18
N TYR A 549 12.51 -44.17 4.95
CA TYR A 549 13.29 -43.37 5.85
C TYR A 549 14.06 -44.11 6.86
N LEU A 550 15.31 -43.75 6.99
CA LEU A 550 16.19 -44.32 7.97
C LEU A 550 16.71 -45.69 7.62
N LYS A 551 16.28 -46.20 6.47
CA LYS A 551 16.69 -47.52 6.04
C LYS A 551 16.52 -47.59 4.53
N ILE A 552 17.33 -46.87 3.79
CA ILE A 552 17.18 -46.82 2.33
C ILE A 552 17.73 -47.96 1.49
N GLY A 553 17.10 -48.24 0.37
CA GLY A 553 17.55 -49.26 -0.54
C GLY A 553 16.93 -50.59 -0.40
N VAL A 554 16.51 -50.94 0.79
CA VAL A 554 16.00 -52.26 1.04
C VAL A 554 14.72 -52.56 0.35
N LYS A 555 13.80 -51.62 0.38
CA LYS A 555 12.50 -51.84 -0.19
C LYS A 555 12.55 -51.62 -1.68
N GLU A 556 13.46 -50.78 -2.12
CA GLU A 556 13.63 -50.56 -3.55
C GLU A 556 14.21 -51.81 -4.22
N ALA A 557 15.18 -52.44 -3.58
CA ALA A 557 15.71 -53.70 -4.07
C ALA A 557 14.63 -54.77 -4.09
N LYS A 558 13.81 -54.85 -3.01
CA LYS A 558 12.70 -55.79 -2.99
C LYS A 558 11.78 -55.62 -4.19
N ASP A 559 11.44 -54.38 -4.53
CA ASP A 559 10.51 -54.16 -5.65
C ASP A 559 11.16 -54.33 -7.01
N GLN A 560 12.46 -54.09 -7.16
CA GLN A 560 13.10 -54.54 -8.39
C GLN A 560 13.09 -56.07 -8.50
N VAL A 561 13.31 -56.76 -7.37
CA VAL A 561 13.24 -58.22 -7.40
C VAL A 561 11.85 -58.67 -7.82
N GLU A 562 10.82 -58.04 -7.25
CA GLU A 562 9.44 -58.32 -7.63
C GLU A 562 9.23 -58.07 -9.11
N THR A 563 9.80 -56.98 -9.61
CA THR A 563 9.71 -56.73 -11.04
C THR A 563 10.29 -57.89 -11.83
N ALA A 564 11.40 -58.44 -11.35
CA ALA A 564 12.04 -59.53 -12.09
C ALA A 564 11.20 -60.79 -12.02
N LEU A 565 10.61 -61.07 -10.86
CA LEU A 565 9.75 -62.25 -10.74
C LEU A 565 8.51 -62.10 -11.63
N TYR A 566 7.87 -60.92 -11.61
CA TYR A 566 6.68 -60.67 -12.42
C TYR A 566 6.98 -60.84 -13.90
N LEU A 567 8.08 -60.24 -14.37
CA LEU A 567 8.50 -60.47 -15.74
C LEU A 567 8.78 -61.95 -16.02
N GLY A 568 9.42 -62.64 -15.07
CA GLY A 568 9.70 -64.06 -15.24
C GLY A 568 8.46 -64.91 -15.35
N LYS A 569 7.35 -64.47 -14.76
CA LYS A 569 6.09 -65.20 -14.96
C LYS A 569 5.56 -65.05 -16.39
N GLN A 570 5.90 -63.96 -17.08
CA GLN A 570 5.32 -63.70 -18.39
C GLN A 570 5.69 -64.80 -19.39
N PRO A 571 4.74 -65.22 -20.22
CA PRO A 571 5.01 -66.33 -21.16
C PRO A 571 6.07 -66.03 -22.21
N TYR A 572 6.38 -64.76 -22.47
CA TYR A 572 7.34 -64.38 -23.51
C TYR A 572 8.72 -63.92 -23.04
N VAL A 573 9.11 -64.27 -21.84
CA VAL A 573 10.38 -63.84 -21.29
C VAL A 573 11.21 -65.01 -20.82
N ASP A 574 12.50 -65.04 -21.17
CA ASP A 574 13.38 -66.06 -20.62
C ASP A 574 13.77 -65.59 -19.25
N LYS A 575 13.33 -66.29 -18.23
CA LYS A 575 13.62 -65.84 -16.87
C LYS A 575 15.07 -66.10 -16.44
N ASP A 576 15.82 -66.90 -17.19
CA ASP A 576 17.23 -67.11 -16.90
C ASP A 576 18.12 -66.07 -17.56
N ARG A 577 17.54 -64.96 -18.00
CA ARG A 577 18.20 -64.05 -18.91
C ARG A 577 17.67 -62.64 -18.68
N ILE A 578 17.75 -62.18 -17.44
CA ILE A 578 17.27 -60.86 -17.09
C ILE A 578 18.39 -60.04 -16.48
N GLY A 579 18.51 -58.77 -16.87
CA GLY A 579 19.57 -57.91 -16.39
C GLY A 579 19.13 -56.57 -15.87
N ILE A 580 19.98 -55.94 -15.09
CA ILE A 580 19.64 -54.68 -14.46
C ILE A 580 20.74 -53.65 -14.57
N TRP A 581 20.39 -52.38 -14.73
CA TRP A 581 21.38 -51.33 -14.85
C TRP A 581 20.97 -49.99 -14.32
N GLY A 582 21.92 -49.20 -13.87
CA GLY A 582 21.64 -47.89 -13.43
C GLY A 582 22.82 -46.98 -13.28
N TRP A 583 22.57 -45.68 -13.13
CA TRP A 583 23.59 -44.70 -12.91
C TRP A 583 23.24 -44.07 -11.60
N SER A 584 24.22 -43.71 -10.80
CA SER A 584 24.03 -43.10 -9.48
C SER A 584 23.30 -44.02 -8.52
N TYR A 585 22.26 -43.56 -7.87
CA TYR A 585 21.49 -44.40 -6.99
C TYR A 585 21.11 -45.60 -7.81
N GLY A 586 20.81 -45.41 -9.08
CA GLY A 586 20.54 -46.51 -9.96
C GLY A 586 21.63 -47.53 -9.96
N GLY A 587 22.88 -47.11 -10.05
CA GLY A 587 23.92 -48.11 -9.91
C GLY A 587 23.91 -48.77 -8.54
N TYR A 588 23.68 -47.97 -7.50
CA TYR A 588 23.59 -48.55 -6.17
C TYR A 588 22.44 -49.53 -6.10
N MET A 589 21.38 -49.29 -6.85
CA MET A 589 20.22 -50.17 -6.84
C MET A 589 20.47 -51.42 -7.69
N THR A 590 21.26 -51.30 -8.76
CA THR A 590 21.82 -52.50 -9.39
C THR A 590 22.51 -53.39 -8.36
N LEU A 591 23.42 -52.80 -7.59
CA LEU A 591 24.10 -53.53 -6.52
C LEU A 591 23.11 -54.19 -5.56
N MET A 592 22.25 -53.38 -4.94
CA MET A 592 21.37 -53.89 -3.90
C MET A 592 20.43 -54.98 -4.43
N SER A 593 19.99 -54.84 -5.69
CA SER A 593 19.06 -55.82 -6.24
C SER A 593 19.77 -57.10 -6.58
N MET A 594 21.00 -57.00 -7.10
CA MET A 594 21.71 -58.20 -7.49
C MET A 594 22.16 -58.98 -6.27
N SER A 595 22.21 -58.35 -5.09
CA SER A 595 22.51 -59.06 -3.85
C SER A 595 21.35 -59.03 -2.84
N GLU A 596 20.10 -59.01 -3.33
CA GLU A 596 18.94 -58.97 -2.43
C GLU A 596 18.67 -60.33 -1.80
N GLY A 597 19.06 -61.42 -2.45
CA GLY A 597 18.88 -62.75 -1.92
C GLY A 597 18.20 -63.68 -2.90
N THR A 598 17.28 -63.17 -3.66
CA THR A 598 16.52 -63.98 -4.60
C THR A 598 17.19 -63.90 -5.97
N PRO A 599 17.87 -64.92 -6.38
CA PRO A 599 18.90 -64.84 -7.43
C PRO A 599 18.34 -64.80 -8.85
N VAL A 600 17.69 -63.69 -9.19
CA VAL A 600 16.95 -63.59 -10.44
C VAL A 600 17.73 -62.96 -11.60
N PHE A 601 18.84 -62.29 -11.35
CA PHE A 601 19.50 -61.50 -12.39
C PHE A 601 20.72 -62.21 -12.93
N LYS A 602 20.77 -62.36 -14.24
CA LYS A 602 21.91 -63.02 -14.87
C LYS A 602 23.12 -62.07 -14.96
N ALA A 603 22.91 -60.82 -15.34
CA ALA A 603 23.97 -59.83 -15.45
C ALA A 603 23.51 -58.51 -14.87
N GLY A 604 24.47 -57.59 -14.70
CA GLY A 604 24.16 -56.23 -14.29
C GLY A 604 25.32 -55.25 -14.34
N VAL A 605 25.02 -53.99 -14.66
CA VAL A 605 25.98 -52.90 -14.74
C VAL A 605 25.63 -51.82 -13.70
N ALA A 606 26.63 -51.38 -12.96
CA ALA A 606 26.51 -50.31 -11.96
C ALA A 606 27.42 -49.18 -12.39
N VAL A 607 26.85 -48.04 -12.76
CA VAL A 607 27.64 -46.91 -13.21
C VAL A 607 27.67 -45.87 -12.10
N ALA A 608 28.87 -45.40 -11.76
CA ALA A 608 29.08 -44.29 -10.82
C ALA A 608 28.27 -44.48 -9.53
N ALA A 609 28.38 -45.66 -8.95
CA ALA A 609 27.40 -46.05 -7.95
C ALA A 609 27.90 -45.82 -6.53
N PRO A 610 27.03 -45.37 -5.62
CA PRO A 610 27.38 -45.36 -4.19
C PRO A 610 27.27 -46.75 -3.58
N THR A 611 28.07 -47.00 -2.54
CA THR A 611 28.15 -48.34 -1.98
C THR A 611 28.09 -48.37 -0.48
N ASP A 612 28.43 -47.28 0.20
CA ASP A 612 28.16 -47.15 1.63
C ASP A 612 27.88 -45.68 1.89
N TRP A 613 26.73 -45.39 2.48
CA TRP A 613 26.35 -43.98 2.63
C TRP A 613 27.26 -43.23 3.59
N ARG A 614 28.13 -43.94 4.33
CA ARG A 614 29.08 -43.17 5.12
C ARG A 614 30.12 -42.53 4.24
N PHE A 615 30.15 -42.90 2.95
CA PHE A 615 31.03 -42.31 1.95
C PHE A 615 30.47 -41.05 1.31
N TYR A 616 29.15 -40.84 1.40
CA TYR A 616 28.49 -39.82 0.61
C TYR A 616 28.36 -38.56 1.45
N ASP A 617 27.77 -37.52 0.88
CA ASP A 617 27.89 -36.22 1.52
C ASP A 617 26.85 -36.06 2.64
N THR A 618 26.89 -34.91 3.33
CA THR A 618 26.06 -34.69 4.52
C THR A 618 24.59 -34.47 4.16
N ILE A 619 24.29 -33.51 3.27
CA ILE A 619 22.90 -33.06 3.13
C ILE A 619 22.03 -34.17 2.54
N TYR A 620 22.41 -34.72 1.40
CA TYR A 620 21.62 -35.79 0.78
C TYR A 620 21.50 -37.00 1.69
N THR A 621 22.63 -37.50 2.19
CA THR A 621 22.64 -38.76 2.93
C THR A 621 21.87 -38.62 4.21
N GLU A 622 22.13 -37.54 4.95
CA GLU A 622 21.47 -37.33 6.23
C GLU A 622 20.02 -36.98 6.07
N ARG A 623 19.62 -36.45 4.92
CA ARG A 623 18.20 -36.22 4.73
C ARG A 623 17.40 -37.50 4.87
N PHE A 624 17.93 -38.62 4.37
CA PHE A 624 17.20 -39.88 4.39
C PHE A 624 17.66 -40.83 5.47
N MET A 625 18.85 -40.62 6.02
CA MET A 625 19.46 -41.58 6.91
C MET A 625 19.88 -41.00 8.26
N ARG A 626 19.90 -39.69 8.42
CA ARG A 626 20.54 -39.06 9.57
C ARG A 626 21.99 -39.52 9.69
N THR A 627 22.65 -39.22 10.84
CA THR A 627 24.09 -39.42 10.81
C THR A 627 24.46 -40.85 11.16
N PRO A 628 25.61 -41.33 10.66
CA PRO A 628 26.05 -42.69 10.97
C PRO A 628 26.00 -43.05 12.45
N LYS A 629 26.27 -42.09 13.35
CA LYS A 629 26.22 -42.38 14.78
C LYS A 629 24.79 -42.66 15.24
N GLU A 630 23.88 -41.72 14.96
CA GLU A 630 22.49 -41.90 15.41
C GLU A 630 21.84 -43.13 14.79
N ASN A 631 22.14 -43.43 13.52
CA ASN A 631 21.43 -44.47 12.78
C ASN A 631 22.35 -45.61 12.37
N ALA A 632 23.13 -46.16 13.30
CA ALA A 632 24.15 -47.14 12.91
C ALA A 632 23.50 -48.34 12.25
N GLU A 633 22.42 -48.84 12.84
CA GLU A 633 21.82 -50.05 12.29
C GLU A 633 21.24 -49.79 10.92
N GLY A 634 20.68 -48.60 10.71
CA GLY A 634 20.16 -48.27 9.39
C GLY A 634 21.26 -48.19 8.36
N TYR A 635 22.41 -47.59 8.74
CA TYR A 635 23.54 -47.53 7.83
C TYR A 635 24.05 -48.92 7.47
N LYS A 636 24.09 -49.83 8.45
CA LYS A 636 24.50 -51.21 8.19
C LYS A 636 23.49 -51.95 7.33
N GLU A 637 22.21 -51.70 7.50
CA GLU A 637 21.22 -52.40 6.71
C GLU A 637 21.11 -51.83 5.30
N SER A 638 21.61 -50.61 5.08
CA SER A 638 21.53 -49.99 3.77
C SER A 638 22.82 -50.14 2.98
N SER A 639 23.90 -50.58 3.61
CA SER A 639 25.17 -50.74 2.92
C SER A 639 25.08 -51.83 1.85
N ALA A 640 25.65 -51.54 0.67
CA ALA A 640 25.84 -52.58 -0.34
C ALA A 640 26.94 -53.55 0.06
N PHE A 641 27.80 -53.13 0.99
CA PHE A 641 28.81 -54.02 1.56
C PHE A 641 28.18 -55.14 2.36
N THR A 642 27.15 -54.82 3.15
CA THR A 642 26.65 -55.76 4.15
C THR A 642 26.03 -56.99 3.49
N ARG A 643 25.37 -56.81 2.35
CA ARG A 643 24.75 -57.91 1.60
C ARG A 643 25.61 -58.44 0.46
N ALA A 644 26.89 -58.06 0.41
CA ALA A 644 27.69 -58.34 -0.79
C ALA A 644 27.89 -59.84 -1.01
N ASP A 645 27.89 -60.64 0.06
CA ASP A 645 28.07 -62.08 -0.08
C ASP A 645 26.95 -62.74 -0.89
N LYS A 646 25.78 -62.14 -0.98
CA LYS A 646 24.65 -62.75 -1.69
C LYS A 646 24.56 -62.32 -3.14
N LEU A 647 25.61 -61.69 -3.68
CA LEU A 647 25.56 -61.10 -5.01
C LEU A 647 25.46 -62.20 -6.06
N HIS A 648 24.52 -62.07 -6.99
CA HIS A 648 24.30 -63.10 -7.98
C HIS A 648 24.09 -62.47 -9.34
N GLY A 649 24.68 -63.08 -10.35
CA GLY A 649 24.81 -62.49 -11.67
C GLY A 649 26.22 -61.95 -11.90
N ASN A 650 26.54 -61.75 -13.18
CA ASN A 650 27.79 -61.11 -13.54
C ASN A 650 27.62 -59.59 -13.46
N LEU A 651 28.53 -58.92 -12.76
CA LEU A 651 28.42 -57.48 -12.54
C LEU A 651 29.55 -56.73 -13.26
N LEU A 652 29.23 -55.58 -13.83
CA LEU A 652 30.22 -54.65 -14.39
C LEU A 652 30.20 -53.36 -13.56
N LEU A 653 31.30 -53.05 -12.87
CA LEU A 653 31.42 -51.75 -12.22
C LEU A 653 31.99 -50.74 -13.21
N VAL A 654 31.37 -49.58 -13.31
CA VAL A 654 31.85 -48.49 -14.17
C VAL A 654 31.93 -47.22 -13.35
N HIS A 655 33.10 -46.61 -13.30
CA HIS A 655 33.27 -45.38 -12.56
C HIS A 655 34.22 -44.44 -13.19
N GLY A 656 34.05 -43.16 -12.93
CA GLY A 656 34.98 -42.16 -13.39
C GLY A 656 35.89 -41.89 -12.21
N MET A 657 37.19 -41.76 -12.42
CA MET A 657 38.13 -41.66 -11.31
C MET A 657 38.18 -40.26 -10.71
N ALA A 658 37.76 -39.26 -11.47
CA ALA A 658 37.66 -37.88 -11.01
C ALA A 658 36.23 -37.51 -10.65
N ASP A 659 35.45 -38.49 -10.21
CA ASP A 659 34.06 -38.29 -9.83
C ASP A 659 33.99 -37.52 -8.52
N ASP A 660 33.50 -36.30 -8.59
CA ASP A 660 33.49 -35.41 -7.44
C ASP A 660 32.20 -35.51 -6.64
N ASN A 661 31.27 -36.36 -7.05
CA ASN A 661 30.00 -36.50 -6.37
C ASN A 661 29.91 -37.84 -5.65
N VAL A 662 29.83 -38.95 -6.39
CA VAL A 662 30.06 -40.29 -5.85
C VAL A 662 31.55 -40.54 -6.03
N HIS A 663 32.31 -40.38 -4.95
CA HIS A 663 33.76 -40.56 -5.02
C HIS A 663 34.13 -41.98 -5.47
N PHE A 664 35.15 -42.05 -6.34
CA PHE A 664 35.68 -43.33 -6.78
C PHE A 664 36.04 -44.21 -5.60
N GLN A 665 36.29 -43.62 -4.42
CA GLN A 665 36.47 -44.40 -3.20
C GLN A 665 35.39 -45.49 -3.04
N ASN A 666 34.13 -45.13 -3.37
CA ASN A 666 33.03 -46.10 -3.30
C ASN A 666 33.35 -47.34 -4.10
N CYS A 667 33.79 -47.12 -5.34
CA CYS A 667 34.17 -48.22 -6.21
C CYS A 667 35.35 -49.00 -5.66
N ALA A 668 36.42 -48.30 -5.25
CA ALA A 668 37.61 -48.99 -4.77
C ALA A 668 37.29 -49.93 -3.61
N GLU A 669 36.55 -49.42 -2.62
CA GLU A 669 36.30 -50.17 -1.40
C GLU A 669 35.36 -51.32 -1.67
N TYR A 670 34.34 -51.09 -2.50
CA TYR A 670 33.40 -52.16 -2.81
C TYR A 670 34.08 -53.27 -3.62
N ALA A 671 34.84 -52.89 -4.66
CA ALA A 671 35.60 -53.87 -5.41
C ALA A 671 36.48 -54.70 -4.49
N GLU A 672 37.17 -54.04 -3.54
CA GLU A 672 38.06 -54.78 -2.65
C GLU A 672 37.29 -55.80 -1.82
N HIS A 673 36.15 -55.39 -1.25
CA HIS A 673 35.36 -56.32 -0.45
C HIS A 673 34.90 -57.50 -1.29
N LEU A 674 34.51 -57.25 -2.56
CA LEU A 674 34.12 -58.33 -3.46
C LEU A 674 35.29 -59.25 -3.77
N VAL A 675 36.50 -58.73 -3.82
CA VAL A 675 37.68 -59.55 -4.01
C VAL A 675 37.87 -60.48 -2.81
N GLN A 676 37.85 -59.90 -1.60
CA GLN A 676 38.06 -60.73 -0.42
C GLN A 676 36.97 -61.77 -0.26
N LEU A 677 35.77 -61.52 -0.80
CA LEU A 677 34.70 -62.51 -0.85
C LEU A 677 34.85 -63.52 -1.97
N GLY A 678 35.72 -63.28 -2.96
CA GLY A 678 35.84 -64.16 -4.10
C GLY A 678 34.76 -64.02 -5.15
N LYS A 679 34.13 -62.87 -5.27
CA LYS A 679 33.12 -62.66 -6.29
C LYS A 679 33.81 -62.13 -7.55
N GLN A 680 33.74 -62.87 -8.63
CA GLN A 680 34.22 -62.35 -9.91
C GLN A 680 33.30 -61.24 -10.42
N PHE A 681 33.88 -60.36 -11.23
CA PHE A 681 33.19 -59.19 -11.77
C PHE A 681 34.14 -58.46 -12.71
N ASP A 682 33.57 -57.53 -13.47
CA ASP A 682 34.27 -56.73 -14.46
C ASP A 682 34.38 -55.28 -14.02
N MET A 683 35.40 -54.57 -14.52
CA MET A 683 35.56 -53.16 -14.20
C MET A 683 35.84 -52.33 -15.45
N GLN A 684 35.42 -51.08 -15.42
CA GLN A 684 35.71 -50.12 -16.48
C GLN A 684 35.90 -48.83 -15.77
N VAL A 685 37.12 -48.41 -15.65
CA VAL A 685 37.43 -47.18 -14.97
C VAL A 685 37.85 -46.10 -15.94
N TYR A 686 37.25 -44.94 -15.80
CA TYR A 686 37.52 -43.87 -16.71
C TYR A 686 38.40 -42.80 -16.11
N THR A 687 39.52 -42.50 -16.77
CA THR A 687 40.48 -41.54 -16.26
C THR A 687 40.07 -40.11 -16.42
N ASN A 688 40.24 -39.34 -15.36
CA ASN A 688 39.91 -37.93 -15.36
C ASN A 688 38.46 -37.63 -15.58
N ARG A 689 37.61 -38.59 -15.30
CA ARG A 689 36.18 -38.42 -15.59
C ARG A 689 35.36 -38.27 -14.33
N ASN A 690 34.26 -37.53 -14.44
CA ASN A 690 33.45 -37.16 -13.27
C ASN A 690 32.16 -37.96 -13.20
N HIS A 691 31.15 -37.41 -12.54
CA HIS A 691 29.92 -38.19 -12.37
C HIS A 691 29.18 -38.42 -13.67
N GLY A 692 29.41 -37.60 -14.67
CA GLY A 692 28.71 -37.69 -15.93
C GLY A 692 29.46 -38.42 -16.99
N ILE A 693 30.71 -38.81 -16.70
CA ILE A 693 31.55 -39.66 -17.54
C ILE A 693 31.76 -39.46 -19.04
N TYR A 694 32.14 -38.25 -19.45
CA TYR A 694 31.99 -37.75 -20.81
C TYR A 694 33.27 -37.06 -21.27
N GLY A 695 33.42 -36.91 -22.58
CA GLY A 695 34.53 -36.18 -23.16
C GLY A 695 35.26 -36.96 -24.25
N GLY A 696 35.35 -36.40 -25.45
CA GLY A 696 35.84 -37.15 -26.56
C GLY A 696 34.98 -38.38 -26.79
N ASN A 697 35.63 -39.46 -27.19
CA ASN A 697 34.92 -40.70 -27.50
C ASN A 697 34.27 -41.33 -26.26
N THR A 698 34.44 -40.74 -25.07
CA THR A 698 34.11 -41.45 -23.84
C THR A 698 32.70 -42.07 -23.88
N ARG A 699 31.67 -41.26 -24.10
CA ARG A 699 30.31 -41.79 -24.11
C ARG A 699 30.16 -42.91 -25.14
N GLN A 700 30.56 -42.65 -26.39
CA GLN A 700 30.49 -43.71 -27.40
C GLN A 700 31.25 -44.96 -26.94
N HIS A 701 32.35 -44.78 -26.22
CA HIS A 701 33.06 -45.93 -25.67
C HIS A 701 32.24 -46.60 -24.58
N LEU A 702 31.81 -45.82 -23.58
CA LEU A 702 31.08 -46.37 -22.44
C LEU A 702 29.88 -47.17 -22.93
N TYR A 703 28.97 -46.53 -23.67
CA TYR A 703 27.78 -47.27 -24.03
C TYR A 703 28.11 -48.48 -24.89
N THR A 704 29.14 -48.50 -25.69
CA THR A 704 29.49 -49.72 -26.43
C THR A 704 29.86 -50.85 -25.52
N ARG A 705 30.59 -50.57 -24.45
CA ARG A 705 30.96 -51.58 -23.47
C ARG A 705 29.75 -52.14 -22.80
N LEU A 706 28.83 -51.26 -22.47
CA LEU A 706 27.61 -51.70 -21.85
C LEU A 706 26.83 -52.55 -22.83
N THR A 707 26.74 -52.15 -24.09
CA THR A 707 26.10 -53.04 -25.04
C THR A 707 26.76 -54.42 -25.01
N ASN A 708 28.08 -54.47 -25.14
CA ASN A 708 28.70 -55.77 -25.29
C ASN A 708 28.55 -56.58 -24.02
N PHE A 709 28.66 -55.94 -22.86
CA PHE A 709 28.51 -56.72 -21.62
C PHE A 709 27.16 -57.40 -21.61
N PHE A 710 26.11 -56.68 -21.96
CA PHE A 710 24.81 -57.32 -21.92
C PHE A 710 24.67 -58.35 -23.03
N LEU A 711 25.23 -58.10 -24.22
CA LEU A 711 25.21 -59.13 -25.25
C LEU A 711 26.00 -60.35 -24.80
N ASN A 712 27.10 -60.14 -24.07
CA ASN A 712 27.94 -61.29 -23.76
C ASN A 712 27.40 -62.07 -22.56
N ASN A 713 26.75 -61.41 -21.61
CA ASN A 713 26.21 -62.12 -20.45
C ASN A 713 24.75 -62.48 -20.63
N LEU A 714 24.12 -62.05 -21.72
CA LEU A 714 22.71 -62.32 -22.05
C LEU A 714 21.76 -61.98 -20.89
N LYS B 1 -48.70 31.82 -30.38
CA LYS B 1 -47.56 32.64 -30.80
C LYS B 1 -47.11 33.62 -29.71
N ALA B 2 -47.91 33.83 -28.67
CA ALA B 2 -47.53 34.78 -27.60
C ALA B 2 -47.09 34.16 -26.29
N LEU B 3 -46.09 34.75 -25.67
CA LEU B 3 -45.54 34.18 -24.45
C LEU B 3 -46.32 34.60 -23.24
N ASP B 4 -46.77 33.63 -22.47
CA ASP B 4 -47.56 33.91 -21.30
C ASP B 4 -46.68 33.92 -20.12
N LEU B 5 -46.71 35.02 -19.41
CA LEU B 5 -45.91 35.13 -18.19
C LEU B 5 -46.27 34.04 -17.19
N LYS B 6 -47.54 33.62 -17.16
CA LYS B 6 -47.96 32.52 -16.31
C LYS B 6 -47.24 31.23 -16.67
N ASP B 7 -47.11 30.93 -17.97
CA ASP B 7 -46.35 29.77 -18.41
C ASP B 7 -44.89 29.85 -17.94
N ILE B 8 -44.26 31.02 -18.06
CA ILE B 8 -42.90 31.20 -17.58
C ILE B 8 -42.82 30.84 -16.10
N THR B 9 -43.57 31.56 -15.28
CA THR B 9 -43.60 31.31 -13.85
C THR B 9 -44.16 29.94 -13.42
N SER B 10 -45.03 29.32 -14.20
CA SER B 10 -45.52 27.95 -13.90
C SER B 10 -44.39 26.98 -14.01
N GLY B 11 -43.45 27.28 -14.88
CA GLY B 11 -42.31 26.41 -15.04
C GLY B 11 -42.70 25.50 -16.14
N ARG B 12 -43.48 26.03 -17.06
CA ARG B 12 -43.99 25.18 -18.12
C ARG B 12 -42.89 24.77 -19.08
N PHE B 13 -41.90 25.62 -19.29
CA PHE B 13 -40.88 25.37 -20.31
C PHE B 13 -39.60 24.82 -19.72
N ARG B 14 -39.65 24.26 -18.53
CA ARG B 14 -38.44 23.72 -17.93
C ARG B 14 -38.11 22.38 -18.59
N PRO B 15 -36.97 22.27 -19.27
CA PRO B 15 -36.68 21.06 -20.04
C PRO B 15 -36.54 19.81 -19.17
N GLU B 16 -36.73 18.65 -19.81
CA GLU B 16 -36.63 17.36 -19.15
C GLU B 16 -35.17 16.99 -18.89
N ASN B 17 -34.91 16.45 -17.69
CA ASN B 17 -33.56 16.06 -17.27
C ASN B 17 -33.68 14.73 -16.52
N ILE B 18 -32.61 14.32 -15.87
CA ILE B 18 -32.63 13.10 -15.09
C ILE B 18 -32.22 13.46 -13.68
N GLN B 19 -32.94 12.95 -12.71
CA GLN B 19 -32.68 13.28 -11.34
C GLN B 19 -32.22 12.11 -10.53
N GLY B 20 -31.22 12.31 -9.69
CA GLY B 20 -30.78 11.26 -8.79
C GLY B 20 -29.80 10.30 -9.36
N VAL B 21 -28.83 10.80 -10.11
CA VAL B 21 -27.96 9.86 -10.80
C VAL B 21 -26.76 9.58 -9.90
N ILE B 22 -26.61 8.32 -9.50
CA ILE B 22 -25.54 7.91 -8.62
C ILE B 22 -24.71 6.83 -9.31
N PRO B 23 -23.41 7.06 -9.52
CA PRO B 23 -22.57 6.02 -10.14
C PRO B 23 -22.33 4.87 -9.16
N MET B 24 -22.55 3.65 -9.63
CA MET B 24 -22.36 2.48 -8.79
C MET B 24 -20.91 2.03 -8.79
N PRO B 25 -20.49 1.30 -7.75
CA PRO B 25 -19.04 1.16 -7.46
C PRO B 25 -18.22 0.42 -8.51
N ASP B 26 -18.82 -0.32 -9.45
CA ASP B 26 -17.99 -1.05 -10.40
C ASP B 26 -17.47 -0.17 -11.54
N GLY B 27 -18.06 1.01 -11.74
CA GLY B 27 -17.62 1.91 -12.78
C GLY B 27 -18.31 1.72 -14.11
N GLU B 28 -19.25 0.79 -14.19
CA GLU B 28 -19.92 0.45 -15.43
C GLU B 28 -21.40 0.79 -15.40
N HIS B 29 -21.94 1.17 -14.24
CA HIS B 29 -23.38 1.31 -14.06
C HIS B 29 -23.67 2.57 -13.27
N TYR B 30 -24.90 3.05 -13.44
CA TYR B 30 -25.37 4.20 -12.68
C TYR B 30 -26.83 3.96 -12.34
N THR B 31 -27.19 4.23 -11.08
CA THR B 31 -28.60 4.23 -10.73
C THR B 31 -29.17 5.61 -11.02
N GLN B 32 -30.49 5.65 -11.09
CA GLN B 32 -31.19 6.91 -11.13
C GLN B 32 -32.58 6.70 -10.55
N MET B 33 -33.27 7.81 -10.32
CA MET B 33 -34.62 7.74 -9.83
C MET B 33 -35.54 7.81 -11.00
N SER B 34 -36.83 7.60 -10.73
CA SER B 34 -37.82 7.64 -11.77
C SER B 34 -38.44 8.98 -11.82
N ALA B 35 -39.06 9.26 -12.93
CA ALA B 35 -39.73 10.53 -13.08
C ALA B 35 -40.67 10.81 -11.94
N ASP B 36 -41.59 9.88 -11.67
CA ASP B 36 -42.59 10.14 -10.65
C ASP B 36 -42.09 9.85 -9.22
N GLY B 37 -40.86 9.36 -9.06
CA GLY B 37 -40.35 9.09 -7.75
C GLY B 37 -40.91 7.83 -7.10
N THR B 38 -41.14 6.77 -7.88
CA THR B 38 -41.55 5.49 -7.34
C THR B 38 -40.51 4.39 -7.53
N GLN B 39 -39.46 4.62 -8.31
CA GLN B 39 -38.55 3.53 -8.67
C GLN B 39 -37.12 4.02 -8.74
N ILE B 40 -36.22 3.26 -8.15
CA ILE B 40 -34.80 3.41 -8.40
C ILE B 40 -34.38 2.30 -9.34
N ILE B 41 -33.80 2.71 -10.48
CA ILE B 41 -33.47 1.83 -11.60
C ILE B 41 -31.98 1.88 -11.85
N LYS B 42 -31.39 0.73 -12.19
CA LYS B 42 -29.99 0.64 -12.57
C LYS B 42 -29.88 0.62 -14.09
N TYR B 43 -28.98 1.46 -14.63
CA TYR B 43 -28.68 1.48 -16.05
C TYR B 43 -27.18 1.33 -16.25
N SER B 44 -26.79 1.19 -17.52
CA SER B 44 -25.40 1.05 -17.91
C SER B 44 -24.85 2.35 -18.50
N PHE B 45 -23.73 2.81 -17.94
CA PHE B 45 -23.02 3.94 -18.52
C PHE B 45 -22.68 3.69 -19.99
N ARG B 46 -22.24 2.48 -20.31
CA ARG B 46 -21.67 2.13 -21.61
C ARG B 46 -22.71 2.04 -22.74
N THR B 47 -23.98 1.75 -22.39
CA THR B 47 -25.02 1.48 -23.39
C THR B 47 -26.32 2.23 -23.16
N GLY B 48 -26.49 2.92 -22.03
CA GLY B 48 -27.76 3.57 -21.79
C GLY B 48 -28.92 2.64 -21.58
N GLU B 49 -28.67 1.35 -21.45
CA GLU B 49 -29.76 0.39 -21.31
C GLU B 49 -30.05 0.13 -19.85
N LYS B 50 -31.26 -0.38 -19.61
CA LYS B 50 -31.74 -0.67 -18.27
C LYS B 50 -31.40 -2.11 -17.89
N VAL B 51 -30.73 -2.29 -16.75
CA VAL B 51 -30.34 -3.62 -16.31
C VAL B 51 -31.39 -4.25 -15.39
N GLU B 52 -31.89 -3.50 -14.41
CA GLU B 52 -33.01 -3.96 -13.60
C GLU B 52 -33.56 -2.79 -12.81
N VAL B 53 -34.77 -2.98 -12.28
CA VAL B 53 -35.31 -2.08 -11.27
C VAL B 53 -34.80 -2.53 -9.92
N ILE B 54 -34.19 -1.59 -9.18
CA ILE B 54 -33.62 -1.90 -7.87
C ILE B 54 -34.68 -1.83 -6.80
N PHE B 55 -35.44 -0.73 -6.76
CA PHE B 55 -36.42 -0.53 -5.72
C PHE B 55 -37.71 -0.01 -6.33
N ASP B 56 -38.83 -0.65 -6.02
CA ASP B 56 -40.16 -0.18 -6.44
C ASP B 56 -41.04 -0.03 -5.21
N VAL B 57 -41.65 1.16 -5.05
CA VAL B 57 -42.60 1.37 -3.96
C VAL B 57 -43.81 0.46 -4.09
N ASN B 58 -44.12 -0.01 -5.28
CA ASN B 58 -45.26 -0.87 -5.46
C ASN B 58 -44.94 -2.36 -5.35
N GLN B 59 -43.67 -2.72 -5.36
CA GLN B 59 -43.26 -4.09 -5.07
C GLN B 59 -42.83 -4.28 -3.63
N ALA B 60 -42.18 -3.27 -3.04
CA ALA B 60 -41.68 -3.36 -1.68
C ALA B 60 -42.77 -3.83 -0.71
N ARG B 61 -42.35 -4.52 0.34
CA ARG B 61 -43.24 -4.95 1.42
C ARG B 61 -43.21 -3.95 2.57
N GLU B 62 -44.35 -3.83 3.25
CA GLU B 62 -44.45 -3.08 4.50
C GLU B 62 -44.00 -1.62 4.34
N CYS B 63 -44.31 -1.07 3.16
CA CYS B 63 -43.93 0.30 2.83
C CYS B 63 -44.97 1.34 3.16
N ASP B 64 -44.65 2.22 4.08
CA ASP B 64 -45.53 3.31 4.50
C ASP B 64 -45.87 4.34 3.48
N PHE B 65 -44.89 4.72 2.68
CA PHE B 65 -45.07 5.80 1.76
C PHE B 65 -45.47 5.47 0.37
N LYS B 66 -45.58 6.52 -0.44
CA LYS B 66 -45.94 6.29 -1.84
C LYS B 66 -44.91 6.91 -2.79
N ASN B 67 -44.21 7.96 -2.35
CA ASN B 67 -43.12 8.56 -3.10
C ASN B 67 -41.94 8.77 -2.16
N PHE B 68 -40.76 8.91 -2.75
CA PHE B 68 -39.60 9.32 -2.01
C PHE B 68 -38.90 10.43 -2.76
N ASP B 69 -38.06 11.15 -2.04
CA ASP B 69 -37.46 12.39 -2.53
C ASP B 69 -36.00 12.26 -2.92
N SER B 70 -35.28 11.33 -2.31
CA SER B 70 -33.88 11.11 -2.63
C SER B 70 -33.48 9.74 -2.11
N TYR B 71 -32.27 9.32 -2.46
CA TYR B 71 -31.74 8.08 -1.93
C TYR B 71 -30.22 8.15 -2.01
N GLN B 72 -29.58 7.21 -1.31
CA GLN B 72 -28.15 7.01 -1.48
C GLN B 72 -27.80 5.54 -1.27
N PHE B 73 -26.64 5.17 -1.80
CA PHE B 73 -26.07 3.85 -1.62
C PHE B 73 -24.90 3.93 -0.65
N SER B 74 -24.56 2.78 -0.05
CA SER B 74 -23.33 2.69 0.70
C SER B 74 -22.15 2.60 -0.25
N PRO B 75 -20.93 2.89 0.22
CA PRO B 75 -19.80 3.07 -0.71
C PRO B 75 -19.53 1.86 -1.60
N ASP B 76 -20.00 0.67 -1.22
CA ASP B 76 -19.92 -0.51 -2.07
C ASP B 76 -21.27 -0.95 -2.61
N GLY B 77 -22.35 -0.29 -2.25
CA GLY B 77 -23.59 -0.63 -2.89
C GLY B 77 -24.51 -1.57 -2.20
N ASP B 78 -24.13 -2.14 -1.09
CA ASP B 78 -24.97 -3.12 -0.43
C ASP B 78 -26.39 -2.66 0.03
N LYS B 79 -26.57 -1.46 0.56
CA LYS B 79 -27.91 -1.06 1.06
C LYS B 79 -28.46 0.21 0.47
N LEU B 80 -29.78 0.48 0.63
CA LEU B 80 -30.27 1.77 0.18
C LEU B 80 -30.77 2.56 1.38
N LEU B 81 -30.31 3.80 1.52
CA LEU B 81 -30.97 4.75 2.42
C LEU B 81 -31.86 5.65 1.58
N ILE B 82 -33.16 5.58 1.80
CA ILE B 82 -34.15 6.38 1.09
C ILE B 82 -34.65 7.50 2.01
N ALA B 83 -34.94 8.67 1.43
CA ALA B 83 -35.45 9.82 2.17
C ALA B 83 -36.89 10.14 1.77
N THR B 84 -37.74 10.39 2.77
CA THR B 84 -39.13 10.78 2.57
C THR B 84 -39.42 11.95 3.49
N ARG B 85 -40.50 12.68 3.19
CA ARG B 85 -40.96 13.83 3.97
C ARG B 85 -39.84 14.84 4.19
N THR B 86 -39.22 15.28 3.11
CA THR B 86 -38.14 16.22 3.21
C THR B 86 -38.62 17.61 3.56
N THR B 87 -38.25 18.08 4.74
CA THR B 87 -38.70 19.37 5.20
C THR B 87 -37.50 20.26 5.33
N PRO B 88 -37.52 21.37 4.59
CA PRO B 88 -36.40 22.30 4.64
C PRO B 88 -36.28 23.17 5.86
N ILE B 89 -35.06 23.37 6.35
CA ILE B 89 -34.87 24.28 7.45
C ILE B 89 -34.33 25.57 6.88
N TYR B 90 -33.24 25.49 6.15
CA TYR B 90 -32.67 26.64 5.49
C TYR B 90 -32.48 26.23 4.05
N ARG B 91 -31.58 26.87 3.32
CA ARG B 91 -31.30 26.47 1.95
C ARG B 91 -30.64 25.10 1.75
N HIS B 92 -29.69 24.75 2.61
CA HIS B 92 -29.10 23.44 2.50
C HIS B 92 -29.54 22.50 3.55
N SER B 93 -30.04 23.03 4.66
CA SER B 93 -30.52 22.21 5.73
C SER B 93 -31.89 21.63 5.52
N TYR B 94 -32.14 20.45 6.07
CA TYR B 94 -33.41 19.76 5.89
C TYR B 94 -33.63 18.69 6.94
N THR B 95 -34.78 18.06 6.95
CA THR B 95 -35.01 16.94 7.85
C THR B 95 -35.72 15.94 6.98
N ALA B 96 -35.60 14.66 7.30
CA ALA B 96 -36.35 13.66 6.56
C ALA B 96 -36.56 12.43 7.43
N VAL B 97 -37.50 11.59 6.99
CA VAL B 97 -37.72 10.28 7.57
C VAL B 97 -37.08 9.27 6.62
N HIS B 98 -36.09 8.54 7.11
CA HIS B 98 -35.25 7.74 6.22
C HIS B 98 -35.52 6.25 6.42
N TYR B 99 -35.37 5.51 5.34
CA TYR B 99 -35.76 4.11 5.29
C TYR B 99 -34.59 3.31 4.75
N ILE B 100 -34.27 2.23 5.43
CA ILE B 100 -33.25 1.31 4.96
C ILE B 100 -33.94 0.21 4.16
N TYR B 101 -33.48 -0.01 2.93
CA TYR B 101 -34.03 -1.03 2.08
C TYR B 101 -32.92 -2.04 1.79
N PRO B 102 -33.07 -3.29 2.21
CA PRO B 102 -32.05 -4.29 1.91
C PRO B 102 -32.08 -4.66 0.44
N LEU B 103 -30.93 -5.03 -0.10
CA LEU B 103 -30.88 -5.41 -1.50
C LEU B 103 -30.57 -6.91 -1.67
N LYS B 104 -31.11 -7.69 -0.75
CA LYS B 104 -30.96 -9.11 -0.85
C LYS B 104 -31.84 -9.54 -1.97
N ARG B 105 -31.61 -10.74 -2.45
CA ARG B 105 -32.38 -11.22 -3.58
C ARG B 105 -33.18 -12.45 -3.27
N ASN B 106 -34.34 -12.56 -3.86
CA ASN B 106 -35.20 -13.69 -3.65
C ASN B 106 -34.89 -14.83 -4.57
N ASP B 107 -35.76 -15.82 -4.60
CA ASP B 107 -35.59 -16.95 -5.48
C ASP B 107 -35.59 -16.55 -6.95
N LYS B 108 -36.44 -15.61 -7.30
CA LYS B 108 -36.47 -15.09 -8.65
C LYS B 108 -35.24 -14.25 -8.98
N GLY B 109 -34.51 -13.81 -7.97
CA GLY B 109 -33.31 -13.01 -8.16
C GLY B 109 -33.48 -11.52 -8.17
N VAL B 110 -34.69 -11.04 -7.96
CA VAL B 110 -34.92 -9.62 -7.86
C VAL B 110 -34.68 -9.02 -6.49
N THR B 111 -34.43 -7.72 -6.45
CA THR B 111 -34.20 -7.03 -5.20
C THR B 111 -35.41 -6.26 -4.80
N THR B 112 -36.50 -6.37 -5.55
CA THR B 112 -37.66 -5.55 -5.33
C THR B 112 -38.77 -5.95 -4.39
N ASN B 113 -38.64 -7.01 -3.65
CA ASN B 113 -39.73 -7.53 -2.83
C ASN B 113 -39.34 -7.68 -1.35
N ASN B 114 -38.60 -6.74 -0.81
CA ASN B 114 -38.10 -6.87 0.55
C ASN B 114 -38.87 -5.97 1.51
N ILE B 115 -38.70 -6.25 2.80
CA ILE B 115 -39.32 -5.47 3.87
C ILE B 115 -38.44 -4.25 4.14
N ILE B 116 -38.94 -3.08 3.83
CA ILE B 116 -38.20 -1.84 4.06
C ILE B 116 -38.25 -1.47 5.54
N GLU B 117 -37.16 -0.94 6.04
CA GLU B 117 -37.06 -0.63 7.46
C GLU B 117 -36.78 0.83 7.78
N ARG B 118 -37.24 1.31 8.90
CA ARG B 118 -36.94 2.66 9.32
C ARG B 118 -35.51 2.78 9.78
N LEU B 119 -34.89 3.93 9.57
CA LEU B 119 -33.55 4.14 10.06
C LEU B 119 -33.63 4.39 11.55
N SER B 120 -34.69 5.04 11.98
CA SER B 120 -34.79 5.37 13.39
C SER B 120 -36.26 5.35 13.78
N ASP B 121 -36.55 4.71 14.91
CA ASP B 121 -37.90 4.76 15.43
C ASP B 121 -38.18 6.07 16.17
N GLY B 122 -37.14 6.88 16.30
CA GLY B 122 -37.33 8.22 16.87
C GLY B 122 -37.79 9.17 15.80
N GLY B 123 -37.48 10.43 15.96
CA GLY B 123 -37.93 11.39 15.01
C GLY B 123 -37.10 11.64 13.80
N PRO B 124 -37.47 12.64 13.07
CA PRO B 124 -36.81 12.95 11.83
C PRO B 124 -35.32 13.23 11.90
N GLN B 125 -34.60 12.81 10.88
CA GLN B 125 -33.16 12.92 10.90
C GLN B 125 -32.53 13.86 9.88
N GLN B 126 -31.31 14.30 10.16
CA GLN B 126 -30.59 15.20 9.26
C GLN B 126 -29.24 14.62 8.86
N VAL B 127 -28.82 14.96 7.64
CA VAL B 127 -27.58 14.56 6.98
C VAL B 127 -27.10 13.15 7.33
N PRO B 128 -27.85 12.08 7.07
CA PRO B 128 -27.35 10.75 7.40
C PRO B 128 -26.25 10.32 6.45
N VAL B 129 -25.25 9.62 6.98
CA VAL B 129 -24.06 9.25 6.21
C VAL B 129 -23.57 7.84 6.59
N PHE B 130 -23.23 7.05 5.57
CA PHE B 130 -22.77 5.69 5.74
C PHE B 130 -21.32 5.65 6.18
N SER B 131 -20.94 4.58 6.84
CA SER B 131 -19.54 4.28 7.05
C SER B 131 -18.96 3.63 5.80
N PRO B 132 -17.62 3.71 5.60
CA PRO B 132 -17.02 3.09 4.40
C PRO B 132 -17.43 1.64 4.18
N ASP B 133 -17.44 0.80 5.22
CA ASP B 133 -17.94 -0.56 5.01
C ASP B 133 -19.45 -0.60 4.81
N GLY B 134 -20.17 0.45 5.20
CA GLY B 134 -21.61 0.48 5.03
C GLY B 134 -22.40 -0.31 6.04
N THR B 135 -21.82 -0.62 7.19
CA THR B 135 -22.49 -1.33 8.27
C THR B 135 -23.01 -0.39 9.34
N MET B 136 -22.84 0.92 9.13
CA MET B 136 -23.13 1.92 10.13
C MET B 136 -23.65 3.19 9.44
N ILE B 137 -24.66 3.81 10.05
CA ILE B 137 -25.19 5.09 9.56
C ILE B 137 -25.15 6.10 10.70
N ALA B 138 -24.67 7.30 10.42
CA ALA B 138 -24.62 8.36 11.41
C ALA B 138 -25.56 9.49 11.00
N PHE B 139 -26.30 10.03 11.96
CA PHE B 139 -27.15 11.16 11.58
C PHE B 139 -27.29 12.14 12.73
N VAL B 140 -27.71 13.34 12.40
CA VAL B 140 -27.96 14.38 13.39
C VAL B 140 -29.46 14.53 13.59
N ARG B 141 -29.83 14.89 14.83
CA ARG B 141 -31.20 15.12 15.24
C ARG B 141 -31.19 15.94 16.52
N ASP B 142 -31.91 17.07 16.50
CA ASP B 142 -31.89 18.04 17.60
C ASP B 142 -30.45 18.35 17.97
N ASN B 143 -29.67 18.68 16.96
CA ASN B 143 -28.30 19.12 17.14
C ASN B 143 -27.41 18.05 17.81
N ASN B 144 -27.89 16.80 17.95
CA ASN B 144 -27.08 15.71 18.52
C ASN B 144 -26.82 14.62 17.49
N ILE B 145 -25.74 13.86 17.68
CA ILE B 145 -25.28 12.84 16.74
C ILE B 145 -25.69 11.44 17.24
N PHE B 146 -26.41 10.70 16.41
CA PHE B 146 -26.82 9.33 16.68
C PHE B 146 -26.13 8.39 15.70
N LEU B 147 -26.04 7.13 16.13
CA LEU B 147 -25.32 6.09 15.39
C LEU B 147 -26.18 4.84 15.32
N VAL B 148 -26.40 4.33 14.10
CA VAL B 148 -27.24 3.17 13.83
C VAL B 148 -26.34 2.05 13.29
N LYS B 149 -26.21 0.99 14.07
CA LYS B 149 -25.42 -0.18 13.70
C LYS B 149 -26.32 -1.14 12.95
N LEU B 150 -26.13 -1.17 11.63
CA LEU B 150 -26.92 -2.04 10.77
C LEU B 150 -26.63 -3.50 10.98
N LEU B 151 -25.41 -3.83 11.41
CA LEU B 151 -25.07 -5.23 11.69
C LEU B 151 -25.85 -5.76 12.89
N TYR B 152 -26.30 -4.90 13.79
CA TYR B 152 -26.73 -5.42 15.08
C TYR B 152 -28.17 -5.05 15.36
N GLY B 153 -29.08 -5.45 14.48
CA GLY B 153 -30.49 -5.14 14.64
C GLY B 153 -30.80 -3.67 14.54
N ASN B 154 -30.20 -2.99 13.56
CA ASN B 154 -30.30 -1.54 13.36
C ASN B 154 -30.28 -0.80 14.70
N SER B 155 -29.32 -1.16 15.53
CA SER B 155 -29.30 -0.66 16.90
C SER B 155 -28.81 0.79 16.98
N GLU B 156 -29.52 1.62 17.74
CA GLU B 156 -29.23 3.05 17.77
C GLU B 156 -28.63 3.47 19.11
N SER B 157 -27.78 4.47 19.05
CA SER B 157 -27.08 4.95 20.23
C SER B 157 -26.78 6.42 20.06
N GLN B 158 -26.84 7.16 21.16
CA GLN B 158 -26.53 8.58 21.11
C GLN B 158 -25.03 8.81 21.26
N VAL B 159 -24.44 9.59 20.36
CA VAL B 159 -23.02 9.89 20.44
C VAL B 159 -22.76 11.16 21.24
N THR B 160 -23.56 12.19 20.97
CA THR B 160 -23.45 13.45 21.69
C THR B 160 -24.71 13.80 22.48
N GLU B 161 -24.58 14.50 23.61
CA GLU B 161 -25.73 14.95 24.42
C GLU B 161 -25.84 16.45 24.56
N ASP B 162 -24.79 17.17 24.25
CA ASP B 162 -24.75 18.62 24.45
C ASP B 162 -25.60 19.54 23.61
N GLY B 163 -26.11 19.05 22.50
CA GLY B 163 -26.91 19.85 21.60
C GLY B 163 -28.10 20.57 22.11
N LYS B 164 -28.04 21.88 22.06
CA LYS B 164 -29.12 22.69 22.48
C LYS B 164 -29.32 23.70 21.40
N GLN B 165 -30.56 23.96 21.06
CA GLN B 165 -30.86 24.87 19.98
C GLN B 165 -30.37 26.24 20.26
N ASN B 166 -29.74 26.85 19.28
CA ASN B 166 -29.19 28.16 19.44
C ASN B 166 -28.14 28.20 20.54
N SER B 167 -27.51 27.06 20.80
CA SER B 167 -26.42 27.00 21.79
C SER B 167 -25.30 26.11 21.26
N VAL B 168 -25.56 24.82 21.11
CA VAL B 168 -24.56 23.89 20.61
C VAL B 168 -25.07 22.99 19.50
N LEU B 169 -24.34 22.92 18.40
CA LEU B 169 -24.70 22.05 17.30
C LEU B 169 -23.57 21.05 17.07
N ASN B 170 -23.92 19.79 17.01
CA ASN B 170 -22.95 18.75 16.81
C ASN B 170 -23.12 18.08 15.47
N GLY B 171 -22.15 18.23 14.58
CA GLY B 171 -22.17 17.62 13.27
C GLY B 171 -22.99 18.33 12.21
N ILE B 172 -23.64 19.44 12.51
CA ILE B 172 -24.22 20.25 11.43
C ILE B 172 -23.78 21.70 11.60
N PRO B 173 -23.60 22.48 10.55
CA PRO B 173 -23.17 23.88 10.72
C PRO B 173 -24.33 24.76 11.15
N ASP B 174 -23.95 25.90 11.72
CA ASP B 174 -24.89 26.96 12.06
C ASP B 174 -25.35 27.71 10.81
N TRP B 175 -26.09 28.81 10.97
CA TRP B 175 -26.70 29.44 9.80
C TRP B 175 -25.66 30.05 8.88
N VAL B 176 -24.74 30.84 9.44
CA VAL B 176 -23.80 31.56 8.59
C VAL B 176 -22.84 30.58 7.93
N TYR B 177 -22.33 29.60 8.70
CA TYR B 177 -21.44 28.59 8.13
C TYR B 177 -22.14 27.83 7.01
N GLU B 178 -23.39 27.42 7.25
CA GLU B 178 -24.10 26.65 6.24
C GLU B 178 -24.34 27.47 4.97
N GLU B 179 -24.74 28.72 5.03
CA GLU B 179 -24.99 29.42 3.79
C GLU B 179 -23.74 29.84 3.10
N GLU B 180 -22.92 30.57 3.80
CA GLU B 180 -21.70 31.08 3.22
C GLU B 180 -20.55 30.14 2.84
N PHE B 181 -20.31 29.07 3.59
CA PHE B 181 -19.28 28.11 3.22
C PHE B 181 -19.83 26.92 2.43
N GLY B 182 -21.11 26.93 2.11
CA GLY B 182 -21.71 25.87 1.32
C GLY B 182 -21.80 24.41 1.68
N PHE B 183 -22.13 24.09 2.92
CA PHE B 183 -22.26 22.71 3.37
C PHE B 183 -23.36 22.49 4.37
N ASN B 184 -23.78 21.24 4.55
CA ASN B 184 -24.79 20.91 5.54
C ASN B 184 -24.32 19.84 6.51
N ARG B 185 -23.11 19.35 6.34
CA ARG B 185 -22.65 18.24 7.16
C ARG B 185 -21.20 18.42 7.62
N ALA B 186 -20.96 18.10 8.89
CA ALA B 186 -19.63 18.02 9.46
C ALA B 186 -19.52 16.72 10.25
N LEU B 187 -19.70 15.60 9.55
CA LEU B 187 -19.84 14.28 10.17
C LEU B 187 -19.14 13.25 9.30
N GLU B 188 -18.13 12.56 9.82
CA GLU B 188 -17.37 11.65 8.97
C GLU B 188 -16.97 10.38 9.70
N PHE B 189 -16.99 9.26 8.98
CA PHE B 189 -16.44 7.99 9.42
C PHE B 189 -14.97 7.85 8.97
N SER B 190 -14.14 7.27 9.83
CA SER B 190 -12.76 7.06 9.44
C SER B 190 -12.69 5.91 8.45
N ALA B 191 -11.52 5.81 7.79
CA ALA B 191 -11.39 4.90 6.66
C ALA B 191 -11.54 3.44 7.07
N ASP B 192 -11.19 3.07 8.32
CA ASP B 192 -11.36 1.71 8.83
C ASP B 192 -12.63 1.53 9.67
N ASN B 193 -13.55 2.50 9.64
CA ASN B 193 -14.88 2.40 10.26
C ASN B 193 -14.79 2.34 11.78
N THR B 194 -13.73 2.90 12.37
CA THR B 194 -13.48 2.79 13.81
C THR B 194 -13.67 4.09 14.57
N MET B 195 -13.70 5.25 13.90
CA MET B 195 -13.84 6.56 14.53
C MET B 195 -14.90 7.39 13.82
N ILE B 196 -15.52 8.29 14.57
CA ILE B 196 -16.36 9.35 14.02
C ILE B 196 -15.71 10.69 14.35
N ALA B 197 -15.54 11.53 13.34
CA ALA B 197 -15.06 12.88 13.54
C ALA B 197 -16.18 13.83 13.19
N PHE B 198 -16.28 14.91 13.95
CA PHE B 198 -17.35 15.87 13.72
C PHE B 198 -16.89 17.24 14.17
N ILE B 199 -17.55 18.28 13.65
CA ILE B 199 -17.34 19.64 14.14
C ILE B 199 -18.44 19.96 15.14
N ARG B 200 -18.07 20.52 16.28
CA ARG B 200 -18.98 21.00 17.30
C ARG B 200 -18.97 22.53 17.30
N PHE B 201 -20.15 23.11 17.05
CA PHE B 201 -20.37 24.56 16.98
C PHE B 201 -20.99 25.03 18.29
N ASP B 202 -20.24 25.84 19.02
CA ASP B 202 -20.72 26.50 20.22
C ASP B 202 -21.13 27.88 19.74
N GLU B 203 -22.41 28.04 19.42
CA GLU B 203 -22.90 29.32 18.95
C GLU B 203 -23.59 30.12 20.04
N SER B 204 -23.56 29.61 21.28
CA SER B 204 -24.16 30.26 22.44
C SER B 204 -23.97 31.77 22.49
N GLU B 205 -22.79 32.27 22.08
CA GLU B 205 -22.53 33.71 22.17
C GLU B 205 -22.51 34.39 20.82
N VAL B 206 -23.13 33.80 19.80
CA VAL B 206 -23.44 34.50 18.56
C VAL B 206 -24.68 35.34 18.81
N PRO B 207 -24.75 36.56 18.23
CA PRO B 207 -25.99 37.30 18.42
C PRO B 207 -27.29 36.70 17.91
N SER B 208 -28.37 36.99 18.59
CA SER B 208 -29.66 36.50 18.17
C SER B 208 -30.36 37.53 17.36
N TYR B 209 -30.98 37.10 16.28
CA TYR B 209 -31.76 37.99 15.49
C TYR B 209 -33.13 37.40 15.49
N SER B 210 -34.11 38.22 15.25
CA SER B 210 -35.49 37.80 15.31
C SER B 210 -36.34 38.71 14.44
N PHE B 211 -37.30 38.14 13.72
CA PHE B 211 -38.23 38.93 12.92
C PHE B 211 -39.66 38.44 13.11
N PRO B 212 -40.65 39.31 12.94
CA PRO B 212 -42.04 38.89 13.12
C PRO B 212 -42.48 37.88 12.09
N MET B 213 -43.45 37.03 12.51
CA MET B 213 -44.23 36.16 11.64
C MET B 213 -45.71 36.42 11.89
N PHE B 214 -46.49 36.32 10.83
CA PHE B 214 -47.93 36.55 10.84
C PHE B 214 -48.67 35.28 10.44
N ALA B 215 -49.99 35.37 10.39
CA ALA B 215 -50.77 34.22 9.91
C ALA B 215 -50.50 33.96 8.44
N GLY B 216 -50.53 35.00 7.62
CA GLY B 216 -50.32 34.84 6.21
C GLY B 216 -51.29 33.90 5.52
N GLU B 217 -50.86 33.46 4.35
CA GLU B 217 -51.49 32.43 3.55
C GLU B 217 -50.41 31.67 2.79
N ALA B 218 -50.67 30.40 2.55
CA ALA B 218 -49.83 29.59 1.66
C ALA B 218 -48.36 29.64 2.06
N PRO B 219 -48.00 29.12 3.24
CA PRO B 219 -48.86 28.49 4.25
C PRO B 219 -49.49 29.51 5.20
N GLN B 220 -50.67 29.20 5.73
CA GLN B 220 -51.25 29.96 6.83
C GLN B 220 -50.73 29.38 8.13
N ILE B 221 -50.18 30.24 8.99
CA ILE B 221 -49.65 29.81 10.27
C ILE B 221 -50.77 30.08 11.28
N THR B 222 -51.64 29.07 11.45
CA THR B 222 -52.89 29.25 12.17
C THR B 222 -52.76 29.76 13.61
N PRO B 223 -51.81 29.29 14.44
CA PRO B 223 -51.69 29.83 15.81
C PRO B 223 -51.55 31.34 15.91
N LEU B 224 -51.20 31.97 14.79
CA LEU B 224 -50.98 33.43 14.74
C LEU B 224 -52.18 34.15 14.14
N LYS B 225 -53.40 33.67 14.40
CA LYS B 225 -54.59 34.18 13.75
C LYS B 225 -54.90 35.58 14.23
N ASP B 226 -54.59 35.85 15.48
CA ASP B 226 -54.95 37.12 16.10
C ASP B 226 -53.75 37.87 16.64
N TYR B 227 -52.77 37.16 17.18
CA TYR B 227 -51.53 37.78 17.61
C TYR B 227 -50.38 37.26 16.77
N PRO B 228 -49.49 38.11 16.30
CA PRO B 228 -48.32 37.64 15.57
C PRO B 228 -47.41 36.84 16.48
N GLY B 229 -46.42 36.22 15.86
CA GLY B 229 -45.41 35.52 16.59
C GLY B 229 -44.09 35.94 15.99
N GLU B 230 -43.09 35.08 16.02
CA GLU B 230 -41.77 35.44 15.55
C GLU B 230 -40.89 34.29 15.18
N TYR B 231 -39.77 34.59 14.53
CA TYR B 231 -38.77 33.58 14.28
C TYR B 231 -37.47 34.12 14.81
N THR B 232 -36.87 33.39 15.73
CA THR B 232 -35.60 33.79 16.32
C THR B 232 -34.48 32.81 15.96
N TYR B 233 -33.36 33.32 15.49
CA TYR B 233 -32.21 32.49 15.14
C TYR B 233 -30.94 33.22 15.38
N LYS B 234 -29.85 32.49 15.29
CA LYS B 234 -28.56 33.10 15.47
C LYS B 234 -27.94 33.59 14.18
N TYR B 235 -27.66 34.87 14.10
CA TYR B 235 -27.04 35.46 12.93
C TYR B 235 -25.96 36.41 13.38
N PRO B 236 -24.75 36.24 12.88
CA PRO B 236 -23.71 37.22 13.17
C PRO B 236 -23.54 38.24 12.06
N LYS B 237 -23.77 39.50 12.34
CA LYS B 237 -23.59 40.54 11.37
C LYS B 237 -22.16 40.97 11.36
N ALA B 238 -21.73 41.60 10.29
CA ALA B 238 -20.35 41.99 10.15
C ALA B 238 -19.66 42.53 11.37
N GLY B 239 -18.49 41.97 11.68
CA GLY B 239 -17.78 42.38 12.87
C GLY B 239 -18.16 41.64 14.12
N TYR B 240 -19.27 40.96 14.12
CA TYR B 240 -19.72 40.35 15.36
C TYR B 240 -19.16 38.94 15.50
N PRO B 241 -19.14 38.39 16.71
CA PRO B 241 -18.53 37.06 16.90
C PRO B 241 -19.27 35.93 16.19
N ASN B 242 -18.50 34.97 15.70
CA ASN B 242 -19.00 33.73 15.11
C ASN B 242 -18.99 32.59 16.13
N SER B 243 -19.55 31.45 15.74
CA SER B 243 -19.52 30.28 16.60
C SER B 243 -18.08 29.88 16.94
N LYS B 244 -17.89 29.46 18.19
CA LYS B 244 -16.65 28.82 18.60
C LYS B 244 -16.65 27.37 18.10
N VAL B 245 -15.67 27.01 17.27
CA VAL B 245 -15.70 25.72 16.59
C VAL B 245 -14.63 24.84 17.17
N GLU B 246 -14.90 23.53 17.20
CA GLU B 246 -13.81 22.60 17.49
C GLU B 246 -14.10 21.23 16.87
N VAL B 247 -13.04 20.49 16.55
CA VAL B 247 -13.17 19.16 15.96
C VAL B 247 -13.10 18.13 17.08
N ARG B 248 -14.07 17.23 17.11
CA ARG B 248 -14.10 16.17 18.10
C ARG B 248 -14.21 14.82 17.43
N THR B 249 -13.78 13.79 18.15
CA THR B 249 -13.81 12.43 17.63
C THR B 249 -14.38 11.52 18.70
N TYR B 250 -15.04 10.47 18.24
CA TYR B 250 -15.73 9.50 19.07
C TYR B 250 -15.26 8.11 18.65
N ASP B 251 -14.81 7.34 19.65
CA ASP B 251 -14.22 6.01 19.44
C ASP B 251 -15.35 5.00 19.51
N ILE B 252 -15.81 4.55 18.33
CA ILE B 252 -16.96 3.65 18.27
C ILE B 252 -16.82 2.49 19.25
N LYS B 253 -15.61 1.95 19.39
CA LYS B 253 -15.39 0.80 20.27
C LYS B 253 -15.52 1.20 21.73
N SER B 254 -14.76 2.21 22.16
CA SER B 254 -14.60 2.53 23.56
C SER B 254 -15.54 3.61 24.07
N HIS B 255 -16.20 4.35 23.17
CA HIS B 255 -17.09 5.46 23.52
C HIS B 255 -16.35 6.65 24.09
N VAL B 256 -15.07 6.80 23.77
CA VAL B 256 -14.28 7.91 24.30
C VAL B 256 -14.37 9.10 23.35
N THR B 257 -14.63 10.27 23.90
CA THR B 257 -14.69 11.50 23.12
C THR B 257 -13.39 12.28 23.34
N ARG B 258 -12.73 12.60 22.24
CA ARG B 258 -11.50 13.36 22.23
C ARG B 258 -11.73 14.63 21.44
N THR B 259 -10.97 15.67 21.78
CA THR B 259 -10.96 16.93 21.04
C THR B 259 -9.60 17.09 20.35
N MET B 260 -9.62 17.47 19.08
CA MET B 260 -8.38 17.70 18.37
C MET B 260 -7.65 18.90 18.96
N LYS B 261 -6.34 18.76 19.16
CA LYS B 261 -5.57 19.85 19.77
C LYS B 261 -5.10 20.78 18.66
N LEU B 262 -6.09 21.43 18.03
CA LEU B 262 -5.90 22.16 16.80
C LEU B 262 -5.54 23.62 17.08
N PRO B 263 -4.40 24.15 16.55
CA PRO B 263 -3.95 25.53 16.89
C PRO B 263 -4.50 26.57 15.93
N ILE B 264 -5.81 26.72 15.94
CA ILE B 264 -6.48 27.66 15.05
C ILE B 264 -6.53 29.02 15.74
N ASP B 265 -6.89 30.07 14.99
CA ASP B 265 -7.11 31.37 15.60
C ASP B 265 -8.42 31.37 16.38
N ALA B 266 -8.50 32.22 17.42
CA ALA B 266 -9.74 32.28 18.20
C ALA B 266 -10.90 32.85 17.43
N ASP B 267 -10.67 33.62 16.37
CA ASP B 267 -11.73 34.10 15.52
C ASP B 267 -11.75 33.39 14.17
N GLY B 268 -11.12 32.23 14.08
CA GLY B 268 -10.96 31.55 12.80
C GLY B 268 -12.11 30.61 12.48
N TYR B 269 -12.06 30.08 11.27
CA TYR B 269 -13.06 29.18 10.74
C TYR B 269 -12.50 27.77 10.52
N ILE B 270 -13.37 26.78 10.66
CA ILE B 270 -13.06 25.40 10.29
C ILE B 270 -14.10 25.00 9.25
N PRO B 271 -13.96 25.53 8.02
CA PRO B 271 -15.05 25.23 7.10
C PRO B 271 -15.32 23.77 6.76
N ARG B 272 -14.34 22.88 6.77
CA ARG B 272 -14.62 21.49 6.49
C ARG B 272 -13.79 20.50 7.25
N ILE B 273 -14.32 19.29 7.42
CA ILE B 273 -13.53 18.22 7.98
C ILE B 273 -13.71 17.13 6.95
N ARG B 274 -12.63 16.42 6.63
CA ARG B 274 -12.74 15.30 5.70
C ARG B 274 -11.77 14.24 6.14
N PHE B 275 -12.16 13.00 6.10
CA PHE B 275 -11.23 11.95 6.41
C PHE B 275 -10.51 11.55 5.15
N THR B 276 -9.26 11.15 5.29
CA THR B 276 -8.45 10.75 4.14
C THR B 276 -8.49 9.24 3.97
N LYS B 277 -7.81 8.75 2.94
CA LYS B 277 -7.73 7.31 2.75
C LYS B 277 -7.01 6.61 3.91
N ASP B 278 -6.22 7.34 4.70
CA ASP B 278 -5.48 6.77 5.83
C ASP B 278 -6.26 7.03 7.13
N ALA B 279 -6.57 5.95 7.85
CA ALA B 279 -7.52 6.01 8.94
C ALA B 279 -7.06 6.87 10.10
N SER B 280 -5.77 7.19 10.18
CA SER B 280 -5.27 8.01 11.28
C SER B 280 -4.94 9.43 10.84
N LYS B 281 -5.40 9.83 9.66
CA LYS B 281 -5.28 11.20 9.20
C LYS B 281 -6.67 11.75 8.87
N LEU B 282 -7.19 12.61 9.74
CA LEU B 282 -8.40 13.40 9.45
C LEU B 282 -8.01 14.82 9.06
N ALA B 283 -8.39 15.21 7.85
CA ALA B 283 -8.06 16.51 7.30
C ALA B 283 -9.00 17.56 7.84
N VAL B 284 -8.43 18.63 8.37
CA VAL B 284 -9.17 19.75 8.92
C VAL B 284 -8.74 21.01 8.19
N MET B 285 -9.65 21.64 7.45
CA MET B 285 -9.32 22.87 6.76
C MET B 285 -9.71 24.05 7.65
N THR B 286 -8.80 25.01 7.80
CA THR B 286 -8.99 26.16 8.67
C THR B 286 -8.65 27.45 7.95
N LEU B 287 -9.36 28.53 8.31
CA LEU B 287 -9.09 29.86 7.81
C LEU B 287 -8.84 30.81 8.97
N ASN B 288 -8.18 31.92 8.68
CA ASN B 288 -8.16 33.03 9.60
C ASN B 288 -9.36 33.93 9.33
N ARG B 289 -9.65 34.86 10.24
CA ARG B 289 -10.87 35.63 10.06
C ARG B 289 -10.85 36.42 8.76
N HIS B 290 -9.67 36.77 8.27
CA HIS B 290 -9.60 37.45 6.98
C HIS B 290 -9.89 36.54 5.79
N GLN B 291 -9.95 35.21 6.01
CA GLN B 291 -10.20 34.24 4.94
C GLN B 291 -9.17 34.35 3.82
N ASP B 292 -7.92 34.63 4.18
CA ASP B 292 -6.85 34.74 3.22
C ASP B 292 -5.67 33.83 3.56
N ARG B 293 -5.76 33.04 4.64
CA ARG B 293 -4.75 32.06 4.98
C ARG B 293 -5.46 30.74 5.20
N PHE B 294 -5.46 29.90 4.16
CA PHE B 294 -6.02 28.56 4.24
C PHE B 294 -4.96 27.60 4.77
N ASP B 295 -5.22 27.01 5.94
CA ASP B 295 -4.34 26.02 6.56
C ASP B 295 -4.99 24.64 6.53
N LEU B 296 -4.41 23.72 5.75
CA LEU B 296 -4.87 22.34 5.75
C LEU B 296 -4.02 21.55 6.74
N TYR B 297 -4.66 21.05 7.81
CA TYR B 297 -4.02 20.24 8.84
C TYR B 297 -4.42 18.78 8.70
N PHE B 298 -3.59 17.91 9.28
CA PHE B 298 -3.93 16.51 9.51
C PHE B 298 -3.91 16.26 11.01
N ALA B 299 -4.95 15.56 11.49
CA ALA B 299 -5.14 15.31 12.89
C ALA B 299 -5.27 13.81 13.13
N ASP B 300 -4.57 13.30 14.14
CA ASP B 300 -4.73 11.91 14.56
C ASP B 300 -5.93 11.80 15.49
N PRO B 301 -6.97 11.05 15.12
CA PRO B 301 -8.17 10.99 15.96
C PRO B 301 -7.95 10.35 17.33
N ARG B 302 -6.81 9.71 17.59
CA ARG B 302 -6.62 9.06 18.88
C ARG B 302 -5.60 9.75 19.77
N SER B 303 -4.54 10.32 19.21
CA SER B 303 -3.60 11.09 20.01
C SER B 303 -4.02 12.54 20.16
N THR B 304 -4.91 13.03 19.30
CA THR B 304 -5.36 14.43 19.31
C THR B 304 -4.35 15.36 18.67
N LEU B 305 -3.26 14.81 18.18
CA LEU B 305 -2.19 15.61 17.63
C LEU B 305 -2.39 16.06 16.21
N CYS B 306 -1.93 17.27 15.92
CA CYS B 306 -2.14 17.83 14.60
C CYS B 306 -0.86 18.30 13.98
N LYS B 307 -0.80 18.34 12.67
CA LYS B 307 0.37 18.80 11.95
C LYS B 307 -0.08 19.61 10.74
N LEU B 308 0.51 20.78 10.58
CA LEU B 308 0.25 21.60 9.42
C LEU B 308 0.83 20.93 8.17
N VAL B 309 -0.04 20.43 7.30
CA VAL B 309 0.40 19.87 6.03
C VAL B 309 0.63 20.98 5.00
N LEU B 310 -0.19 22.01 5.00
CA LEU B 310 -0.13 22.89 3.85
C LEU B 310 -0.75 24.25 4.18
N ARG B 311 -0.17 25.30 3.60
CA ARG B 311 -0.61 26.66 3.84
C ARG B 311 -0.62 27.41 2.50
N ASP B 312 -1.75 28.03 2.20
CA ASP B 312 -1.92 28.77 0.96
C ASP B 312 -2.45 30.15 1.33
N GLU B 313 -1.64 31.18 1.12
CA GLU B 313 -2.05 32.55 1.36
C GLU B 313 -2.45 33.21 0.04
N SER B 314 -3.42 34.12 0.14
CA SER B 314 -3.90 34.89 -0.97
C SER B 314 -3.67 36.38 -0.72
N PRO B 315 -3.29 37.11 -1.77
CA PRO B 315 -3.21 38.58 -1.64
C PRO B 315 -4.54 39.22 -1.37
N TYR B 316 -5.66 38.55 -1.66
CA TYR B 316 -6.98 39.12 -1.44
C TYR B 316 -7.78 38.23 -0.47
N TYR B 317 -8.48 37.25 -1.03
CA TYR B 317 -9.25 36.31 -0.24
C TYR B 317 -9.24 34.90 -0.80
N ILE B 318 -9.59 33.92 0.02
CA ILE B 318 -9.63 32.53 -0.39
C ILE B 318 -11.04 32.11 -0.68
N LYS B 319 -11.26 31.57 -1.86
CA LYS B 319 -12.58 31.16 -2.27
C LYS B 319 -13.06 29.78 -1.84
N GLU B 320 -14.35 29.66 -1.63
CA GLU B 320 -14.96 28.41 -1.18
C GLU B 320 -14.89 27.23 -2.11
N ASN B 321 -14.79 27.48 -3.41
CA ASN B 321 -14.80 26.42 -4.38
C ASN B 321 -13.68 25.46 -4.11
N VAL B 322 -12.60 25.93 -3.51
CA VAL B 322 -11.45 25.11 -3.22
C VAL B 322 -11.74 23.97 -2.31
N PHE B 323 -12.55 24.19 -1.31
CA PHE B 323 -12.78 23.19 -0.28
C PHE B 323 -13.38 21.85 -0.69
N ASP B 324 -14.34 21.87 -1.60
CA ASP B 324 -14.97 20.65 -2.03
C ASP B 324 -14.25 20.03 -3.22
N ASN B 325 -13.16 20.65 -3.63
CA ASN B 325 -12.35 20.10 -4.69
C ASN B 325 -11.03 19.55 -4.12
N ILE B 326 -10.96 19.36 -2.82
CA ILE B 326 -9.80 18.72 -2.22
C ILE B 326 -10.13 17.26 -2.10
N LYS B 327 -9.45 16.43 -2.87
CA LYS B 327 -9.75 15.03 -2.91
C LYS B 327 -8.60 14.20 -2.44
N PHE B 328 -8.90 13.12 -1.73
CA PHE B 328 -7.84 12.32 -1.15
C PHE B 328 -7.65 10.97 -1.77
N TYR B 329 -6.40 10.63 -2.04
CA TYR B 329 -6.06 9.41 -2.69
C TYR B 329 -5.06 8.81 -1.76
N PRO B 330 -4.65 7.57 -1.98
CA PRO B 330 -3.79 6.92 -0.96
C PRO B 330 -2.48 7.57 -0.54
N GLU B 331 -1.67 8.08 -1.46
CA GLU B 331 -0.45 8.80 -1.15
C GLU B 331 -0.47 10.23 -1.71
N THR B 332 -1.58 10.68 -2.28
CA THR B 332 -1.66 12.00 -2.91
C THR B 332 -2.97 12.74 -2.69
N PHE B 333 -3.00 14.06 -2.91
CA PHE B 333 -4.26 14.82 -2.85
C PHE B 333 -4.35 15.97 -3.84
N SER B 334 -5.55 16.51 -4.05
CA SER B 334 -5.72 17.62 -4.99
C SER B 334 -5.97 18.93 -4.27
N LEU B 335 -5.65 20.01 -4.96
CA LEU B 335 -5.89 21.35 -4.47
C LEU B 335 -6.22 22.24 -5.67
N LEU B 336 -7.14 23.16 -5.50
CA LEU B 336 -7.20 24.27 -6.45
C LEU B 336 -6.58 25.50 -5.80
N SER B 337 -5.86 26.28 -6.59
CA SER B 337 -5.32 27.52 -6.05
C SER B 337 -5.38 28.60 -7.13
N GLU B 338 -5.67 29.82 -6.68
CA GLU B 338 -5.56 31.01 -7.50
C GLU B 338 -4.21 31.70 -7.30
N ARG B 339 -3.23 30.98 -6.72
CA ARG B 339 -1.93 31.56 -6.36
C ARG B 339 -1.25 32.32 -7.49
N ASP B 340 -1.40 31.86 -8.73
CA ASP B 340 -0.82 32.50 -9.90
C ASP B 340 -1.80 33.39 -10.64
N GLY B 341 -2.85 33.86 -9.97
CA GLY B 341 -3.82 34.76 -10.57
C GLY B 341 -4.86 34.09 -11.43
N PHE B 342 -4.85 32.77 -11.52
CA PHE B 342 -5.96 32.02 -12.10
C PHE B 342 -6.18 30.77 -11.26
N SER B 343 -7.35 30.16 -11.44
CA SER B 343 -7.71 28.96 -10.69
C SER B 343 -7.15 27.73 -11.39
N HIS B 344 -6.17 27.07 -10.78
CA HIS B 344 -5.51 25.93 -11.39
C HIS B 344 -5.32 24.79 -10.39
N LEU B 345 -5.33 23.58 -10.94
CA LEU B 345 -5.26 22.34 -10.18
C LEU B 345 -3.81 21.97 -9.85
N TYR B 346 -3.57 21.66 -8.58
CA TYR B 346 -2.28 21.28 -8.04
C TYR B 346 -2.41 19.89 -7.44
N TRP B 347 -1.31 19.13 -7.53
CA TRP B 347 -1.26 17.78 -7.01
C TRP B 347 -0.27 17.70 -5.92
N TYR B 348 -0.68 17.15 -4.80
CA TYR B 348 0.19 17.11 -3.65
C TYR B 348 0.33 15.74 -3.08
N SER B 349 1.34 15.55 -2.26
CA SER B 349 1.54 14.29 -1.59
C SER B 349 0.97 14.37 -0.24
N MET B 350 0.79 13.24 0.38
CA MET B 350 0.22 13.17 1.70
C MET B 350 1.16 13.75 2.71
N GLY B 351 2.38 14.02 2.30
CA GLY B 351 3.32 14.69 3.18
C GLY B 351 3.17 16.18 3.03
N GLY B 352 2.40 16.60 2.05
CA GLY B 352 2.23 18.02 1.80
C GLY B 352 3.12 18.63 0.77
N ASN B 353 3.84 17.80 0.04
CA ASN B 353 4.75 18.28 -0.96
C ASN B 353 4.12 18.30 -2.32
N LEU B 354 4.26 19.41 -3.02
CA LEU B 354 3.69 19.51 -4.34
C LEU B 354 4.41 18.63 -5.30
N ILE B 355 3.65 17.88 -6.07
CA ILE B 355 4.24 17.02 -7.05
C ILE B 355 4.17 17.75 -8.36
N LYS B 356 3.00 18.29 -8.68
CA LYS B 356 2.83 18.98 -9.94
C LYS B 356 1.69 19.98 -10.15
N LYS B 357 1.97 21.08 -10.83
CA LYS B 357 0.93 22.01 -11.24
C LYS B 357 0.31 21.48 -12.53
N VAL B 358 -0.84 20.81 -12.41
CA VAL B 358 -1.38 20.04 -13.53
C VAL B 358 -1.85 20.95 -14.66
N THR B 359 -2.53 22.05 -14.34
CA THR B 359 -3.01 23.01 -15.33
C THR B 359 -2.28 24.34 -15.23
N ASN B 360 -2.24 25.04 -16.36
CA ASN B 360 -1.63 26.37 -16.45
C ASN B 360 -2.17 27.04 -17.68
N GLY B 361 -2.02 28.36 -17.72
CA GLY B 361 -2.69 29.19 -18.69
C GLY B 361 -3.61 30.20 -18.03
N LYS B 362 -4.12 31.11 -18.87
CA LYS B 362 -4.95 32.22 -18.40
C LYS B 362 -6.43 31.91 -18.65
N TYR B 363 -6.90 30.94 -17.87
CA TYR B 363 -8.29 30.51 -17.83
C TYR B 363 -8.48 29.89 -16.45
N GLU B 364 -9.73 29.62 -16.09
CA GLU B 364 -10.07 29.18 -14.74
C GLU B 364 -10.50 27.73 -14.74
N VAL B 365 -9.98 26.95 -13.80
CA VAL B 365 -10.43 25.57 -13.65
C VAL B 365 -11.55 25.51 -12.63
N LYS B 366 -12.77 25.31 -13.09
CA LYS B 366 -13.91 25.23 -12.21
C LYS B 366 -14.10 24.05 -11.30
N ASP B 367 -13.98 22.85 -11.83
CA ASP B 367 -14.21 21.66 -11.04
C ASP B 367 -13.17 20.62 -11.27
N PHE B 368 -12.91 19.82 -10.26
CA PHE B 368 -11.94 18.73 -10.36
C PHE B 368 -12.70 17.41 -10.34
N LEU B 369 -12.93 16.83 -11.51
CA LEU B 369 -13.78 15.65 -11.57
C LEU B 369 -13.08 14.40 -11.00
N GLY B 370 -11.80 14.16 -11.33
CA GLY B 370 -11.15 13.06 -10.63
C GLY B 370 -9.82 12.63 -11.22
N TYR B 371 -9.14 11.77 -10.47
CA TYR B 371 -7.88 11.14 -10.87
C TYR B 371 -8.12 9.67 -11.21
N ASP B 372 -7.88 9.29 -12.46
CA ASP B 372 -7.91 7.87 -12.82
C ASP B 372 -6.59 7.26 -12.40
N GLU B 373 -6.64 6.47 -11.32
CA GLU B 373 -5.47 5.79 -10.78
C GLU B 373 -4.92 4.73 -11.73
N ALA B 374 -5.71 4.30 -12.72
CA ALA B 374 -5.21 3.39 -13.75
C ALA B 374 -4.13 3.78 -14.73
N ASP B 375 -4.38 4.81 -15.53
CA ASP B 375 -3.37 5.41 -16.40
C ASP B 375 -2.80 6.72 -15.87
N GLY B 376 -3.17 7.10 -14.64
CA GLY B 376 -2.70 8.35 -14.07
C GLY B 376 -3.27 9.58 -14.72
N SER B 377 -4.50 9.51 -15.21
CA SER B 377 -4.99 10.71 -15.89
C SER B 377 -5.74 11.63 -14.91
N PHE B 378 -5.85 12.89 -15.31
CA PHE B 378 -6.57 13.91 -14.55
C PHE B 378 -7.75 14.40 -15.39
N TYR B 379 -8.92 14.55 -14.76
CA TYR B 379 -10.12 15.01 -15.42
C TYR B 379 -10.67 16.22 -14.66
N TYR B 380 -11.04 17.28 -15.42
CA TYR B 380 -11.49 18.54 -14.83
C TYR B 380 -12.43 19.28 -15.78
N THR B 381 -12.98 20.38 -15.30
CA THR B 381 -13.77 21.28 -16.12
C THR B 381 -13.14 22.67 -16.12
N SER B 382 -13.29 23.38 -17.24
CA SER B 382 -12.68 24.70 -17.35
C SER B 382 -13.38 25.52 -18.41
N ASN B 383 -13.07 26.83 -18.41
CA ASN B 383 -13.56 27.80 -19.38
C ASN B 383 -12.49 28.21 -20.39
N GLU B 384 -11.60 27.28 -20.74
CA GLU B 384 -10.53 27.61 -21.67
C GLU B 384 -11.06 28.05 -23.02
N GLU B 385 -12.26 27.62 -23.41
CA GLU B 385 -12.82 28.10 -24.67
C GLU B 385 -13.17 29.58 -24.58
N SER B 386 -13.79 30.00 -23.49
CA SER B 386 -14.30 31.37 -23.34
C SER B 386 -14.74 31.54 -21.89
N PRO B 387 -14.74 32.75 -21.33
CA PRO B 387 -15.34 32.91 -20.00
C PRO B 387 -16.82 32.60 -19.99
N LEU B 388 -17.44 32.54 -21.17
CA LEU B 388 -18.86 32.24 -21.34
C LEU B 388 -19.17 30.75 -21.36
N ARG B 389 -18.16 29.89 -21.43
CA ARG B 389 -18.39 28.49 -21.75
C ARG B 389 -17.71 27.59 -20.73
N LYS B 390 -18.19 26.35 -20.67
CA LYS B 390 -17.67 25.32 -19.77
C LYS B 390 -17.49 24.04 -20.57
N ALA B 391 -16.32 23.40 -20.41
CA ALA B 391 -16.03 22.16 -21.10
C ALA B 391 -15.28 21.19 -20.20
N VAL B 392 -15.30 19.91 -20.60
CA VAL B 392 -14.64 18.80 -19.91
C VAL B 392 -13.28 18.52 -20.56
N TYR B 393 -12.26 18.27 -19.74
CA TYR B 393 -10.90 18.12 -20.23
C TYR B 393 -10.18 17.01 -19.50
N LYS B 394 -9.37 16.24 -20.23
CA LYS B 394 -8.48 15.24 -19.69
C LYS B 394 -7.02 15.62 -19.93
N ILE B 395 -6.13 15.28 -19.00
CA ILE B 395 -4.69 15.48 -19.15
C ILE B 395 -3.99 14.21 -18.73
N ASP B 396 -3.17 13.63 -19.61
CA ASP B 396 -2.64 12.29 -19.36
C ASP B 396 -1.56 12.33 -18.29
N LYS B 397 -0.92 11.20 -18.05
CA LYS B 397 0.18 11.20 -17.09
C LYS B 397 1.37 12.06 -17.49
N LYS B 398 1.57 12.27 -18.79
CA LYS B 398 2.71 13.03 -19.27
C LYS B 398 2.47 14.50 -19.54
N GLY B 399 1.23 14.93 -19.49
CA GLY B 399 0.91 16.32 -19.73
C GLY B 399 0.16 16.65 -20.99
N LYS B 400 -0.17 15.65 -21.78
CA LYS B 400 -0.90 15.88 -23.02
C LYS B 400 -2.36 16.17 -22.70
N LYS B 401 -2.91 17.24 -23.24
CA LYS B 401 -4.29 17.61 -22.95
C LYS B 401 -5.29 17.34 -24.05
N LEU B 402 -6.46 16.84 -23.70
CA LEU B 402 -7.51 16.62 -24.66
C LEU B 402 -8.83 17.20 -24.20
N LYS B 403 -9.57 17.84 -25.09
CA LYS B 403 -10.89 18.32 -24.73
C LYS B 403 -11.88 17.26 -25.07
N LEU B 404 -12.57 16.77 -24.05
CA LEU B 404 -13.55 15.71 -24.26
C LEU B 404 -14.84 16.24 -24.87
N SER B 405 -15.22 17.48 -24.55
CA SER B 405 -16.55 17.97 -24.86
C SER B 405 -16.71 18.17 -26.37
N GLN B 406 -17.74 17.58 -26.95
CA GLN B 406 -17.87 17.65 -28.41
C GLN B 406 -18.65 18.84 -28.92
N ARG B 407 -19.41 19.47 -28.05
CA ARG B 407 -20.19 20.62 -28.44
C ARG B 407 -19.70 21.77 -27.62
N GLU B 408 -19.86 22.98 -28.13
CA GLU B 408 -19.37 24.16 -27.43
C GLU B 408 -20.48 24.84 -26.68
N GLY B 409 -20.25 25.14 -25.42
CA GLY B 409 -21.31 25.71 -24.61
C GLY B 409 -21.14 25.41 -23.16
N THR B 410 -22.20 25.00 -22.50
CA THR B 410 -22.09 24.60 -21.12
C THR B 410 -22.19 23.11 -21.03
N ASN B 411 -21.15 22.48 -20.51
CA ASN B 411 -21.11 21.05 -20.39
C ASN B 411 -20.92 20.69 -18.95
N THR B 412 -21.83 19.90 -18.42
CA THR B 412 -21.73 19.46 -17.06
C THR B 412 -21.61 17.90 -17.01
N PRO B 413 -20.47 17.40 -16.47
CA PRO B 413 -20.31 15.95 -16.49
C PRO B 413 -20.48 15.17 -15.19
N LEU B 414 -20.97 13.95 -15.26
CA LEU B 414 -21.02 13.10 -14.08
C LEU B 414 -20.33 11.84 -14.45
N PHE B 415 -19.27 11.51 -13.73
CA PHE B 415 -18.46 10.39 -14.09
C PHE B 415 -18.70 9.12 -13.34
N SER B 416 -18.31 8.00 -13.92
CA SER B 416 -18.38 6.70 -13.27
C SER B 416 -17.31 6.61 -12.19
N GLN B 417 -17.29 5.48 -11.49
CA GLN B 417 -16.33 5.32 -10.41
C GLN B 417 -14.92 5.14 -10.94
N SER B 418 -14.77 4.34 -12.00
CA SER B 418 -13.46 4.07 -12.57
C SER B 418 -13.02 5.15 -13.53
N MET B 419 -13.79 6.22 -13.68
CA MET B 419 -13.49 7.32 -14.60
C MET B 419 -13.49 6.86 -16.05
N LYS B 420 -14.27 5.82 -16.37
CA LYS B 420 -14.24 5.27 -17.73
C LYS B 420 -15.34 5.83 -18.60
N TYR B 421 -16.51 6.09 -18.04
CA TYR B 421 -17.60 6.74 -18.76
C TYR B 421 -18.03 8.00 -18.00
N TYR B 422 -18.96 8.73 -18.59
CA TYR B 422 -19.61 9.81 -17.87
C TYR B 422 -20.89 10.24 -18.59
N MET B 423 -21.85 10.73 -17.81
CA MET B 423 -23.07 11.31 -18.35
C MET B 423 -22.88 12.81 -18.46
N ASN B 424 -23.18 13.35 -19.64
CA ASN B 424 -22.89 14.74 -19.96
C ASN B 424 -24.19 15.46 -20.25
N LYS B 425 -24.39 16.60 -19.57
CA LYS B 425 -25.55 17.47 -19.76
C LYS B 425 -25.06 18.75 -20.41
N PHE B 426 -25.56 19.01 -21.61
CA PHE B 426 -25.05 20.09 -22.44
C PHE B 426 -26.17 21.07 -22.74
N SER B 427 -25.84 22.34 -22.69
CA SER B 427 -26.79 23.39 -23.02
C SER B 427 -26.03 24.57 -23.61
N ASN B 428 -26.66 25.24 -24.56
CA ASN B 428 -26.21 26.52 -25.10
C ASN B 428 -27.45 27.31 -25.51
N LEU B 429 -27.23 28.51 -26.05
CA LEU B 429 -28.31 29.50 -26.15
C LEU B 429 -29.52 28.97 -26.90
N ASP B 430 -29.32 28.16 -27.94
CA ASP B 430 -30.44 27.59 -28.66
C ASP B 430 -30.69 26.12 -28.32
N THR B 431 -29.84 25.50 -27.51
CA THR B 431 -30.06 24.14 -27.07
C THR B 431 -30.59 24.17 -25.65
N PRO B 432 -31.84 23.71 -25.38
CA PRO B 432 -32.31 23.63 -24.00
C PRO B 432 -31.52 22.65 -23.15
N MET B 433 -31.41 21.40 -23.61
CA MET B 433 -30.72 20.39 -22.81
C MET B 433 -30.40 19.18 -23.68
N LEU B 434 -29.25 18.57 -23.40
CA LEU B 434 -28.74 17.41 -24.14
C LEU B 434 -28.06 16.48 -23.15
N VAL B 435 -28.69 15.36 -22.82
CA VAL B 435 -28.12 14.39 -21.91
C VAL B 435 -27.61 13.20 -22.73
N THR B 436 -26.30 13.01 -22.73
CA THR B 436 -25.61 11.96 -23.46
C THR B 436 -24.80 11.10 -22.50
N LEU B 437 -24.38 9.94 -22.98
CA LEU B 437 -23.39 9.12 -22.31
C LEU B 437 -22.15 9.06 -23.17
N ASN B 438 -20.98 9.13 -22.55
CA ASN B 438 -19.74 9.31 -23.27
C ASN B 438 -18.66 8.45 -22.61
N ASP B 439 -17.64 8.07 -23.37
CA ASP B 439 -16.48 7.42 -22.79
C ASP B 439 -15.39 8.45 -22.57
N ASN B 440 -14.32 8.03 -21.88
CA ASN B 440 -13.34 9.03 -21.45
C ASN B 440 -12.47 9.55 -22.61
N THR B 441 -12.67 9.07 -23.83
CA THR B 441 -12.12 9.77 -24.98
C THR B 441 -13.08 10.83 -25.51
N GLY B 442 -14.25 10.98 -24.87
CA GLY B 442 -15.22 11.99 -25.22
C GLY B 442 -16.21 11.58 -26.29
N LYS B 443 -16.12 10.35 -26.80
CA LYS B 443 -17.02 9.89 -27.85
C LYS B 443 -18.43 9.76 -27.30
N THR B 444 -19.40 10.30 -28.02
CA THR B 444 -20.79 10.12 -27.61
C THR B 444 -21.20 8.66 -27.85
N LEU B 445 -21.54 7.96 -26.78
CA LEU B 445 -22.02 6.59 -26.87
C LEU B 445 -23.52 6.53 -27.16
N LYS B 446 -24.28 7.39 -26.51
CA LYS B 446 -25.72 7.37 -26.70
C LYS B 446 -26.29 8.70 -26.20
N THR B 447 -27.40 9.10 -26.81
CA THR B 447 -28.11 10.31 -26.43
C THR B 447 -29.31 9.91 -25.58
N LEU B 448 -29.29 10.29 -24.30
CA LEU B 448 -30.38 9.89 -23.42
C LEU B 448 -31.59 10.80 -23.58
N ILE B 449 -31.35 12.11 -23.66
CA ILE B 449 -32.43 13.09 -23.78
C ILE B 449 -31.95 14.22 -24.68
N ASN B 450 -32.82 14.68 -25.56
CA ASN B 450 -32.47 15.79 -26.43
C ASN B 450 -33.47 16.92 -26.36
N ASN B 451 -34.59 16.76 -25.66
CA ASN B 451 -35.63 17.77 -25.50
C ASN B 451 -36.15 18.24 -26.85
N ASP B 452 -36.68 17.28 -27.60
CA ASP B 452 -37.27 17.58 -28.89
C ASP B 452 -38.65 18.22 -28.74
N GLN B 453 -39.54 17.62 -27.93
CA GLN B 453 -40.90 18.14 -27.86
C GLN B 453 -40.95 19.49 -27.17
N LEU B 454 -39.89 19.90 -26.46
CA LEU B 454 -39.83 21.27 -25.96
C LEU B 454 -39.46 22.24 -27.07
N LYS B 455 -38.46 21.89 -27.89
CA LYS B 455 -38.20 22.67 -29.11
C LYS B 455 -39.49 22.81 -29.91
N GLN B 456 -40.27 21.74 -29.96
CA GLN B 456 -41.59 21.73 -30.59
C GLN B 456 -42.50 22.79 -29.98
N THR B 457 -42.89 22.59 -28.71
CA THR B 457 -43.78 23.52 -28.02
C THR B 457 -43.36 24.97 -28.22
N LEU B 458 -42.04 25.22 -28.25
CA LEU B 458 -41.53 26.58 -28.36
C LEU B 458 -41.43 27.09 -29.80
N SER B 459 -41.52 26.23 -30.80
CA SER B 459 -41.57 26.73 -32.17
C SER B 459 -42.79 27.61 -32.39
N GLY B 460 -43.93 27.24 -31.79
CA GLY B 460 -45.18 27.94 -32.01
C GLY B 460 -45.38 29.19 -31.17
N TYR B 461 -44.30 29.75 -30.65
CA TYR B 461 -44.33 31.04 -29.96
C TYR B 461 -43.22 31.93 -30.53
N ALA B 462 -43.41 33.24 -30.37
CA ALA B 462 -42.46 34.24 -30.83
C ALA B 462 -41.46 34.54 -29.71
N ILE B 463 -40.50 33.64 -29.55
CA ILE B 463 -39.47 33.76 -28.53
C ILE B 463 -38.39 34.74 -28.98
N PRO B 464 -38.08 35.79 -28.23
CA PRO B 464 -36.89 36.59 -28.54
C PRO B 464 -35.63 35.76 -28.35
N GLN B 465 -34.56 36.19 -29.01
CA GLN B 465 -33.28 35.49 -29.00
C GLN B 465 -32.22 36.30 -28.27
N LYS B 466 -31.32 35.61 -27.58
CA LYS B 466 -30.20 36.28 -26.95
C LYS B 466 -29.00 36.23 -27.86
N GLU B 467 -28.21 37.30 -27.89
CA GLU B 467 -27.01 37.32 -28.69
C GLU B 467 -25.96 37.83 -27.79
N PHE B 468 -24.76 37.31 -27.89
CA PHE B 468 -23.68 37.83 -27.10
C PHE B 468 -23.08 39.06 -27.74
N PHE B 469 -22.42 39.87 -26.93
CA PHE B 469 -21.79 41.09 -27.42
C PHE B 469 -20.75 41.56 -26.42
N THR B 470 -19.84 42.38 -26.93
CA THR B 470 -18.74 42.92 -26.15
C THR B 470 -18.71 44.42 -26.37
N PHE B 471 -18.12 45.14 -25.42
CA PHE B 471 -17.90 46.57 -25.65
C PHE B 471 -16.82 47.07 -24.70
N GLN B 472 -16.22 48.19 -25.07
CA GLN B 472 -15.15 48.80 -24.28
C GLN B 472 -15.67 49.97 -23.48
N THR B 473 -15.35 50.01 -22.19
CA THR B 473 -15.68 51.14 -21.35
C THR B 473 -14.76 52.32 -21.69
N THR B 474 -15.03 53.43 -21.02
CA THR B 474 -14.26 54.65 -21.25
C THR B 474 -12.86 54.59 -20.66
N ASP B 475 -12.47 53.50 -20.00
CA ASP B 475 -11.09 53.30 -19.58
C ASP B 475 -10.45 52.09 -20.26
N GLY B 476 -11.11 51.53 -21.27
CA GLY B 476 -10.53 50.49 -22.09
C GLY B 476 -10.65 49.06 -21.59
N VAL B 477 -11.56 48.77 -20.66
CA VAL B 477 -11.83 47.40 -20.24
C VAL B 477 -12.99 46.87 -21.08
N THR B 478 -12.84 45.65 -21.61
CA THR B 478 -13.88 45.05 -22.44
C THR B 478 -14.78 44.16 -21.60
N LEU B 479 -16.09 44.31 -21.78
CA LEU B 479 -17.11 43.60 -21.03
C LEU B 479 -17.97 42.76 -21.96
N ASN B 480 -18.39 41.61 -21.44
CA ASN B 480 -19.35 40.72 -22.09
C ASN B 480 -20.76 40.95 -21.58
N GLY B 481 -21.72 40.84 -22.49
CA GLY B 481 -23.13 40.90 -22.16
C GLY B 481 -23.90 40.12 -23.20
N TRP B 482 -25.19 40.02 -22.99
CA TRP B 482 -26.08 39.53 -24.01
C TRP B 482 -27.20 40.52 -24.23
N MET B 483 -27.73 40.52 -25.45
CA MET B 483 -28.81 41.39 -25.87
C MET B 483 -29.94 40.55 -26.42
N MET B 484 -31.15 40.85 -26.00
CA MET B 484 -32.36 40.17 -26.43
C MET B 484 -33.28 41.23 -27.00
N LYS B 485 -33.63 41.09 -28.27
CA LYS B 485 -34.52 42.05 -28.91
C LYS B 485 -35.88 41.41 -29.15
N PRO B 486 -36.94 42.22 -29.21
CA PRO B 486 -38.24 41.70 -29.64
C PRO B 486 -38.19 41.23 -31.09
N ALA B 487 -38.89 40.15 -31.39
CA ALA B 487 -38.87 39.58 -32.72
C ALA B 487 -39.36 40.49 -33.82
N ASN B 488 -39.84 41.65 -33.42
CA ASN B 488 -40.39 42.64 -34.33
C ASN B 488 -39.36 43.68 -34.63
N PHE B 489 -38.13 43.39 -34.29
CA PHE B 489 -37.08 44.37 -34.45
C PHE B 489 -36.89 44.99 -35.79
N SER B 490 -36.41 46.22 -35.76
CA SER B 490 -36.15 46.96 -36.98
C SER B 490 -35.29 48.08 -36.52
N THR B 491 -34.12 48.23 -37.13
CA THR B 491 -33.18 49.25 -36.65
C THR B 491 -33.78 50.61 -36.83
N SER B 492 -34.63 50.78 -37.83
CA SER B 492 -35.32 52.04 -38.02
C SER B 492 -36.01 52.54 -36.76
N LYS B 493 -36.51 51.63 -35.92
CA LYS B 493 -37.20 52.01 -34.67
C LYS B 493 -36.36 52.26 -33.42
N LYS B 494 -36.92 52.99 -32.45
CA LYS B 494 -36.23 53.25 -31.20
C LYS B 494 -36.99 52.56 -30.06
N TYR B 495 -36.24 52.12 -29.06
CA TYR B 495 -36.71 51.11 -28.12
C TYR B 495 -36.37 51.45 -26.68
N PRO B 496 -37.17 50.98 -25.73
CA PRO B 496 -36.82 51.04 -24.31
C PRO B 496 -36.04 49.83 -23.86
N VAL B 497 -35.08 50.06 -22.97
CA VAL B 497 -34.11 49.05 -22.58
C VAL B 497 -34.32 48.66 -21.14
N LEU B 498 -34.41 47.35 -20.89
CA LEU B 498 -34.33 46.80 -19.55
C LEU B 498 -32.96 46.14 -19.38
N MET B 499 -32.16 46.65 -18.46
CA MET B 499 -30.90 46.03 -18.09
C MET B 499 -31.14 45.15 -16.88
N TYR B 500 -30.59 43.96 -16.92
CA TYR B 500 -30.62 43.03 -15.81
C TYR B 500 -29.19 42.79 -15.38
N GLN B 501 -28.99 42.51 -14.10
CA GLN B 501 -27.64 42.17 -13.66
C GLN B 501 -27.71 41.57 -12.26
N TYR B 502 -26.59 41.02 -11.77
CA TYR B 502 -26.45 40.55 -10.38
C TYR B 502 -25.23 41.29 -9.88
N SER B 503 -24.09 41.11 -10.51
CA SER B 503 -22.85 41.85 -10.24
C SER B 503 -22.02 41.52 -9.03
N GLY B 504 -22.33 40.40 -8.40
CA GLY B 504 -21.63 40.01 -7.21
C GLY B 504 -20.26 39.48 -7.39
N PRO B 505 -19.49 39.48 -6.31
CA PRO B 505 -18.12 39.06 -6.53
C PRO B 505 -18.00 37.61 -6.94
N GLY B 506 -17.39 37.36 -8.08
CA GLY B 506 -17.21 36.00 -8.60
C GLY B 506 -18.32 35.43 -9.41
N SER B 507 -19.40 36.14 -9.55
CA SER B 507 -20.55 35.65 -10.23
C SER B 507 -20.50 35.77 -11.71
N GLN B 508 -21.34 35.04 -12.40
CA GLN B 508 -21.43 35.23 -13.81
C GLN B 508 -22.88 35.02 -14.20
N GLN B 509 -23.42 35.90 -15.02
CA GLN B 509 -24.78 35.74 -15.51
C GLN B 509 -24.78 35.68 -17.01
N VAL B 510 -23.69 36.10 -17.64
CA VAL B 510 -23.57 36.02 -19.10
C VAL B 510 -22.91 34.72 -19.56
N LEU B 511 -23.68 33.65 -19.65
CA LEU B 511 -23.10 32.38 -20.01
C LEU B 511 -23.86 31.77 -21.14
N ASP B 512 -23.21 30.88 -21.87
CA ASP B 512 -23.84 30.20 -22.99
C ASP B 512 -24.67 29.08 -22.45
N THR B 513 -25.87 29.41 -21.99
CA THR B 513 -26.78 28.42 -21.46
C THR B 513 -28.18 28.84 -21.85
N TRP B 514 -29.11 27.90 -21.84
CA TRP B 514 -30.45 28.20 -22.28
C TRP B 514 -31.43 28.51 -21.21
N GLY B 515 -32.19 29.57 -21.38
CA GLY B 515 -33.26 29.85 -20.46
C GLY B 515 -34.35 30.76 -20.96
N ILE B 516 -35.55 30.62 -20.44
CA ILE B 516 -36.61 31.54 -20.76
C ILE B 516 -36.92 32.11 -19.41
N SER B 517 -36.96 33.42 -19.31
CA SER B 517 -37.10 34.10 -18.04
C SER B 517 -38.03 35.24 -18.19
N TRP B 518 -38.36 35.88 -17.10
CA TRP B 518 -39.14 37.06 -17.18
C TRP B 518 -38.51 38.04 -18.10
N GLU B 519 -37.18 38.06 -18.19
CA GLU B 519 -36.58 38.95 -19.19
C GLU B 519 -37.06 38.58 -20.58
N THR B 520 -37.19 37.29 -20.84
CA THR B 520 -37.67 36.87 -22.15
C THR B 520 -39.06 37.41 -22.39
N TYR B 521 -39.93 37.32 -21.39
CA TYR B 521 -41.27 37.93 -21.47
C TYR B 521 -41.18 39.44 -21.71
N MET B 522 -40.25 40.10 -21.02
CA MET B 522 -40.13 41.55 -21.15
C MET B 522 -39.79 41.93 -22.59
N ALA B 523 -38.81 41.25 -23.18
CA ALA B 523 -38.49 41.50 -24.59
C ALA B 523 -39.69 41.17 -25.48
N SER B 524 -40.40 40.08 -25.18
CA SER B 524 -41.67 39.79 -25.83
C SER B 524 -42.65 40.96 -25.79
N LEU B 525 -42.53 41.85 -24.81
CA LEU B 525 -43.32 43.08 -24.82
C LEU B 525 -42.62 44.24 -25.55
N GLY B 526 -41.50 43.99 -26.21
CA GLY B 526 -40.86 45.02 -26.99
C GLY B 526 -39.75 45.80 -26.30
N TYR B 527 -39.25 45.33 -25.18
CA TYR B 527 -38.06 45.91 -24.59
C TYR B 527 -36.81 45.24 -25.13
N ILE B 528 -35.75 46.01 -25.27
CA ILE B 528 -34.43 45.46 -25.50
C ILE B 528 -33.83 45.12 -24.14
N VAL B 529 -33.60 43.84 -23.89
CA VAL B 529 -33.11 43.39 -22.60
C VAL B 529 -31.62 43.11 -22.73
N VAL B 530 -30.83 43.79 -21.92
CA VAL B 530 -29.38 43.62 -21.93
C VAL B 530 -28.97 43.06 -20.58
N CYS B 531 -27.89 42.27 -20.58
CA CYS B 531 -27.20 41.95 -19.35
C CYS B 531 -25.71 42.11 -19.59
N VAL B 532 -25.02 42.75 -18.65
CA VAL B 532 -23.58 42.95 -18.78
C VAL B 532 -22.91 42.60 -17.46
N ASP B 533 -21.90 41.71 -17.53
CA ASP B 533 -21.17 41.27 -16.35
C ASP B 533 -19.95 42.18 -16.21
N GLY B 534 -20.02 43.17 -15.34
CA GLY B 534 -18.94 44.13 -15.19
C GLY B 534 -17.78 43.62 -14.34
N ARG B 535 -16.84 44.52 -14.09
CA ARG B 535 -15.69 44.22 -13.25
C ARG B 535 -16.15 43.71 -11.89
N GLY B 536 -15.44 42.69 -11.41
CA GLY B 536 -15.75 42.02 -10.17
C GLY B 536 -16.39 40.66 -10.36
N THR B 537 -16.98 40.41 -11.52
CA THR B 537 -17.50 39.09 -11.79
C THR B 537 -16.36 38.14 -12.06
N GLY B 538 -16.70 36.86 -12.30
CA GLY B 538 -15.72 35.80 -12.38
C GLY B 538 -15.43 35.37 -13.81
N GLY B 539 -14.69 34.26 -13.92
CA GLY B 539 -14.38 33.65 -15.19
C GLY B 539 -13.18 34.23 -15.93
N ARG B 540 -12.62 35.34 -15.46
CA ARG B 540 -11.53 36.02 -16.14
C ARG B 540 -10.37 36.27 -15.19
N GLY B 541 -10.23 35.43 -14.17
CA GLY B 541 -9.08 35.53 -13.29
C GLY B 541 -9.32 36.36 -12.05
N GLU B 542 -8.25 36.44 -11.27
CA GLU B 542 -8.33 36.95 -9.90
C GLU B 542 -8.24 38.47 -9.87
N ALA B 543 -7.37 39.06 -10.68
CA ALA B 543 -7.26 40.52 -10.69
C ALA B 543 -8.60 41.15 -11.08
N PHE B 544 -9.30 40.53 -12.03
CA PHE B 544 -10.55 41.06 -12.56
C PHE B 544 -11.70 40.92 -11.55
N GLU B 545 -11.77 39.79 -10.82
CA GLU B 545 -12.82 39.62 -9.82
C GLU B 545 -12.54 40.44 -8.56
N LYS B 546 -11.30 40.42 -8.08
CA LYS B 546 -10.95 40.94 -6.77
C LYS B 546 -10.39 42.36 -6.80
N CYS B 547 -10.41 43.07 -7.94
CA CYS B 547 -10.04 44.49 -7.90
C CYS B 547 -10.98 45.30 -7.03
N THR B 548 -12.12 44.73 -6.63
CA THR B 548 -13.11 45.40 -5.81
C THR B 548 -12.88 45.16 -4.33
N TYR B 549 -11.76 44.53 -3.96
CA TYR B 549 -11.54 44.08 -2.60
C TYR B 549 -11.43 45.26 -1.63
N LEU B 550 -12.24 45.23 -0.57
CA LEU B 550 -12.38 46.26 0.46
C LEU B 550 -13.18 47.48 0.01
N LYS B 551 -13.75 47.48 -1.19
CA LYS B 551 -14.52 48.62 -1.65
C LYS B 551 -15.52 48.16 -2.70
N ILE B 552 -16.36 47.18 -2.35
CA ILE B 552 -17.22 46.56 -3.35
C ILE B 552 -18.34 47.52 -3.72
N GLY B 553 -19.01 47.23 -4.82
CA GLY B 553 -20.10 48.06 -5.32
C GLY B 553 -19.69 49.20 -6.23
N VAL B 554 -18.64 49.92 -5.86
CA VAL B 554 -18.31 51.17 -6.55
C VAL B 554 -18.02 50.91 -8.02
N LYS B 555 -17.08 49.98 -8.31
CA LYS B 555 -16.65 49.77 -9.69
C LYS B 555 -17.72 49.08 -10.52
N GLU B 556 -18.45 48.13 -9.92
CA GLU B 556 -19.56 47.46 -10.62
C GLU B 556 -20.61 48.45 -11.07
N ALA B 557 -20.90 49.43 -10.21
CA ALA B 557 -21.89 50.45 -10.56
C ALA B 557 -21.35 51.35 -11.65
N LYS B 558 -20.09 51.71 -11.64
CA LYS B 558 -19.53 52.50 -12.75
C LYS B 558 -19.71 51.77 -14.07
N ASP B 559 -19.44 50.48 -14.11
CA ASP B 559 -19.62 49.68 -15.30
C ASP B 559 -21.04 49.53 -15.78
N GLN B 560 -21.98 49.47 -14.87
CA GLN B 560 -23.37 49.44 -15.26
C GLN B 560 -23.77 50.77 -15.85
N VAL B 561 -23.22 51.86 -15.32
CA VAL B 561 -23.47 53.15 -15.95
C VAL B 561 -22.82 53.20 -17.33
N GLU B 562 -21.62 52.61 -17.46
CA GLU B 562 -20.94 52.50 -18.76
C GLU B 562 -21.81 51.76 -19.76
N THR B 563 -22.39 50.64 -19.33
CA THR B 563 -23.30 49.89 -20.20
C THR B 563 -24.46 50.77 -20.67
N ALA B 564 -25.07 51.52 -19.75
CA ALA B 564 -26.19 52.34 -20.15
C ALA B 564 -25.76 53.47 -21.11
N LEU B 565 -24.60 54.09 -20.88
CA LEU B 565 -24.12 55.12 -21.79
C LEU B 565 -23.87 54.54 -23.17
N TYR B 566 -23.15 53.42 -23.25
CA TYR B 566 -22.91 52.74 -24.52
C TYR B 566 -24.23 52.45 -25.24
N LEU B 567 -25.21 51.90 -24.51
CA LEU B 567 -26.50 51.58 -25.12
C LEU B 567 -27.21 52.83 -25.62
N GLY B 568 -27.13 53.94 -24.87
CA GLY B 568 -27.67 55.21 -25.36
C GLY B 568 -27.01 55.69 -26.64
N LYS B 569 -25.70 55.47 -26.78
CA LYS B 569 -24.98 55.74 -28.02
C LYS B 569 -25.46 54.89 -29.20
N GLN B 570 -26.35 53.99 -28.99
CA GLN B 570 -26.70 53.20 -30.16
C GLN B 570 -27.88 53.82 -30.90
N PRO B 571 -28.00 53.55 -32.21
CA PRO B 571 -29.12 54.12 -32.99
C PRO B 571 -30.50 53.73 -32.47
N TYR B 572 -30.74 52.44 -32.26
CA TYR B 572 -32.05 51.84 -31.99
C TYR B 572 -32.48 51.95 -30.54
N VAL B 573 -31.78 52.72 -29.71
CA VAL B 573 -32.03 52.80 -28.28
C VAL B 573 -32.49 54.21 -27.95
N ASP B 574 -33.69 54.32 -27.36
CA ASP B 574 -34.13 55.58 -26.74
C ASP B 574 -33.36 55.76 -25.43
N LYS B 575 -32.40 56.68 -25.42
CA LYS B 575 -31.57 56.86 -24.23
C LYS B 575 -32.36 57.29 -23.01
N ASP B 576 -33.62 57.68 -23.20
CA ASP B 576 -34.50 58.19 -22.15
C ASP B 576 -35.32 57.12 -21.45
N ARG B 577 -35.33 55.89 -21.94
CA ARG B 577 -36.16 54.83 -21.38
C ARG B 577 -35.29 53.60 -21.11
N ILE B 578 -34.32 53.77 -20.20
CA ILE B 578 -33.42 52.70 -19.80
C ILE B 578 -33.63 52.46 -18.32
N GLY B 579 -34.01 51.23 -17.97
CA GLY B 579 -34.23 50.87 -16.59
C GLY B 579 -33.39 49.69 -16.19
N ILE B 580 -33.14 49.48 -14.91
CA ILE B 580 -32.25 48.42 -14.47
C ILE B 580 -32.90 47.70 -13.32
N TRP B 581 -32.69 46.39 -13.22
CA TRP B 581 -33.23 45.62 -12.11
C TRP B 581 -32.38 44.49 -11.64
N GLY B 582 -32.60 44.06 -10.41
CA GLY B 582 -31.87 42.94 -9.88
C GLY B 582 -32.42 42.34 -8.61
N TRP B 583 -31.93 41.18 -8.22
CA TRP B 583 -32.31 40.52 -6.99
C TRP B 583 -31.07 40.32 -6.22
N SER B 584 -31.14 40.37 -4.90
CA SER B 584 -29.96 40.24 -4.03
C SER B 584 -28.92 41.33 -4.25
N TYR B 585 -27.70 40.96 -4.58
CA TYR B 585 -26.67 41.92 -4.83
C TYR B 585 -27.11 42.75 -6.00
N GLY B 586 -27.89 42.18 -6.88
CA GLY B 586 -28.40 42.89 -8.01
C GLY B 586 -29.27 44.01 -7.62
N GLY B 587 -30.08 43.82 -6.59
CA GLY B 587 -30.86 44.91 -6.09
C GLY B 587 -29.96 45.97 -5.53
N TYR B 588 -28.94 45.55 -4.82
CA TYR B 588 -28.01 46.48 -4.25
C TYR B 588 -27.26 47.14 -5.35
N MET B 589 -27.02 46.42 -6.43
CA MET B 589 -26.35 47.06 -7.55
C MET B 589 -27.29 47.97 -8.34
N THR B 590 -28.58 47.62 -8.42
CA THR B 590 -29.59 48.58 -8.87
C THR B 590 -29.52 49.86 -8.07
N LEU B 591 -29.48 49.72 -6.74
CA LEU B 591 -29.42 50.90 -5.89
C LEU B 591 -28.17 51.73 -6.16
N MET B 592 -27.00 51.07 -6.22
CA MET B 592 -25.73 51.78 -6.41
C MET B 592 -25.62 52.42 -7.80
N SER B 593 -26.26 51.84 -8.81
CA SER B 593 -26.18 52.38 -10.16
C SER B 593 -27.14 53.56 -10.34
N MET B 594 -28.34 53.46 -9.79
CA MET B 594 -29.28 54.56 -9.94
C MET B 594 -28.89 55.78 -9.12
N SER B 595 -28.01 55.61 -8.14
CA SER B 595 -27.42 56.74 -7.41
C SER B 595 -25.92 56.90 -7.69
N GLU B 596 -25.44 56.48 -8.87
CA GLU B 596 -24.00 56.50 -9.13
C GLU B 596 -23.46 57.94 -9.18
N GLY B 597 -24.24 58.86 -9.73
CA GLY B 597 -23.80 60.23 -9.91
C GLY B 597 -24.10 60.70 -11.31
N THR B 598 -24.29 59.74 -12.22
CA THR B 598 -24.54 60.05 -13.62
C THR B 598 -25.97 59.63 -13.94
N PRO B 599 -26.83 60.58 -14.32
CA PRO B 599 -28.28 60.34 -14.40
C PRO B 599 -28.73 59.63 -15.66
N VAL B 600 -28.51 58.33 -15.72
CA VAL B 600 -28.77 57.57 -16.94
C VAL B 600 -30.04 56.73 -16.88
N PHE B 601 -30.55 56.45 -15.69
CA PHE B 601 -31.69 55.55 -15.56
C PHE B 601 -33.06 56.13 -15.33
N LYS B 602 -34.03 55.75 -16.15
CA LYS B 602 -35.40 56.17 -15.95
C LYS B 602 -36.08 55.53 -14.74
N ALA B 603 -35.81 54.26 -14.49
CA ALA B 603 -36.47 53.54 -13.42
C ALA B 603 -35.73 52.28 -13.05
N GLY B 604 -36.11 51.65 -11.95
CA GLY B 604 -35.50 50.38 -11.62
C GLY B 604 -36.16 49.68 -10.45
N VAL B 605 -35.95 48.37 -10.39
CA VAL B 605 -36.45 47.56 -9.28
C VAL B 605 -35.28 46.89 -8.57
N ALA B 606 -35.17 47.14 -7.27
CA ALA B 606 -34.30 46.38 -6.39
C ALA B 606 -35.12 45.38 -5.60
N VAL B 607 -34.70 44.12 -5.62
CA VAL B 607 -35.42 43.04 -4.97
C VAL B 607 -34.50 42.42 -3.91
N ALA B 608 -34.93 42.48 -2.64
CA ALA B 608 -34.22 41.80 -1.54
C ALA B 608 -32.78 42.28 -1.45
N ALA B 609 -32.62 43.58 -1.43
CA ALA B 609 -31.31 44.20 -1.64
C ALA B 609 -30.63 44.53 -0.32
N PRO B 610 -29.40 44.08 -0.10
CA PRO B 610 -28.56 44.71 0.92
C PRO B 610 -28.49 46.21 0.68
N THR B 611 -28.37 46.98 1.76
CA THR B 611 -28.30 48.43 1.59
C THR B 611 -27.13 48.98 2.36
N ASP B 612 -26.74 48.30 3.43
CA ASP B 612 -25.49 48.63 4.08
C ASP B 612 -24.84 47.31 4.50
N TRP B 613 -23.60 47.09 4.05
CA TRP B 613 -22.91 45.84 4.39
C TRP B 613 -22.80 45.63 5.89
N ARG B 614 -22.95 46.68 6.70
CA ARG B 614 -22.93 46.41 8.14
C ARG B 614 -24.13 45.58 8.59
N PHE B 615 -25.21 45.50 7.77
CA PHE B 615 -26.42 44.75 8.09
C PHE B 615 -26.32 43.29 7.74
N TYR B 616 -25.35 42.93 6.89
CA TYR B 616 -25.22 41.59 6.33
C TYR B 616 -24.25 40.78 7.17
N ASP B 617 -24.18 39.47 6.86
CA ASP B 617 -23.55 38.47 7.74
C ASP B 617 -22.02 38.50 7.65
N THR B 618 -21.39 37.80 8.59
CA THR B 618 -19.95 37.90 8.78
C THR B 618 -19.19 37.26 7.62
N ILE B 619 -19.34 35.97 7.38
CA ILE B 619 -18.51 35.32 6.36
C ILE B 619 -18.42 35.96 4.98
N TYR B 620 -19.55 36.24 4.34
CA TYR B 620 -19.54 36.91 3.06
C TYR B 620 -19.03 38.30 3.08
N THR B 621 -19.53 39.12 3.99
CA THR B 621 -19.16 40.51 3.99
C THR B 621 -17.71 40.71 4.30
N GLU B 622 -17.23 40.00 5.29
CA GLU B 622 -15.85 40.14 5.70
C GLU B 622 -14.85 39.61 4.68
N ARG B 623 -15.25 38.68 3.86
CA ARG B 623 -14.38 38.14 2.82
C ARG B 623 -14.01 39.20 1.84
N PHE B 624 -14.96 40.03 1.50
CA PHE B 624 -14.71 41.09 0.56
C PHE B 624 -14.41 42.45 1.17
N MET B 625 -14.97 42.75 2.32
CA MET B 625 -14.83 44.09 2.90
C MET B 625 -14.22 44.14 4.27
N ARG B 626 -14.00 42.98 4.86
CA ARG B 626 -13.44 42.88 6.19
C ARG B 626 -14.39 43.38 7.23
N THR B 627 -13.89 43.58 8.43
CA THR B 627 -14.72 44.08 9.49
C THR B 627 -14.97 45.55 9.35
N PRO B 628 -16.10 46.01 9.87
CA PRO B 628 -16.43 47.44 9.82
C PRO B 628 -15.40 48.32 10.53
N LYS B 629 -14.87 47.88 11.65
CA LYS B 629 -13.84 48.61 12.39
C LYS B 629 -12.56 48.74 11.62
N GLU B 630 -12.16 47.69 10.93
CA GLU B 630 -10.99 47.75 10.06
C GLU B 630 -11.12 48.57 8.77
N ASN B 631 -12.29 48.60 8.13
CA ASN B 631 -12.44 49.28 6.87
C ASN B 631 -13.62 50.18 6.90
N ALA B 632 -13.53 51.20 7.72
CA ALA B 632 -14.62 52.14 7.83
C ALA B 632 -14.91 52.90 6.56
N GLU B 633 -13.86 53.33 5.89
CA GLU B 633 -14.02 54.08 4.67
C GLU B 633 -14.64 53.31 3.55
N GLY B 634 -14.24 52.07 3.40
CA GLY B 634 -14.85 51.23 2.40
C GLY B 634 -16.28 50.95 2.71
N TYR B 635 -16.57 50.74 3.96
CA TYR B 635 -17.94 50.52 4.35
C TYR B 635 -18.72 51.74 3.98
N LYS B 636 -18.31 52.91 4.44
CA LYS B 636 -18.99 54.13 4.00
C LYS B 636 -19.08 54.21 2.48
N GLU B 637 -17.98 53.91 1.78
CA GLU B 637 -17.95 54.09 0.34
C GLU B 637 -18.80 53.05 -0.40
N SER B 638 -19.03 51.89 0.21
CA SER B 638 -19.75 50.78 -0.40
C SER B 638 -21.23 50.80 -0.08
N SER B 639 -21.67 51.66 0.85
CA SER B 639 -23.07 51.71 1.30
C SER B 639 -23.95 52.43 0.28
N ALA B 640 -25.19 51.95 0.13
CA ALA B 640 -26.16 52.69 -0.67
C ALA B 640 -26.72 53.90 0.07
N PHE B 641 -26.58 53.94 1.41
CA PHE B 641 -26.96 55.11 2.18
C PHE B 641 -26.15 56.34 1.79
N THR B 642 -24.83 56.14 1.62
CA THR B 642 -23.89 57.25 1.47
C THR B 642 -24.13 58.03 0.18
N ARG B 643 -24.51 57.36 -0.91
CA ARG B 643 -24.80 58.00 -2.18
C ARG B 643 -26.28 58.22 -2.42
N ALA B 644 -27.14 57.94 -1.44
CA ALA B 644 -28.57 57.90 -1.70
C ALA B 644 -29.08 59.22 -2.26
N ASP B 645 -28.52 60.35 -1.80
CA ASP B 645 -28.92 61.67 -2.29
C ASP B 645 -28.82 61.79 -3.81
N LYS B 646 -27.92 61.04 -4.43
CA LYS B 646 -27.78 61.11 -5.87
C LYS B 646 -28.65 60.08 -6.57
N LEU B 647 -29.72 59.63 -5.92
CA LEU B 647 -30.65 58.71 -6.56
C LEU B 647 -31.46 59.44 -7.61
N HIS B 648 -31.49 58.90 -8.82
CA HIS B 648 -32.20 59.49 -9.94
C HIS B 648 -32.98 58.42 -10.71
N GLY B 649 -34.19 58.74 -11.11
CA GLY B 649 -35.10 57.77 -11.69
C GLY B 649 -36.09 57.27 -10.66
N ASN B 650 -37.07 56.51 -11.14
CA ASN B 650 -38.20 56.05 -10.33
C ASN B 650 -37.91 54.65 -9.79
N LEU B 651 -37.76 54.53 -8.46
CA LEU B 651 -37.36 53.27 -7.85
C LEU B 651 -38.54 52.53 -7.21
N LEU B 652 -38.49 51.19 -7.31
CA LEU B 652 -39.40 50.27 -6.63
C LEU B 652 -38.60 49.33 -5.74
N LEU B 653 -38.87 49.38 -4.43
CA LEU B 653 -38.22 48.50 -3.46
C LEU B 653 -39.12 47.29 -3.25
N VAL B 654 -38.53 46.10 -3.26
CA VAL B 654 -39.27 44.84 -3.13
C VAL B 654 -38.55 43.93 -2.15
N HIS B 655 -39.25 43.52 -1.10
CA HIS B 655 -38.63 42.74 -0.04
C HIS B 655 -39.67 41.81 0.58
N GLY B 656 -39.20 40.64 1.04
CA GLY B 656 -40.01 39.78 1.90
C GLY B 656 -39.67 40.02 3.37
N MET B 657 -40.70 40.03 4.20
CA MET B 657 -40.45 40.47 5.56
C MET B 657 -39.85 39.38 6.42
N ALA B 658 -39.90 38.13 5.95
CA ALA B 658 -39.32 36.97 6.61
C ALA B 658 -37.97 36.59 6.02
N ASP B 659 -37.31 37.53 5.35
CA ASP B 659 -36.04 37.23 4.69
C ASP B 659 -34.97 36.98 5.75
N ASP B 660 -34.55 35.73 5.88
CA ASP B 660 -33.54 35.32 6.86
C ASP B 660 -32.13 35.45 6.31
N ASN B 661 -32.00 35.99 5.11
CA ASN B 661 -30.70 36.18 4.49
C ASN B 661 -30.32 37.65 4.45
N VAL B 662 -31.10 38.43 3.71
CA VAL B 662 -30.96 39.87 3.58
C VAL B 662 -32.12 40.45 4.35
N HIS B 663 -31.87 40.85 5.59
CA HIS B 663 -32.95 41.13 6.52
C HIS B 663 -33.86 42.23 5.98
N PHE B 664 -35.15 42.12 6.29
CA PHE B 664 -36.05 43.23 6.03
C PHE B 664 -35.49 44.55 6.57
N GLN B 665 -34.69 44.48 7.67
CA GLN B 665 -34.06 45.65 8.25
C GLN B 665 -33.35 46.52 7.21
N ASN B 666 -32.69 45.87 6.24
CA ASN B 666 -32.03 46.59 5.14
C ASN B 666 -32.97 47.57 4.48
N CYS B 667 -34.05 47.03 3.93
CA CYS B 667 -35.05 47.83 3.25
C CYS B 667 -35.74 48.83 4.18
N ALA B 668 -35.95 48.48 5.44
CA ALA B 668 -36.59 49.43 6.35
C ALA B 668 -35.70 50.65 6.60
N GLU B 669 -34.43 50.43 6.98
CA GLU B 669 -33.52 51.53 7.23
C GLU B 669 -33.32 52.37 5.98
N TYR B 670 -33.08 51.71 4.86
CA TYR B 670 -32.84 52.45 3.62
C TYR B 670 -34.05 53.29 3.23
N ALA B 671 -35.25 52.74 3.34
CA ALA B 671 -36.42 53.50 2.96
C ALA B 671 -36.55 54.73 3.86
N GLU B 672 -36.32 54.56 5.17
CA GLU B 672 -36.38 55.73 6.04
C GLU B 672 -35.39 56.80 5.59
N HIS B 673 -34.19 56.37 5.20
CA HIS B 673 -33.19 57.33 4.74
C HIS B 673 -33.68 58.08 3.51
N LEU B 674 -34.28 57.37 2.54
CA LEU B 674 -34.81 58.05 1.36
C LEU B 674 -35.94 59.01 1.73
N VAL B 675 -36.72 58.68 2.75
CA VAL B 675 -37.82 59.56 3.14
C VAL B 675 -37.26 60.86 3.70
N GLN B 676 -36.22 60.77 4.53
CA GLN B 676 -35.65 62.01 5.05
C GLN B 676 -34.99 62.80 3.93
N LEU B 677 -34.30 62.13 3.00
CA LEU B 677 -33.76 62.81 1.82
C LEU B 677 -34.85 63.40 0.93
N GLY B 678 -36.12 63.07 1.19
CA GLY B 678 -37.19 63.55 0.35
C GLY B 678 -37.30 62.89 -1.00
N LYS B 679 -36.67 61.74 -1.20
CA LYS B 679 -36.79 61.02 -2.46
C LYS B 679 -38.08 60.22 -2.50
N GLN B 680 -38.86 60.39 -3.57
CA GLN B 680 -40.08 59.60 -3.75
C GLN B 680 -39.74 58.27 -4.41
N PHE B 681 -40.27 57.19 -3.87
CA PHE B 681 -40.13 55.89 -4.49
C PHE B 681 -41.45 55.14 -4.31
N ASP B 682 -41.43 53.83 -4.51
CA ASP B 682 -42.61 52.99 -4.38
C ASP B 682 -42.18 51.72 -3.70
N MET B 683 -43.09 51.03 -3.04
CA MET B 683 -42.77 49.80 -2.31
C MET B 683 -43.68 48.63 -2.48
N GLN B 684 -43.21 47.44 -2.15
CA GLN B 684 -44.03 46.26 -2.17
C GLN B 684 -43.36 45.31 -1.21
N VAL B 685 -43.90 45.14 -0.02
CA VAL B 685 -43.32 44.21 0.93
C VAL B 685 -44.21 42.97 0.99
N TYR B 686 -43.58 41.81 1.05
CA TYR B 686 -44.31 40.56 1.10
C TYR B 686 -44.31 39.91 2.46
N THR B 687 -45.47 39.46 2.91
CA THR B 687 -45.61 38.90 4.24
C THR B 687 -45.21 37.48 4.40
N ASN B 688 -44.38 37.20 5.40
CA ASN B 688 -43.93 35.86 5.71
C ASN B 688 -43.10 35.26 4.62
N ARG B 689 -42.50 36.10 3.80
CA ARG B 689 -41.74 35.62 2.65
C ARG B 689 -40.24 35.79 2.86
N ASN B 690 -39.45 34.81 2.40
CA ASN B 690 -38.02 34.84 2.63
C ASN B 690 -37.29 35.41 1.41
N HIS B 691 -35.99 35.16 1.33
CA HIS B 691 -35.21 35.79 0.28
C HIS B 691 -35.69 35.38 -1.11
N GLY B 692 -36.41 34.26 -1.20
CA GLY B 692 -36.86 33.72 -2.47
C GLY B 692 -38.20 34.22 -2.91
N ILE B 693 -38.89 34.96 -2.03
CA ILE B 693 -40.21 35.55 -2.25
C ILE B 693 -41.36 34.84 -2.95
N TYR B 694 -41.65 33.61 -2.50
CA TYR B 694 -42.40 32.62 -3.26
C TYR B 694 -43.46 31.98 -2.34
N GLY B 695 -44.51 31.46 -2.98
CA GLY B 695 -45.54 30.75 -2.25
C GLY B 695 -46.95 31.11 -2.69
N GLY B 696 -47.73 30.11 -3.11
CA GLY B 696 -49.03 30.38 -3.67
C GLY B 696 -48.92 31.33 -4.86
N ASN B 697 -49.77 32.34 -4.90
CA ASN B 697 -49.73 33.26 -6.04
C ASN B 697 -48.62 34.29 -5.91
N THR B 698 -47.71 34.16 -4.94
CA THR B 698 -46.74 35.22 -4.71
C THR B 698 -45.93 35.52 -5.97
N ARG B 699 -45.46 34.50 -6.68
CA ARG B 699 -44.51 34.80 -7.76
C ARG B 699 -45.18 35.41 -8.99
N GLN B 700 -46.32 34.87 -9.41
CA GLN B 700 -47.08 35.50 -10.48
C GLN B 700 -47.46 36.92 -10.12
N HIS B 701 -47.66 37.22 -8.86
CA HIS B 701 -47.97 38.58 -8.44
C HIS B 701 -46.80 39.51 -8.53
N LEU B 702 -45.63 39.08 -8.07
CA LEU B 702 -44.44 39.87 -8.12
C LEU B 702 -44.04 40.19 -9.52
N TYR B 703 -44.19 39.23 -10.40
CA TYR B 703 -43.76 39.46 -11.73
C TYR B 703 -44.73 40.32 -12.46
N THR B 704 -46.02 40.18 -12.17
CA THR B 704 -46.94 41.15 -12.76
C THR B 704 -46.67 42.55 -12.22
N ARG B 705 -46.27 42.64 -10.95
CA ARG B 705 -45.92 43.93 -10.36
C ARG B 705 -44.68 44.53 -11.03
N LEU B 706 -43.64 43.71 -11.24
CA LEU B 706 -42.44 44.21 -11.91
C LEU B 706 -42.72 44.63 -13.36
N THR B 707 -43.49 43.82 -14.08
CA THR B 707 -43.91 44.18 -15.42
C THR B 707 -44.61 45.53 -15.43
N ASN B 708 -45.70 45.64 -14.64
CA ASN B 708 -46.48 46.88 -14.57
C ASN B 708 -45.62 48.08 -14.18
N PHE B 709 -44.73 47.91 -13.20
CA PHE B 709 -43.91 49.03 -12.77
C PHE B 709 -43.08 49.56 -13.93
N PHE B 710 -42.42 48.67 -14.66
CA PHE B 710 -41.62 49.17 -15.78
C PHE B 710 -42.48 49.71 -16.91
N LEU B 711 -43.69 49.15 -17.08
CA LEU B 711 -44.57 49.70 -18.11
C LEU B 711 -44.93 51.13 -17.78
N ASN B 712 -45.25 51.41 -16.52
CA ASN B 712 -45.67 52.75 -16.15
C ASN B 712 -44.51 53.74 -16.11
N ASN B 713 -43.31 53.31 -15.74
CA ASN B 713 -42.20 54.25 -15.72
C ASN B 713 -41.38 54.24 -17.01
N LEU B 714 -41.70 53.36 -17.97
CA LEU B 714 -41.03 53.28 -19.28
C LEU B 714 -39.54 52.99 -19.11
N LYS C 1 42.84 -86.47 -8.43
CA LYS C 1 43.29 -86.43 -9.81
C LYS C 1 43.35 -85.00 -10.40
N ALA C 2 42.27 -84.24 -10.33
CA ALA C 2 42.22 -82.94 -11.01
C ALA C 2 42.98 -81.86 -10.25
N LEU C 3 43.67 -80.99 -10.99
CA LEU C 3 44.47 -79.93 -10.39
C LEU C 3 43.57 -78.76 -10.00
N ASP C 4 43.60 -78.37 -8.72
CA ASP C 4 42.80 -77.26 -8.23
C ASP C 4 43.67 -76.01 -8.08
N LEU C 5 43.22 -74.91 -8.68
CA LEU C 5 43.94 -73.64 -8.57
C LEU C 5 44.17 -73.23 -7.12
N LYS C 6 43.21 -73.53 -6.23
CA LYS C 6 43.30 -73.18 -4.82
C LYS C 6 44.56 -73.77 -4.18
N ASP C 7 44.86 -75.04 -4.49
CA ASP C 7 46.07 -75.69 -3.97
C ASP C 7 47.33 -74.97 -4.46
N ILE C 8 47.30 -74.42 -5.67
CA ILE C 8 48.46 -73.73 -6.21
C ILE C 8 48.67 -72.39 -5.52
N THR C 9 47.62 -71.55 -5.53
CA THR C 9 47.74 -70.21 -4.94
C THR C 9 48.00 -70.29 -3.45
N SER C 10 47.55 -71.38 -2.81
CA SER C 10 47.83 -71.70 -1.42
C SER C 10 49.26 -72.16 -1.17
N GLY C 11 50.00 -72.51 -2.21
CA GLY C 11 51.33 -73.04 -1.97
C GLY C 11 51.33 -74.43 -1.39
N ARG C 12 50.26 -75.21 -1.65
CA ARG C 12 50.20 -76.58 -1.16
C ARG C 12 51.26 -77.47 -1.78
N PHE C 13 51.62 -77.20 -3.03
CA PHE C 13 52.64 -78.00 -3.71
C PHE C 13 54.03 -77.41 -3.55
N ARG C 14 54.19 -76.42 -2.68
CA ARG C 14 55.46 -75.75 -2.50
C ARG C 14 56.46 -76.74 -1.94
N PRO C 15 57.59 -76.99 -2.60
CA PRO C 15 58.54 -77.97 -2.09
C PRO C 15 59.12 -77.56 -0.75
N GLU C 16 59.21 -78.55 0.14
CA GLU C 16 59.96 -78.39 1.38
C GLU C 16 61.37 -77.90 1.08
N ASN C 17 61.96 -77.18 2.04
CA ASN C 17 63.28 -76.58 1.88
C ASN C 17 63.64 -75.96 3.23
N ILE C 18 64.96 -75.83 3.46
CA ILE C 18 65.47 -75.20 4.68
C ILE C 18 65.55 -73.70 4.50
N GLN C 19 64.96 -72.97 5.43
CA GLN C 19 64.98 -71.51 5.39
C GLN C 19 65.74 -71.00 6.59
N GLY C 20 66.28 -69.80 6.46
CA GLY C 20 67.06 -69.21 7.54
C GLY C 20 68.37 -69.90 7.83
N VAL C 21 69.07 -70.33 6.78
CA VAL C 21 70.35 -70.99 6.92
C VAL C 21 71.49 -69.99 6.90
N ILE C 22 72.18 -69.85 8.00
CA ILE C 22 73.30 -68.94 8.06
C ILE C 22 74.56 -69.70 8.42
N PRO C 23 75.58 -69.64 7.57
CA PRO C 23 76.91 -70.20 7.85
C PRO C 23 77.58 -69.68 9.13
N MET C 24 78.08 -70.54 10.03
CA MET C 24 78.74 -70.01 11.19
C MET C 24 80.16 -69.53 10.85
N PRO C 25 80.69 -68.54 11.61
CA PRO C 25 82.07 -68.13 11.36
C PRO C 25 83.17 -69.17 11.41
N ASP C 26 82.94 -70.32 12.02
CA ASP C 26 83.95 -71.38 12.14
C ASP C 26 84.39 -72.04 10.87
N GLY C 27 83.47 -72.25 9.97
CA GLY C 27 83.82 -72.85 8.71
C GLY C 27 83.39 -74.28 8.66
N GLU C 28 82.83 -74.75 9.75
CA GLU C 28 82.48 -76.17 9.78
C GLU C 28 81.02 -76.42 10.11
N HIS C 29 80.29 -75.44 10.64
CA HIS C 29 78.87 -75.58 10.94
C HIS C 29 78.08 -74.55 10.17
N TYR C 30 76.77 -74.78 10.11
CA TYR C 30 75.78 -73.77 9.72
C TYR C 30 74.69 -73.74 10.77
N THR C 31 73.87 -72.70 10.77
CA THR C 31 72.72 -72.66 11.66
C THR C 31 71.47 -72.47 10.82
N GLN C 32 70.34 -72.88 11.39
CA GLN C 32 69.06 -72.59 10.79
C GLN C 32 68.05 -72.33 11.90
N MET C 33 67.02 -71.57 11.57
CA MET C 33 65.97 -71.31 12.52
C MET C 33 65.00 -72.45 12.51
N SER C 34 64.26 -72.58 13.60
CA SER C 34 63.27 -73.62 13.70
C SER C 34 62.05 -73.19 12.97
N ALA C 35 61.16 -74.12 12.69
CA ALA C 35 59.92 -73.80 12.04
C ALA C 35 59.12 -72.90 12.94
N ASP C 36 59.18 -73.15 14.23
CA ASP C 36 58.46 -72.35 15.20
C ASP C 36 58.91 -70.92 15.19
N GLY C 37 60.19 -70.70 14.97
CA GLY C 37 60.74 -69.37 15.06
C GLY C 37 61.17 -69.16 16.47
N THR C 38 61.18 -70.23 17.25
CA THR C 38 61.59 -70.15 18.62
C THR C 38 63.04 -70.47 18.84
N GLN C 39 63.70 -71.03 17.85
CA GLN C 39 65.06 -71.47 18.05
C GLN C 39 66.04 -71.41 16.91
N ILE C 40 67.28 -71.08 17.20
CA ILE C 40 68.36 -71.17 16.24
C ILE C 40 69.17 -72.40 16.63
N ILE C 41 69.19 -73.39 15.73
CA ILE C 41 69.84 -74.66 15.95
C ILE C 41 71.06 -74.75 15.04
N LYS C 42 72.18 -75.22 15.61
CA LYS C 42 73.46 -75.33 14.92
C LYS C 42 73.67 -76.76 14.42
N TYR C 43 73.82 -76.90 13.12
CA TYR C 43 74.04 -78.21 12.54
C TYR C 43 75.42 -78.29 11.94
N SER C 44 75.79 -79.47 11.47
CA SER C 44 77.14 -79.68 10.95
C SER C 44 77.24 -79.83 9.48
N PHE C 45 78.17 -79.12 8.89
CA PHE C 45 78.37 -79.21 7.47
C PHE C 45 78.85 -80.55 6.97
N ARG C 46 79.73 -81.19 7.70
CA ARG C 46 80.32 -82.42 7.21
C ARG C 46 79.41 -83.59 7.31
N THR C 47 78.51 -83.54 8.26
CA THR C 47 77.68 -84.72 8.47
C THR C 47 76.18 -84.46 8.47
N GLY C 48 75.74 -83.22 8.61
CA GLY C 48 74.32 -82.97 8.73
C GLY C 48 73.77 -83.16 10.13
N GLU C 49 74.60 -83.59 11.07
CA GLU C 49 74.13 -83.82 12.44
C GLU C 49 73.68 -82.52 13.09
N LYS C 50 72.63 -82.59 13.89
CA LYS C 50 72.35 -81.49 14.80
C LYS C 50 73.42 -81.50 15.88
N VAL C 51 73.92 -80.33 16.22
CA VAL C 51 74.91 -80.18 17.26
C VAL C 51 74.28 -79.70 18.56
N GLU C 52 73.54 -78.60 18.51
CA GLU C 52 72.80 -78.13 19.69
C GLU C 52 71.95 -76.94 19.29
N VAL C 53 71.04 -76.56 20.17
CA VAL C 53 70.27 -75.39 19.94
C VAL C 53 71.09 -74.33 20.62
N ILE C 54 71.48 -73.30 19.89
CA ILE C 54 72.26 -72.22 20.45
C ILE C 54 71.43 -71.06 20.98
N PHE C 55 70.20 -70.94 20.51
CA PHE C 55 69.30 -69.92 21.00
C PHE C 55 67.90 -70.43 21.08
N ASP C 56 67.20 -70.05 22.12
CA ASP C 56 65.83 -70.50 22.36
C ASP C 56 65.06 -69.38 23.04
N VAL C 57 63.89 -69.07 22.51
CA VAL C 57 63.08 -67.98 23.06
C VAL C 57 62.65 -68.31 24.48
N ASN C 58 62.17 -69.52 24.70
CA ASN C 58 61.68 -69.92 26.01
C ASN C 58 62.79 -70.23 27.00
N GLN C 59 64.04 -69.93 26.65
CA GLN C 59 65.18 -70.22 27.51
C GLN C 59 66.02 -69.01 27.84
N ALA C 60 65.97 -67.96 27.01
CA ALA C 60 66.77 -66.78 27.30
C ALA C 60 66.21 -66.09 28.54
N ARG C 61 67.00 -65.15 29.03
CA ARG C 61 66.54 -64.37 30.14
C ARG C 61 66.35 -62.98 29.57
N GLU C 62 65.36 -62.25 30.07
CA GLU C 62 65.04 -60.92 29.57
C GLU C 62 64.55 -60.92 28.13
N CYS C 63 63.98 -62.03 27.68
CA CYS C 63 63.47 -62.13 26.32
C CYS C 63 61.99 -61.92 26.39
N ASP C 64 61.54 -60.73 26.04
CA ASP C 64 60.10 -60.48 26.03
C ASP C 64 59.41 -61.10 24.81
N PHE C 65 59.99 -60.96 23.62
CA PHE C 65 59.32 -61.48 22.43
C PHE C 65 59.21 -63.00 22.51
N LYS C 66 58.44 -63.58 21.60
CA LYS C 66 58.42 -65.03 21.49
C LYS C 66 58.49 -65.50 20.04
N ASN C 67 58.76 -64.61 19.10
CA ASN C 67 59.12 -64.96 17.73
C ASN C 67 60.14 -63.95 17.22
N PHE C 68 61.08 -64.44 16.43
CA PHE C 68 61.99 -63.56 15.73
C PHE C 68 61.99 -63.96 14.26
N ASP C 69 62.48 -63.06 13.41
CA ASP C 69 62.39 -63.20 11.96
C ASP C 69 63.70 -63.52 11.27
N SER C 70 64.82 -63.08 11.81
CA SER C 70 66.09 -63.23 11.12
C SER C 70 67.18 -62.97 12.15
N TYR C 71 68.41 -63.32 11.78
CA TYR C 71 69.55 -63.15 12.67
C TYR C 71 70.85 -63.24 11.87
N GLN C 72 71.90 -62.64 12.43
CA GLN C 72 73.26 -62.72 11.93
C GLN C 72 74.20 -62.92 13.11
N PHE C 73 75.42 -63.37 12.80
CA PHE C 73 76.47 -63.55 13.79
C PHE C 73 77.41 -62.34 13.80
N SER C 74 78.08 -62.12 14.93
CA SER C 74 79.25 -61.25 14.95
C SER C 74 80.43 -61.98 14.28
N PRO C 75 81.38 -61.23 13.72
CA PRO C 75 82.41 -61.86 12.87
C PRO C 75 83.10 -63.09 13.47
N ASP C 76 83.23 -63.15 14.80
CA ASP C 76 83.89 -64.24 15.50
C ASP C 76 82.93 -65.27 16.09
N GLY C 77 81.62 -65.03 16.02
CA GLY C 77 80.64 -66.05 16.36
C GLY C 77 80.31 -66.19 17.81
N ASP C 78 80.55 -65.17 18.63
CA ASP C 78 80.19 -65.20 20.05
C ASP C 78 78.94 -64.37 20.39
N LYS C 79 78.54 -63.44 19.52
CA LYS C 79 77.31 -62.68 19.67
C LYS C 79 76.33 -63.04 18.57
N LEU C 80 75.06 -62.74 18.81
CA LEU C 80 74.04 -62.80 17.78
C LEU C 80 73.34 -61.47 17.73
N LEU C 81 73.05 -61.00 16.52
CA LEU C 81 72.09 -59.94 16.31
C LEU C 81 70.81 -60.58 15.78
N ILE C 82 69.74 -60.50 16.57
CA ILE C 82 68.47 -61.15 16.29
C ILE C 82 67.43 -60.07 16.04
N ALA C 83 66.76 -60.16 14.88
CA ALA C 83 65.82 -59.14 14.42
C ALA C 83 64.38 -59.58 14.69
N THR C 84 63.58 -58.66 15.23
CA THR C 84 62.18 -58.91 15.55
C THR C 84 61.30 -57.83 14.97
N ARG C 85 60.01 -58.12 14.82
CA ARG C 85 59.03 -57.11 14.41
C ARG C 85 59.40 -56.50 13.06
N THR C 86 59.80 -57.35 12.12
CA THR C 86 60.36 -56.86 10.87
C THR C 86 59.24 -56.28 10.03
N THR C 87 59.43 -55.03 9.60
CA THR C 87 58.40 -54.25 8.92
C THR C 87 58.93 -53.75 7.59
N PRO C 88 58.39 -54.22 6.48
CA PRO C 88 58.87 -53.79 5.17
C PRO C 88 58.60 -52.31 4.89
N ILE C 89 59.53 -51.72 4.15
CA ILE C 89 59.39 -50.36 3.62
C ILE C 89 59.28 -50.50 2.10
N TYR C 90 60.38 -50.88 1.46
CA TYR C 90 60.31 -51.31 0.08
C TYR C 90 60.67 -52.78 -0.02
N ARG C 91 61.12 -53.21 -1.21
CA ARG C 91 61.43 -54.60 -1.45
C ARG C 91 62.66 -55.04 -0.69
N HIS C 92 63.62 -54.16 -0.50
CA HIS C 92 64.84 -54.55 0.18
C HIS C 92 64.97 -53.97 1.58
N SER C 93 64.43 -52.78 1.81
CA SER C 93 64.56 -52.17 3.12
C SER C 93 63.39 -52.57 4.04
N TYR C 94 63.64 -52.42 5.33
CA TYR C 94 62.77 -52.82 6.41
C TYR C 94 63.31 -52.18 7.69
N THR C 95 62.43 -51.98 8.66
CA THR C 95 62.86 -51.71 10.02
C THR C 95 62.69 -52.97 10.83
N ALA C 96 63.40 -53.03 11.95
CA ALA C 96 63.25 -54.14 12.90
C ALA C 96 63.78 -53.68 14.25
N VAL C 97 63.49 -54.50 15.27
CA VAL C 97 63.92 -54.30 16.65
C VAL C 97 64.92 -55.41 16.95
N HIS C 98 66.17 -55.03 17.16
CA HIS C 98 67.26 -56.01 17.19
C HIS C 98 67.75 -56.21 18.62
N TYR C 99 68.08 -57.46 18.94
CA TYR C 99 68.62 -57.82 20.23
C TYR C 99 70.00 -58.46 20.05
N ILE C 100 70.88 -58.16 21.00
CA ILE C 100 72.20 -58.77 21.08
C ILE C 100 72.13 -59.89 22.09
N TYR C 101 72.51 -61.09 21.66
CA TYR C 101 72.47 -62.22 22.56
C TYR C 101 73.85 -62.84 22.59
N PRO C 102 74.53 -62.88 23.74
CA PRO C 102 75.88 -63.47 23.77
C PRO C 102 75.79 -65.00 23.86
N LEU C 103 76.79 -65.66 23.27
CA LEU C 103 76.75 -67.11 23.16
C LEU C 103 77.60 -67.83 24.22
N LYS C 104 78.03 -67.14 25.27
CA LYS C 104 78.83 -67.78 26.32
C LYS C 104 78.11 -68.98 26.92
N ARG C 105 78.87 -70.03 27.24
CA ARG C 105 78.29 -71.23 27.83
C ARG C 105 78.23 -71.08 29.35
N ASN C 106 77.12 -71.52 29.96
CA ASN C 106 76.92 -71.30 31.38
C ASN C 106 77.33 -72.53 32.18
N ASP C 107 77.01 -72.52 33.48
CA ASP C 107 77.45 -73.55 34.40
C ASP C 107 76.64 -74.84 34.29
N LYS C 108 75.84 -74.97 33.24
CA LYS C 108 75.17 -76.23 32.97
C LYS C 108 75.52 -76.76 31.59
N GLY C 109 76.44 -76.10 30.88
CA GLY C 109 76.92 -76.58 29.61
C GLY C 109 76.17 -76.12 28.38
N VAL C 110 75.26 -75.14 28.51
CA VAL C 110 74.41 -74.68 27.41
C VAL C 110 74.67 -73.21 27.12
N THR C 111 74.19 -72.79 25.95
CA THR C 111 74.31 -71.42 25.49
C THR C 111 72.98 -70.67 25.52
N THR C 112 71.90 -71.35 25.95
CA THR C 112 70.54 -70.88 25.73
C THR C 112 69.98 -70.09 26.89
N ASN C 113 70.68 -69.97 28.01
CA ASN C 113 70.15 -69.32 29.21
C ASN C 113 70.81 -67.96 29.51
N ASN C 114 71.08 -67.17 28.48
CA ASN C 114 71.80 -65.91 28.69
C ASN C 114 70.85 -64.72 28.61
N ILE C 115 71.34 -63.57 29.03
CA ILE C 115 70.51 -62.37 29.05
C ILE C 115 70.51 -61.59 27.76
N ILE C 116 69.35 -61.48 27.15
CA ILE C 116 69.21 -60.71 25.93
C ILE C 116 69.32 -59.24 26.19
N GLU C 117 69.87 -58.52 25.23
CA GLU C 117 70.05 -57.11 25.39
C GLU C 117 69.48 -56.45 24.17
N ARG C 118 68.99 -55.24 24.32
CA ARG C 118 68.47 -54.48 23.19
C ARG C 118 69.55 -53.76 22.44
N LEU C 119 69.47 -53.73 21.13
CA LEU C 119 70.45 -52.96 20.35
C LEU C 119 70.34 -51.47 20.68
N SER C 120 69.13 -50.97 20.87
CA SER C 120 68.92 -49.53 21.10
C SER C 120 67.71 -49.30 22.01
N ASP C 121 67.76 -48.18 22.73
CA ASP C 121 66.66 -47.74 23.57
C ASP C 121 65.59 -46.99 22.79
N GLY C 122 65.95 -46.36 21.68
CA GLY C 122 65.00 -45.72 20.80
C GLY C 122 64.21 -46.70 19.95
N GLY C 123 63.66 -46.23 18.85
CA GLY C 123 62.76 -47.02 18.06
C GLY C 123 63.45 -48.02 17.15
N PRO C 124 62.65 -48.64 16.27
CA PRO C 124 63.18 -49.72 15.42
C PRO C 124 64.35 -49.24 14.59
N GLN C 125 65.15 -50.20 14.12
CA GLN C 125 66.42 -49.89 13.48
C GLN C 125 66.49 -50.51 12.08
N GLN C 126 67.37 -49.95 11.26
CA GLN C 126 67.58 -50.41 9.89
C GLN C 126 69.04 -50.81 9.68
N VAL C 127 69.23 -51.78 8.78
CA VAL C 127 70.52 -52.27 8.29
C VAL C 127 71.65 -52.31 9.34
N PRO C 128 71.45 -52.87 10.53
CA PRO C 128 72.55 -52.92 11.50
C PRO C 128 73.65 -53.82 10.99
N VAL C 129 74.91 -53.41 11.21
CA VAL C 129 76.09 -54.13 10.69
C VAL C 129 77.21 -54.09 11.72
N PHE C 130 77.78 -55.26 12.01
CA PHE C 130 78.91 -55.38 12.93
C PHE C 130 80.19 -54.80 12.32
N SER C 131 81.04 -54.26 13.20
CA SER C 131 82.41 -53.93 12.83
C SER C 131 83.24 -55.21 12.71
N PRO C 132 84.41 -55.14 12.06
CA PRO C 132 85.20 -56.37 11.85
C PRO C 132 85.61 -57.10 13.13
N ASP C 133 85.81 -56.41 14.24
CA ASP C 133 86.18 -57.08 15.48
C ASP C 133 84.97 -57.45 16.34
N GLY C 134 83.75 -57.16 15.89
CA GLY C 134 82.57 -57.54 16.62
C GLY C 134 82.24 -56.65 17.80
N THR C 135 83.00 -55.56 18.00
CA THR C 135 82.82 -54.74 19.18
C THR C 135 81.81 -53.62 18.99
N MET C 136 81.30 -53.44 17.78
CA MET C 136 80.47 -52.28 17.48
C MET C 136 79.40 -52.66 16.47
N ILE C 137 78.28 -51.96 16.54
CA ILE C 137 77.25 -52.07 15.52
C ILE C 137 76.81 -50.66 15.14
N ALA C 138 76.82 -50.37 13.86
CA ALA C 138 76.19 -49.18 13.32
C ALA C 138 74.86 -49.59 12.70
N PHE C 139 73.87 -48.73 12.86
CA PHE C 139 72.58 -48.91 12.19
C PHE C 139 72.09 -47.56 11.72
N VAL C 140 70.92 -47.55 11.10
CA VAL C 140 70.30 -46.32 10.64
C VAL C 140 68.87 -46.28 11.17
N ARG C 141 68.47 -45.12 11.66
CA ARG C 141 67.13 -44.86 12.13
C ARG C 141 66.79 -43.42 11.77
N ASP C 142 65.60 -43.21 11.21
CA ASP C 142 65.16 -41.86 10.82
C ASP C 142 66.21 -41.17 9.95
N ASN C 143 66.76 -41.93 9.00
CA ASN C 143 67.70 -41.40 8.03
C ASN C 143 69.00 -40.91 8.66
N ASN C 144 69.28 -41.30 9.92
CA ASN C 144 70.51 -40.94 10.60
C ASN C 144 71.25 -42.20 11.04
N ILE C 145 72.58 -42.08 11.22
CA ILE C 145 73.45 -43.20 11.52
C ILE C 145 73.77 -43.21 13.01
N PHE C 146 73.61 -44.36 13.64
CA PHE C 146 73.87 -44.48 15.05
C PHE C 146 74.89 -45.57 15.28
N LEU C 147 75.74 -45.39 16.28
CA LEU C 147 76.76 -46.38 16.62
C LEU C 147 76.68 -46.87 18.03
N VAL C 148 76.69 -48.17 18.19
CA VAL C 148 76.66 -48.75 19.49
C VAL C 148 77.96 -49.45 19.83
N LYS C 149 78.60 -49.05 20.90
CA LYS C 149 79.82 -49.69 21.38
C LYS C 149 79.45 -50.78 22.38
N LEU C 150 79.70 -52.03 22.01
CA LEU C 150 79.34 -53.15 22.87
C LEU C 150 80.37 -53.40 23.97
N LEU C 151 81.58 -52.91 23.81
CA LEU C 151 82.51 -53.03 24.92
C LEU C 151 82.27 -51.97 26.00
N TYR C 152 81.35 -51.03 25.77
CA TYR C 152 81.05 -49.95 26.67
C TYR C 152 79.59 -50.04 27.15
N GLY C 153 79.15 -51.25 27.46
CA GLY C 153 77.77 -51.46 27.89
C GLY C 153 76.78 -50.92 26.87
N ASN C 154 77.00 -51.24 25.60
CA ASN C 154 76.12 -50.84 24.50
C ASN C 154 75.86 -49.33 24.52
N SER C 155 76.94 -48.57 24.56
CA SER C 155 76.86 -47.11 24.56
C SER C 155 76.49 -46.63 23.16
N GLU C 156 75.39 -45.87 23.05
CA GLU C 156 74.87 -45.40 21.76
C GLU C 156 75.23 -43.93 21.53
N SER C 157 75.69 -43.63 20.31
CA SER C 157 76.03 -42.28 19.88
C SER C 157 75.41 -42.03 18.51
N GLN C 158 75.19 -40.75 18.19
CA GLN C 158 74.52 -40.36 16.95
C GLN C 158 75.56 -39.77 15.99
N VAL C 159 75.84 -40.50 14.90
CA VAL C 159 76.93 -40.17 13.99
C VAL C 159 76.56 -39.11 12.96
N THR C 160 75.27 -38.98 12.68
CA THR C 160 74.78 -38.01 11.73
C THR C 160 73.53 -37.35 12.27
N GLU C 161 73.32 -36.08 11.93
CA GLU C 161 72.15 -35.34 12.42
C GLU C 161 71.35 -34.64 11.32
N ASP C 162 71.70 -34.88 10.07
CA ASP C 162 71.05 -34.18 8.97
C ASP C 162 69.87 -34.83 8.28
N GLY C 163 69.59 -36.07 8.60
CA GLY C 163 68.54 -36.78 7.91
C GLY C 163 67.14 -36.29 8.02
N LYS C 164 66.43 -36.30 6.91
CA LYS C 164 65.04 -35.93 6.91
C LYS C 164 64.36 -36.77 5.87
N GLN C 165 63.11 -37.11 6.12
CA GLN C 165 62.37 -37.89 5.18
C GLN C 165 62.18 -37.08 3.94
N ASN C 166 62.40 -37.70 2.79
CA ASN C 166 62.27 -37.02 1.53
C ASN C 166 63.25 -35.89 1.28
N SER C 167 64.38 -35.91 1.97
CA SER C 167 65.41 -34.88 1.80
C SER C 167 66.80 -35.45 1.83
N VAL C 168 67.22 -35.88 3.00
CA VAL C 168 68.55 -36.43 3.18
C VAL C 168 68.54 -37.79 3.83
N LEU C 169 69.23 -38.75 3.22
CA LEU C 169 69.31 -40.09 3.78
C LEU C 169 70.74 -40.44 4.04
N ASN C 170 71.01 -40.93 5.23
CA ASN C 170 72.37 -41.27 5.59
C ASN C 170 72.57 -42.76 5.81
N GLY C 171 73.33 -43.38 4.93
CA GLY C 171 73.56 -44.79 5.04
C GLY C 171 72.67 -45.74 4.29
N ILE C 172 71.54 -45.25 3.84
CA ILE C 172 70.59 -46.13 3.16
C ILE C 172 70.23 -45.49 1.82
N PRO C 173 70.07 -46.29 0.78
CA PRO C 173 69.75 -45.73 -0.55
C PRO C 173 68.33 -45.17 -0.61
N ASP C 174 68.13 -44.24 -1.55
CA ASP C 174 66.79 -43.78 -1.86
C ASP C 174 66.02 -44.88 -2.59
N TRP C 175 64.77 -44.61 -2.94
CA TRP C 175 63.90 -45.64 -3.51
C TRP C 175 64.54 -46.29 -4.73
N VAL C 176 64.96 -45.47 -5.69
CA VAL C 176 65.35 -45.99 -7.00
C VAL C 176 66.70 -46.71 -6.92
N TYR C 177 67.63 -46.19 -6.11
CA TYR C 177 68.89 -46.90 -5.92
C TYR C 177 68.62 -48.28 -5.36
N GLU C 178 67.81 -48.33 -4.28
CA GLU C 178 67.47 -49.57 -3.63
C GLU C 178 66.90 -50.58 -4.60
N GLU C 179 66.03 -50.22 -5.49
CA GLU C 179 65.46 -51.18 -6.39
C GLU C 179 66.35 -51.57 -7.53
N GLU C 180 66.84 -50.58 -8.25
CA GLU C 180 67.59 -50.87 -9.43
C GLU C 180 69.09 -51.09 -9.31
N PHE C 181 69.69 -50.75 -8.19
CA PHE C 181 71.11 -51.07 -7.99
C PHE C 181 71.21 -52.18 -6.98
N GLY C 182 70.09 -52.71 -6.55
CA GLY C 182 70.06 -53.83 -5.62
C GLY C 182 70.61 -53.90 -4.23
N PHE C 183 70.40 -52.86 -3.43
CA PHE C 183 70.97 -52.81 -2.10
C PHE C 183 70.13 -52.09 -1.08
N ASN C 184 70.35 -52.37 0.19
CA ASN C 184 69.64 -51.68 1.26
C ASN C 184 70.55 -50.92 2.19
N ARG C 185 71.85 -51.07 2.00
CA ARG C 185 72.81 -50.47 2.92
C ARG C 185 73.98 -49.88 2.16
N ALA C 186 74.39 -48.68 2.57
CA ALA C 186 75.60 -48.02 2.08
C ALA C 186 76.36 -47.50 3.28
N LEU C 187 76.82 -48.43 4.11
CA LEU C 187 77.32 -48.11 5.45
C LEU C 187 78.34 -49.17 5.84
N GLU C 188 79.59 -48.77 6.07
CA GLU C 188 80.71 -49.69 6.17
C GLU C 188 81.63 -49.32 7.33
N PHE C 189 82.23 -50.35 7.94
CA PHE C 189 83.33 -50.16 8.89
C PHE C 189 84.67 -50.35 8.17
N SER C 190 85.70 -49.69 8.67
CA SER C 190 87.01 -49.87 8.08
C SER C 190 87.70 -51.11 8.66
N ALA C 191 88.71 -51.60 7.94
CA ALA C 191 89.35 -52.87 8.30
C ALA C 191 89.87 -52.88 9.74
N ASP C 192 90.36 -51.74 10.24
CA ASP C 192 90.97 -51.65 11.56
C ASP C 192 90.02 -51.15 12.63
N ASN C 193 88.72 -51.04 12.33
CA ASN C 193 87.71 -50.62 13.29
C ASN C 193 87.91 -49.19 13.80
N THR C 194 88.56 -48.30 13.01
CA THR C 194 88.68 -46.90 13.41
C THR C 194 87.79 -45.90 12.65
N MET C 195 87.26 -46.26 11.49
CA MET C 195 86.46 -45.35 10.69
C MET C 195 85.14 -46.01 10.32
N ILE C 196 84.10 -45.17 10.15
CA ILE C 196 82.84 -45.53 9.48
C ILE C 196 82.74 -44.72 8.19
N ALA C 197 82.27 -45.34 7.10
CA ALA C 197 82.03 -44.60 5.87
C ALA C 197 80.65 -44.90 5.32
N PHE C 198 80.04 -43.90 4.69
CA PHE C 198 78.65 -44.03 4.26
C PHE C 198 78.38 -43.13 3.05
N ILE C 199 77.35 -43.47 2.30
CA ILE C 199 76.87 -42.58 1.27
C ILE C 199 75.78 -41.71 1.88
N ARG C 200 75.69 -40.49 1.37
CA ARG C 200 74.69 -39.51 1.78
C ARG C 200 73.93 -39.10 0.54
N PHE C 201 72.61 -39.25 0.59
CA PHE C 201 71.74 -38.96 -0.53
C PHE C 201 70.95 -37.70 -0.20
N ASP C 202 71.29 -36.59 -0.87
CA ASP C 202 70.41 -35.43 -0.96
C ASP C 202 69.37 -35.76 -2.02
N GLU C 203 68.15 -36.07 -1.61
CA GLU C 203 67.08 -36.33 -2.57
C GLU C 203 66.08 -35.21 -2.61
N SER C 204 66.43 -34.08 -2.04
CA SER C 204 65.53 -32.95 -1.92
C SER C 204 65.12 -32.30 -3.20
N GLU C 205 65.85 -32.57 -4.25
CA GLU C 205 65.50 -31.99 -5.52
C GLU C 205 64.94 -33.04 -6.43
N VAL C 206 64.64 -34.20 -5.85
CA VAL C 206 64.04 -35.25 -6.61
C VAL C 206 62.51 -35.08 -6.59
N PRO C 207 61.85 -35.38 -7.74
CA PRO C 207 60.42 -35.22 -7.71
C PRO C 207 59.67 -36.09 -6.74
N SER C 208 58.55 -35.58 -6.26
CA SER C 208 57.76 -36.32 -5.33
C SER C 208 56.56 -36.95 -5.99
N TYR C 209 56.31 -38.21 -5.69
CA TYR C 209 55.16 -38.88 -6.23
C TYR C 209 54.31 -39.30 -5.08
N SER C 210 53.02 -39.24 -5.27
CA SER C 210 52.06 -39.66 -4.26
C SER C 210 50.91 -40.44 -4.90
N PHE C 211 50.37 -41.41 -4.18
CA PHE C 211 49.17 -42.09 -4.65
C PHE C 211 48.20 -42.33 -3.49
N PRO C 212 46.90 -42.44 -3.78
CA PRO C 212 45.92 -42.62 -2.71
C PRO C 212 46.02 -43.96 -2.02
N MET C 213 45.68 -43.94 -0.74
CA MET C 213 45.48 -45.12 0.10
C MET C 213 44.05 -45.11 0.59
N PHE C 214 43.39 -46.26 0.49
CA PHE C 214 42.07 -46.45 1.04
C PHE C 214 42.15 -47.37 2.25
N ALA C 215 40.99 -47.71 2.79
CA ALA C 215 40.99 -48.64 3.90
C ALA C 215 41.36 -50.04 3.40
N GLY C 216 40.72 -50.48 2.31
CA GLY C 216 40.92 -51.80 1.81
C GLY C 216 40.69 -52.84 2.90
N GLU C 217 41.04 -54.08 2.54
CA GLU C 217 41.11 -55.19 3.48
C GLU C 217 42.43 -55.92 3.31
N ALA C 218 42.75 -56.78 4.28
CA ALA C 218 43.90 -57.66 4.31
C ALA C 218 45.14 -56.95 3.79
N PRO C 219 45.71 -56.02 4.56
CA PRO C 219 45.27 -55.52 5.87
C PRO C 219 44.22 -54.43 5.70
N GLN C 220 43.32 -54.18 6.65
CA GLN C 220 42.48 -53.00 6.56
C GLN C 220 43.12 -51.84 7.31
N ILE C 221 43.25 -50.72 6.61
CA ILE C 221 43.91 -49.53 7.14
C ILE C 221 42.85 -48.66 7.80
N THR C 222 42.42 -49.07 8.99
CA THR C 222 41.25 -48.54 9.69
C THR C 222 41.16 -47.02 9.84
N PRO C 223 42.24 -46.26 10.01
CA PRO C 223 42.10 -44.80 10.04
C PRO C 223 41.58 -44.20 8.73
N LEU C 224 41.59 -44.96 7.65
CA LEU C 224 41.09 -44.49 6.36
C LEU C 224 39.68 -44.98 6.08
N LYS C 225 38.98 -45.52 7.10
CA LYS C 225 37.65 -46.08 6.90
C LYS C 225 36.65 -45.05 6.36
N ASP C 226 36.76 -43.78 6.76
CA ASP C 226 35.87 -42.78 6.19
C ASP C 226 36.52 -41.95 5.10
N TYR C 227 37.68 -41.37 5.40
CA TYR C 227 38.40 -40.53 4.48
C TYR C 227 39.71 -41.17 4.05
N PRO C 228 40.04 -41.11 2.77
CA PRO C 228 41.27 -41.73 2.29
C PRO C 228 42.52 -40.98 2.75
N GLY C 229 43.66 -41.68 2.66
CA GLY C 229 44.99 -41.13 2.86
C GLY C 229 45.86 -41.21 1.62
N GLU C 230 47.17 -41.03 1.77
CA GLU C 230 48.04 -41.16 0.60
C GLU C 230 49.44 -41.57 1.03
N TYR C 231 50.20 -42.11 0.06
CA TYR C 231 51.62 -42.36 0.24
C TYR C 231 52.43 -41.38 -0.61
N THR C 232 53.47 -40.80 -0.02
CA THR C 232 54.34 -39.81 -0.67
C THR C 232 55.80 -40.23 -0.55
N TYR C 233 56.51 -40.28 -1.68
CA TYR C 233 57.94 -40.56 -1.67
C TYR C 233 58.58 -39.95 -2.92
N LYS C 234 59.90 -39.88 -2.91
CA LYS C 234 60.64 -39.38 -4.06
C LYS C 234 60.89 -40.52 -5.05
N TYR C 235 60.57 -40.29 -6.31
CA TYR C 235 60.66 -41.30 -7.35
C TYR C 235 60.95 -40.54 -8.66
N PRO C 236 62.21 -40.70 -9.16
CA PRO C 236 62.60 -39.98 -10.34
C PRO C 236 62.29 -40.69 -11.63
N LYS C 237 61.47 -40.07 -12.44
CA LYS C 237 61.12 -40.63 -13.71
C LYS C 237 62.17 -40.35 -14.71
N ALA C 238 62.10 -40.99 -15.85
CA ALA C 238 63.16 -40.87 -16.82
C ALA C 238 63.53 -39.47 -17.25
N GLY C 239 64.81 -39.17 -17.17
CA GLY C 239 65.32 -37.87 -17.52
C GLY C 239 65.27 -36.86 -16.43
N TYR C 240 64.67 -37.20 -15.32
CA TYR C 240 64.49 -36.27 -14.25
C TYR C 240 65.63 -36.35 -13.29
N PRO C 241 65.73 -35.34 -12.39
CA PRO C 241 66.89 -35.41 -11.51
C PRO C 241 67.02 -36.52 -10.45
N ASN C 242 68.19 -37.11 -10.35
CA ASN C 242 68.47 -38.14 -9.35
C ASN C 242 69.08 -37.56 -8.10
N SER C 243 69.25 -38.38 -7.09
CA SER C 243 69.83 -37.91 -5.84
C SER C 243 71.25 -37.49 -5.94
N LYS C 244 71.58 -36.42 -5.25
CA LYS C 244 72.94 -35.97 -5.20
C LYS C 244 73.63 -36.81 -4.18
N VAL C 245 74.74 -37.42 -4.55
CA VAL C 245 75.39 -38.34 -3.65
C VAL C 245 76.79 -38.03 -3.27
N GLU C 246 77.13 -38.26 -2.00
CA GLU C 246 78.49 -38.09 -1.55
C GLU C 246 78.92 -39.13 -0.57
N VAL C 247 80.21 -39.44 -0.55
CA VAL C 247 80.75 -40.40 0.40
C VAL C 247 81.47 -39.69 1.53
N ARG C 248 81.03 -39.96 2.74
CA ARG C 248 81.60 -39.33 3.90
C ARG C 248 82.14 -40.35 4.88
N THR C 249 83.08 -39.94 5.73
CA THR C 249 83.69 -40.82 6.72
C THR C 249 83.60 -40.16 8.09
N TYR C 250 83.45 -41.00 9.12
CA TYR C 250 83.37 -40.58 10.52
C TYR C 250 84.50 -41.25 11.27
N ASP C 251 85.40 -40.43 11.81
CA ASP C 251 86.51 -40.83 12.66
C ASP C 251 85.96 -41.17 14.04
N ILE C 252 85.85 -42.48 14.34
CA ILE C 252 85.22 -42.93 15.59
C ILE C 252 85.89 -42.28 16.79
N LYS C 253 87.22 -42.23 16.79
CA LYS C 253 87.93 -41.74 17.96
C LYS C 253 87.75 -40.22 18.13
N SER C 254 87.77 -39.48 17.03
CA SER C 254 87.72 -38.04 17.10
C SER C 254 86.42 -37.38 16.75
N HIS C 255 85.41 -38.17 16.39
CA HIS C 255 84.11 -37.64 16.08
C HIS C 255 84.09 -36.76 14.89
N VAL C 256 85.04 -36.91 13.98
CA VAL C 256 85.17 -36.02 12.85
C VAL C 256 84.66 -36.55 11.51
N THR C 257 84.00 -35.73 10.71
CA THR C 257 83.40 -36.20 9.47
C THR C 257 84.12 -35.53 8.32
N ARG C 258 84.33 -36.29 7.25
CA ARG C 258 85.07 -35.85 6.08
C ARG C 258 84.29 -36.24 4.84
N THR C 259 84.55 -35.52 3.75
CA THR C 259 83.85 -35.73 2.49
C THR C 259 84.90 -36.09 1.46
N MET C 260 84.80 -37.31 0.91
CA MET C 260 85.81 -37.80 -0.03
C MET C 260 85.81 -36.95 -1.28
N LYS C 261 87.01 -36.65 -1.78
CA LYS C 261 87.14 -35.76 -2.94
C LYS C 261 87.10 -36.67 -4.15
N LEU C 262 85.90 -36.94 -4.60
CA LEU C 262 85.59 -37.98 -5.57
C LEU C 262 85.21 -37.35 -6.91
N PRO C 263 86.06 -37.47 -7.95
CA PRO C 263 85.95 -36.63 -9.16
C PRO C 263 84.88 -37.06 -10.17
N ILE C 264 83.70 -37.40 -9.66
CA ILE C 264 82.69 -37.99 -10.51
C ILE C 264 81.75 -36.91 -11.03
N ASP C 265 81.01 -37.27 -12.09
CA ASP C 265 80.10 -36.35 -12.75
C ASP C 265 79.01 -35.89 -11.79
N ALA C 266 78.50 -34.68 -12.04
CA ALA C 266 77.41 -34.15 -11.20
C ALA C 266 76.24 -35.12 -11.16
N ASP C 267 75.82 -35.58 -12.33
CA ASP C 267 74.78 -36.58 -12.47
C ASP C 267 75.32 -38.01 -12.52
N GLY C 268 76.33 -38.32 -11.74
CA GLY C 268 76.81 -39.68 -11.70
C GLY C 268 76.14 -40.49 -10.61
N TYR C 269 76.45 -41.77 -10.59
CA TYR C 269 75.94 -42.70 -9.59
C TYR C 269 77.06 -43.19 -8.69
N ILE C 270 76.72 -43.52 -7.46
CA ILE C 270 77.67 -44.19 -6.59
C ILE C 270 76.99 -45.46 -6.09
N PRO C 271 76.85 -46.49 -6.95
CA PRO C 271 76.10 -47.64 -6.47
C PRO C 271 76.54 -48.37 -5.20
N ARG C 272 77.82 -48.40 -4.89
CA ARG C 272 78.29 -49.06 -3.69
C ARG C 272 79.49 -48.46 -3.03
N ILE C 273 79.69 -48.74 -1.76
CA ILE C 273 80.90 -48.35 -1.06
C ILE C 273 81.24 -49.62 -0.32
N ARG C 274 82.49 -50.03 -0.35
CA ARG C 274 82.92 -51.26 0.31
C ARG C 274 84.35 -51.08 0.80
N PHE C 275 84.56 -51.25 2.10
CA PHE C 275 85.90 -51.17 2.65
C PHE C 275 86.69 -52.37 2.29
N THR C 276 87.96 -52.17 1.98
CA THR C 276 88.82 -53.24 1.54
C THR C 276 89.54 -53.86 2.72
N LYS C 277 90.40 -54.84 2.46
CA LYS C 277 91.18 -55.38 3.57
C LYS C 277 92.26 -54.42 4.01
N ASP C 278 92.47 -53.37 3.23
CA ASP C 278 93.32 -52.24 3.59
C ASP C 278 92.49 -51.22 4.37
N ALA C 279 92.90 -50.94 5.60
CA ALA C 279 92.10 -50.03 6.41
C ALA C 279 92.18 -48.59 5.94
N SER C 280 93.06 -48.30 5.00
CA SER C 280 93.21 -46.95 4.46
C SER C 280 92.71 -46.85 3.03
N LYS C 281 92.06 -47.91 2.54
CA LYS C 281 91.50 -47.90 1.19
C LYS C 281 90.03 -48.31 1.28
N LEU C 282 89.15 -47.39 0.90
CA LEU C 282 87.73 -47.66 0.79
C LEU C 282 87.36 -47.63 -0.69
N ALA C 283 86.83 -48.75 -1.19
CA ALA C 283 86.41 -48.84 -2.58
C ALA C 283 85.09 -48.11 -2.77
N VAL C 284 85.01 -47.30 -3.84
CA VAL C 284 83.85 -46.51 -4.18
C VAL C 284 83.54 -46.78 -5.65
N MET C 285 82.40 -47.39 -5.93
CA MET C 285 82.10 -47.77 -7.30
C MET C 285 81.20 -46.72 -7.91
N THR C 286 81.61 -46.16 -9.04
CA THR C 286 80.90 -45.07 -9.67
C THR C 286 80.49 -45.46 -11.08
N LEU C 287 79.35 -44.93 -11.52
CA LEU C 287 78.93 -45.03 -12.91
C LEU C 287 78.69 -43.63 -13.42
N ASN C 288 78.92 -43.43 -14.71
CA ASN C 288 78.41 -42.23 -15.36
C ASN C 288 76.91 -42.37 -15.58
N ARG C 289 76.26 -41.27 -15.99
CA ARG C 289 74.80 -41.39 -16.10
C ARG C 289 74.41 -42.27 -17.27
N HIS C 290 75.25 -42.39 -18.29
CA HIS C 290 74.99 -43.38 -19.32
C HIS C 290 75.17 -44.82 -18.83
N GLN C 291 75.77 -45.03 -17.63
CA GLN C 291 75.92 -46.35 -17.01
C GLN C 291 76.77 -47.31 -17.85
N ASP C 292 77.71 -46.78 -18.65
CA ASP C 292 78.58 -47.61 -19.47
C ASP C 292 80.06 -47.39 -19.16
N ARG C 293 80.39 -46.55 -18.19
CA ARG C 293 81.74 -46.30 -17.69
C ARG C 293 81.72 -46.59 -16.18
N PHE C 294 81.96 -47.85 -15.82
CA PHE C 294 82.18 -48.23 -14.42
C PHE C 294 83.58 -47.77 -14.03
N ASP C 295 83.67 -46.87 -13.04
CA ASP C 295 84.94 -46.36 -12.53
C ASP C 295 85.05 -46.75 -11.06
N LEU C 296 85.98 -47.65 -10.74
CA LEU C 296 86.22 -48.06 -9.37
C LEU C 296 87.38 -47.26 -8.79
N TYR C 297 87.10 -46.50 -7.73
CA TYR C 297 88.07 -45.70 -7.01
C TYR C 297 88.43 -46.33 -5.67
N PHE C 298 89.64 -46.03 -5.19
CA PHE C 298 90.07 -46.25 -3.81
C PHE C 298 90.25 -44.89 -3.15
N ALA C 299 89.57 -44.67 -2.02
CA ALA C 299 89.60 -43.41 -1.29
C ALA C 299 90.25 -43.60 0.07
N ASP C 300 90.96 -42.57 0.52
CA ASP C 300 91.62 -42.62 1.81
C ASP C 300 90.73 -41.97 2.85
N PRO C 301 90.29 -42.73 3.85
CA PRO C 301 89.25 -42.21 4.75
C PRO C 301 89.67 -40.98 5.54
N ARG C 302 90.97 -40.69 5.63
CA ARG C 302 91.44 -39.48 6.29
C ARG C 302 91.83 -38.38 5.31
N SER C 303 92.64 -38.72 4.31
CA SER C 303 93.12 -37.72 3.36
C SER C 303 92.00 -37.19 2.47
N THR C 304 90.90 -37.93 2.34
CA THR C 304 89.82 -37.62 1.40
C THR C 304 90.30 -37.67 -0.05
N LEU C 305 91.47 -38.25 -0.31
CA LEU C 305 91.99 -38.32 -1.67
C LEU C 305 91.63 -39.66 -2.32
N CYS C 306 91.23 -39.61 -3.57
CA CYS C 306 90.74 -40.78 -4.27
C CYS C 306 91.56 -41.01 -5.53
N LYS C 307 91.94 -42.26 -5.74
CA LYS C 307 92.78 -42.67 -6.85
C LYS C 307 91.98 -43.63 -7.71
N LEU C 308 91.82 -43.29 -8.99
CA LEU C 308 91.14 -44.20 -9.89
C LEU C 308 91.94 -45.49 -9.99
N VAL C 309 91.24 -46.61 -9.85
CA VAL C 309 91.85 -47.92 -9.76
C VAL C 309 91.54 -48.75 -10.99
N LEU C 310 90.31 -48.69 -11.48
CA LEU C 310 89.97 -49.47 -12.66
C LEU C 310 88.78 -48.82 -13.38
N ARG C 311 88.69 -49.05 -14.68
CA ARG C 311 87.57 -48.61 -15.48
C ARG C 311 87.15 -49.77 -16.37
N ASP C 312 85.86 -50.08 -16.35
CA ASP C 312 85.28 -51.10 -17.21
C ASP C 312 84.30 -50.33 -18.07
N GLU C 313 84.70 -50.03 -19.31
CA GLU C 313 83.79 -49.44 -20.26
C GLU C 313 83.06 -50.55 -20.98
N SER C 314 81.84 -50.23 -21.41
CA SER C 314 81.06 -51.10 -22.27
C SER C 314 80.51 -50.27 -23.41
N PRO C 315 80.36 -50.86 -24.61
CA PRO C 315 79.68 -50.14 -25.70
C PRO C 315 78.19 -49.96 -25.45
N TYR C 316 77.65 -50.63 -24.41
CA TYR C 316 76.24 -50.57 -24.05
C TYR C 316 76.05 -50.02 -22.64
N TYR C 317 76.17 -50.90 -21.64
CA TYR C 317 75.92 -50.50 -20.26
C TYR C 317 76.45 -51.59 -19.36
N ILE C 318 77.04 -51.20 -18.22
CA ILE C 318 77.33 -52.13 -17.13
C ILE C 318 76.01 -52.60 -16.51
N LYS C 319 76.05 -53.75 -15.86
CA LYS C 319 74.87 -54.27 -15.25
C LYS C 319 75.07 -54.34 -13.75
N GLU C 320 74.00 -54.28 -13.00
CA GLU C 320 74.08 -54.26 -11.55
C GLU C 320 74.67 -55.48 -10.94
N ASN C 321 74.55 -56.61 -11.62
CA ASN C 321 75.09 -57.88 -11.14
C ASN C 321 76.51 -57.85 -10.61
N VAL C 322 77.25 -56.91 -11.11
CA VAL C 322 78.66 -56.98 -11.15
C VAL C 322 79.14 -56.50 -9.82
N PHE C 323 78.53 -55.46 -9.32
CA PHE C 323 78.98 -54.82 -8.11
C PHE C 323 79.14 -55.69 -6.91
N ASP C 324 78.29 -56.66 -6.76
CA ASP C 324 78.39 -57.44 -5.54
C ASP C 324 79.27 -58.65 -5.70
N ASN C 325 79.75 -58.91 -6.91
CA ASN C 325 80.74 -59.96 -7.11
C ASN C 325 82.16 -59.45 -6.87
N ILE C 326 82.30 -58.21 -6.40
CA ILE C 326 83.61 -57.62 -6.15
C ILE C 326 83.96 -57.92 -4.69
N LYS C 327 84.68 -59.01 -4.45
CA LYS C 327 85.16 -59.37 -3.12
C LYS C 327 86.63 -58.98 -2.97
N PHE C 328 86.99 -58.48 -1.78
CA PHE C 328 88.34 -57.99 -1.50
C PHE C 328 89.11 -58.95 -0.60
N TYR C 329 90.27 -59.35 -1.06
CA TYR C 329 91.15 -60.19 -0.30
C TYR C 329 92.36 -59.39 0.13
N PRO C 330 93.22 -59.94 1.01
CA PRO C 330 94.40 -59.19 1.48
C PRO C 330 95.21 -58.50 0.38
N GLU C 331 95.41 -59.15 -0.77
CA GLU C 331 96.26 -58.63 -1.85
C GLU C 331 95.52 -58.41 -3.16
N THR C 332 94.28 -58.83 -3.29
CA THR C 332 93.61 -58.92 -4.58
C THR C 332 92.13 -58.58 -4.41
N PHE C 333 91.49 -58.33 -5.55
CA PHE C 333 90.05 -58.30 -5.60
C PHE C 333 89.56 -58.99 -6.84
N SER C 334 88.25 -59.26 -6.84
CA SER C 334 87.58 -60.01 -7.90
C SER C 334 86.71 -59.05 -8.70
N LEU C 335 86.36 -59.48 -9.91
CA LEU C 335 85.51 -58.63 -10.72
C LEU C 335 84.77 -59.52 -11.71
N LEU C 336 83.55 -59.13 -12.04
CA LEU C 336 82.79 -59.79 -13.10
C LEU C 336 82.64 -58.78 -14.23
N SER C 337 83.09 -59.15 -15.41
CA SER C 337 82.96 -58.23 -16.50
C SER C 337 82.53 -58.96 -17.75
N GLU C 338 81.67 -58.28 -18.52
CA GLU C 338 81.26 -58.65 -19.87
C GLU C 338 82.14 -58.00 -20.94
N ARG C 339 83.34 -57.55 -20.60
CA ARG C 339 84.18 -56.81 -21.55
C ARG C 339 84.50 -57.62 -22.79
N ASP C 340 84.49 -58.95 -22.69
CA ASP C 340 84.78 -59.77 -23.86
C ASP C 340 83.52 -60.38 -24.45
N GLY C 341 82.36 -59.76 -24.23
CA GLY C 341 81.12 -60.25 -24.78
C GLY C 341 80.44 -61.31 -23.96
N PHE C 342 80.98 -61.66 -22.80
CA PHE C 342 80.42 -62.68 -21.94
C PHE C 342 80.83 -62.35 -20.52
N SER C 343 80.01 -62.77 -19.58
CA SER C 343 80.31 -62.50 -18.18
C SER C 343 81.39 -63.46 -17.68
N HIS C 344 82.54 -62.92 -17.30
CA HIS C 344 83.66 -63.73 -16.85
C HIS C 344 84.33 -63.07 -15.66
N LEU C 345 85.17 -63.86 -14.99
CA LEU C 345 85.70 -63.53 -13.68
C LEU C 345 87.16 -63.13 -13.81
N TYR C 346 87.48 -61.92 -13.41
CA TYR C 346 88.82 -61.39 -13.52
C TYR C 346 89.37 -61.23 -12.12
N TRP C 347 90.66 -61.53 -11.97
CA TRP C 347 91.36 -61.48 -10.69
C TRP C 347 92.43 -60.40 -10.80
N TYR C 348 92.41 -59.44 -9.87
CA TYR C 348 93.15 -58.19 -9.97
C TYR C 348 93.95 -58.00 -8.69
N SER C 349 95.02 -57.24 -8.80
CA SER C 349 95.83 -56.93 -7.64
C SER C 349 95.31 -55.69 -6.94
N MET C 350 95.68 -55.54 -5.68
CA MET C 350 95.27 -54.34 -4.98
C MET C 350 95.97 -53.10 -5.47
N GLY C 351 96.78 -53.16 -6.52
CA GLY C 351 97.30 -51.99 -7.18
C GLY C 351 96.63 -51.67 -8.48
N GLY C 352 95.64 -52.46 -8.88
CA GLY C 352 94.83 -52.16 -10.03
C GLY C 352 95.25 -52.86 -11.29
N ASN C 353 96.28 -53.70 -11.23
CA ASN C 353 96.78 -54.40 -12.40
C ASN C 353 96.09 -55.75 -12.50
N LEU C 354 95.55 -56.05 -13.67
CA LEU C 354 95.03 -57.38 -13.91
C LEU C 354 96.06 -58.41 -13.49
N ILE C 355 95.58 -59.56 -13.02
CA ILE C 355 96.46 -60.66 -12.65
C ILE C 355 96.08 -61.83 -13.54
N LYS C 356 94.82 -62.23 -13.52
CA LYS C 356 94.37 -63.37 -14.29
C LYS C 356 92.97 -63.23 -14.77
N LYS C 357 92.65 -63.81 -15.91
CA LYS C 357 91.28 -63.85 -16.34
C LYS C 357 91.03 -65.28 -15.97
N VAL C 358 90.11 -65.54 -15.06
CA VAL C 358 89.97 -66.89 -14.50
C VAL C 358 89.07 -67.76 -15.38
N THR C 359 88.10 -67.17 -16.07
CA THR C 359 87.21 -67.92 -16.95
C THR C 359 87.19 -67.27 -18.33
N ASN C 360 86.80 -68.06 -19.33
CA ASN C 360 86.57 -67.58 -20.68
C ASN C 360 85.74 -68.62 -21.40
N GLY C 361 85.34 -68.31 -22.63
CA GLY C 361 84.46 -69.18 -23.40
C GLY C 361 83.07 -68.59 -23.58
N LYS C 362 82.31 -69.22 -24.49
CA LYS C 362 81.01 -68.70 -24.92
C LYS C 362 79.91 -69.14 -23.94
N TYR C 363 79.98 -68.57 -22.73
CA TYR C 363 78.98 -68.85 -21.70
C TYR C 363 79.14 -67.80 -20.62
N GLU C 364 78.20 -67.80 -19.67
CA GLU C 364 78.08 -66.74 -18.66
C GLU C 364 78.38 -67.29 -17.28
N VAL C 365 79.37 -66.71 -16.61
CA VAL C 365 79.48 -66.86 -15.16
C VAL C 365 78.35 -66.09 -14.52
N LYS C 366 77.60 -66.73 -13.63
CA LYS C 366 76.49 -66.09 -12.95
C LYS C 366 76.91 -65.53 -11.59
N ASP C 367 77.64 -66.28 -10.76
CA ASP C 367 78.01 -65.80 -9.45
C ASP C 367 79.45 -66.15 -9.13
N PHE C 368 80.12 -65.27 -8.41
CA PHE C 368 81.43 -65.56 -7.85
C PHE C 368 81.23 -65.93 -6.39
N LEU C 369 81.38 -67.23 -6.08
CA LEU C 369 81.12 -67.72 -4.74
C LEU C 369 82.27 -67.43 -3.80
N GLY C 370 83.52 -67.49 -4.28
CA GLY C 370 84.60 -67.12 -3.38
C GLY C 370 85.96 -67.72 -3.73
N TYR C 371 86.95 -67.21 -3.04
CA TYR C 371 88.33 -67.57 -3.26
C TYR C 371 88.89 -68.20 -1.98
N ASP C 372 89.33 -69.45 -2.09
CA ASP C 372 89.94 -70.19 -1.00
C ASP C 372 91.42 -69.85 -1.00
N GLU C 373 91.84 -69.08 0.01
CA GLU C 373 93.18 -68.58 0.29
C GLU C 373 94.11 -69.66 0.81
N ALA C 374 93.69 -70.93 0.83
CA ALA C 374 94.52 -72.03 1.29
C ALA C 374 95.17 -72.79 0.13
N ASP C 375 94.38 -73.20 -0.87
CA ASP C 375 94.85 -74.00 -2.01
C ASP C 375 94.89 -73.22 -3.33
N GLY C 376 94.67 -71.91 -3.28
CA GLY C 376 94.64 -71.05 -4.46
C GLY C 376 93.40 -71.14 -5.33
N SER C 377 92.27 -71.61 -4.78
CA SER C 377 91.17 -72.04 -5.65
C SER C 377 90.04 -71.00 -5.76
N PHE C 378 89.35 -70.99 -6.90
CA PHE C 378 88.22 -70.11 -7.18
C PHE C 378 86.96 -70.96 -7.32
N TYR C 379 85.85 -70.49 -6.71
CA TYR C 379 84.56 -71.16 -6.77
C TYR C 379 83.52 -70.20 -7.33
N TYR C 380 82.82 -70.64 -8.38
CA TYR C 380 81.82 -69.81 -9.05
C TYR C 380 80.69 -70.69 -9.59
N THR C 381 79.64 -70.02 -10.08
CA THR C 381 78.49 -70.69 -10.73
C THR C 381 78.43 -70.27 -12.19
N SER C 382 77.96 -71.15 -13.07
CA SER C 382 77.95 -70.86 -14.52
C SER C 382 76.93 -71.62 -15.32
N ASN C 383 76.65 -71.16 -16.53
CA ASN C 383 75.74 -71.83 -17.44
C ASN C 383 76.45 -72.50 -18.60
N GLU C 384 77.65 -73.00 -18.37
CA GLU C 384 78.44 -73.59 -19.42
C GLU C 384 77.81 -74.75 -20.13
N GLU C 385 77.12 -75.60 -19.41
CA GLU C 385 76.42 -76.70 -20.03
C GLU C 385 75.26 -76.34 -20.94
N SER C 386 74.42 -75.42 -20.51
CA SER C 386 73.30 -74.96 -21.31
C SER C 386 72.96 -73.62 -20.78
N PRO C 387 72.35 -72.79 -21.59
CA PRO C 387 71.87 -71.52 -21.08
C PRO C 387 70.82 -71.79 -20.03
N LEU C 388 70.01 -72.82 -20.20
CA LEU C 388 68.94 -73.18 -19.29
C LEU C 388 69.38 -73.77 -17.99
N ARG C 389 70.65 -74.09 -17.87
CA ARG C 389 71.16 -74.76 -16.69
C ARG C 389 72.18 -73.98 -15.87
N LYS C 390 72.28 -74.26 -14.58
CA LYS C 390 73.30 -73.64 -13.74
C LYS C 390 74.09 -74.64 -12.93
N ALA C 391 75.40 -74.57 -12.98
CA ALA C 391 76.21 -75.47 -12.22
C ALA C 391 77.32 -74.83 -11.44
N VAL C 392 77.97 -75.59 -10.58
CA VAL C 392 78.99 -75.09 -9.66
C VAL C 392 80.37 -75.60 -10.08
N TYR C 393 81.34 -74.69 -10.22
CA TYR C 393 82.64 -75.04 -10.75
C TYR C 393 83.76 -74.49 -9.89
N LYS C 394 84.88 -75.22 -9.93
CA LYS C 394 86.12 -74.94 -9.21
C LYS C 394 87.27 -74.80 -10.20
N ILE C 395 88.15 -73.83 -9.97
CA ILE C 395 89.36 -73.68 -10.76
C ILE C 395 90.51 -73.47 -9.79
N ASP C 396 91.54 -74.32 -9.86
CA ASP C 396 92.64 -74.25 -8.90
C ASP C 396 93.73 -73.30 -9.38
N LYS C 397 94.69 -73.04 -8.49
CA LYS C 397 95.75 -72.09 -8.80
C LYS C 397 96.42 -72.43 -10.12
N LYS C 398 96.51 -73.73 -10.46
CA LYS C 398 97.13 -74.19 -11.69
C LYS C 398 96.26 -73.98 -12.92
N GLY C 399 94.99 -73.58 -12.74
CA GLY C 399 94.05 -73.38 -13.83
C GLY C 399 93.25 -74.61 -14.27
N LYS C 400 93.38 -75.74 -13.59
CA LYS C 400 92.49 -76.86 -13.85
C LYS C 400 91.09 -76.49 -13.38
N LYS C 401 90.07 -76.91 -14.15
CA LYS C 401 88.66 -76.69 -13.83
C LYS C 401 87.95 -78.02 -13.58
N LEU C 402 86.99 -77.99 -12.66
CA LEU C 402 86.23 -79.17 -12.25
C LEU C 402 84.78 -78.80 -11.94
N LYS C 403 83.83 -79.51 -12.55
CA LYS C 403 82.42 -79.25 -12.29
C LYS C 403 82.02 -79.97 -11.01
N LEU C 404 81.70 -79.20 -9.96
CA LEU C 404 81.34 -79.80 -8.67
C LEU C 404 79.92 -80.34 -8.65
N SER C 405 79.00 -79.79 -9.43
CA SER C 405 77.62 -80.25 -9.36
C SER C 405 77.52 -81.66 -9.92
N GLN C 406 76.68 -82.49 -9.35
CA GLN C 406 76.61 -83.88 -9.78
C GLN C 406 75.40 -84.20 -10.64
N ARG C 407 74.38 -83.36 -10.59
CA ARG C 407 73.20 -83.56 -11.40
C ARG C 407 73.01 -82.35 -12.28
N GLU C 408 72.35 -82.53 -13.40
CA GLU C 408 72.17 -81.46 -14.36
C GLU C 408 70.83 -80.78 -14.27
N GLY C 409 70.83 -79.48 -14.15
CA GLY C 409 69.61 -78.73 -13.97
C GLY C 409 70.01 -77.41 -13.39
N THR C 410 69.39 -77.02 -12.31
CA THR C 410 69.75 -75.80 -11.64
C THR C 410 70.33 -76.11 -10.28
N ASN C 411 71.52 -75.62 -10.02
CA ASN C 411 72.18 -75.87 -8.76
C ASN C 411 72.49 -74.58 -8.06
N THR C 412 72.02 -74.44 -6.83
CA THR C 412 72.22 -73.20 -6.08
C THR C 412 73.03 -73.51 -4.79
N PRO C 413 74.26 -72.95 -4.64
CA PRO C 413 75.11 -73.36 -3.53
C PRO C 413 75.24 -72.31 -2.45
N LEU C 414 75.62 -72.76 -1.26
CA LEU C 414 75.88 -71.90 -0.11
C LEU C 414 77.12 -72.45 0.57
N PHE C 415 78.24 -71.75 0.43
CA PHE C 415 79.48 -72.29 0.96
C PHE C 415 79.67 -71.93 2.42
N SER C 416 80.53 -72.70 3.09
CA SER C 416 80.93 -72.42 4.46
C SER C 416 81.93 -71.27 4.48
N GLN C 417 82.18 -70.75 5.68
CA GLN C 417 83.12 -69.64 5.81
C GLN C 417 84.46 -70.01 5.23
N SER C 418 84.96 -71.18 5.59
CA SER C 418 86.26 -71.67 5.16
C SER C 418 86.27 -72.14 3.73
N MET C 419 85.10 -72.29 3.11
CA MET C 419 84.94 -72.85 1.77
C MET C 419 85.23 -74.34 1.70
N LYS C 420 85.31 -75.03 2.86
CA LYS C 420 85.59 -76.47 2.87
C LYS C 420 84.37 -77.27 2.44
N TYR C 421 83.19 -76.84 2.87
CA TYR C 421 81.94 -77.54 2.62
C TYR C 421 80.96 -76.59 1.96
N TYR C 422 79.91 -77.14 1.36
CA TYR C 422 78.84 -76.28 0.88
C TYR C 422 77.52 -77.04 0.83
N MET C 423 76.43 -76.30 0.98
CA MET C 423 75.08 -76.83 0.90
C MET C 423 74.48 -76.51 -0.46
N ASN C 424 73.99 -77.54 -1.14
CA ASN C 424 73.53 -77.42 -2.51
C ASN C 424 72.03 -77.66 -2.59
N LYS C 425 71.32 -76.79 -3.31
CA LYS C 425 69.93 -77.02 -3.64
C LYS C 425 69.84 -77.33 -5.12
N PHE C 426 69.33 -78.50 -5.47
CA PHE C 426 69.21 -78.92 -6.85
C PHE C 426 67.75 -79.03 -7.26
N SER C 427 67.46 -78.63 -8.49
CA SER C 427 66.12 -78.77 -9.01
C SER C 427 66.25 -78.92 -10.52
N ASN C 428 65.30 -79.58 -11.14
CA ASN C 428 65.21 -79.50 -12.60
C ASN C 428 63.77 -79.76 -12.96
N LEU C 429 63.44 -79.92 -14.22
CA LEU C 429 62.04 -80.07 -14.57
C LEU C 429 61.31 -81.19 -13.86
N ASP C 430 62.02 -82.23 -13.46
CA ASP C 430 61.40 -83.37 -12.81
C ASP C 430 61.71 -83.50 -11.36
N THR C 431 62.73 -82.81 -10.90
CA THR C 431 63.16 -82.90 -9.53
C THR C 431 62.75 -81.62 -8.79
N PRO C 432 61.79 -81.69 -7.84
CA PRO C 432 61.32 -80.43 -7.23
C PRO C 432 62.37 -79.77 -6.36
N MET C 433 63.02 -80.54 -5.50
CA MET C 433 64.09 -79.99 -4.68
C MET C 433 64.87 -81.11 -3.99
N LEU C 434 66.18 -81.16 -4.28
CA LEU C 434 67.16 -82.07 -3.68
C LEU C 434 68.18 -81.21 -2.95
N VAL C 435 68.10 -81.14 -1.63
CA VAL C 435 69.08 -80.39 -0.84
C VAL C 435 70.04 -81.39 -0.23
N THR C 436 71.35 -81.10 -0.39
CA THR C 436 72.45 -81.94 0.03
C THR C 436 73.56 -81.10 0.66
N LEU C 437 74.46 -81.77 1.37
CA LEU C 437 75.76 -81.21 1.73
C LEU C 437 76.84 -81.84 0.87
N ASN C 438 77.87 -81.06 0.59
CA ASN C 438 78.92 -81.52 -0.28
C ASN C 438 80.25 -80.97 0.14
N ASP C 439 81.32 -81.61 -0.28
CA ASP C 439 82.66 -81.10 -0.03
C ASP C 439 83.15 -80.22 -1.15
N ASN C 440 84.38 -79.76 -1.06
CA ASN C 440 84.96 -78.92 -2.08
C ASN C 440 85.12 -79.58 -3.42
N THR C 441 85.11 -80.91 -3.46
CA THR C 441 85.16 -81.61 -4.72
C THR C 441 83.80 -81.91 -5.25
N GLY C 442 82.76 -81.57 -4.50
CA GLY C 442 81.39 -81.84 -4.91
C GLY C 442 80.80 -83.17 -4.55
N LYS C 443 81.58 -84.00 -3.89
CA LYS C 443 81.10 -85.31 -3.45
C LYS C 443 80.00 -85.13 -2.46
N THR C 444 78.95 -85.90 -2.60
CA THR C 444 77.84 -85.72 -1.72
C THR C 444 78.09 -86.32 -0.36
N LEU C 445 77.96 -85.51 0.68
CA LEU C 445 78.10 -85.97 2.05
C LEU C 445 76.80 -86.48 2.65
N LYS C 446 75.67 -85.89 2.30
CA LYS C 446 74.39 -86.30 2.88
C LYS C 446 73.28 -85.62 2.11
N THR C 447 72.16 -86.33 1.92
CA THR C 447 70.96 -85.74 1.34
C THR C 447 70.06 -85.29 2.49
N LEU C 448 69.84 -83.96 2.57
CA LEU C 448 69.04 -83.34 3.64
C LEU C 448 67.56 -83.37 3.32
N ILE C 449 67.15 -82.80 2.19
CA ILE C 449 65.77 -82.83 1.75
C ILE C 449 65.75 -83.55 0.43
N ASN C 450 64.79 -84.45 0.25
CA ASN C 450 64.65 -85.11 -1.04
C ASN C 450 63.25 -85.01 -1.62
N ASN C 451 62.26 -84.60 -0.83
CA ASN C 451 60.90 -84.29 -1.28
C ASN C 451 60.16 -85.51 -1.80
N ASP C 452 60.39 -86.67 -1.17
CA ASP C 452 59.57 -87.84 -1.44
C ASP C 452 58.10 -87.51 -1.31
N GLN C 453 57.74 -86.79 -0.24
CA GLN C 453 56.32 -86.59 0.05
C GLN C 453 55.64 -85.81 -1.06
N LEU C 454 56.23 -84.75 -1.57
CA LEU C 454 55.57 -83.97 -2.58
C LEU C 454 55.31 -84.76 -3.83
N LYS C 455 56.26 -85.57 -4.26
CA LYS C 455 56.11 -86.39 -5.44
C LYS C 455 55.02 -87.39 -5.29
N GLN C 456 54.87 -87.93 -4.10
CA GLN C 456 53.86 -88.92 -3.87
C GLN C 456 52.53 -88.27 -3.87
N THR C 457 52.44 -87.07 -3.35
CA THR C 457 51.18 -86.39 -3.45
C THR C 457 50.87 -86.04 -4.88
N LEU C 458 51.86 -85.56 -5.60
CA LEU C 458 51.66 -85.21 -6.98
C LEU C 458 51.34 -86.41 -7.83
N SER C 459 51.87 -87.56 -7.48
CA SER C 459 51.62 -88.76 -8.29
C SER C 459 50.13 -89.11 -8.41
N GLY C 460 49.27 -88.58 -7.53
CA GLY C 460 47.84 -88.82 -7.60
C GLY C 460 47.06 -87.81 -8.41
N TYR C 461 47.73 -86.76 -8.86
CA TYR C 461 47.13 -85.75 -9.72
C TYR C 461 47.67 -85.89 -11.14
N ALA C 462 46.86 -85.48 -12.11
CA ALA C 462 47.28 -85.38 -13.51
C ALA C 462 47.95 -84.04 -13.73
N ILE C 463 49.28 -84.03 -13.69
CA ILE C 463 50.07 -82.80 -13.87
C ILE C 463 50.61 -82.78 -15.30
N PRO C 464 50.39 -81.72 -16.07
CA PRO C 464 51.04 -81.61 -17.38
C PRO C 464 52.54 -81.39 -17.24
N GLN C 465 53.28 -81.95 -18.19
CA GLN C 465 54.73 -81.91 -18.16
C GLN C 465 55.28 -80.87 -19.14
N LYS C 466 56.29 -80.13 -18.71
CA LYS C 466 57.04 -79.26 -19.60
C LYS C 466 58.14 -80.04 -20.34
N GLU C 467 58.31 -79.72 -21.62
CA GLU C 467 59.48 -80.15 -22.37
C GLU C 467 60.07 -78.95 -23.11
N PHE C 468 61.39 -78.79 -23.03
CA PHE C 468 62.08 -77.75 -23.76
C PHE C 468 62.04 -77.98 -25.25
N PHE C 469 62.22 -76.91 -25.99
CA PHE C 469 62.37 -77.03 -27.44
C PHE C 469 63.09 -75.79 -27.96
N THR C 470 63.27 -75.78 -29.28
CA THR C 470 64.08 -74.78 -29.96
C THR C 470 63.47 -74.55 -31.32
N PHE C 471 63.57 -73.31 -31.80
CA PHE C 471 63.08 -73.06 -33.14
C PHE C 471 63.83 -71.86 -33.73
N GLN C 472 63.64 -71.68 -35.03
CA GLN C 472 64.43 -70.74 -35.80
C GLN C 472 63.50 -69.67 -36.34
N THR C 473 63.81 -68.41 -36.03
CA THR C 473 63.04 -67.29 -36.54
C THR C 473 63.19 -67.18 -38.06
N THR C 474 62.45 -66.26 -38.67
CA THR C 474 62.53 -66.10 -40.12
C THR C 474 63.87 -65.54 -40.55
N ASP C 475 64.50 -64.70 -39.72
CA ASP C 475 65.80 -64.14 -40.06
C ASP C 475 66.96 -64.93 -39.44
N GLY C 476 66.70 -66.10 -38.87
CA GLY C 476 67.73 -67.06 -38.63
C GLY C 476 68.17 -67.29 -37.20
N VAL C 477 67.48 -66.75 -36.20
CA VAL C 477 67.92 -66.93 -34.81
C VAL C 477 67.27 -68.15 -34.19
N THR C 478 68.02 -68.88 -33.35
CA THR C 478 67.48 -70.02 -32.62
C THR C 478 67.08 -69.58 -31.21
N LEU C 479 65.81 -69.77 -30.88
CA LEU C 479 65.22 -69.40 -29.61
C LEU C 479 64.82 -70.63 -28.80
N ASN C 480 65.01 -70.53 -27.49
CA ASN C 480 64.65 -71.56 -26.54
C ASN C 480 63.27 -71.30 -25.95
N GLY C 481 62.57 -72.38 -25.65
CA GLY C 481 61.27 -72.24 -25.03
C GLY C 481 60.92 -73.53 -24.37
N TRP C 482 59.75 -73.52 -23.73
CA TRP C 482 59.19 -74.74 -23.19
C TRP C 482 57.74 -74.84 -23.58
N MET C 483 57.24 -76.07 -23.59
CA MET C 483 55.85 -76.33 -23.91
C MET C 483 55.24 -77.29 -22.91
N MET C 484 54.05 -76.98 -22.44
CA MET C 484 53.33 -77.87 -21.53
C MET C 484 52.12 -78.30 -22.27
N LYS C 485 51.93 -79.60 -22.34
CA LYS C 485 50.82 -80.13 -23.09
C LYS C 485 49.73 -80.79 -22.21
N PRO C 486 48.44 -80.61 -22.54
CA PRO C 486 47.43 -81.23 -21.66
C PRO C 486 47.48 -82.76 -21.72
N ALA C 487 47.06 -83.36 -20.61
CA ALA C 487 47.42 -84.74 -20.30
C ALA C 487 46.83 -85.78 -21.24
N ASN C 488 45.83 -85.47 -22.06
CA ASN C 488 45.45 -86.48 -23.03
C ASN C 488 45.88 -86.10 -24.43
N PHE C 489 47.16 -85.84 -24.62
CA PHE C 489 47.58 -85.13 -25.81
C PHE C 489 47.50 -86.02 -27.04
N SER C 490 47.24 -85.39 -28.17
CA SER C 490 47.05 -86.12 -29.42
C SER C 490 47.21 -85.13 -30.56
N THR C 491 48.24 -85.32 -31.37
CA THR C 491 48.50 -84.42 -32.49
C THR C 491 47.41 -84.45 -33.57
N SER C 492 46.36 -85.24 -33.41
CA SER C 492 45.22 -85.13 -34.30
C SER C 492 44.21 -84.10 -33.80
N LYS C 493 44.22 -83.77 -32.51
CA LYS C 493 43.37 -82.72 -31.95
C LYS C 493 43.99 -81.35 -32.23
N LYS C 494 43.14 -80.31 -32.16
CA LYS C 494 43.55 -78.93 -32.39
C LYS C 494 43.36 -78.15 -31.09
N TYR C 495 44.45 -77.60 -30.56
CA TYR C 495 44.50 -77.02 -29.22
C TYR C 495 44.64 -75.51 -29.26
N PRO C 496 44.05 -74.82 -28.30
CA PRO C 496 44.40 -73.42 -28.03
C PRO C 496 45.74 -73.36 -27.32
N VAL C 497 46.33 -72.15 -27.32
CA VAL C 497 47.66 -71.91 -26.77
C VAL C 497 47.64 -70.67 -25.91
N LEU C 498 48.20 -70.77 -24.72
CA LEU C 498 48.59 -69.61 -23.92
C LEU C 498 50.12 -69.50 -23.88
N MET C 499 50.64 -68.43 -24.47
CA MET C 499 52.05 -68.07 -24.35
C MET C 499 52.23 -67.19 -23.11
N TYR C 500 53.18 -67.58 -22.28
CA TYR C 500 53.65 -66.75 -21.20
C TYR C 500 55.02 -66.20 -21.59
N GLN C 501 55.35 -65.01 -21.11
CA GLN C 501 56.72 -64.51 -21.20
C GLN C 501 56.96 -63.38 -20.21
N TYR C 502 58.24 -63.07 -20.00
CA TYR C 502 58.68 -61.87 -19.30
C TYR C 502 59.42 -60.94 -20.24
N SER C 503 60.54 -61.38 -20.81
CA SER C 503 61.27 -60.81 -21.94
C SER C 503 62.14 -59.61 -21.59
N GLY C 504 62.18 -59.19 -20.32
CA GLY C 504 62.96 -58.04 -19.91
C GLY C 504 64.46 -58.24 -20.04
N PRO C 505 65.19 -57.17 -20.36
CA PRO C 505 66.61 -57.30 -20.76
C PRO C 505 67.43 -58.12 -19.77
N GLY C 506 67.99 -59.24 -20.22
CA GLY C 506 68.84 -60.01 -19.36
C GLY C 506 68.15 -61.06 -18.51
N SER C 507 66.88 -61.29 -18.72
CA SER C 507 66.13 -62.19 -17.86
C SER C 507 65.96 -63.50 -18.58
N GLN C 508 65.69 -64.56 -17.81
CA GLN C 508 65.42 -65.87 -18.39
C GLN C 508 64.26 -66.53 -17.64
N GLN C 509 63.24 -66.94 -18.38
CA GLN C 509 62.14 -67.71 -17.79
C GLN C 509 62.13 -69.15 -18.29
N VAL C 510 62.96 -69.49 -19.27
CA VAL C 510 63.11 -70.86 -19.75
C VAL C 510 64.36 -71.39 -19.06
N LEU C 511 64.17 -72.06 -17.92
CA LEU C 511 65.27 -72.63 -17.17
C LEU C 511 64.93 -74.07 -16.79
N ASP C 512 65.96 -74.91 -16.67
CA ASP C 512 65.77 -76.33 -16.30
C ASP C 512 65.55 -76.38 -14.79
N THR C 513 64.32 -76.05 -14.38
CA THR C 513 64.00 -76.03 -12.96
C THR C 513 62.49 -76.17 -12.80
N TRP C 514 62.06 -76.35 -11.57
CA TRP C 514 60.77 -77.00 -11.31
C TRP C 514 59.75 -76.02 -10.77
N GLY C 515 58.56 -76.03 -11.35
CA GLY C 515 57.44 -75.33 -10.75
C GLY C 515 56.11 -75.84 -11.24
N ILE C 516 55.11 -75.77 -10.37
CA ILE C 516 53.72 -75.89 -10.76
C ILE C 516 53.09 -74.52 -10.54
N SER C 517 52.54 -73.94 -11.60
CA SER C 517 52.03 -72.57 -11.53
C SER C 517 50.63 -72.47 -12.09
N TRP C 518 50.13 -71.24 -12.27
CA TRP C 518 48.83 -71.05 -12.91
C TRP C 518 48.85 -71.61 -14.32
N GLU C 519 50.01 -71.53 -14.98
CA GLU C 519 50.08 -72.06 -16.34
C GLU C 519 49.95 -73.58 -16.35
N THR C 520 50.49 -74.25 -15.33
CA THR C 520 50.23 -75.68 -15.18
C THR C 520 48.73 -75.96 -15.13
N TYR C 521 47.99 -75.17 -14.36
CA TYR C 521 46.54 -75.33 -14.29
C TYR C 521 45.90 -75.14 -15.65
N MET C 522 46.27 -74.06 -16.35
CA MET C 522 45.67 -73.82 -17.65
C MET C 522 45.87 -75.03 -18.57
N ALA C 523 47.07 -75.60 -18.56
CA ALA C 523 47.28 -76.79 -19.37
C ALA C 523 46.39 -77.94 -18.91
N SER C 524 46.27 -78.15 -17.61
CA SER C 524 45.31 -79.15 -17.13
C SER C 524 43.88 -78.85 -17.58
N LEU C 525 43.57 -77.65 -18.03
CA LEU C 525 42.23 -77.43 -18.56
C LEU C 525 42.14 -77.65 -20.06
N GLY C 526 43.25 -77.96 -20.73
CA GLY C 526 43.24 -78.22 -22.16
C GLY C 526 43.89 -77.15 -23.01
N TYR C 527 44.88 -76.46 -22.46
CA TYR C 527 45.59 -75.42 -23.18
C TYR C 527 47.05 -75.83 -23.32
N ILE C 528 47.55 -75.89 -24.56
CA ILE C 528 48.98 -75.88 -24.79
C ILE C 528 49.55 -74.58 -24.23
N VAL C 529 50.50 -74.68 -23.31
CA VAL C 529 51.14 -73.48 -22.78
C VAL C 529 52.60 -73.45 -23.23
N VAL C 530 53.00 -72.35 -23.87
CA VAL C 530 54.34 -72.16 -24.41
C VAL C 530 55.00 -70.98 -23.73
N CYS C 531 56.34 -71.00 -23.70
CA CYS C 531 57.13 -69.85 -23.24
C CYS C 531 58.45 -69.82 -23.99
N VAL C 532 58.71 -68.71 -24.65
CA VAL C 532 59.93 -68.54 -25.38
C VAL C 532 60.65 -67.30 -24.95
N ASP C 533 61.90 -67.44 -24.56
CA ASP C 533 62.70 -66.29 -24.22
C ASP C 533 63.38 -65.89 -25.50
N GLY C 534 63.08 -64.70 -25.97
CA GLY C 534 63.64 -64.20 -27.19
C GLY C 534 64.73 -63.20 -27.06
N ARG C 535 64.94 -62.42 -28.09
CA ARG C 535 66.02 -61.46 -28.09
C ARG C 535 65.94 -60.44 -27.00
N GLY C 536 67.07 -60.15 -26.40
CA GLY C 536 67.11 -59.24 -25.29
C GLY C 536 67.14 -60.01 -24.03
N THR C 537 66.97 -61.30 -24.15
CA THR C 537 66.96 -62.16 -23.00
C THR C 537 68.35 -62.58 -22.62
N GLY C 538 68.52 -63.00 -21.40
CA GLY C 538 69.81 -63.40 -20.91
C GLY C 538 70.39 -64.76 -21.11
N GLY C 539 71.59 -64.96 -20.61
CA GLY C 539 72.24 -66.25 -20.69
C GLY C 539 73.00 -66.59 -21.93
N ARG C 540 72.99 -65.73 -22.91
CA ARG C 540 73.59 -66.05 -24.17
C ARG C 540 74.58 -65.03 -24.68
N GLY C 541 75.11 -64.22 -23.80
CA GLY C 541 76.01 -63.18 -24.21
C GLY C 541 75.48 -61.78 -24.29
N GLU C 542 76.39 -60.83 -24.32
CA GLU C 542 76.03 -59.44 -24.41
C GLU C 542 75.32 -59.13 -25.70
N ALA C 543 75.73 -59.75 -26.77
CA ALA C 543 75.11 -59.49 -28.04
C ALA C 543 73.64 -59.83 -28.13
N PHE C 544 73.25 -60.98 -27.62
CA PHE C 544 71.87 -61.40 -27.64
C PHE C 544 70.99 -60.51 -26.83
N GLU C 545 71.50 -60.01 -25.73
CA GLU C 545 70.71 -59.21 -24.83
C GLU C 545 70.69 -57.75 -25.17
N LYS C 546 71.79 -57.22 -25.64
CA LYS C 546 71.88 -55.80 -25.86
C LYS C 546 71.62 -55.35 -27.26
N CYS C 547 70.96 -56.19 -28.01
CA CYS C 547 70.54 -55.84 -29.35
C CYS C 547 69.41 -54.85 -29.26
N THR C 548 68.88 -54.64 -28.07
CA THR C 548 67.72 -53.80 -27.92
C THR C 548 68.04 -52.45 -27.40
N TYR C 549 69.31 -52.09 -27.38
CA TYR C 549 69.70 -50.86 -26.78
C TYR C 549 69.17 -49.66 -27.46
N LEU C 550 68.58 -48.76 -26.67
CA LEU C 550 68.04 -47.51 -27.17
C LEU C 550 66.75 -47.65 -27.91
N LYS C 551 66.34 -48.86 -28.20
CA LYS C 551 65.05 -49.12 -28.79
C LYS C 551 64.49 -50.43 -28.26
N ILE C 552 64.04 -50.43 -27.03
CA ILE C 552 63.53 -51.65 -26.42
C ILE C 552 62.11 -52.10 -26.73
N GLY C 553 61.84 -53.38 -26.55
CA GLY C 553 60.51 -53.94 -26.75
C GLY C 553 60.12 -54.28 -28.15
N VAL C 554 60.74 -53.63 -29.10
CA VAL C 554 60.42 -53.83 -30.48
C VAL C 554 60.83 -55.18 -30.99
N LYS C 555 62.03 -55.60 -30.65
CA LYS C 555 62.53 -56.85 -31.15
C LYS C 555 61.94 -57.98 -30.34
N GLU C 556 61.70 -57.72 -29.08
CA GLU C 556 61.01 -58.69 -28.23
C GLU C 556 59.60 -58.97 -28.75
N ALA C 557 58.90 -57.94 -29.19
CA ALA C 557 57.58 -58.17 -29.77
C ALA C 557 57.67 -58.96 -31.06
N LYS C 558 58.66 -58.64 -31.89
CA LYS C 558 58.81 -59.37 -33.15
C LYS C 558 59.06 -60.85 -32.91
N ASP C 559 59.78 -61.20 -31.83
CA ASP C 559 60.02 -62.61 -31.54
C ASP C 559 58.85 -63.29 -30.87
N GLN C 560 58.07 -62.56 -30.08
CA GLN C 560 56.82 -63.13 -29.61
C GLN C 560 55.89 -63.46 -30.77
N VAL C 561 55.83 -62.57 -31.77
CA VAL C 561 55.02 -62.87 -32.96
C VAL C 561 55.59 -64.07 -33.70
N GLU C 562 56.94 -64.13 -33.83
CA GLU C 562 57.64 -65.29 -34.37
C GLU C 562 57.20 -66.59 -33.68
N THR C 563 57.13 -66.58 -32.35
CA THR C 563 56.67 -67.77 -31.63
C THR C 563 55.23 -68.10 -32.01
N ALA C 564 54.37 -67.09 -32.11
CA ALA C 564 52.99 -67.34 -32.48
C ALA C 564 52.90 -67.98 -33.86
N LEU C 565 53.74 -67.53 -34.80
CA LEU C 565 53.71 -68.08 -36.15
C LEU C 565 54.27 -69.50 -36.20
N TYR C 566 55.39 -69.74 -35.52
CA TYR C 566 55.92 -71.10 -35.44
C TYR C 566 54.88 -72.06 -34.91
N LEU C 567 54.20 -71.69 -33.82
CA LEU C 567 53.16 -72.56 -33.27
C LEU C 567 52.01 -72.75 -34.26
N GLY C 568 51.58 -71.66 -34.91
CA GLY C 568 50.54 -71.79 -35.92
C GLY C 568 50.91 -72.71 -37.07
N LYS C 569 52.20 -73.00 -37.26
CA LYS C 569 52.56 -73.99 -38.27
C LYS C 569 52.30 -75.42 -37.84
N GLN C 570 52.30 -75.69 -36.54
CA GLN C 570 52.06 -77.05 -36.05
C GLN C 570 50.63 -77.49 -36.36
N PRO C 571 50.44 -78.70 -36.89
CA PRO C 571 49.08 -79.16 -37.20
C PRO C 571 48.15 -79.25 -35.98
N TYR C 572 48.70 -79.43 -34.78
CA TYR C 572 47.89 -79.64 -33.58
C TYR C 572 47.53 -78.34 -32.86
N VAL C 573 47.85 -77.19 -33.44
CA VAL C 573 47.55 -75.91 -32.84
C VAL C 573 46.51 -75.25 -33.71
N ASP C 574 45.61 -74.50 -33.08
CA ASP C 574 44.56 -73.77 -33.78
C ASP C 574 44.98 -72.30 -33.77
N LYS C 575 45.44 -71.81 -34.90
CA LYS C 575 45.96 -70.44 -35.00
C LYS C 575 45.02 -69.30 -34.70
N ASP C 576 43.75 -69.57 -34.57
CA ASP C 576 42.79 -68.54 -34.23
C ASP C 576 42.55 -68.42 -32.75
N ARG C 577 43.24 -69.23 -31.97
CA ARG C 577 43.10 -69.20 -30.54
C ARG C 577 44.40 -69.10 -29.74
N ILE C 578 45.37 -68.28 -30.16
CA ILE C 578 46.56 -68.05 -29.36
C ILE C 578 46.33 -66.81 -28.50
N GLY C 579 46.71 -66.91 -27.22
CA GLY C 579 46.70 -65.77 -26.34
C GLY C 579 48.06 -65.62 -25.70
N ILE C 580 48.33 -64.43 -25.19
CA ILE C 580 49.63 -64.13 -24.62
C ILE C 580 49.40 -63.37 -23.32
N TRP C 581 50.31 -63.54 -22.37
CA TRP C 581 50.19 -62.73 -21.17
C TRP C 581 51.54 -62.62 -20.49
N GLY C 582 51.57 -61.79 -19.46
CA GLY C 582 52.79 -61.60 -18.69
C GLY C 582 52.58 -60.48 -17.71
N TRP C 583 53.62 -60.24 -16.93
CA TRP C 583 53.52 -59.40 -15.75
C TRP C 583 54.77 -58.55 -15.66
N SER C 584 54.58 -57.28 -15.28
CA SER C 584 55.65 -56.29 -15.24
C SER C 584 56.06 -55.99 -16.68
N TYR C 585 57.37 -56.01 -16.95
CA TYR C 585 57.85 -55.97 -18.32
C TYR C 585 57.07 -56.92 -19.21
N GLY C 586 56.65 -58.07 -18.69
CA GLY C 586 55.82 -58.96 -19.47
C GLY C 586 54.47 -58.39 -19.84
N GLY C 587 53.85 -57.62 -18.94
CA GLY C 587 52.59 -56.96 -19.32
C GLY C 587 52.79 -55.94 -20.43
N TYR C 588 53.86 -55.14 -20.30
CA TYR C 588 54.35 -54.37 -21.43
C TYR C 588 54.53 -55.20 -22.69
N MET C 589 55.03 -56.43 -22.53
CA MET C 589 55.32 -57.23 -23.71
C MET C 589 54.05 -57.74 -24.35
N THR C 590 53.05 -58.06 -23.54
CA THR C 590 51.72 -58.37 -24.04
C THR C 590 51.17 -57.22 -24.87
N LEU C 591 51.25 -56.01 -24.31
CA LEU C 591 50.87 -54.84 -25.10
C LEU C 591 51.62 -54.80 -26.43
N MET C 592 52.94 -54.74 -26.41
CA MET C 592 53.69 -54.58 -27.65
C MET C 592 53.46 -55.62 -28.69
N SER C 593 53.43 -56.87 -28.27
CA SER C 593 53.19 -57.95 -29.17
C SER C 593 51.80 -57.98 -29.77
N MET C 594 50.80 -57.61 -29.00
CA MET C 594 49.43 -57.63 -29.48
C MET C 594 49.13 -56.47 -30.38
N SER C 595 49.97 -55.47 -30.37
CA SER C 595 49.80 -54.35 -31.28
C SER C 595 50.99 -54.18 -32.22
N GLU C 596 51.71 -55.27 -32.48
CA GLU C 596 52.92 -55.20 -33.29
C GLU C 596 52.61 -54.99 -34.77
N GLY C 597 51.34 -55.13 -35.17
CA GLY C 597 50.91 -55.03 -36.54
C GLY C 597 50.60 -56.37 -37.20
N THR C 598 51.14 -57.47 -36.69
CA THR C 598 50.80 -58.76 -37.24
C THR C 598 49.73 -59.41 -36.39
N PRO C 599 48.52 -59.57 -36.89
CA PRO C 599 47.34 -59.90 -36.04
C PRO C 599 47.24 -61.39 -35.71
N VAL C 600 48.11 -61.88 -34.83
CA VAL C 600 48.14 -63.31 -34.55
C VAL C 600 47.55 -63.67 -33.21
N PHE C 601 47.31 -62.71 -32.33
CA PHE C 601 46.76 -62.99 -31.00
C PHE C 601 45.26 -62.74 -30.96
N LYS C 602 44.56 -63.55 -30.16
CA LYS C 602 43.13 -63.44 -29.96
C LYS C 602 42.79 -62.81 -28.62
N ALA C 603 43.61 -63.02 -27.59
CA ALA C 603 43.38 -62.37 -26.30
C ALA C 603 44.70 -62.23 -25.56
N GLY C 604 44.74 -61.27 -24.63
CA GLY C 604 45.94 -61.10 -23.83
C GLY C 604 45.62 -60.45 -22.50
N VAL C 605 46.60 -60.52 -21.60
CA VAL C 605 46.44 -59.97 -20.26
C VAL C 605 47.72 -59.26 -19.87
N ALA C 606 47.59 -58.01 -19.45
CA ALA C 606 48.73 -57.19 -19.07
C ALA C 606 48.60 -56.86 -17.59
N VAL C 607 49.46 -57.46 -16.76
CA VAL C 607 49.44 -57.26 -15.31
C VAL C 607 50.58 -56.33 -14.93
N ALA C 608 50.23 -55.14 -14.39
CA ALA C 608 51.17 -54.14 -13.86
C ALA C 608 52.21 -53.71 -14.91
N ALA C 609 51.71 -53.35 -16.08
CA ALA C 609 52.51 -53.10 -17.26
C ALA C 609 53.01 -51.66 -17.29
N PRO C 610 54.30 -51.41 -17.52
CA PRO C 610 54.70 -50.10 -18.01
C PRO C 610 54.13 -49.95 -19.41
N THR C 611 53.73 -48.75 -19.75
CA THR C 611 53.11 -48.50 -21.04
C THR C 611 53.85 -47.47 -21.87
N ASP C 612 54.51 -46.52 -21.23
CA ASP C 612 55.40 -45.60 -21.90
C ASP C 612 56.57 -45.39 -20.95
N TRP C 613 57.80 -45.48 -21.48
CA TRP C 613 58.94 -45.51 -20.57
C TRP C 613 59.22 -44.17 -19.88
N ARG C 614 58.55 -43.08 -20.27
CA ARG C 614 58.75 -41.84 -19.54
C ARG C 614 58.10 -41.87 -18.16
N PHE C 615 57.18 -42.79 -17.93
CA PHE C 615 56.57 -42.94 -16.61
C PHE C 615 57.45 -43.72 -15.62
N TYR C 616 58.39 -44.52 -16.10
CA TYR C 616 59.20 -45.39 -15.24
C TYR C 616 60.47 -44.68 -14.78
N ASP C 617 61.18 -45.31 -13.84
CA ASP C 617 62.24 -44.66 -13.08
C ASP C 617 63.56 -44.51 -13.87
N THR C 618 64.43 -43.62 -13.36
CA THR C 618 65.65 -43.23 -14.07
C THR C 618 66.56 -44.42 -14.32
N ILE C 619 66.99 -45.09 -13.26
CA ILE C 619 68.15 -45.98 -13.35
C ILE C 619 67.91 -47.13 -14.35
N TYR C 620 66.82 -47.88 -14.17
CA TYR C 620 66.46 -48.97 -15.07
C TYR C 620 66.19 -48.47 -16.49
N THR C 621 65.22 -47.57 -16.64
CA THR C 621 64.86 -47.03 -17.97
C THR C 621 66.07 -46.49 -18.71
N GLU C 622 66.82 -45.62 -18.06
CA GLU C 622 67.93 -44.93 -18.73
C GLU C 622 69.03 -45.91 -19.09
N ARG C 623 69.34 -46.90 -18.24
CA ARG C 623 70.35 -47.90 -18.59
C ARG C 623 70.14 -48.45 -19.99
N PHE C 624 68.93 -48.64 -20.39
CA PHE C 624 68.67 -49.24 -21.67
C PHE C 624 68.33 -48.23 -22.72
N MET C 625 67.70 -47.15 -22.35
CA MET C 625 67.20 -46.22 -23.33
C MET C 625 67.71 -44.80 -23.29
N ARG C 626 68.51 -44.45 -22.30
CA ARG C 626 68.98 -43.10 -22.12
C ARG C 626 67.89 -42.16 -21.69
N THR C 627 68.15 -40.87 -21.77
CA THR C 627 67.15 -39.91 -21.39
C THR C 627 66.24 -39.62 -22.54
N PRO C 628 65.02 -39.19 -22.22
CA PRO C 628 64.11 -38.79 -23.28
C PRO C 628 64.67 -37.66 -24.14
N LYS C 629 65.41 -36.73 -23.55
CA LYS C 629 66.04 -35.66 -24.30
C LYS C 629 66.98 -36.18 -25.33
N GLU C 630 67.73 -37.21 -25.00
CA GLU C 630 68.72 -37.72 -25.94
C GLU C 630 68.16 -38.74 -26.93
N ASN C 631 67.13 -39.48 -26.56
CA ASN C 631 66.64 -40.61 -27.36
C ASN C 631 65.14 -40.48 -27.63
N ALA C 632 64.70 -39.35 -28.11
CA ALA C 632 63.29 -39.15 -28.33
C ALA C 632 62.61 -40.16 -29.21
N GLU C 633 63.18 -40.46 -30.34
CA GLU C 633 62.62 -41.44 -31.26
C GLU C 633 62.58 -42.83 -30.69
N GLY C 634 63.59 -43.17 -29.91
CA GLY C 634 63.58 -44.45 -29.28
C GLY C 634 62.46 -44.50 -28.32
N TYR C 635 62.31 -43.48 -27.49
CA TYR C 635 61.11 -43.48 -26.65
C TYR C 635 59.87 -43.68 -27.50
N LYS C 636 59.77 -42.93 -28.60
CA LYS C 636 58.58 -43.02 -29.44
C LYS C 636 58.36 -44.45 -29.90
N GLU C 637 59.38 -45.08 -30.46
CA GLU C 637 59.14 -46.41 -31.03
C GLU C 637 59.03 -47.50 -29.99
N SER C 638 59.52 -47.26 -28.76
CA SER C 638 59.44 -48.24 -27.68
C SER C 638 58.17 -48.11 -26.85
N SER C 639 57.34 -47.10 -27.11
CA SER C 639 56.16 -46.83 -26.31
C SER C 639 54.96 -47.63 -26.81
N ALA C 640 54.23 -48.21 -25.87
CA ALA C 640 52.99 -48.88 -26.25
C ALA C 640 51.97 -47.91 -26.86
N PHE C 641 52.04 -46.62 -26.51
CA PHE C 641 51.05 -45.66 -27.01
C PHE C 641 51.15 -45.49 -28.51
N THR C 642 52.37 -45.50 -29.03
CA THR C 642 52.63 -45.21 -30.44
C THR C 642 51.92 -46.18 -31.36
N ARG C 643 51.83 -47.45 -30.96
CA ARG C 643 51.29 -48.53 -31.78
C ARG C 643 49.93 -49.02 -31.30
N ALA C 644 49.27 -48.28 -30.42
CA ALA C 644 48.02 -48.76 -29.82
C ALA C 644 46.94 -48.98 -30.87
N ASP C 645 46.84 -48.12 -31.88
CA ASP C 645 45.76 -48.33 -32.84
C ASP C 645 45.90 -49.65 -33.59
N LYS C 646 47.11 -50.16 -33.75
CA LYS C 646 47.27 -51.46 -34.36
C LYS C 646 47.00 -52.61 -33.39
N LEU C 647 46.44 -52.33 -32.22
CA LEU C 647 46.12 -53.39 -31.26
C LEU C 647 45.04 -54.30 -31.80
N HIS C 648 45.24 -55.61 -31.65
CA HIS C 648 44.36 -56.62 -32.22
C HIS C 648 44.26 -57.78 -31.24
N GLY C 649 43.06 -58.24 -30.99
CA GLY C 649 42.76 -59.07 -29.83
C GLY C 649 41.99 -58.31 -28.74
N ASN C 650 41.47 -59.07 -27.78
CA ASN C 650 40.78 -58.50 -26.63
C ASN C 650 41.74 -58.43 -25.46
N LEU C 651 41.76 -57.29 -24.80
CA LEU C 651 42.73 -57.02 -23.76
C LEU C 651 42.06 -57.04 -22.39
N LEU C 652 42.84 -57.43 -21.38
CA LEU C 652 42.52 -57.28 -19.97
C LEU C 652 43.67 -56.54 -19.28
N LEU C 653 43.44 -55.31 -18.84
CA LEU C 653 44.41 -54.59 -18.02
C LEU C 653 44.19 -54.94 -16.55
N VAL C 654 45.29 -55.30 -15.87
CA VAL C 654 45.26 -55.63 -14.45
C VAL C 654 46.35 -54.84 -13.80
N HIS C 655 46.00 -53.96 -12.90
CA HIS C 655 46.96 -53.19 -12.18
C HIS C 655 46.56 -52.99 -10.77
N GLY C 656 47.53 -52.79 -9.89
CA GLY C 656 47.26 -52.53 -8.49
C GLY C 656 47.43 -51.06 -8.37
N MET C 657 46.62 -50.43 -7.56
CA MET C 657 46.66 -48.97 -7.52
C MET C 657 47.74 -48.42 -6.58
N ALA C 658 48.18 -49.18 -5.59
CA ALA C 658 49.29 -48.78 -4.73
C ALA C 658 50.62 -49.33 -5.21
N ASP C 659 50.78 -49.45 -6.53
CA ASP C 659 52.03 -49.94 -7.10
C ASP C 659 53.06 -48.82 -7.07
N ASP C 660 54.11 -49.00 -6.26
CA ASP C 660 55.17 -48.02 -6.12
C ASP C 660 56.32 -48.27 -7.09
N ASN C 661 56.13 -49.18 -8.04
CA ASN C 661 57.16 -49.53 -8.99
C ASN C 661 56.73 -49.09 -10.37
N VAL C 662 55.90 -49.87 -11.04
CA VAL C 662 55.15 -49.42 -12.21
C VAL C 662 53.90 -48.69 -11.73
N HIS C 663 53.89 -47.37 -11.88
CA HIS C 663 52.80 -46.58 -11.32
C HIS C 663 51.48 -46.92 -12.00
N PHE C 664 50.40 -46.86 -11.21
CA PHE C 664 49.06 -47.03 -11.77
C PHE C 664 48.81 -46.04 -12.92
N GLN C 665 49.50 -44.91 -12.89
CA GLN C 665 49.49 -43.91 -13.94
C GLN C 665 49.63 -44.57 -15.31
N ASN C 666 50.51 -45.58 -15.41
CA ASN C 666 50.69 -46.29 -16.68
C ASN C 666 49.36 -46.78 -17.21
N CYS C 667 48.64 -47.51 -16.36
CA CYS C 667 47.35 -48.11 -16.74
C CYS C 667 46.31 -47.03 -17.00
N ALA C 668 46.22 -46.04 -16.10
CA ALA C 668 45.25 -44.97 -16.31
C ALA C 668 45.45 -44.31 -17.68
N GLU C 669 46.67 -43.86 -17.97
CA GLU C 669 46.90 -43.09 -19.17
C GLU C 669 46.72 -43.95 -20.40
N TYR C 670 47.24 -45.17 -20.38
CA TYR C 670 47.08 -46.06 -21.53
C TYR C 670 45.60 -46.39 -21.76
N ALA C 671 44.87 -46.69 -20.70
CA ALA C 671 43.45 -46.97 -20.83
C ALA C 671 42.71 -45.80 -21.46
N GLU C 672 43.06 -44.57 -21.06
CA GLU C 672 42.37 -43.44 -21.63
C GLU C 672 42.69 -43.29 -23.11
N HIS C 673 43.93 -43.57 -23.49
CA HIS C 673 44.29 -43.50 -24.91
C HIS C 673 43.53 -44.56 -25.72
N LEU C 674 43.36 -45.77 -25.17
CA LEU C 674 42.53 -46.78 -25.81
C LEU C 674 41.06 -46.37 -25.87
N VAL C 675 40.57 -45.65 -24.86
CA VAL C 675 39.19 -45.18 -24.90
C VAL C 675 39.01 -44.14 -25.98
N GLN C 676 39.98 -43.24 -26.15
CA GLN C 676 39.86 -42.29 -27.24
C GLN C 676 40.05 -42.96 -28.60
N LEU C 677 40.87 -44.00 -28.70
CA LEU C 677 40.96 -44.71 -29.99
C LEU C 677 39.67 -45.45 -30.30
N GLY C 678 38.84 -45.70 -29.30
CA GLY C 678 37.67 -46.54 -29.47
C GLY C 678 37.87 -48.01 -29.29
N LYS C 679 39.05 -48.47 -28.84
CA LYS C 679 39.28 -49.89 -28.60
C LYS C 679 38.56 -50.35 -27.33
N GLN C 680 37.78 -51.43 -27.44
CA GLN C 680 37.20 -52.06 -26.27
C GLN C 680 38.21 -52.96 -25.56
N PHE C 681 38.27 -52.85 -24.24
CA PHE C 681 39.13 -53.69 -23.43
C PHE C 681 38.41 -53.99 -22.12
N ASP C 682 39.11 -54.62 -21.19
CA ASP C 682 38.55 -55.02 -19.92
C ASP C 682 39.52 -54.59 -18.83
N MET C 683 39.04 -54.38 -17.61
CA MET C 683 39.93 -53.91 -16.55
C MET C 683 39.66 -54.62 -15.24
N GLN C 684 40.68 -54.64 -14.42
CA GLN C 684 40.60 -55.18 -13.07
C GLN C 684 41.65 -54.45 -12.26
N VAL C 685 41.21 -53.56 -11.40
CA VAL C 685 42.15 -52.79 -10.61
C VAL C 685 41.96 -53.19 -9.15
N TYR C 686 43.09 -53.31 -8.48
CA TYR C 686 43.08 -53.82 -7.15
C TYR C 686 43.44 -52.78 -6.15
N THR C 687 42.65 -52.68 -5.10
CA THR C 687 42.84 -51.63 -4.14
C THR C 687 43.95 -51.82 -3.15
N ASN C 688 44.78 -50.80 -3.00
CA ASN C 688 45.87 -50.81 -2.07
C ASN C 688 46.87 -51.90 -2.32
N ARG C 689 46.93 -52.33 -3.56
CA ARG C 689 47.84 -53.38 -3.93
C ARG C 689 49.05 -52.94 -4.69
N ASN C 690 50.19 -53.55 -4.40
CA ASN C 690 51.45 -53.24 -5.03
C ASN C 690 51.77 -54.02 -6.26
N HIS C 691 53.01 -54.00 -6.67
CA HIS C 691 53.44 -54.69 -7.86
C HIS C 691 53.21 -56.14 -7.74
N GLY C 692 53.32 -56.66 -6.53
CA GLY C 692 53.01 -58.04 -6.24
C GLY C 692 51.59 -58.49 -6.34
N ILE C 693 50.64 -57.58 -6.18
CA ILE C 693 49.23 -57.88 -6.28
C ILE C 693 48.83 -59.04 -5.38
N TYR C 694 49.12 -58.89 -4.10
CA TYR C 694 48.81 -59.91 -3.12
C TYR C 694 48.10 -59.42 -1.88
N GLY C 695 47.40 -60.30 -1.19
CA GLY C 695 46.74 -59.97 0.05
C GLY C 695 45.45 -60.73 0.22
N GLY C 696 45.38 -61.53 1.24
CA GLY C 696 44.22 -62.35 1.40
C GLY C 696 43.85 -63.19 0.21
N ASN C 697 42.61 -63.12 -0.21
CA ASN C 697 42.18 -63.85 -1.38
C ASN C 697 42.53 -63.12 -2.68
N THR C 698 43.37 -62.08 -2.64
CA THR C 698 43.74 -61.38 -3.87
C THR C 698 44.25 -62.33 -4.95
N ARG C 699 45.29 -63.13 -4.66
CA ARG C 699 45.89 -63.91 -5.76
C ARG C 699 44.91 -64.93 -6.33
N GLN C 700 44.11 -65.58 -5.47
CA GLN C 700 43.11 -66.50 -5.99
C GLN C 700 42.08 -65.75 -6.84
N HIS C 701 41.67 -64.55 -6.40
CA HIS C 701 40.79 -63.72 -7.22
C HIS C 701 41.41 -63.47 -8.57
N LEU C 702 42.70 -63.06 -8.57
CA LEU C 702 43.41 -62.67 -9.79
C LEU C 702 43.51 -63.84 -10.78
N TYR C 703 44.02 -64.98 -10.31
CA TYR C 703 44.21 -66.07 -11.25
C TYR C 703 42.88 -66.64 -11.70
N THR C 704 41.85 -66.66 -10.84
CA THR C 704 40.52 -67.03 -11.32
C THR C 704 40.08 -66.10 -12.43
N ARG C 705 40.40 -64.81 -12.38
CA ARG C 705 40.03 -63.83 -13.42
C ARG C 705 40.72 -64.09 -14.70
N LEU C 706 41.99 -64.39 -14.63
CA LEU C 706 42.73 -64.73 -15.81
C LEU C 706 42.23 -66.00 -16.44
N THR C 707 41.89 -66.98 -15.63
CA THR C 707 41.37 -68.20 -16.14
C THR C 707 40.08 -67.95 -16.85
N ASN C 708 39.15 -67.22 -16.22
CA ASN C 708 37.88 -66.91 -16.85
C ASN C 708 38.08 -66.09 -18.12
N PHE C 709 38.96 -65.10 -18.07
CA PHE C 709 39.14 -64.25 -19.24
C PHE C 709 39.58 -65.06 -20.45
N PHE C 710 40.55 -65.98 -20.27
CA PHE C 710 41.01 -66.75 -21.43
C PHE C 710 40.06 -67.87 -21.81
N LEU C 711 39.39 -68.49 -20.84
CA LEU C 711 38.36 -69.44 -21.20
C LEU C 711 37.28 -68.78 -22.04
N ASN C 712 36.94 -67.51 -21.76
CA ASN C 712 35.88 -66.86 -22.50
C ASN C 712 36.36 -66.31 -23.83
N ASN C 713 37.50 -65.62 -23.87
CA ASN C 713 38.00 -65.11 -25.15
C ASN C 713 38.81 -66.13 -25.96
N LEU C 714 39.16 -67.28 -25.36
CA LEU C 714 39.89 -68.41 -25.98
C LEU C 714 41.23 -68.02 -26.62
N LYS D 1 -49.42 83.48 -5.29
CA LYS D 1 -50.77 83.10 -5.65
C LYS D 1 -50.98 81.60 -5.58
N ALA D 2 -49.93 80.84 -5.78
CA ALA D 2 -50.06 79.39 -5.76
C ALA D 2 -49.78 78.74 -4.42
N LEU D 3 -50.65 77.85 -4.01
CA LEU D 3 -50.50 77.19 -2.72
C LEU D 3 -49.38 76.13 -2.74
N ASP D 4 -48.54 76.15 -1.69
CA ASP D 4 -47.37 75.29 -1.59
C ASP D 4 -47.56 74.23 -0.50
N LEU D 5 -47.49 72.94 -0.89
CA LEU D 5 -47.76 71.84 0.03
C LEU D 5 -46.82 71.87 1.23
N LYS D 6 -45.54 72.18 1.00
CA LYS D 6 -44.57 72.24 2.10
C LYS D 6 -44.89 73.36 3.09
N ASP D 7 -45.50 74.45 2.61
CA ASP D 7 -45.97 75.49 3.51
C ASP D 7 -47.08 74.98 4.41
N ILE D 8 -48.07 74.29 3.83
CA ILE D 8 -49.12 73.68 4.65
C ILE D 8 -48.51 72.73 5.68
N THR D 9 -47.73 71.76 5.22
CA THR D 9 -47.30 70.68 6.10
C THR D 9 -46.21 71.09 7.07
N SER D 10 -45.44 72.14 6.76
CA SER D 10 -44.58 72.74 7.77
C SER D 10 -45.36 73.64 8.73
N GLY D 11 -46.68 73.77 8.56
CA GLY D 11 -47.48 74.50 9.52
C GLY D 11 -47.40 76.00 9.40
N ARG D 12 -47.10 76.53 8.21
CA ARG D 12 -47.01 77.97 8.01
C ARG D 12 -48.32 78.67 8.31
N PHE D 13 -49.41 78.04 7.95
CA PHE D 13 -50.69 78.69 8.07
C PHE D 13 -51.43 78.36 9.35
N ARG D 14 -50.71 77.88 10.33
CA ARG D 14 -51.33 77.64 11.60
C ARG D 14 -51.69 78.97 12.17
N PRO D 15 -52.88 79.08 12.75
CA PRO D 15 -53.30 80.38 13.22
C PRO D 15 -52.81 80.71 14.60
N GLU D 16 -52.62 81.98 14.91
CA GLU D 16 -52.28 82.38 16.27
C GLU D 16 -53.29 81.79 17.24
N ASN D 17 -52.86 81.49 18.45
CA ASN D 17 -53.74 80.89 19.43
C ASN D 17 -53.02 80.95 20.75
N ILE D 18 -53.73 80.66 21.84
CA ILE D 18 -53.09 80.64 23.14
C ILE D 18 -53.19 79.28 23.75
N GLN D 19 -52.19 78.92 24.53
CA GLN D 19 -52.18 77.62 25.12
C GLN D 19 -51.66 77.76 26.52
N GLY D 20 -51.81 76.71 27.32
CA GLY D 20 -51.37 76.75 28.69
C GLY D 20 -52.10 77.79 29.50
N VAL D 21 -53.40 77.94 29.26
CA VAL D 21 -54.21 78.87 30.03
C VAL D 21 -54.77 78.12 31.24
N ILE D 22 -54.30 78.48 32.42
CA ILE D 22 -54.68 77.78 33.64
C ILE D 22 -55.46 78.75 34.52
N PRO D 23 -56.79 78.65 34.55
CA PRO D 23 -57.56 79.52 35.44
C PRO D 23 -57.09 79.41 36.87
N MET D 24 -57.28 80.50 37.63
CA MET D 24 -56.90 80.56 39.04
C MET D 24 -58.08 80.22 39.94
N PRO D 25 -57.79 79.66 41.12
CA PRO D 25 -58.87 79.40 42.07
C PRO D 25 -59.70 80.63 42.41
N ASP D 26 -59.11 81.83 42.41
CA ASP D 26 -59.84 83.03 42.81
C ASP D 26 -60.92 83.43 41.81
N GLY D 27 -60.85 82.92 40.58
CA GLY D 27 -61.94 83.08 39.62
C GLY D 27 -61.96 84.38 38.88
N GLU D 28 -61.10 85.32 39.23
CA GLU D 28 -61.00 86.59 38.55
C GLU D 28 -59.75 86.70 37.68
N HIS D 29 -58.92 85.66 37.63
CA HIS D 29 -57.68 85.70 36.85
C HIS D 29 -57.42 84.34 36.22
N TYR D 30 -56.65 84.36 35.14
CA TYR D 30 -56.04 83.15 34.62
C TYR D 30 -54.52 83.31 34.59
N THR D 31 -53.81 82.23 34.34
CA THR D 31 -52.37 82.30 34.24
C THR D 31 -51.93 81.69 32.93
N GLN D 32 -50.66 81.93 32.62
CA GLN D 32 -50.04 81.40 31.42
C GLN D 32 -48.53 81.44 31.59
N MET D 33 -47.82 80.56 30.87
CA MET D 33 -46.36 80.55 30.90
C MET D 33 -45.76 81.56 29.91
N SER D 34 -44.65 82.18 30.32
CA SER D 34 -43.94 83.12 29.45
C SER D 34 -43.30 82.38 28.27
N ALA D 35 -43.05 83.13 27.19
CA ALA D 35 -42.51 82.53 25.97
C ALA D 35 -41.24 81.74 26.24
N ASP D 36 -40.41 82.20 27.17
CA ASP D 36 -39.14 81.55 27.46
C ASP D 36 -39.21 80.51 28.55
N GLY D 37 -40.37 80.25 29.13
CA GLY D 37 -40.50 79.18 30.11
C GLY D 37 -39.74 79.38 31.40
N THR D 38 -39.57 80.63 31.83
CA THR D 38 -39.04 80.93 33.16
C THR D 38 -40.04 81.66 34.06
N GLN D 39 -41.24 81.97 33.56
CA GLN D 39 -42.20 82.72 34.35
C GLN D 39 -43.59 82.15 34.16
N ILE D 40 -44.43 82.34 35.17
CA ILE D 40 -45.83 81.98 35.04
C ILE D 40 -46.42 83.32 35.37
N ILE D 41 -47.32 83.80 34.55
CA ILE D 41 -47.82 85.14 34.76
C ILE D 41 -49.34 85.24 34.84
N LYS D 42 -49.83 86.11 35.72
CA LYS D 42 -51.27 86.28 35.92
C LYS D 42 -51.90 87.32 35.06
N TYR D 43 -53.10 87.05 34.57
CA TYR D 43 -53.83 87.98 33.72
C TYR D 43 -55.25 88.10 34.24
N SER D 44 -55.88 89.24 33.96
CA SER D 44 -57.27 89.44 34.36
C SER D 44 -58.22 88.83 33.34
N PHE D 45 -59.16 88.02 33.83
CA PHE D 45 -60.22 87.56 32.94
C PHE D 45 -61.04 88.72 32.37
N ARG D 46 -61.19 89.80 33.12
CA ARG D 46 -62.02 90.91 32.65
C ARG D 46 -61.29 91.71 31.61
N THR D 47 -60.25 92.40 32.01
CA THR D 47 -59.46 93.15 31.06
C THR D 47 -58.52 92.47 30.07
N GLY D 48 -57.79 91.46 30.50
CA GLY D 48 -56.82 90.82 29.62
C GLY D 48 -55.40 91.17 29.95
N GLU D 49 -55.19 92.30 30.61
CA GLU D 49 -53.86 92.80 30.93
C GLU D 49 -53.23 91.95 32.04
N LYS D 50 -51.90 92.04 32.15
CA LYS D 50 -51.22 91.25 33.17
C LYS D 50 -51.27 91.96 34.50
N VAL D 51 -51.47 91.19 35.56
CA VAL D 51 -51.50 91.70 36.91
C VAL D 51 -50.07 91.73 37.44
N GLU D 52 -49.42 90.58 37.42
CA GLU D 52 -48.05 90.48 37.92
C GLU D 52 -47.45 89.17 37.42
N VAL D 53 -46.25 88.87 37.91
CA VAL D 53 -45.63 87.62 37.61
C VAL D 53 -45.70 86.81 38.87
N ILE D 54 -46.50 85.76 38.87
CA ILE D 54 -46.64 84.88 40.01
C ILE D 54 -45.40 84.07 40.33
N PHE D 55 -44.74 83.55 39.31
CA PHE D 55 -43.54 82.73 39.55
C PHE D 55 -42.42 83.11 38.61
N ASP D 56 -41.20 82.89 39.05
CA ASP D 56 -40.04 83.28 38.25
C ASP D 56 -38.87 82.39 38.63
N VAL D 57 -38.32 81.67 37.64
CA VAL D 57 -37.16 80.81 37.88
C VAL D 57 -36.00 81.62 38.43
N ASN D 58 -35.86 82.86 37.94
CA ASN D 58 -34.68 83.67 38.17
C ASN D 58 -34.69 84.37 39.52
N GLN D 59 -35.87 84.60 40.10
CA GLN D 59 -35.97 85.16 41.43
C GLN D 59 -36.30 84.13 42.50
N ALA D 60 -36.68 82.94 42.11
CA ALA D 60 -36.99 81.92 43.07
C ALA D 60 -35.77 81.49 43.83
N ARG D 61 -36.01 80.87 44.97
CA ARG D 61 -34.91 80.44 45.80
C ARG D 61 -34.73 78.96 45.74
N GLU D 62 -33.49 78.54 45.62
CA GLU D 62 -33.19 77.14 45.48
C GLU D 62 -33.95 76.50 44.34
N CYS D 63 -33.96 77.18 43.19
CA CYS D 63 -34.57 76.60 42.03
C CYS D 63 -33.45 76.22 41.13
N ASP D 64 -33.17 74.93 41.02
CA ASP D 64 -32.14 74.47 40.13
C ASP D 64 -32.45 74.64 38.67
N PHE D 65 -33.66 74.31 38.28
CA PHE D 65 -34.01 74.33 36.87
C PHE D 65 -34.11 75.68 36.27
N LYS D 66 -33.92 75.77 34.96
CA LYS D 66 -34.12 77.03 34.27
C LYS D 66 -35.36 76.95 33.44
N ASN D 67 -35.93 75.76 33.33
CA ASN D 67 -37.10 75.56 32.52
C ASN D 67 -38.13 74.66 33.19
N PHE D 68 -39.41 74.91 32.96
CA PHE D 68 -40.46 74.03 33.48
C PHE D 68 -41.48 73.74 32.40
N ASP D 69 -42.16 72.59 32.48
CA ASP D 69 -43.09 72.20 31.45
C ASP D 69 -44.56 72.49 31.73
N SER D 70 -45.04 72.16 32.93
CA SER D 70 -46.45 72.33 33.28
C SER D 70 -46.59 72.67 34.72
N TYR D 71 -47.76 73.19 35.08
CA TYR D 71 -48.01 73.55 36.45
C TYR D 71 -49.46 73.42 36.88
N GLN D 72 -49.66 73.21 38.17
CA GLN D 72 -51.02 73.16 38.71
C GLN D 72 -51.10 73.84 40.05
N PHE D 73 -52.19 74.55 40.29
CA PHE D 73 -52.41 75.21 41.56
C PHE D 73 -53.03 74.33 42.61
N SER D 74 -52.95 74.75 43.85
CA SER D 74 -53.60 74.05 44.93
C SER D 74 -55.06 74.43 44.89
N PRO D 75 -55.90 73.73 45.63
CA PRO D 75 -57.31 74.03 45.47
C PRO D 75 -57.60 75.48 45.83
N ASP D 76 -56.95 76.01 46.86
CA ASP D 76 -57.18 77.38 47.28
C ASP D 76 -56.14 78.40 46.83
N GLY D 77 -55.21 78.02 45.97
CA GLY D 77 -54.24 78.96 45.44
C GLY D 77 -53.01 79.24 46.25
N ASP D 78 -52.89 78.61 47.40
CA ASP D 78 -51.76 78.84 48.29
C ASP D 78 -50.44 78.28 47.82
N LYS D 79 -50.45 77.42 46.82
CA LYS D 79 -49.23 76.77 46.40
C LYS D 79 -49.23 76.44 44.95
N LEU D 80 -48.07 76.14 44.43
CA LEU D 80 -47.97 75.72 43.07
C LEU D 80 -47.21 74.43 42.89
N LEU D 81 -47.75 73.50 42.12
CA LEU D 81 -47.07 72.26 41.78
C LEU D 81 -46.55 72.42 40.35
N ILE D 82 -45.23 72.52 40.23
CA ILE D 82 -44.57 72.75 38.96
C ILE D 82 -43.94 71.44 38.52
N ALA D 83 -44.00 71.15 37.21
CA ALA D 83 -43.52 69.91 36.65
C ALA D 83 -42.33 70.17 35.74
N THR D 84 -41.25 69.41 35.93
CA THR D 84 -40.05 69.51 35.12
C THR D 84 -39.69 68.14 34.59
N ARG D 85 -39.02 68.14 33.43
CA ARG D 85 -38.50 66.93 32.78
C ARG D 85 -39.63 65.93 32.50
N THR D 86 -40.72 66.45 31.94
CA THR D 86 -41.84 65.62 31.55
C THR D 86 -41.43 64.61 30.48
N THR D 87 -41.79 63.35 30.71
CA THR D 87 -41.39 62.22 29.88
C THR D 87 -42.63 61.42 29.57
N PRO D 88 -43.17 61.52 28.35
CA PRO D 88 -44.36 60.74 27.99
C PRO D 88 -44.15 59.24 28.14
N ILE D 89 -45.27 58.54 28.26
CA ILE D 89 -45.30 57.07 28.26
C ILE D 89 -46.27 56.66 27.17
N TYR D 90 -47.55 56.92 27.41
CA TYR D 90 -48.61 56.75 26.44
C TYR D 90 -49.24 58.12 26.15
N ARG D 91 -50.38 58.10 25.46
CA ARG D 91 -50.97 59.34 24.94
C ARG D 91 -51.32 60.32 26.07
N HIS D 92 -51.66 59.83 27.26
CA HIS D 92 -52.06 60.71 28.34
C HIS D 92 -51.19 60.64 29.57
N SER D 93 -50.20 59.74 29.64
CA SER D 93 -49.45 59.54 30.87
C SER D 93 -47.99 59.91 30.68
N TYR D 94 -47.36 60.24 31.80
CA TYR D 94 -46.03 60.83 31.81
C TYR D 94 -45.49 60.77 33.23
N THR D 95 -44.16 60.78 33.34
CA THR D 95 -43.46 61.01 34.59
C THR D 95 -42.93 62.44 34.62
N ALA D 96 -42.81 62.99 35.82
CA ALA D 96 -42.25 64.32 35.96
C ALA D 96 -41.57 64.42 37.31
N VAL D 97 -40.67 65.39 37.41
CA VAL D 97 -40.05 65.79 38.67
C VAL D 97 -40.75 67.06 39.12
N HIS D 98 -41.46 66.98 40.23
CA HIS D 98 -42.38 68.01 40.64
C HIS D 98 -41.81 68.81 41.81
N TYR D 99 -41.99 70.12 41.75
CA TYR D 99 -41.53 71.01 42.80
C TYR D 99 -42.72 71.77 43.38
N ILE D 100 -42.71 71.91 44.70
CA ILE D 100 -43.73 72.61 45.47
C ILE D 100 -43.27 74.05 45.70
N TYR D 101 -44.16 75.02 45.47
CA TYR D 101 -43.80 76.43 45.63
C TYR D 101 -44.87 77.25 46.36
N PRO D 102 -44.59 77.75 47.58
CA PRO D 102 -45.57 78.64 48.23
C PRO D 102 -45.77 79.90 47.41
N LEU D 103 -46.99 80.39 47.40
CA LEU D 103 -47.29 81.65 46.71
C LEU D 103 -47.35 82.84 47.66
N LYS D 104 -47.18 82.62 48.97
CA LYS D 104 -47.31 83.67 49.97
C LYS D 104 -46.30 84.80 49.72
N ARG D 105 -46.79 86.03 49.84
CA ARG D 105 -46.02 87.23 49.52
C ARG D 105 -45.00 87.52 50.61
N ASN D 106 -43.87 88.10 50.21
CA ASN D 106 -42.87 88.55 51.17
C ASN D 106 -43.16 90.00 51.54
N ASP D 107 -42.22 90.63 52.26
CA ASP D 107 -42.43 91.99 52.74
C ASP D 107 -42.39 93.01 51.61
N LYS D 108 -41.58 92.78 50.58
CA LYS D 108 -41.62 93.66 49.42
C LYS D 108 -42.95 93.54 48.68
N GLY D 109 -43.71 92.46 48.90
CA GLY D 109 -45.07 92.32 48.43
C GLY D 109 -45.27 91.26 47.36
N VAL D 110 -44.20 90.84 46.69
CA VAL D 110 -44.30 89.97 45.54
C VAL D 110 -44.37 88.50 45.96
N THR D 111 -44.64 87.60 45.00
CA THR D 111 -44.73 86.17 45.26
C THR D 111 -43.57 85.38 44.67
N THR D 112 -42.55 86.06 44.16
CA THR D 112 -41.52 85.48 43.30
C THR D 112 -40.28 85.05 44.05
N ASN D 113 -40.25 85.13 45.38
CA ASN D 113 -39.00 84.94 46.11
C ASN D 113 -39.17 83.99 47.28
N ASN D 114 -39.88 82.91 47.02
CA ASN D 114 -40.02 81.91 48.05
C ASN D 114 -39.10 80.76 47.72
N ILE D 115 -38.99 79.80 48.62
CA ILE D 115 -38.11 78.67 48.40
C ILE D 115 -38.85 77.53 47.78
N ILE D 116 -38.40 77.06 46.62
CA ILE D 116 -39.00 75.90 45.99
C ILE D 116 -38.62 74.64 46.71
N GLU D 117 -39.52 73.69 46.74
CA GLU D 117 -39.26 72.47 47.45
C GLU D 117 -39.53 71.24 46.61
N ARG D 118 -38.71 70.21 46.73
CA ARG D 118 -38.97 68.97 46.02
C ARG D 118 -40.17 68.24 46.55
N LEU D 119 -41.02 67.71 45.67
CA LEU D 119 -42.14 66.88 46.12
C LEU D 119 -41.65 65.57 46.69
N SER D 120 -40.69 64.96 46.00
CA SER D 120 -40.16 63.69 46.46
C SER D 120 -38.69 63.57 46.26
N ASP D 121 -38.01 63.13 47.31
CA ASP D 121 -36.58 62.91 47.17
C ASP D 121 -36.26 61.65 46.36
N GLY D 122 -37.27 60.94 45.86
CA GLY D 122 -37.10 59.79 45.03
C GLY D 122 -37.24 60.09 43.56
N GLY D 123 -37.60 59.05 42.79
CA GLY D 123 -37.62 59.14 41.35
C GLY D 123 -38.73 60.03 40.84
N PRO D 124 -38.84 60.13 39.52
CA PRO D 124 -39.90 60.94 38.92
C PRO D 124 -41.27 60.46 39.37
N GLN D 125 -42.26 61.34 39.31
CA GLN D 125 -43.59 61.05 39.81
C GLN D 125 -44.63 61.12 38.70
N GLN D 126 -45.77 60.46 38.94
CA GLN D 126 -46.86 60.41 37.99
C GLN D 126 -48.12 60.96 38.62
N VAL D 127 -48.96 61.55 37.78
CA VAL D 127 -50.27 62.11 38.13
C VAL D 127 -50.37 62.50 39.61
N PRO D 128 -49.67 63.54 40.06
CA PRO D 128 -49.86 64.00 41.43
C PRO D 128 -51.14 64.83 41.53
N VAL D 129 -51.74 64.81 42.72
CA VAL D 129 -53.06 65.42 42.94
C VAL D 129 -53.14 65.94 44.36
N PHE D 130 -53.71 67.14 44.51
CA PHE D 130 -53.87 67.79 45.81
C PHE D 130 -55.08 67.26 46.56
N SER D 131 -54.94 67.08 47.87
CA SER D 131 -56.09 66.86 48.73
C SER D 131 -56.93 68.15 48.79
N PRO D 132 -58.21 68.03 49.12
CA PRO D 132 -59.08 69.23 49.13
C PRO D 132 -58.60 70.39 50.00
N ASP D 133 -57.72 70.18 50.98
CA ASP D 133 -57.19 71.28 51.79
C ASP D 133 -55.81 71.75 51.37
N GLY D 134 -55.16 71.06 50.43
CA GLY D 134 -53.86 71.44 49.95
C GLY D 134 -52.69 71.03 50.82
N THR D 135 -52.94 70.31 51.91
CA THR D 135 -51.87 69.96 52.84
C THR D 135 -51.24 68.61 52.51
N MET D 136 -51.79 67.89 51.54
CA MET D 136 -51.28 66.59 51.12
C MET D 136 -51.31 66.49 49.60
N ILE D 137 -50.30 65.81 49.03
CA ILE D 137 -50.27 65.41 47.63
C ILE D 137 -50.11 63.91 47.56
N ALA D 138 -50.95 63.24 46.76
CA ALA D 138 -50.73 61.82 46.44
C ALA D 138 -50.23 61.67 45.01
N PHE D 139 -49.42 60.64 44.78
CA PHE D 139 -48.90 60.40 43.44
C PHE D 139 -48.60 58.92 43.25
N VAL D 140 -48.20 58.56 42.04
CA VAL D 140 -47.92 57.18 41.67
C VAL D 140 -46.51 57.12 41.12
N ARG D 141 -45.75 56.13 41.56
CA ARG D 141 -44.43 55.85 41.01
C ARG D 141 -44.20 54.35 41.08
N ASP D 142 -43.58 53.80 40.03
CA ASP D 142 -43.39 52.36 39.86
C ASP D 142 -44.65 51.59 40.25
N ASN D 143 -45.80 52.13 39.87
CA ASN D 143 -47.14 51.55 40.01
C ASN D 143 -47.69 51.57 41.44
N ASN D 144 -46.99 52.17 42.40
CA ASN D 144 -47.46 52.26 43.78
C ASN D 144 -47.75 53.71 44.16
N ILE D 145 -48.67 53.90 45.11
CA ILE D 145 -49.18 55.21 45.50
C ILE D 145 -48.41 55.72 46.71
N PHE D 146 -47.97 56.97 46.65
CA PHE D 146 -47.28 57.59 47.77
C PHE D 146 -48.03 58.85 48.18
N LEU D 147 -47.96 59.14 49.49
CA LEU D 147 -48.61 60.32 50.03
C LEU D 147 -47.58 61.18 50.67
N VAL D 148 -47.54 62.43 50.28
CA VAL D 148 -46.62 63.37 50.86
C VAL D 148 -47.43 64.41 51.63
N LYS D 149 -47.15 64.55 52.92
CA LYS D 149 -47.85 65.49 53.76
C LYS D 149 -47.04 66.76 53.81
N LEU D 150 -47.63 67.90 53.45
CA LEU D 150 -46.84 69.11 53.32
C LEU D 150 -46.58 69.77 54.66
N LEU D 151 -47.56 69.72 55.56
CA LEU D 151 -47.40 70.34 56.87
C LEU D 151 -46.24 69.73 57.65
N TYR D 152 -46.05 68.42 57.52
CA TYR D 152 -44.92 67.76 58.20
C TYR D 152 -43.71 67.64 57.29
N GLY D 153 -43.31 68.77 56.70
CA GLY D 153 -42.07 68.85 55.95
C GLY D 153 -42.01 67.92 54.76
N ASN D 154 -43.14 67.76 54.05
CA ASN D 154 -43.22 66.87 52.90
C ASN D 154 -42.90 65.42 53.30
N SER D 155 -43.48 64.99 54.42
CA SER D 155 -43.28 63.63 54.91
C SER D 155 -43.93 62.62 53.98
N GLU D 156 -43.18 61.63 53.53
CA GLU D 156 -43.65 60.69 52.54
C GLU D 156 -43.93 59.33 53.16
N SER D 157 -44.93 58.65 52.60
CA SER D 157 -45.28 57.30 53.02
C SER D 157 -45.82 56.56 51.81
N GLN D 158 -45.77 55.24 51.87
CA GLN D 158 -46.11 54.39 50.72
C GLN D 158 -47.46 53.72 50.95
N VAL D 159 -48.47 54.16 50.21
CA VAL D 159 -49.83 53.70 50.43
C VAL D 159 -50.02 52.25 50.00
N THR D 160 -49.45 51.86 48.86
CA THR D 160 -49.59 50.51 48.36
C THR D 160 -48.22 49.87 48.22
N GLU D 161 -48.18 48.55 48.31
CA GLU D 161 -46.95 47.81 48.09
C GLU D 161 -47.03 46.89 46.89
N ASP D 162 -48.20 46.28 46.64
CA ASP D 162 -48.43 45.20 45.69
C ASP D 162 -48.59 46.07 44.44
N GLY D 163 -47.49 46.60 43.90
CA GLY D 163 -47.36 47.07 42.52
C GLY D 163 -46.21 46.40 41.79
N LYS D 164 -46.47 46.02 40.55
CA LYS D 164 -45.53 45.26 39.73
C LYS D 164 -45.69 45.70 38.29
N GLN D 165 -44.57 45.99 37.63
CA GLN D 165 -44.58 46.36 36.21
C GLN D 165 -45.20 45.24 35.38
N ASN D 166 -46.09 45.64 34.46
CA ASN D 166 -46.84 44.73 33.61
C ASN D 166 -47.67 43.72 34.39
N SER D 167 -47.96 43.99 35.68
CA SER D 167 -48.81 43.11 36.47
C SER D 167 -49.92 43.86 37.22
N VAL D 168 -49.55 44.77 38.13
CA VAL D 168 -50.50 45.39 39.06
C VAL D 168 -50.27 46.90 39.07
N LEU D 169 -51.30 47.66 38.70
CA LEU D 169 -51.26 49.12 38.63
C LEU D 169 -52.17 49.71 39.71
N ASN D 170 -51.58 50.44 40.64
CA ASN D 170 -52.33 51.16 41.67
C ASN D 170 -52.42 52.64 41.31
N GLY D 171 -53.63 53.14 41.09
CA GLY D 171 -53.85 54.56 40.96
C GLY D 171 -53.83 55.08 39.54
N ILE D 172 -53.42 54.27 38.57
CA ILE D 172 -53.32 54.69 37.17
C ILE D 172 -53.84 53.58 36.28
N PRO D 173 -54.46 53.94 35.16
CA PRO D 173 -55.03 52.92 34.28
C PRO D 173 -53.97 52.20 33.46
N ASP D 174 -54.36 51.01 33.00
CA ASP D 174 -53.55 50.24 32.06
C ASP D 174 -53.64 50.91 30.70
N TRP D 175 -52.95 50.33 29.71
CA TRP D 175 -52.92 50.94 28.39
C TRP D 175 -54.31 51.13 27.81
N VAL D 176 -55.14 50.08 27.81
CA VAL D 176 -56.34 50.19 26.99
C VAL D 176 -57.39 51.05 27.68
N TYR D 177 -57.47 51.02 29.02
CA TYR D 177 -58.28 52.03 29.74
C TYR D 177 -57.76 53.43 29.43
N GLU D 178 -56.45 53.64 29.49
CA GLU D 178 -55.90 54.96 29.24
C GLU D 178 -56.20 55.46 27.82
N GLU D 179 -56.12 54.59 26.83
CA GLU D 179 -56.35 55.02 25.46
C GLU D 179 -57.83 55.22 25.18
N GLU D 180 -58.69 54.36 25.72
CA GLU D 180 -60.05 54.26 25.24
C GLU D 180 -61.11 54.86 26.15
N PHE D 181 -60.84 55.10 27.41
CA PHE D 181 -61.78 55.77 28.30
C PHE D 181 -61.33 57.19 28.59
N GLY D 182 -60.33 57.71 27.89
CA GLY D 182 -59.79 59.03 28.12
C GLY D 182 -59.20 59.50 29.42
N PHE D 183 -58.36 58.72 30.10
CA PHE D 183 -57.88 59.13 31.42
C PHE D 183 -56.52 58.66 31.86
N ASN D 184 -55.94 59.36 32.82
CA ASN D 184 -54.62 58.99 33.36
C ASN D 184 -54.53 58.76 34.86
N ARG D 185 -55.56 59.11 35.59
CA ARG D 185 -55.57 58.96 37.05
C ARG D 185 -56.80 58.29 37.64
N ALA D 186 -56.60 57.40 38.58
CA ALA D 186 -57.71 56.81 39.31
C ALA D 186 -57.31 56.92 40.75
N LEU D 187 -57.21 58.14 41.25
CA LEU D 187 -56.75 58.38 42.60
C LEU D 187 -57.52 59.57 43.12
N GLU D 188 -58.08 59.46 44.31
CA GLU D 188 -58.93 60.51 44.87
C GLU D 188 -58.68 60.69 46.37
N PHE D 189 -58.73 61.95 46.80
CA PHE D 189 -58.86 62.32 48.21
C PHE D 189 -60.33 62.61 48.51
N SER D 190 -60.79 62.19 49.68
CA SER D 190 -62.17 62.46 50.07
C SER D 190 -62.31 63.91 50.54
N ALA D 191 -63.58 64.31 50.72
CA ALA D 191 -63.91 65.72 50.90
C ALA D 191 -63.39 66.27 52.20
N ASP D 192 -63.31 65.45 53.24
CA ASP D 192 -62.80 65.87 54.54
C ASP D 192 -61.32 65.51 54.73
N ASN D 193 -60.66 64.99 53.70
CA ASN D 193 -59.22 64.74 53.69
C ASN D 193 -58.83 63.58 54.59
N THR D 194 -59.73 62.62 54.81
CA THR D 194 -59.39 61.46 55.63
C THR D 194 -59.14 60.19 54.84
N MET D 195 -59.58 60.15 53.57
CA MET D 195 -59.65 58.93 52.76
C MET D 195 -58.92 59.09 51.42
N ILE D 196 -58.26 58.02 50.98
CA ILE D 196 -57.74 57.92 49.62
C ILE D 196 -58.45 56.75 48.95
N ALA D 197 -59.16 57.03 47.86
CA ALA D 197 -59.68 55.97 47.02
C ALA D 197 -58.81 55.81 45.77
N PHE D 198 -58.75 54.59 45.24
CA PHE D 198 -58.04 54.32 44.01
C PHE D 198 -58.54 53.02 43.41
N ILE D 199 -58.26 52.87 42.12
CA ILE D 199 -58.57 51.65 41.38
C ILE D 199 -57.29 50.84 41.23
N ARG D 200 -57.39 49.52 41.44
CA ARG D 200 -56.28 48.59 41.28
C ARG D 200 -56.56 47.74 40.04
N PHE D 201 -55.60 47.77 39.11
CA PHE D 201 -55.64 47.06 37.83
C PHE D 201 -54.72 45.86 37.90
N ASP D 202 -55.24 44.67 37.59
CA ASP D 202 -54.44 43.45 37.46
C ASP D 202 -54.45 43.13 35.97
N GLU D 203 -53.32 43.35 35.31
CA GLU D 203 -53.22 43.10 33.88
C GLU D 203 -52.35 41.88 33.58
N SER D 204 -52.11 41.05 34.57
CA SER D 204 -51.34 39.85 34.39
C SER D 204 -51.84 38.96 33.26
N GLU D 205 -53.13 38.84 33.11
CA GLU D 205 -53.68 38.00 32.08
C GLU D 205 -53.97 38.77 30.83
N VAL D 206 -53.65 40.05 30.82
CA VAL D 206 -53.83 40.83 29.63
C VAL D 206 -52.75 40.49 28.60
N PRO D 207 -53.15 40.20 27.35
CA PRO D 207 -52.09 39.83 26.44
C PRO D 207 -51.07 40.90 26.11
N SER D 208 -49.90 40.46 25.69
CA SER D 208 -48.85 41.40 25.36
C SER D 208 -48.61 41.44 23.87
N TYR D 209 -48.24 42.61 23.37
CA TYR D 209 -47.96 42.75 21.96
C TYR D 209 -46.62 43.38 21.86
N SER D 210 -45.96 43.15 20.76
CA SER D 210 -44.61 43.65 20.53
C SER D 210 -44.41 43.80 19.02
N PHE D 211 -43.75 44.88 18.61
CA PHE D 211 -43.32 45.06 17.23
C PHE D 211 -41.86 45.49 17.16
N PRO D 212 -41.19 45.26 16.03
CA PRO D 212 -39.77 45.67 15.93
C PRO D 212 -39.64 47.18 15.96
N MET D 213 -38.46 47.61 16.42
CA MET D 213 -38.01 49.00 16.34
C MET D 213 -36.62 49.01 15.72
N PHE D 214 -36.42 49.91 14.78
CA PHE D 214 -35.17 50.05 14.06
C PHE D 214 -34.44 51.32 14.49
N ALA D 215 -33.31 51.57 13.83
CA ALA D 215 -32.56 52.79 14.11
C ALA D 215 -33.34 54.02 13.67
N GLY D 216 -33.78 54.04 12.41
CA GLY D 216 -34.53 55.17 11.88
C GLY D 216 -33.83 56.51 11.93
N GLU D 217 -34.44 57.53 11.33
CA GLU D 217 -34.03 58.90 11.55
C GLU D 217 -35.20 59.66 12.18
N ALA D 218 -34.92 60.86 12.72
CA ALA D 218 -35.92 61.76 13.29
C ALA D 218 -36.97 61.08 14.16
N PRO D 219 -36.62 60.64 15.36
CA PRO D 219 -35.28 60.61 15.94
C PRO D 219 -34.55 59.36 15.46
N GLN D 220 -33.23 59.28 15.56
CA GLN D 220 -32.53 58.02 15.35
C GLN D 220 -32.31 57.36 16.70
N ILE D 221 -32.64 56.08 16.79
CA ILE D 221 -32.46 55.31 18.02
C ILE D 221 -31.12 54.61 17.87
N THR D 222 -30.11 55.16 18.50
CA THR D 222 -28.75 54.83 18.11
C THR D 222 -28.29 53.46 18.62
N PRO D 223 -28.74 52.99 19.81
CA PRO D 223 -28.36 51.64 20.24
C PRO D 223 -28.89 50.54 19.33
N LEU D 224 -29.59 50.91 18.27
CA LEU D 224 -30.21 49.93 17.39
C LEU D 224 -29.75 50.05 15.95
N LYS D 225 -28.60 50.66 15.75
CA LYS D 225 -28.03 50.82 14.42
C LYS D 225 -27.63 49.55 13.71
N ASP D 226 -27.13 48.58 14.45
CA ASP D 226 -26.79 47.30 13.87
C ASP D 226 -27.89 46.28 14.08
N TYR D 227 -28.21 46.01 15.31
CA TYR D 227 -29.22 45.03 15.60
C TYR D 227 -30.48 45.69 16.04
N PRO D 228 -31.58 45.24 15.48
CA PRO D 228 -32.85 45.83 15.78
C PRO D 228 -33.40 45.53 17.14
N GLY D 229 -34.41 46.30 17.56
CA GLY D 229 -34.99 46.13 18.86
C GLY D 229 -36.48 45.91 18.84
N GLU D 230 -37.11 46.04 19.99
CA GLU D 230 -38.54 45.83 20.09
C GLU D 230 -39.29 46.71 21.04
N TYR D 231 -40.58 46.89 20.80
CA TYR D 231 -41.44 47.63 21.73
C TYR D 231 -42.55 46.71 22.19
N THR D 232 -42.65 46.49 23.48
CA THR D 232 -43.66 45.61 24.04
C THR D 232 -44.62 46.35 24.96
N TYR D 233 -45.92 46.13 24.83
CA TYR D 233 -46.89 46.71 25.73
C TYR D 233 -48.06 45.76 25.94
N LYS D 234 -48.94 46.04 26.90
CA LYS D 234 -50.13 45.21 27.07
C LYS D 234 -51.25 45.71 26.15
N TYR D 235 -51.86 44.79 25.41
CA TYR D 235 -52.88 45.18 24.43
C TYR D 235 -53.84 44.03 24.17
N PRO D 236 -55.05 44.04 24.75
CA PRO D 236 -56.03 42.98 24.44
C PRO D 236 -56.77 43.27 23.15
N LYS D 237 -56.74 42.32 22.23
CA LYS D 237 -57.54 42.43 21.02
C LYS D 237 -58.99 42.04 21.35
N ALA D 238 -59.89 42.21 20.39
CA ALA D 238 -61.32 41.99 20.63
C ALA D 238 -61.58 40.60 21.18
N GLY D 239 -62.22 40.54 22.35
CA GLY D 239 -62.65 39.29 22.94
C GLY D 239 -61.65 38.68 23.89
N TYR D 240 -60.47 39.26 24.01
CA TYR D 240 -59.44 38.76 24.91
C TYR D 240 -59.60 39.43 26.29
N PRO D 241 -58.89 38.93 27.30
CA PRO D 241 -59.13 39.41 28.67
C PRO D 241 -58.75 40.88 28.86
N ASN D 242 -59.54 41.56 29.68
CA ASN D 242 -59.24 42.90 30.13
C ASN D 242 -58.61 42.86 31.52
N SER D 243 -58.23 44.02 32.01
CA SER D 243 -57.70 44.11 33.38
C SER D 243 -58.78 43.73 34.39
N LYS D 244 -58.41 42.87 35.33
CA LYS D 244 -59.22 42.77 36.53
C LYS D 244 -59.07 44.06 37.31
N VAL D 245 -60.13 44.44 38.02
CA VAL D 245 -60.23 45.82 38.51
C VAL D 245 -61.02 45.82 39.81
N GLU D 246 -60.55 46.59 40.78
CA GLU D 246 -61.33 46.73 42.01
C GLU D 246 -60.99 48.05 42.67
N VAL D 247 -61.93 48.59 43.47
CA VAL D 247 -61.78 49.90 44.09
C VAL D 247 -61.39 49.71 45.54
N ARG D 248 -60.27 50.31 45.94
CA ARG D 248 -59.76 50.23 47.30
C ARG D 248 -59.68 51.61 47.90
N THR D 249 -59.74 51.68 49.22
CA THR D 249 -59.59 52.93 49.94
C THR D 249 -58.64 52.73 51.12
N TYR D 250 -57.99 53.82 51.50
CA TYR D 250 -56.93 53.81 52.49
C TYR D 250 -57.18 54.94 53.46
N ASP D 251 -57.28 54.59 54.75
CA ASP D 251 -57.48 55.55 55.84
C ASP D 251 -56.16 56.25 56.14
N ILE D 252 -56.06 57.55 55.81
CA ILE D 252 -54.81 58.28 56.06
C ILE D 252 -54.43 58.15 57.53
N LYS D 253 -55.41 58.25 58.44
CA LYS D 253 -55.13 58.28 59.86
C LYS D 253 -54.65 56.93 60.38
N SER D 254 -55.39 55.85 60.09
CA SER D 254 -55.13 54.55 60.72
C SER D 254 -54.32 53.58 59.85
N HIS D 255 -54.10 53.90 58.58
CA HIS D 255 -53.30 53.06 57.67
C HIS D 255 -54.00 51.76 57.30
N VAL D 256 -55.31 51.82 57.09
CA VAL D 256 -56.13 50.62 56.86
C VAL D 256 -56.70 50.68 55.44
N THR D 257 -56.44 49.64 54.66
CA THR D 257 -56.90 49.52 53.29
C THR D 257 -58.11 48.59 53.22
N ARG D 258 -59.11 48.96 52.43
CA ARG D 258 -60.36 48.23 52.32
C ARG D 258 -60.82 48.16 50.86
N THR D 259 -61.37 47.01 50.48
CA THR D 259 -61.86 46.80 49.12
C THR D 259 -63.39 46.93 49.10
N MET D 260 -63.89 47.82 48.24
CA MET D 260 -65.33 48.08 48.23
C MET D 260 -66.09 46.86 47.76
N LYS D 261 -67.32 46.72 48.26
CA LYS D 261 -68.17 45.59 47.91
C LYS D 261 -69.03 46.02 46.74
N LEU D 262 -68.40 46.01 45.58
CA LEU D 262 -69.04 46.40 44.35
C LEU D 262 -69.64 45.17 43.67
N PRO D 263 -70.95 45.12 43.45
CA PRO D 263 -71.56 43.95 42.80
C PRO D 263 -71.52 44.02 41.27
N ILE D 264 -70.31 44.04 40.73
CA ILE D 264 -70.12 44.30 39.32
C ILE D 264 -69.72 43.02 38.60
N ASP D 265 -70.08 42.95 37.33
CA ASP D 265 -69.71 41.82 36.49
C ASP D 265 -68.20 41.57 36.53
N ALA D 266 -67.81 40.30 36.48
CA ALA D 266 -66.39 39.95 36.53
C ALA D 266 -65.63 40.56 35.35
N ASP D 267 -66.20 40.48 34.16
CA ASP D 267 -65.65 41.07 32.94
C ASP D 267 -66.06 42.52 32.74
N GLY D 268 -66.13 43.34 33.79
CA GLY D 268 -66.72 44.66 33.71
C GLY D 268 -65.67 45.75 33.76
N TYR D 269 -66.14 46.98 33.50
CA TYR D 269 -65.28 48.15 33.48
C TYR D 269 -65.61 49.10 34.63
N ILE D 270 -64.58 49.69 35.22
CA ILE D 270 -64.72 50.80 36.15
C ILE D 270 -64.04 52.01 35.53
N PRO D 271 -64.63 52.68 34.54
CA PRO D 271 -63.90 53.77 33.87
C PRO D 271 -63.54 54.94 34.77
N ARG D 272 -64.25 55.18 35.88
CA ARG D 272 -63.83 56.28 36.75
C ARG D 272 -64.25 56.06 38.19
N ILE D 273 -63.55 56.77 39.08
CA ILE D 273 -63.93 56.92 40.49
C ILE D 273 -63.75 58.38 40.87
N ARG D 274 -64.81 58.97 41.37
CA ARG D 274 -64.77 60.35 41.81
C ARG D 274 -65.33 60.53 43.19
N PHE D 275 -64.57 61.13 44.07
CA PHE D 275 -65.10 61.45 45.37
C PHE D 275 -66.05 62.62 45.24
N THR D 276 -67.17 62.56 45.95
CA THR D 276 -68.17 63.59 45.89
C THR D 276 -67.96 64.62 46.96
N LYS D 277 -68.77 65.66 46.97
CA LYS D 277 -68.67 66.62 48.06
C LYS D 277 -69.00 65.98 49.41
N ASP D 278 -69.86 64.98 49.43
CA ASP D 278 -70.10 64.18 50.64
C ASP D 278 -68.90 63.29 50.90
N ALA D 279 -68.22 63.50 52.02
CA ALA D 279 -66.98 62.79 52.33
C ALA D 279 -67.17 61.32 52.71
N SER D 280 -68.41 60.85 52.83
CA SER D 280 -68.67 59.45 53.09
C SER D 280 -69.25 58.74 51.88
N LYS D 281 -69.17 59.35 50.69
CA LYS D 281 -69.72 58.79 49.46
C LYS D 281 -68.72 58.99 48.31
N LEU D 282 -68.19 57.88 47.78
CA LEU D 282 -67.29 57.86 46.63
C LEU D 282 -68.02 57.27 45.43
N ALA D 283 -68.16 58.05 44.36
CA ALA D 283 -68.81 57.58 43.15
C ALA D 283 -67.89 56.64 42.39
N VAL D 284 -68.40 55.47 42.04
CA VAL D 284 -67.72 54.51 41.18
C VAL D 284 -68.60 54.32 39.96
N MET D 285 -68.08 54.67 38.78
CA MET D 285 -68.84 54.47 37.56
C MET D 285 -68.48 53.10 37.01
N THR D 286 -69.49 52.32 36.66
CA THR D 286 -69.23 50.95 36.25
C THR D 286 -70.00 50.64 34.96
N LEU D 287 -69.39 49.79 34.13
CA LEU D 287 -69.90 49.44 32.81
C LEU D 287 -69.80 47.95 32.61
N ASN D 288 -70.90 47.32 32.21
CA ASN D 288 -70.86 45.93 31.79
C ASN D 288 -70.07 45.81 30.47
N ARG D 289 -69.64 44.58 30.15
CA ARG D 289 -68.77 44.41 28.98
C ARG D 289 -69.49 44.73 27.68
N HIS D 290 -70.81 44.60 27.64
CA HIS D 290 -71.52 45.07 26.45
C HIS D 290 -71.56 46.60 26.37
N GLN D 291 -71.13 47.28 27.43
CA GLN D 291 -71.02 48.73 27.45
C GLN D 291 -72.35 49.43 27.18
N ASP D 292 -73.48 48.75 27.44
CA ASP D 292 -74.80 49.31 27.17
C ASP D 292 -75.62 49.53 28.44
N ARG D 293 -75.00 49.43 29.61
CA ARG D 293 -75.69 49.61 30.88
C ARG D 293 -74.68 50.25 31.82
N PHE D 294 -74.88 51.52 32.15
CA PHE D 294 -73.96 52.29 32.98
C PHE D 294 -74.53 52.44 34.38
N ASP D 295 -73.85 51.87 35.37
CA ASP D 295 -74.36 51.84 36.75
C ASP D 295 -73.46 52.70 37.62
N LEU D 296 -74.02 53.79 38.13
CA LEU D 296 -73.32 54.71 39.03
C LEU D 296 -73.62 54.33 40.47
N TYR D 297 -72.56 53.97 41.21
CA TYR D 297 -72.65 53.57 42.61
C TYR D 297 -72.05 54.65 43.49
N PHE D 298 -72.56 54.77 44.72
CA PHE D 298 -71.83 55.42 45.79
C PHE D 298 -71.33 54.37 46.77
N ALA D 299 -70.16 54.60 47.34
CA ALA D 299 -69.54 53.66 48.24
C ALA D 299 -69.12 54.40 49.51
N ASP D 300 -69.23 53.71 50.64
CA ASP D 300 -68.80 54.28 51.90
C ASP D 300 -67.35 53.90 52.10
N PRO D 301 -66.39 54.84 51.98
CA PRO D 301 -64.98 54.45 51.95
C PRO D 301 -64.52 53.76 53.22
N ARG D 302 -65.44 53.61 54.17
CA ARG D 302 -65.17 52.98 55.45
C ARG D 302 -65.95 51.68 55.65
N SER D 303 -67.25 51.73 55.44
CA SER D 303 -68.11 50.57 55.61
C SER D 303 -67.97 49.60 54.50
N THR D 304 -67.53 50.07 53.33
CA THR D 304 -67.30 49.22 52.17
C THR D 304 -68.60 48.93 51.43
N LEU D 305 -69.68 49.56 51.87
CA LEU D 305 -70.98 49.32 51.26
C LEU D 305 -71.30 50.19 50.07
N CYS D 306 -71.94 49.60 49.07
CA CYS D 306 -72.25 50.29 47.83
C CYS D 306 -73.74 50.30 47.60
N LYS D 307 -74.26 51.43 47.11
CA LYS D 307 -75.66 51.58 46.77
C LYS D 307 -75.77 52.03 45.33
N LEU D 308 -76.62 51.37 44.56
CA LEU D 308 -76.84 51.77 43.18
C LEU D 308 -77.52 53.14 43.17
N VAL D 309 -76.85 54.18 42.73
CA VAL D 309 -77.51 55.45 42.61
C VAL D 309 -78.33 55.53 41.34
N LEU D 310 -77.70 55.28 40.21
CA LEU D 310 -78.34 55.47 38.93
C LEU D 310 -78.03 54.40 37.95
N ARG D 311 -78.92 54.18 37.02
CA ARG D 311 -78.64 53.27 35.97
C ARG D 311 -79.06 53.94 34.70
N ASP D 312 -78.16 54.04 33.76
CA ASP D 312 -78.48 54.57 32.45
C ASP D 312 -78.28 53.48 31.42
N GLU D 313 -79.37 53.07 30.78
CA GLU D 313 -79.33 52.01 29.78
C GLU D 313 -79.40 52.57 28.38
N SER D 314 -78.84 51.81 27.45
CA SER D 314 -79.05 52.15 26.06
C SER D 314 -79.42 50.91 25.26
N PRO D 315 -80.31 51.07 24.29
CA PRO D 315 -80.54 49.98 23.33
C PRO D 315 -79.32 49.66 22.47
N TYR D 316 -78.28 50.48 22.49
CA TYR D 316 -77.07 50.22 21.71
C TYR D 316 -75.83 50.21 22.60
N TYR D 317 -75.29 51.36 22.98
CA TYR D 317 -74.16 51.42 23.90
C TYR D 317 -74.08 52.81 24.52
N ILE D 318 -73.38 52.89 25.64
CA ILE D 318 -73.03 54.16 26.28
C ILE D 318 -71.71 54.67 25.72
N LYS D 319 -71.69 55.93 25.27
CA LYS D 319 -70.47 56.57 24.81
C LYS D 319 -69.67 57.09 26.01
N GLU D 320 -68.34 57.16 25.86
CA GLU D 320 -67.52 57.45 27.03
C GLU D 320 -67.49 58.94 27.38
N ASN D 321 -67.94 59.79 26.45
CA ASN D 321 -68.09 61.21 26.72
C ASN D 321 -68.72 61.49 28.08
N VAL D 322 -69.64 60.61 28.52
CA VAL D 322 -70.48 60.91 29.69
C VAL D 322 -69.67 61.04 30.97
N PHE D 323 -68.58 60.29 31.11
CA PHE D 323 -68.04 60.11 32.47
C PHE D 323 -67.54 61.42 33.06
N ASP D 324 -66.74 62.16 32.31
CA ASP D 324 -66.20 63.38 32.88
C ASP D 324 -67.21 64.52 32.90
N ASN D 325 -68.42 64.34 32.36
CA ASN D 325 -69.49 65.33 32.48
C ASN D 325 -70.32 65.21 33.76
N ILE D 326 -69.94 64.32 34.67
CA ILE D 326 -70.60 64.17 35.97
C ILE D 326 -69.82 65.02 36.97
N LYS D 327 -70.34 66.20 37.29
CA LYS D 327 -69.76 67.05 38.32
C LYS D 327 -70.60 66.99 39.59
N PHE D 328 -69.95 67.11 40.75
CA PHE D 328 -70.59 66.96 42.04
C PHE D 328 -70.63 68.27 42.80
N TYR D 329 -71.82 68.59 43.32
CA TYR D 329 -72.05 69.80 44.11
C TYR D 329 -72.56 69.40 45.49
N PRO D 330 -72.81 70.37 46.39
CA PRO D 330 -73.19 69.87 47.71
C PRO D 330 -74.31 68.85 47.78
N GLU D 331 -75.44 69.12 47.15
CA GLU D 331 -76.57 68.23 47.23
C GLU D 331 -77.03 67.69 45.90
N THR D 332 -76.19 67.70 44.89
CA THR D 332 -76.60 67.32 43.56
C THR D 332 -75.49 66.84 42.63
N PHE D 333 -75.80 66.41 41.41
CA PHE D 333 -74.77 66.14 40.42
C PHE D 333 -75.37 66.27 39.02
N SER D 334 -74.48 66.34 38.03
CA SER D 334 -74.83 66.49 36.63
C SER D 334 -74.71 65.17 35.91
N LEU D 335 -75.50 64.99 34.85
CA LEU D 335 -75.41 63.78 34.04
C LEU D 335 -75.72 64.05 32.58
N LEU D 336 -74.81 63.67 31.69
CA LEU D 336 -75.10 63.72 30.27
C LEU D 336 -75.61 62.36 29.82
N SER D 337 -76.73 62.35 29.08
CA SER D 337 -77.38 61.09 28.76
C SER D 337 -78.13 61.18 27.44
N GLU D 338 -77.95 60.12 26.63
CA GLU D 338 -78.61 59.93 25.36
C GLU D 338 -79.94 59.17 25.50
N ARG D 339 -80.45 59.03 26.72
CA ARG D 339 -81.58 58.14 26.97
C ARG D 339 -82.80 58.44 26.09
N ASP D 340 -83.04 59.71 25.73
CA ASP D 340 -84.22 60.04 24.94
C ASP D 340 -83.94 60.16 23.45
N GLY D 341 -82.80 59.64 22.98
CA GLY D 341 -82.44 59.65 21.58
C GLY D 341 -81.50 60.78 21.17
N PHE D 342 -81.34 61.81 22.02
CA PHE D 342 -80.34 62.85 21.86
C PHE D 342 -79.62 63.08 23.18
N SER D 343 -78.42 63.66 23.10
CA SER D 343 -77.60 63.86 24.29
C SER D 343 -78.05 65.10 25.07
N HIS D 344 -78.43 64.92 26.33
CA HIS D 344 -79.00 66.01 27.12
C HIS D 344 -78.53 65.94 28.57
N LEU D 345 -78.77 67.03 29.28
CA LEU D 345 -78.19 67.33 30.59
C LEU D 345 -79.26 67.20 31.66
N TYR D 346 -79.00 66.35 32.65
CA TYR D 346 -79.96 66.06 33.72
C TYR D 346 -79.32 66.38 35.06
N TRP D 347 -80.12 66.93 35.95
CA TRP D 347 -79.66 67.42 37.23
C TRP D 347 -80.29 66.53 38.29
N TYR D 348 -79.46 65.92 39.12
CA TYR D 348 -79.96 64.97 40.07
C TYR D 348 -79.69 65.40 41.50
N SER D 349 -79.99 64.52 42.45
CA SER D 349 -79.83 64.76 43.87
C SER D 349 -78.92 63.76 44.41
N MET D 350 -78.24 64.12 45.46
CA MET D 350 -77.31 63.21 46.05
C MET D 350 -78.01 62.00 46.60
N GLY D 351 -79.30 62.08 46.87
CA GLY D 351 -79.98 60.87 47.25
C GLY D 351 -80.39 60.04 46.07
N GLY D 352 -80.10 60.51 44.87
CA GLY D 352 -80.27 59.75 43.65
C GLY D 352 -81.45 60.15 42.81
N ASN D 353 -82.21 61.16 43.24
CA ASN D 353 -83.50 61.43 42.63
C ASN D 353 -83.39 62.53 41.58
N LEU D 354 -83.90 62.24 40.39
CA LEU D 354 -83.91 63.21 39.30
C LEU D 354 -84.58 64.51 39.75
N ILE D 355 -83.86 65.62 39.60
CA ILE D 355 -84.39 66.94 39.94
C ILE D 355 -84.93 67.65 38.71
N LYS D 356 -84.15 67.75 37.63
CA LYS D 356 -84.72 68.31 36.41
C LYS D 356 -83.88 68.01 35.17
N LYS D 357 -84.57 67.73 34.06
CA LYS D 357 -83.98 67.69 32.74
C LYS D 357 -83.70 69.12 32.28
N VAL D 358 -82.45 69.56 32.34
CA VAL D 358 -82.11 70.93 31.98
C VAL D 358 -82.25 71.30 30.50
N THR D 359 -82.05 70.35 29.61
CA THR D 359 -82.19 70.61 28.19
C THR D 359 -83.01 69.57 27.47
N ASN D 360 -83.64 69.96 26.37
CA ASN D 360 -84.49 69.07 25.62
C ASN D 360 -84.58 69.54 24.19
N GLY D 361 -84.81 68.64 23.26
CA GLY D 361 -84.95 69.02 21.87
C GLY D 361 -84.11 68.14 20.95
N LYS D 362 -84.39 68.14 19.64
CA LYS D 362 -83.68 67.29 18.68
C LYS D 362 -82.33 67.91 18.30
N TYR D 363 -81.43 67.94 19.27
CA TYR D 363 -80.07 68.45 19.12
C TYR D 363 -79.21 67.83 20.23
N GLU D 364 -77.88 68.02 20.15
CA GLU D 364 -76.96 67.35 21.06
C GLU D 364 -76.18 68.35 21.90
N VAL D 365 -76.10 68.08 23.20
CA VAL D 365 -75.24 68.83 24.11
C VAL D 365 -73.87 68.17 24.11
N LYS D 366 -72.83 68.94 23.76
CA LYS D 366 -71.51 68.35 23.65
C LYS D 366 -70.80 68.29 25.00
N ASP D 367 -70.89 69.37 25.79
CA ASP D 367 -70.10 69.54 27.01
C ASP D 367 -70.91 70.24 28.09
N PHE D 368 -70.80 69.74 29.33
CA PHE D 368 -71.33 70.46 30.48
C PHE D 368 -70.18 71.27 31.10
N LEU D 369 -70.29 72.60 31.00
CA LEU D 369 -69.25 73.52 31.46
C LEU D 369 -69.35 73.76 32.95
N GLY D 370 -70.55 73.93 33.45
CA GLY D 370 -70.70 74.11 34.87
C GLY D 370 -71.94 74.73 35.47
N TYR D 371 -71.97 74.77 36.79
CA TYR D 371 -73.08 75.32 37.51
C TYR D 371 -72.64 76.39 38.47
N ASP D 372 -73.32 77.52 38.44
CA ASP D 372 -72.98 78.59 39.33
C ASP D 372 -73.98 78.48 40.43
N GLU D 373 -73.49 78.19 41.61
CA GLU D 373 -74.37 78.03 42.72
C GLU D 373 -75.10 79.28 43.06
N ALA D 374 -74.44 80.42 42.99
CA ALA D 374 -75.09 81.66 43.38
C ALA D 374 -76.26 81.94 42.50
N ASP D 375 -76.00 82.07 41.22
CA ASP D 375 -77.04 82.33 40.26
C ASP D 375 -78.01 81.18 40.13
N GLY D 376 -77.50 79.96 40.21
CA GLY D 376 -78.34 78.79 40.01
C GLY D 376 -78.37 78.55 38.53
N SER D 377 -77.37 79.05 37.84
CA SER D 377 -77.39 78.99 36.39
C SER D 377 -76.57 77.87 35.77
N PHE D 378 -77.01 77.42 34.61
CA PHE D 378 -76.35 76.31 33.95
C PHE D 378 -75.67 76.70 32.66
N TYR D 379 -74.43 76.25 32.49
CA TYR D 379 -73.67 76.57 31.31
C TYR D 379 -73.27 75.30 30.60
N TYR D 380 -73.48 75.24 29.30
CA TYR D 380 -73.21 74.05 28.50
C TYR D 380 -73.00 74.46 27.05
N THR D 381 -72.36 73.58 26.26
CA THR D 381 -72.25 73.79 24.82
C THR D 381 -73.18 72.85 24.06
N SER D 382 -73.66 73.32 22.92
CA SER D 382 -74.54 72.48 22.12
C SER D 382 -74.46 72.88 20.66
N ASN D 383 -74.94 71.99 19.81
CA ASN D 383 -75.07 72.23 18.37
C ASN D 383 -76.52 72.51 17.99
N GLU D 384 -77.24 73.29 18.78
CA GLU D 384 -78.65 73.49 18.47
C GLU D 384 -78.87 74.10 17.13
N GLU D 385 -78.11 75.11 16.80
CA GLU D 385 -78.32 75.82 15.57
C GLU D 385 -78.12 74.98 14.34
N SER D 386 -77.06 74.19 14.31
CA SER D 386 -76.84 73.31 13.20
C SER D 386 -75.99 72.16 13.63
N PRO D 387 -76.20 70.96 13.06
CA PRO D 387 -75.23 69.91 13.40
C PRO D 387 -73.81 70.26 12.97
N LEU D 388 -73.66 71.27 12.12
CA LEU D 388 -72.35 71.75 11.68
C LEU D 388 -71.70 72.70 12.69
N ARG D 389 -72.47 73.27 13.61
CA ARG D 389 -72.01 74.39 14.39
C ARG D 389 -71.96 74.03 15.88
N LYS D 390 -71.38 74.93 16.67
CA LYS D 390 -71.35 74.76 18.12
C LYS D 390 -71.37 76.14 18.78
N ALA D 391 -72.34 76.37 19.66
CA ALA D 391 -72.36 77.58 20.46
C ALA D 391 -72.37 77.23 21.94
N VAL D 392 -72.11 78.27 22.74
CA VAL D 392 -72.20 78.21 24.20
C VAL D 392 -73.55 78.77 24.65
N TYR D 393 -74.26 78.04 25.50
CA TYR D 393 -75.54 78.46 26.05
C TYR D 393 -75.55 78.48 27.58
N LYS D 394 -76.52 79.21 28.10
CA LYS D 394 -76.81 79.30 29.52
C LYS D 394 -78.30 79.09 29.75
N ILE D 395 -78.64 78.30 30.76
CA ILE D 395 -80.01 78.14 31.26
C ILE D 395 -80.06 78.76 32.66
N ASP D 396 -80.98 79.71 32.86
CA ASP D 396 -80.99 80.37 34.16
C ASP D 396 -81.69 79.50 35.20
N LYS D 397 -81.68 79.98 36.45
CA LYS D 397 -82.36 79.29 37.54
C LYS D 397 -83.85 79.08 37.25
N LYS D 398 -84.41 79.80 36.28
CA LYS D 398 -85.83 79.76 35.95
C LYS D 398 -86.16 78.97 34.68
N GLY D 399 -85.15 78.41 33.99
CA GLY D 399 -85.38 77.70 32.74
C GLY D 399 -85.35 78.53 31.48
N LYS D 400 -84.76 79.72 31.54
CA LYS D 400 -84.66 80.60 30.38
C LYS D 400 -83.31 80.38 29.73
N LYS D 401 -83.32 80.20 28.42
CA LYS D 401 -82.14 79.79 27.65
C LYS D 401 -81.59 80.96 26.85
N LEU D 402 -80.29 81.22 27.00
CA LEU D 402 -79.60 82.28 26.27
C LEU D 402 -78.39 81.70 25.54
N LYS D 403 -78.36 81.89 24.22
CA LYS D 403 -77.19 81.62 23.40
C LYS D 403 -76.13 82.65 23.76
N LEU D 404 -75.15 82.25 24.56
CA LEU D 404 -74.12 83.18 24.97
C LEU D 404 -73.22 83.59 23.82
N SER D 405 -73.27 82.87 22.71
CA SER D 405 -72.26 83.04 21.68
C SER D 405 -72.65 84.13 20.70
N GLN D 406 -71.67 84.88 20.23
CA GLN D 406 -71.94 85.99 19.31
C GLN D 406 -71.88 85.67 17.86
N ARG D 407 -71.09 84.67 17.51
CA ARG D 407 -70.91 84.32 16.12
C ARG D 407 -71.22 82.91 15.85
N GLU D 408 -71.56 82.61 14.61
CA GLU D 408 -71.97 81.28 14.23
C GLU D 408 -70.89 80.43 13.60
N GLY D 409 -70.56 79.33 14.24
CA GLY D 409 -69.54 78.42 13.77
C GLY D 409 -69.18 77.45 14.87
N THR D 410 -67.90 77.37 15.20
CA THR D 410 -67.45 76.59 16.33
C THR D 410 -67.01 77.55 17.43
N ASN D 411 -67.49 77.31 18.65
CA ASN D 411 -67.20 78.15 19.80
C ASN D 411 -66.74 77.23 20.92
N THR D 412 -65.50 77.37 21.35
CA THR D 412 -65.02 76.53 22.43
C THR D 412 -64.62 77.40 23.62
N PRO D 413 -65.37 77.35 24.71
CA PRO D 413 -65.11 78.20 25.88
C PRO D 413 -64.13 77.58 26.86
N LEU D 414 -63.77 78.38 27.86
CA LEU D 414 -62.92 77.95 28.97
C LEU D 414 -63.26 78.90 30.11
N PHE D 415 -64.02 78.42 31.09
CA PHE D 415 -64.57 79.32 32.08
C PHE D 415 -63.63 79.50 33.26
N SER D 416 -63.80 80.61 33.96
CA SER D 416 -63.09 80.81 35.23
C SER D 416 -63.69 79.89 36.28
N GLN D 417 -62.98 79.73 37.39
CA GLN D 417 -63.50 78.89 38.48
C GLN D 417 -64.86 79.38 38.96
N SER D 418 -65.15 80.68 38.76
CA SER D 418 -66.37 81.29 39.27
C SER D 418 -67.53 81.24 38.30
N MET D 419 -67.33 80.73 37.08
CA MET D 419 -68.29 80.83 35.98
C MET D 419 -68.62 82.27 35.63
N LYS D 420 -67.88 83.25 36.15
CA LYS D 420 -68.22 84.65 35.93
C LYS D 420 -67.61 85.22 34.66
N TYR D 421 -66.46 84.69 34.26
CA TYR D 421 -65.84 85.05 32.99
C TYR D 421 -65.43 83.78 32.25
N TYR D 422 -65.35 83.88 30.92
CA TYR D 422 -64.77 82.79 30.14
C TYR D 422 -63.98 83.29 28.94
N MET D 423 -62.89 82.60 28.64
CA MET D 423 -62.22 82.77 27.35
C MET D 423 -62.94 81.94 26.30
N ASN D 424 -63.05 82.45 25.08
CA ASN D 424 -63.68 81.71 24.00
C ASN D 424 -62.85 81.74 22.76
N LYS D 425 -62.73 80.62 22.08
CA LYS D 425 -62.04 80.57 20.83
C LYS D 425 -63.03 80.28 19.74
N PHE D 426 -63.19 81.20 18.81
CA PHE D 426 -64.16 81.05 17.74
C PHE D 426 -63.50 80.80 16.44
N SER D 427 -64.17 80.06 15.59
CA SER D 427 -63.65 79.80 14.26
C SER D 427 -64.82 79.43 13.37
N ASN D 428 -64.62 79.58 12.07
CA ASN D 428 -65.60 79.11 11.06
C ASN D 428 -64.89 79.12 9.72
N LEU D 429 -65.58 78.72 8.68
CA LEU D 429 -64.94 78.57 7.39
C LEU D 429 -64.09 79.71 6.94
N ASP D 430 -64.41 80.91 7.37
CA ASP D 430 -63.71 82.09 6.91
C ASP D 430 -62.93 82.76 8.01
N THR D 431 -63.16 82.37 9.25
CA THR D 431 -62.48 83.01 10.35
C THR D 431 -61.46 82.02 10.90
N PRO D 432 -60.14 82.31 10.75
CA PRO D 432 -59.20 81.25 11.17
C PRO D 432 -59.25 80.98 12.66
N MET D 433 -59.26 82.05 13.45
CA MET D 433 -59.35 81.93 14.90
C MET D 433 -59.46 83.25 15.62
N LEU D 434 -60.49 83.43 16.43
CA LEU D 434 -60.59 84.63 17.26
C LEU D 434 -60.67 84.20 18.70
N VAL D 435 -59.72 84.63 19.51
CA VAL D 435 -59.76 84.33 20.92
C VAL D 435 -60.28 85.56 21.64
N THR D 436 -61.36 85.41 22.39
CA THR D 436 -61.98 86.54 23.06
C THR D 436 -62.17 86.27 24.51
N LEU D 437 -62.27 87.33 25.31
CA LEU D 437 -62.53 87.18 26.72
C LEU D 437 -63.93 87.66 26.89
N ASN D 438 -64.76 86.89 27.57
CA ASN D 438 -66.16 87.23 27.68
C ASN D 438 -66.77 87.06 29.08
N ASP D 439 -67.92 87.67 29.34
CA ASP D 439 -68.65 87.49 30.58
C ASP D 439 -69.79 86.50 30.43
N ASN D 440 -70.48 86.20 31.52
CA ASN D 440 -71.58 85.24 31.50
C ASN D 440 -72.75 85.63 30.65
N THR D 441 -72.86 86.90 30.28
CA THR D 441 -73.90 87.30 29.36
C THR D 441 -73.49 87.03 27.94
N GLY D 442 -72.21 86.73 27.73
CA GLY D 442 -71.69 86.49 26.41
C GLY D 442 -71.10 87.70 25.68
N LYS D 443 -71.19 88.87 26.29
CA LYS D 443 -70.65 90.06 25.69
C LYS D 443 -69.14 90.01 25.63
N THR D 444 -68.55 90.58 24.58
CA THR D 444 -67.11 90.47 24.42
C THR D 444 -66.32 91.56 25.11
N LEU D 445 -65.67 91.21 26.20
CA LEU D 445 -64.84 92.15 26.93
C LEU D 445 -63.55 92.57 26.23
N LYS D 446 -62.84 91.62 25.61
CA LYS D 446 -61.60 91.93 24.88
C LYS D 446 -61.38 90.97 23.77
N THR D 447 -60.72 91.39 22.71
CA THR D 447 -60.36 90.46 21.66
C THR D 447 -58.88 90.28 21.70
N LEU D 448 -58.45 89.20 22.32
CA LEU D 448 -57.04 88.90 22.45
C LEU D 448 -56.30 88.52 21.17
N ILE D 449 -56.90 87.69 20.32
CA ILE D 449 -56.29 87.34 19.09
C ILE D 449 -57.33 87.38 17.99
N ASN D 450 -56.98 87.90 16.82
CA ASN D 450 -57.89 87.97 15.68
C ASN D 450 -57.30 87.45 14.38
N ASN D 451 -56.02 87.14 14.36
CA ASN D 451 -55.38 86.56 13.17
C ASN D 451 -55.47 87.32 11.87
N ASP D 452 -55.31 88.62 11.94
CA ASP D 452 -55.35 89.45 10.76
C ASP D 452 -54.22 89.27 9.76
N GLN D 453 -53.00 89.10 10.24
CA GLN D 453 -51.84 88.93 9.39
C GLN D 453 -51.97 87.64 8.72
N LEU D 454 -52.57 86.68 9.40
CA LEU D 454 -52.73 85.46 8.63
C LEU D 454 -53.68 85.67 7.46
N LYS D 455 -54.75 86.41 7.66
CA LYS D 455 -55.69 86.61 6.59
C LYS D 455 -55.05 87.44 5.51
N GLN D 456 -54.10 88.29 5.90
CA GLN D 456 -53.35 89.05 4.92
C GLN D 456 -52.43 88.21 4.08
N THR D 457 -51.73 87.29 4.71
CA THR D 457 -50.83 86.43 3.99
C THR D 457 -51.65 85.59 3.08
N LEU D 458 -52.79 85.14 3.57
CA LEU D 458 -53.59 84.20 2.80
C LEU D 458 -54.23 84.87 1.59
N SER D 459 -54.69 86.12 1.73
CA SER D 459 -55.31 86.82 0.62
C SER D 459 -54.39 86.99 -0.58
N GLY D 460 -53.07 86.88 -0.38
CA GLY D 460 -52.17 86.82 -1.53
C GLY D 460 -52.11 85.49 -2.23
N TYR D 461 -52.89 84.50 -1.79
CA TYR D 461 -52.87 83.17 -2.37
C TYR D 461 -54.25 82.82 -2.91
N ALA D 462 -54.26 82.09 -4.03
CA ALA D 462 -55.47 81.53 -4.61
C ALA D 462 -55.99 80.35 -3.78
N ILE D 463 -56.88 80.59 -2.83
CA ILE D 463 -57.34 79.54 -1.91
C ILE D 463 -58.66 78.99 -2.42
N PRO D 464 -58.73 77.72 -2.81
CA PRO D 464 -60.04 77.13 -3.11
C PRO D 464 -60.93 77.16 -1.88
N GLN D 465 -62.24 77.36 -2.11
CA GLN D 465 -63.20 77.73 -1.07
C GLN D 465 -64.18 76.60 -0.77
N LYS D 466 -64.42 76.35 0.51
CA LYS D 466 -65.30 75.27 0.95
C LYS D 466 -66.73 75.75 1.09
N GLU D 467 -67.67 75.15 0.35
CA GLU D 467 -69.08 75.44 0.56
C GLU D 467 -69.86 74.18 0.95
N PHE D 468 -70.76 74.34 1.91
CA PHE D 468 -71.56 73.23 2.39
C PHE D 468 -72.67 72.88 1.41
N PHE D 469 -73.23 71.70 1.59
CA PHE D 469 -74.34 71.24 0.76
C PHE D 469 -74.91 70.00 1.40
N THR D 470 -76.11 69.64 0.94
CA THR D 470 -76.81 68.44 1.37
C THR D 470 -77.25 67.68 0.12
N PHE D 471 -77.51 66.40 0.29
CA PHE D 471 -78.02 65.60 -0.80
C PHE D 471 -78.76 64.44 -0.18
N GLN D 472 -79.59 63.79 -0.97
CA GLN D 472 -80.36 62.69 -0.48
C GLN D 472 -79.99 61.42 -1.15
N THR D 473 -79.86 60.38 -0.36
CA THR D 473 -79.55 59.09 -0.88
C THR D 473 -80.76 58.46 -1.51
N THR D 474 -80.56 57.33 -2.13
CA THR D 474 -81.68 56.61 -2.75
C THR D 474 -82.61 56.02 -1.69
N ASP D 475 -82.08 55.61 -0.53
CA ASP D 475 -82.97 55.21 0.54
C ASP D 475 -83.51 56.42 1.31
N GLY D 476 -83.16 57.62 0.89
CA GLY D 476 -83.85 58.81 1.37
C GLY D 476 -83.29 59.50 2.59
N VAL D 477 -82.06 59.22 2.95
CA VAL D 477 -81.45 59.96 4.04
C VAL D 477 -80.79 61.17 3.47
N THR D 478 -80.89 62.27 4.18
CA THR D 478 -80.23 63.46 3.74
C THR D 478 -78.93 63.57 4.44
N LEU D 479 -77.88 63.73 3.65
CA LEU D 479 -76.57 63.77 4.21
C LEU D 479 -75.88 65.10 4.02
N ASN D 480 -75.11 65.52 5.00
CA ASN D 480 -74.35 66.76 4.95
C ASN D 480 -72.96 66.54 4.36
N GLY D 481 -72.46 67.56 3.65
CA GLY D 481 -71.09 67.53 3.19
C GLY D 481 -70.59 68.92 2.85
N TRP D 482 -69.29 68.99 2.57
CA TRP D 482 -68.67 70.17 1.99
C TRP D 482 -67.97 69.83 0.68
N MET D 483 -68.07 70.73 -0.28
CA MET D 483 -67.37 70.60 -1.53
C MET D 483 -66.46 71.83 -1.72
N MET D 484 -65.25 71.59 -2.20
CA MET D 484 -64.25 72.62 -2.43
C MET D 484 -63.77 72.47 -3.87
N LYS D 485 -64.10 73.45 -4.70
CA LYS D 485 -63.83 73.52 -6.12
C LYS D 485 -62.55 74.32 -6.36
N PRO D 486 -61.86 74.09 -7.48
CA PRO D 486 -60.64 74.86 -7.75
C PRO D 486 -60.98 76.28 -8.16
N ALA D 487 -60.13 77.23 -7.74
CA ALA D 487 -60.43 78.65 -7.86
C ALA D 487 -60.78 79.09 -9.27
N ASN D 488 -60.50 78.27 -10.29
CA ASN D 488 -60.76 78.60 -11.69
C ASN D 488 -62.08 78.06 -12.20
N PHE D 489 -62.89 77.43 -11.34
CA PHE D 489 -63.98 76.55 -11.75
C PHE D 489 -64.85 77.16 -12.85
N SER D 490 -65.31 76.30 -13.76
CA SER D 490 -66.32 76.66 -14.74
C SER D 490 -67.26 75.50 -15.00
N THR D 491 -68.57 75.77 -15.00
CA THR D 491 -69.54 74.77 -15.43
C THR D 491 -69.25 74.25 -16.82
N SER D 492 -68.35 74.88 -17.54
CA SER D 492 -68.09 74.48 -18.91
C SER D 492 -67.16 73.31 -18.96
N LYS D 493 -66.64 72.91 -17.81
CA LYS D 493 -65.63 71.86 -17.82
C LYS D 493 -65.94 70.72 -16.86
N LYS D 494 -65.32 69.58 -17.05
CA LYS D 494 -65.49 68.46 -16.15
C LYS D 494 -64.24 68.30 -15.31
N TYR D 495 -64.37 67.99 -14.03
CA TYR D 495 -63.22 67.93 -13.15
C TYR D 495 -63.06 66.56 -12.50
N PRO D 496 -61.84 66.13 -12.24
CA PRO D 496 -61.63 64.93 -11.42
C PRO D 496 -61.85 65.23 -9.94
N VAL D 497 -62.26 64.20 -9.20
CA VAL D 497 -62.88 64.40 -7.88
C VAL D 497 -62.18 63.52 -6.85
N LEU D 498 -61.80 64.12 -5.73
CA LEU D 498 -61.22 63.41 -4.60
C LEU D 498 -62.12 63.56 -3.39
N MET D 499 -62.50 62.42 -2.81
CA MET D 499 -63.36 62.38 -1.64
C MET D 499 -62.53 62.07 -0.40
N TYR D 500 -62.52 63.00 0.54
CA TYR D 500 -61.98 62.75 1.87
C TYR D 500 -63.14 62.36 2.78
N GLN D 501 -62.88 61.40 3.67
CA GLN D 501 -63.85 61.05 4.72
C GLN D 501 -63.13 60.33 5.85
N TYR D 502 -63.80 60.19 6.99
CA TYR D 502 -63.29 59.42 8.14
C TYR D 502 -64.36 58.38 8.42
N SER D 503 -65.60 58.80 8.63
CA SER D 503 -66.75 57.91 8.79
C SER D 503 -66.94 57.14 10.09
N GLY D 504 -66.17 57.44 11.10
CA GLY D 504 -66.23 56.71 12.34
C GLY D 504 -67.43 56.88 13.22
N PRO D 505 -67.70 55.90 14.13
CA PRO D 505 -68.96 56.10 14.86
C PRO D 505 -68.93 57.35 15.74
N GLY D 506 -69.89 58.25 15.50
CA GLY D 506 -69.95 59.46 16.28
C GLY D 506 -69.02 60.59 15.85
N SER D 507 -68.25 60.40 14.82
CA SER D 507 -67.32 61.42 14.38
C SER D 507 -68.03 62.42 13.47
N GLN D 508 -67.40 63.57 13.27
CA GLN D 508 -67.91 64.55 12.32
C GLN D 508 -66.74 65.20 11.62
N GLN D 509 -66.79 65.24 10.29
CA GLN D 509 -65.82 65.98 9.48
C GLN D 509 -66.40 67.22 8.84
N VAL D 510 -67.73 67.31 8.69
CA VAL D 510 -68.36 68.46 8.04
C VAL D 510 -68.80 69.45 9.12
N LEU D 511 -67.85 70.25 9.60
CA LEU D 511 -68.06 71.26 10.63
C LEU D 511 -67.70 72.65 10.13
N ASP D 512 -68.46 73.64 10.61
CA ASP D 512 -68.22 75.06 10.30
C ASP D 512 -67.04 75.51 11.17
N THR D 513 -65.84 75.38 10.61
CA THR D 513 -64.58 75.65 11.29
C THR D 513 -63.45 75.65 10.26
N TRP D 514 -62.38 76.37 10.59
CA TRP D 514 -61.40 76.83 9.61
C TRP D 514 -60.26 75.84 9.44
N GLY D 515 -59.78 75.70 8.21
CA GLY D 515 -58.60 74.92 8.02
C GLY D 515 -58.03 74.89 6.63
N ILE D 516 -56.70 74.83 6.56
CA ILE D 516 -55.96 74.55 5.34
C ILE D 516 -55.31 73.19 5.53
N SER D 517 -55.46 72.31 4.55
CA SER D 517 -55.02 70.93 4.66
C SER D 517 -54.50 70.46 3.31
N TRP D 518 -54.13 69.17 3.26
CA TRP D 518 -53.72 68.58 1.98
C TRP D 518 -54.85 68.62 0.96
N GLU D 519 -56.10 68.57 1.42
CA GLU D 519 -57.22 68.62 0.49
C GLU D 519 -57.35 70.00 -0.16
N THR D 520 -57.12 71.07 0.62
CA THR D 520 -57.03 72.41 0.04
C THR D 520 -56.00 72.44 -1.10
N TYR D 521 -54.83 71.86 -0.85
CA TYR D 521 -53.81 71.75 -1.88
C TYR D 521 -54.35 71.07 -3.13
N MET D 522 -54.99 69.90 -2.95
CA MET D 522 -55.41 69.12 -4.10
C MET D 522 -56.44 69.86 -4.93
N ALA D 523 -57.36 70.56 -4.26
CA ALA D 523 -58.29 71.42 -4.99
C ALA D 523 -57.54 72.50 -5.76
N SER D 524 -56.56 73.14 -5.13
CA SER D 524 -55.77 74.14 -5.85
C SER D 524 -55.04 73.54 -7.05
N LEU D 525 -54.85 72.21 -7.08
CA LEU D 525 -54.24 71.56 -8.24
C LEU D 525 -55.22 71.20 -9.35
N GLY D 526 -56.51 71.50 -9.20
CA GLY D 526 -57.49 71.23 -10.24
C GLY D 526 -58.52 70.16 -9.94
N TYR D 527 -58.65 69.73 -8.69
CA TYR D 527 -59.57 68.68 -8.28
C TYR D 527 -60.75 69.27 -7.54
N ILE D 528 -61.93 68.68 -7.72
CA ILE D 528 -63.05 68.95 -6.81
C ILE D 528 -62.88 68.02 -5.62
N VAL D 529 -62.88 68.57 -4.41
CA VAL D 529 -62.69 67.77 -3.20
C VAL D 529 -64.00 67.77 -2.41
N VAL D 530 -64.52 66.56 -2.09
CA VAL D 530 -65.79 66.42 -1.38
C VAL D 530 -65.58 65.65 -0.08
N CYS D 531 -66.29 66.08 0.97
CA CYS D 531 -66.42 65.34 2.22
C CYS D 531 -67.90 65.21 2.59
N VAL D 532 -68.30 64.04 3.04
CA VAL D 532 -69.70 63.74 3.33
C VAL D 532 -69.74 62.90 4.59
N ASP D 533 -70.51 63.35 5.58
CA ASP D 533 -70.68 62.58 6.82
C ASP D 533 -71.91 61.68 6.63
N GLY D 534 -71.67 60.43 6.24
CA GLY D 534 -72.73 59.48 6.03
C GLY D 534 -73.24 58.90 7.33
N ARG D 535 -74.14 57.92 7.20
CA ARG D 535 -74.79 57.35 8.37
C ARG D 535 -73.75 56.70 9.25
N GLY D 536 -73.91 56.84 10.57
CA GLY D 536 -72.97 56.28 11.52
C GLY D 536 -72.27 57.42 12.16
N THR D 537 -72.38 58.57 11.55
CA THR D 537 -71.69 59.74 12.02
C THR D 537 -72.40 60.42 13.17
N GLY D 538 -71.69 61.25 13.91
CA GLY D 538 -72.30 61.93 15.03
C GLY D 538 -72.99 63.23 14.81
N GLY D 539 -73.54 63.79 15.87
CA GLY D 539 -74.17 65.09 15.78
C GLY D 539 -75.66 65.10 15.52
N ARG D 540 -76.23 63.99 15.05
CA ARG D 540 -77.62 63.93 14.61
C ARG D 540 -78.44 62.89 15.39
N GLY D 541 -78.08 62.63 16.63
CA GLY D 541 -78.90 61.70 17.36
C GLY D 541 -78.32 60.29 17.45
N GLU D 542 -78.62 59.64 18.58
CA GLU D 542 -78.19 58.27 18.81
C GLU D 542 -78.73 57.34 17.72
N ALA D 543 -79.96 57.58 17.26
CA ALA D 543 -80.51 56.84 16.14
C ALA D 543 -79.55 56.83 14.94
N PHE D 544 -79.18 58.02 14.49
CA PHE D 544 -78.40 58.21 13.27
C PHE D 544 -76.95 57.79 13.43
N GLU D 545 -76.39 57.90 14.65
CA GLU D 545 -75.03 57.40 14.84
C GLU D 545 -74.99 55.88 14.98
N LYS D 546 -75.91 55.29 15.75
CA LYS D 546 -75.79 53.89 16.16
C LYS D 546 -76.68 52.97 15.36
N CYS D 547 -77.29 53.44 14.27
CA CYS D 547 -77.89 52.47 13.34
C CYS D 547 -76.90 51.43 12.86
N THR D 548 -75.61 51.69 13.02
CA THR D 548 -74.61 50.76 12.52
C THR D 548 -74.34 49.63 13.50
N TYR D 549 -74.94 49.66 14.69
CA TYR D 549 -74.57 48.73 15.76
C TYR D 549 -74.50 47.29 15.27
N LEU D 550 -73.47 46.60 15.75
CA LEU D 550 -73.15 45.20 15.51
C LEU D 550 -72.76 44.87 14.07
N LYS D 551 -72.72 45.86 13.18
CA LYS D 551 -72.37 45.60 11.79
C LYS D 551 -71.79 46.88 11.18
N ILE D 552 -70.69 47.37 11.75
CA ILE D 552 -70.16 48.67 11.35
C ILE D 552 -69.47 48.57 9.99
N GLY D 553 -69.27 49.67 9.32
CA GLY D 553 -68.56 49.61 8.06
C GLY D 553 -69.37 49.58 6.80
N VAL D 554 -70.51 48.93 6.88
CA VAL D 554 -71.20 48.47 5.71
C VAL D 554 -72.06 49.59 5.22
N LYS D 555 -72.84 50.19 6.10
CA LYS D 555 -73.69 51.28 5.71
C LYS D 555 -72.91 52.53 5.39
N GLU D 556 -71.86 52.79 6.14
CA GLU D 556 -71.02 53.94 5.82
C GLU D 556 -70.49 53.83 4.40
N ALA D 557 -69.97 52.65 4.04
CA ALA D 557 -69.41 52.51 2.71
C ALA D 557 -70.50 52.61 1.66
N LYS D 558 -71.71 52.13 1.99
CA LYS D 558 -72.83 52.34 1.07
C LYS D 558 -73.03 53.83 0.82
N ASP D 559 -72.96 54.65 1.87
CA ASP D 559 -73.20 56.09 1.72
C ASP D 559 -72.07 56.81 0.98
N GLN D 560 -70.84 56.32 1.09
CA GLN D 560 -69.76 56.88 0.26
C GLN D 560 -69.93 56.52 -1.21
N VAL D 561 -70.43 55.31 -1.51
CA VAL D 561 -70.74 54.97 -2.90
C VAL D 561 -71.90 55.82 -3.40
N GLU D 562 -72.89 56.07 -2.53
CA GLU D 562 -73.98 56.99 -2.87
C GLU D 562 -73.45 58.36 -3.19
N THR D 563 -72.49 58.83 -2.38
CA THR D 563 -71.85 60.12 -2.62
C THR D 563 -71.18 60.14 -3.98
N ALA D 564 -70.43 59.07 -4.31
CA ALA D 564 -69.76 58.99 -5.61
C ALA D 564 -70.77 58.99 -6.76
N LEU D 565 -71.92 58.33 -6.57
CA LEU D 565 -72.96 58.37 -7.61
C LEU D 565 -73.54 59.77 -7.76
N TYR D 566 -73.77 60.46 -6.65
CA TYR D 566 -74.30 61.81 -6.71
C TYR D 566 -73.34 62.73 -7.44
N LEU D 567 -72.06 62.69 -7.09
CA LEU D 567 -71.11 63.50 -7.84
C LEU D 567 -71.09 63.11 -9.31
N GLY D 568 -71.11 61.79 -9.60
CA GLY D 568 -71.07 61.30 -10.97
C GLY D 568 -72.24 61.72 -11.84
N LYS D 569 -73.41 62.01 -11.24
CA LYS D 569 -74.53 62.62 -11.96
C LYS D 569 -74.35 64.12 -12.20
N GLN D 570 -73.27 64.72 -11.72
CA GLN D 570 -73.27 66.14 -12.02
C GLN D 570 -72.56 66.40 -13.34
N PRO D 571 -73.00 67.42 -14.08
CA PRO D 571 -72.43 67.65 -15.42
C PRO D 571 -70.95 67.99 -15.39
N TYR D 572 -70.48 68.68 -14.35
CA TYR D 572 -69.09 69.11 -14.24
C TYR D 572 -68.20 68.09 -13.52
N VAL D 573 -68.48 66.78 -13.65
CA VAL D 573 -67.70 65.75 -12.97
C VAL D 573 -67.46 64.58 -13.93
N ASP D 574 -66.21 64.24 -14.15
CA ASP D 574 -65.87 63.01 -14.88
C ASP D 574 -66.03 61.82 -13.93
N LYS D 575 -67.16 61.10 -14.05
CA LYS D 575 -67.42 59.97 -13.16
C LYS D 575 -66.33 58.91 -13.18
N ASP D 576 -65.51 58.85 -14.23
CA ASP D 576 -64.45 57.85 -14.32
C ASP D 576 -63.20 58.20 -13.52
N ARG D 577 -63.15 59.39 -12.94
CA ARG D 577 -61.98 59.88 -12.22
C ARG D 577 -62.44 60.37 -10.86
N ILE D 578 -62.94 59.45 -10.03
CA ILE D 578 -63.40 59.73 -8.68
C ILE D 578 -62.56 58.86 -7.73
N GLY D 579 -61.75 59.49 -6.90
CA GLY D 579 -60.96 58.75 -5.94
C GLY D 579 -61.44 58.96 -4.52
N ILE D 580 -61.04 58.06 -3.62
CA ILE D 580 -61.37 58.21 -2.21
C ILE D 580 -60.12 58.02 -1.36
N TRP D 581 -60.08 58.67 -0.19
CA TRP D 581 -58.94 58.51 0.70
C TRP D 581 -59.38 58.75 2.13
N GLY D 582 -58.51 58.41 3.06
CA GLY D 582 -58.81 58.59 4.46
C GLY D 582 -57.79 57.88 5.34
N TRP D 583 -57.83 58.25 6.61
CA TRP D 583 -56.84 57.85 7.59
C TRP D 583 -57.57 57.20 8.76
N SER D 584 -56.95 56.16 9.33
CA SER D 584 -57.48 55.38 10.46
C SER D 584 -58.80 54.75 10.03
N TYR D 585 -59.93 55.10 10.63
CA TYR D 585 -61.20 54.60 10.15
C TYR D 585 -61.45 54.94 8.68
N GLY D 586 -60.97 56.10 8.23
CA GLY D 586 -61.06 56.48 6.83
C GLY D 586 -60.27 55.58 5.87
N GLY D 587 -59.22 54.92 6.35
CA GLY D 587 -58.55 53.96 5.49
C GLY D 587 -59.34 52.67 5.35
N TYR D 588 -59.77 52.14 6.50
CA TYR D 588 -60.75 51.07 6.51
C TYR D 588 -61.92 51.39 5.59
N MET D 589 -62.37 52.66 5.59
CA MET D 589 -63.55 53.04 4.82
C MET D 589 -63.24 53.22 3.33
N THR D 590 -62.01 53.62 3.01
CA THR D 590 -61.51 53.55 1.64
C THR D 590 -61.57 52.12 1.11
N LEU D 591 -61.06 51.18 1.90
CA LEU D 591 -61.12 49.77 1.52
C LEU D 591 -62.56 49.33 1.29
N MET D 592 -63.44 49.56 2.28
CA MET D 592 -64.79 49.04 2.20
C MET D 592 -65.61 49.69 1.11
N SER D 593 -65.33 50.96 0.78
CA SER D 593 -66.06 51.60 -0.31
C SER D 593 -65.54 51.14 -1.67
N MET D 594 -64.23 50.95 -1.80
CA MET D 594 -63.67 50.53 -3.07
C MET D 594 -63.96 49.08 -3.40
N SER D 595 -64.39 48.29 -2.44
CA SER D 595 -64.76 46.90 -2.65
C SER D 595 -66.19 46.63 -2.17
N GLU D 596 -67.06 47.65 -2.31
CA GLU D 596 -68.48 47.50 -2.00
C GLU D 596 -69.22 46.70 -3.06
N GLY D 597 -68.67 46.62 -4.28
CA GLY D 597 -69.31 45.91 -5.37
C GLY D 597 -69.69 46.85 -6.50
N THR D 598 -70.10 48.07 -6.16
CA THR D 598 -70.38 49.09 -7.17
C THR D 598 -69.07 49.73 -7.59
N PRO D 599 -68.69 49.63 -8.84
CA PRO D 599 -67.35 50.08 -9.30
C PRO D 599 -67.33 51.57 -9.62
N VAL D 600 -67.25 52.39 -8.58
CA VAL D 600 -67.46 53.82 -8.75
C VAL D 600 -66.18 54.63 -8.57
N PHE D 601 -65.13 54.05 -8.01
CA PHE D 601 -63.92 54.77 -7.70
C PHE D 601 -62.80 54.42 -8.67
N LYS D 602 -62.02 55.44 -9.04
CA LYS D 602 -60.89 55.22 -9.93
C LYS D 602 -59.66 54.76 -9.17
N ALA D 603 -59.35 55.41 -8.04
CA ALA D 603 -58.16 55.16 -7.24
C ALA D 603 -58.48 55.49 -5.79
N GLY D 604 -57.63 55.03 -4.88
CA GLY D 604 -57.89 55.23 -3.47
C GLY D 604 -56.63 55.05 -2.65
N VAL D 605 -56.65 55.57 -1.43
CA VAL D 605 -55.50 55.49 -0.54
C VAL D 605 -55.97 55.24 0.87
N ALA D 606 -55.45 54.21 1.51
CA ALA D 606 -55.80 53.89 2.88
C ALA D 606 -54.57 54.06 3.74
N VAL D 607 -54.70 54.82 4.82
CA VAL D 607 -53.57 55.18 5.66
C VAL D 607 -53.89 54.69 7.08
N ALA D 608 -52.97 53.93 7.65
CA ALA D 608 -53.13 53.36 8.99
C ALA D 608 -54.48 52.64 9.13
N ALA D 609 -54.78 51.82 8.17
CA ALA D 609 -56.16 51.40 8.07
C ALA D 609 -56.40 50.08 8.77
N PRO D 610 -57.37 49.97 9.70
CA PRO D 610 -57.79 48.64 10.15
C PRO D 610 -58.45 47.87 9.02
N THR D 611 -58.22 46.55 9.00
CA THR D 611 -58.81 45.71 7.98
C THR D 611 -59.65 44.57 8.54
N ASP D 612 -59.51 44.24 9.81
CA ASP D 612 -60.42 43.30 10.46
C ASP D 612 -60.54 43.68 11.93
N TRP D 613 -61.77 43.71 12.45
CA TRP D 613 -61.91 44.27 13.78
C TRP D 613 -61.44 43.33 14.87
N ARG D 614 -61.19 42.06 14.55
CA ARG D 614 -60.55 41.17 15.52
C ARG D 614 -59.14 41.62 15.88
N PHE D 615 -58.52 42.54 15.11
CA PHE D 615 -57.20 43.07 15.48
C PHE D 615 -57.26 44.25 16.44
N TYR D 616 -58.29 45.09 16.37
CA TYR D 616 -58.38 46.28 17.23
C TYR D 616 -58.65 45.87 18.68
N ASP D 617 -58.48 46.84 19.58
CA ASP D 617 -58.50 46.57 21.02
C ASP D 617 -59.93 46.35 21.57
N THR D 618 -59.98 45.90 22.83
CA THR D 618 -61.25 45.43 23.41
C THR D 618 -62.29 46.54 23.50
N ILE D 619 -61.97 47.63 24.20
CA ILE D 619 -62.97 48.61 24.60
C ILE D 619 -63.62 49.26 23.38
N TYR D 620 -62.80 49.78 22.46
CA TYR D 620 -63.33 50.40 21.24
C TYR D 620 -64.13 49.41 20.40
N THR D 621 -63.52 48.29 20.00
CA THR D 621 -64.18 47.37 19.08
C THR D 621 -65.46 46.82 19.67
N GLU D 622 -65.41 46.30 20.89
CA GLU D 622 -66.57 45.66 21.47
C GLU D 622 -67.77 46.56 21.75
N ARG D 623 -67.56 47.85 21.82
CA ARG D 623 -68.64 48.78 22.05
C ARG D 623 -69.61 48.74 20.93
N PHE D 624 -69.10 48.69 19.73
CA PHE D 624 -69.94 48.69 18.57
C PHE D 624 -70.24 47.32 17.99
N MET D 625 -69.34 46.37 18.16
CA MET D 625 -69.48 45.08 17.52
C MET D 625 -69.50 43.85 18.43
N ARG D 626 -69.53 44.10 19.72
CA ARG D 626 -69.41 43.08 20.73
C ARG D 626 -68.21 42.18 20.55
N THR D 627 -68.23 41.03 21.21
CA THR D 627 -67.13 40.12 21.05
C THR D 627 -67.23 39.19 19.81
N PRO D 628 -66.08 38.80 19.23
CA PRO D 628 -66.14 37.98 18.02
C PRO D 628 -66.90 36.71 18.27
N LYS D 629 -66.78 36.13 19.44
CA LYS D 629 -67.56 34.97 19.80
C LYS D 629 -69.01 35.26 19.67
N GLU D 630 -69.47 36.36 20.27
CA GLU D 630 -70.89 36.67 20.28
C GLU D 630 -71.44 37.08 18.93
N ASN D 631 -70.61 37.60 18.02
CA ASN D 631 -71.08 38.30 16.84
C ASN D 631 -70.26 37.87 15.64
N ALA D 632 -70.10 36.56 15.44
CA ALA D 632 -69.23 36.12 14.35
C ALA D 632 -69.73 36.66 13.02
N GLU D 633 -71.05 36.73 12.85
CA GLU D 633 -71.59 37.17 11.57
C GLU D 633 -71.29 38.65 11.33
N GLY D 634 -71.32 39.45 12.40
CA GLY D 634 -71.04 40.87 12.26
C GLY D 634 -69.59 41.14 11.93
N TYR D 635 -68.66 40.51 12.67
CA TYR D 635 -67.25 40.59 12.31
C TYR D 635 -67.04 40.17 10.87
N LYS D 636 -67.74 39.11 10.42
CA LYS D 636 -67.56 38.64 9.05
C LYS D 636 -67.95 39.72 8.05
N GLU D 637 -69.15 40.27 8.19
CA GLU D 637 -69.61 41.25 7.20
C GLU D 637 -68.84 42.57 7.28
N SER D 638 -68.36 42.93 8.48
CA SER D 638 -67.61 44.16 8.70
C SER D 638 -66.13 44.05 8.36
N SER D 639 -65.67 42.92 7.85
CA SER D 639 -64.25 42.76 7.56
C SER D 639 -63.94 43.17 6.14
N ALA D 640 -62.72 43.68 5.95
CA ALA D 640 -62.29 44.08 4.63
C ALA D 640 -61.84 42.90 3.80
N PHE D 641 -61.46 41.79 4.44
CA PHE D 641 -61.06 40.59 3.71
C PHE D 641 -62.26 39.99 3.00
N THR D 642 -63.39 39.95 3.70
CA THR D 642 -64.60 39.32 3.21
C THR D 642 -65.01 39.85 1.85
N ARG D 643 -64.87 41.15 1.63
CA ARG D 643 -65.25 41.76 0.37
C ARG D 643 -64.04 42.09 -0.51
N ALA D 644 -62.86 41.63 -0.13
CA ALA D 644 -61.64 42.03 -0.84
C ALA D 644 -61.68 41.63 -2.32
N ASP D 645 -62.26 40.49 -2.64
CA ASP D 645 -62.23 40.11 -4.05
C ASP D 645 -62.94 41.13 -4.92
N LYS D 646 -63.81 41.96 -4.35
CA LYS D 646 -64.55 42.96 -5.11
C LYS D 646 -63.82 44.30 -5.26
N LEU D 647 -62.62 44.42 -4.69
CA LEU D 647 -61.83 45.65 -4.76
C LEU D 647 -61.67 46.13 -6.20
N HIS D 648 -61.93 47.42 -6.43
CA HIS D 648 -61.93 48.00 -7.77
C HIS D 648 -61.26 49.36 -7.72
N GLY D 649 -60.20 49.51 -8.50
CA GLY D 649 -59.45 50.75 -8.57
C GLY D 649 -58.04 50.60 -8.02
N ASN D 650 -57.15 51.42 -8.53
CA ASN D 650 -55.80 51.48 -8.00
C ASN D 650 -55.84 51.87 -6.53
N LEU D 651 -55.28 51.01 -5.70
CA LEU D 651 -55.28 51.20 -4.27
C LEU D 651 -53.86 51.46 -3.78
N LEU D 652 -53.71 52.42 -2.87
CA LEU D 652 -52.44 52.69 -2.21
C LEU D 652 -52.57 52.36 -0.73
N LEU D 653 -51.66 51.54 -0.21
CA LEU D 653 -51.65 51.15 1.19
C LEU D 653 -50.49 51.84 1.90
N VAL D 654 -50.81 52.61 2.93
CA VAL D 654 -49.83 53.36 3.70
C VAL D 654 -50.00 52.97 5.17
N HIS D 655 -48.89 52.74 5.86
CA HIS D 655 -49.00 52.38 7.25
C HIS D 655 -47.65 52.64 7.92
N GLY D 656 -47.68 53.06 9.18
CA GLY D 656 -46.49 53.14 9.98
C GLY D 656 -46.23 51.79 10.60
N MET D 657 -44.98 51.34 10.54
CA MET D 657 -44.70 50.01 11.03
C MET D 657 -44.72 49.95 12.55
N ALA D 658 -44.74 51.09 13.23
CA ALA D 658 -44.71 51.07 14.68
C ALA D 658 -45.99 51.61 15.25
N ASP D 659 -47.09 51.28 14.62
CA ASP D 659 -48.37 51.79 15.03
C ASP D 659 -48.95 51.05 16.20
N ASP D 660 -49.22 51.78 17.27
CA ASP D 660 -49.71 51.18 18.46
C ASP D 660 -51.21 51.07 18.57
N ASN D 661 -51.92 51.69 17.64
CA ASN D 661 -53.35 51.63 17.66
C ASN D 661 -53.84 50.73 16.59
N VAL D 662 -53.43 50.96 15.36
CA VAL D 662 -53.76 50.03 14.32
C VAL D 662 -52.49 49.37 13.95
N HIS D 663 -52.37 48.12 14.30
CA HIS D 663 -51.15 47.42 14.07
C HIS D 663 -50.83 47.18 12.65
N PHE D 664 -49.55 47.07 12.34
CA PHE D 664 -49.11 46.86 10.98
C PHE D 664 -49.60 45.52 10.52
N GLN D 665 -50.00 44.68 11.44
CA GLN D 665 -50.54 43.39 11.12
C GLN D 665 -51.70 43.53 10.18
N ASN D 666 -52.50 44.55 10.37
CA ASN D 666 -53.64 44.76 9.53
C ASN D 666 -53.25 44.93 8.09
N CYS D 667 -52.26 45.76 7.81
CA CYS D 667 -51.78 45.92 6.45
C CYS D 667 -51.13 44.68 5.89
N ALA D 668 -50.29 44.06 6.69
CA ALA D 668 -49.56 42.93 6.19
C ALA D 668 -50.47 41.78 5.82
N GLU D 669 -51.44 41.49 6.65
CA GLU D 669 -52.38 40.44 6.35
C GLU D 669 -53.25 40.73 5.17
N TYR D 670 -53.74 41.95 5.08
CA TYR D 670 -54.61 42.32 3.97
C TYR D 670 -53.87 42.28 2.68
N ALA D 671 -52.63 42.73 2.71
CA ALA D 671 -51.81 42.70 1.54
C ALA D 671 -51.56 41.31 1.06
N GLU D 672 -51.30 40.42 1.98
CA GLU D 672 -51.12 39.05 1.60
C GLU D 672 -52.40 38.51 1.09
N HIS D 673 -53.50 38.84 1.72
CA HIS D 673 -54.75 38.38 1.13
C HIS D 673 -54.90 38.90 -0.29
N LEU D 674 -54.51 40.15 -0.52
CA LEU D 674 -54.61 40.72 -1.87
C LEU D 674 -53.68 40.01 -2.83
N VAL D 675 -52.48 39.68 -2.35
CA VAL D 675 -51.49 38.98 -3.17
C VAL D 675 -51.98 37.59 -3.54
N GLN D 676 -52.69 36.94 -2.64
CA GLN D 676 -53.16 35.61 -2.97
C GLN D 676 -54.37 35.66 -3.89
N LEU D 677 -55.19 36.71 -3.80
CA LEU D 677 -56.28 36.94 -4.74
C LEU D 677 -55.79 37.57 -6.04
N GLY D 678 -54.51 37.88 -6.16
CA GLY D 678 -54.02 38.42 -7.41
C GLY D 678 -54.29 39.89 -7.64
N LYS D 679 -54.66 40.63 -6.60
CA LYS D 679 -54.96 42.05 -6.74
C LYS D 679 -53.66 42.84 -6.72
N GLN D 680 -53.45 43.64 -7.76
CA GLN D 680 -52.29 44.54 -7.82
C GLN D 680 -52.55 45.81 -7.01
N PHE D 681 -51.53 46.27 -6.30
CA PHE D 681 -51.69 47.41 -5.46
C PHE D 681 -50.35 48.09 -5.24
N ASP D 682 -50.33 49.17 -4.47
CA ASP D 682 -49.11 49.89 -4.23
C ASP D 682 -48.98 50.04 -2.76
N MET D 683 -47.75 50.15 -2.28
CA MET D 683 -47.50 50.27 -0.87
C MET D 683 -46.54 51.35 -0.46
N GLN D 684 -46.57 51.71 0.81
CA GLN D 684 -45.65 52.70 1.37
C GLN D 684 -45.65 52.47 2.86
N VAL D 685 -44.54 52.00 3.43
CA VAL D 685 -44.51 51.66 4.85
C VAL D 685 -43.39 52.45 5.51
N TYR D 686 -43.73 53.08 6.63
CA TYR D 686 -42.80 53.96 7.30
C TYR D 686 -42.18 53.40 8.53
N THR D 687 -40.86 53.50 8.61
CA THR D 687 -40.14 52.92 9.72
C THR D 687 -40.22 53.69 10.98
N ASN D 688 -40.47 53.00 12.08
CA ASN D 688 -40.57 53.60 13.39
C ASN D 688 -41.66 54.63 13.54
N ARG D 689 -42.65 54.55 12.66
CA ARG D 689 -43.72 55.50 12.67
C ARG D 689 -45.00 54.97 13.24
N ASN D 690 -45.72 55.80 13.98
CA ASN D 690 -46.95 55.39 14.62
C ASN D 690 -48.20 55.74 13.90
N HIS D 691 -49.28 55.89 14.64
CA HIS D 691 -50.55 56.19 14.05
C HIS D 691 -50.59 57.54 13.43
N GLY D 692 -49.74 58.44 13.89
CA GLY D 692 -49.65 59.75 13.31
C GLY D 692 -48.75 59.94 12.13
N ILE D 693 -47.88 58.99 11.87
CA ILE D 693 -46.99 59.05 10.71
C ILE D 693 -46.25 60.38 10.58
N TYR D 694 -45.53 60.77 11.61
CA TYR D 694 -44.82 62.05 11.63
C TYR D 694 -43.35 61.93 12.03
N GLY D 695 -42.59 62.98 11.82
CA GLY D 695 -41.18 62.98 12.14
C GLY D 695 -40.34 63.35 10.96
N GLY D 696 -39.72 64.51 10.99
CA GLY D 696 -38.99 65.00 9.85
C GLY D 696 -39.80 65.26 8.62
N ASN D 697 -39.34 64.75 7.50
CA ASN D 697 -40.02 64.98 6.24
C ASN D 697 -41.09 63.96 6.03
N THR D 698 -41.30 63.09 7.00
CA THR D 698 -42.31 62.05 6.91
C THR D 698 -43.65 62.57 6.45
N ARG D 699 -44.15 63.63 7.04
CA ARG D 699 -45.40 64.23 6.56
C ARG D 699 -45.26 64.74 5.14
N GLN D 700 -44.26 65.58 4.87
CA GLN D 700 -44.08 66.07 3.52
C GLN D 700 -43.95 64.91 2.54
N HIS D 701 -43.07 63.95 2.85
CA HIS D 701 -42.95 62.75 2.03
C HIS D 701 -44.32 62.13 1.78
N LEU D 702 -45.05 61.86 2.88
CA LEU D 702 -46.32 61.17 2.78
C LEU D 702 -47.29 61.94 1.89
N TYR D 703 -47.36 63.27 2.03
CA TYR D 703 -48.37 63.98 1.26
C TYR D 703 -47.96 64.08 -0.20
N THR D 704 -46.65 64.19 -0.46
CA THR D 704 -46.20 64.11 -1.83
C THR D 704 -46.59 62.78 -2.44
N ARG D 705 -46.34 61.69 -1.70
CA ARG D 705 -46.70 60.35 -2.19
C ARG D 705 -48.20 60.27 -2.50
N LEU D 706 -49.04 60.90 -1.67
CA LEU D 706 -50.47 60.89 -1.97
C LEU D 706 -50.76 61.69 -3.23
N THR D 707 -50.27 62.94 -3.30
CA THR D 707 -50.53 63.76 -4.48
C THR D 707 -50.14 63.04 -5.76
N ASN D 708 -48.85 62.65 -5.86
CA ASN D 708 -48.37 61.91 -7.02
C ASN D 708 -49.26 60.70 -7.33
N PHE D 709 -49.64 59.95 -6.29
CA PHE D 709 -50.53 58.81 -6.52
C PHE D 709 -51.75 59.27 -7.30
N PHE D 710 -52.49 60.22 -6.73
CA PHE D 710 -53.72 60.59 -7.39
C PHE D 710 -53.46 61.29 -8.71
N LEU D 711 -52.28 61.90 -8.88
CA LEU D 711 -51.97 62.52 -10.15
C LEU D 711 -51.66 61.48 -11.22
N ASN D 712 -51.07 60.33 -10.82
CA ASN D 712 -50.88 59.28 -11.82
C ASN D 712 -52.15 58.44 -12.02
N ASN D 713 -52.93 58.22 -10.97
CA ASN D 713 -54.07 57.33 -11.07
C ASN D 713 -55.40 58.07 -11.26
N LEU D 714 -55.36 59.40 -11.46
CA LEU D 714 -56.52 60.24 -11.84
C LEU D 714 -57.81 60.04 -11.01
#